data_4NZB
#
_entry.id   4NZB
#
_cell.length_a   231.726
_cell.length_b   140.381
_cell.length_c   119.545
_cell.angle_alpha   90.00
_cell.angle_beta   89.98
_cell.angle_gamma   90.00
#
_symmetry.space_group_name_H-M   'C 1 2 1'
#
loop_
_entity.id
_entity.type
_entity.pdbx_description
1 polymer 'Acetylcholine-binding protein'
2 non-polymer 'PENTAETHYLENE GLYCOL'
3 non-polymer 2-acetamido-2-deoxy-beta-D-glucopyranose
4 non-polymer 'SULFATE ION'
5 non-polymer 'ACETATE ION'
6 non-polymer 3-[3-(pyridin-3-yl)-1,2,4-oxadiazol-5-yl]benzonitrile
7 non-polymer 'CHLORIDE ION'
8 non-polymer GLYCEROL
9 water water
#
_entity_poly.entity_id   1
_entity_poly.type   'polypeptide(L)'
_entity_poly.pdbx_seq_one_letter_code
;LDRADILYNIRQTSRPDVIPTQRDRPVAVSVSLKFINILEVNEITNEVDVVFWQQTTWSDRTLAWNSSHSPDQVSVPISS
LWVPDLAAYNAISKPEVLTPQLARVVSDGEVLYMPSIRQRFSCDVSGVDTESGATCRIKIGSWTHHSREISVDPTTENSD
DSEYFSQYSRFEILDVTQKKNSVTYSCCPEAYEDVEVSLNFRKKGRSEIL
;
_entity_poly.pdbx_strand_id   G,D,E,A,B,C,F,H,I,J,K,L,M,N,O
#
loop_
_chem_comp.id
_chem_comp.type
_chem_comp.name
_chem_comp.formula
1PE non-polymer 'PENTAETHYLENE GLYCOL' 'C10 H22 O6'
ACT non-polymer 'ACETATE ION' 'C2 H3 O2 -1'
CL non-polymer 'CHLORIDE ION' 'Cl -1'
GOL non-polymer GLYCEROL 'C3 H8 O3'
NAG D-saccharide, beta linking 2-acetamido-2-deoxy-beta-D-glucopyranose 'C8 H15 N O6'
NSE non-polymer 3-[3-(pyridin-3-yl)-1,2,4-oxadiazol-5-yl]benzonitrile 'C14 H8 N4 O'
SO4 non-polymer 'SULFATE ION' 'O4 S -2'
#
# COMPACT_ATOMS: atom_id res chain seq x y z
N LEU A 1 -10.93 43.10 14.61
CA LEU A 1 -9.68 42.50 15.08
C LEU A 1 -9.52 41.09 14.55
N ASP A 2 -8.36 40.81 13.95
CA ASP A 2 -8.02 39.44 13.58
C ASP A 2 -6.80 38.99 14.36
N ARG A 3 -6.39 37.75 14.17
CA ARG A 3 -5.25 37.22 14.91
C ARG A 3 -4.00 38.06 14.71
N ALA A 4 -3.74 38.47 13.47
CA ALA A 4 -2.56 39.23 13.15
C ALA A 4 -2.47 40.52 13.99
N ASP A 5 -3.61 41.20 14.13
CA ASP A 5 -3.67 42.44 14.92
C ASP A 5 -3.45 42.18 16.39
N ILE A 6 -4.15 41.17 16.92
CA ILE A 6 -4.02 40.82 18.33
C ILE A 6 -2.58 40.48 18.66
N LEU A 7 -1.93 39.68 17.82
CA LEU A 7 -0.57 39.26 18.12
C LEU A 7 0.40 40.43 17.95
N TYR A 8 0.11 41.30 16.99
CA TYR A 8 0.92 42.51 16.78
C TYR A 8 0.87 43.40 18.03
N ASN A 9 -0.31 43.63 18.55
CA ASN A 9 -0.43 44.46 19.73
C ASN A 9 0.22 43.83 20.94
N ILE A 10 -0.01 42.54 21.11
CA ILE A 10 0.56 41.83 22.25
C ILE A 10 2.06 41.97 22.22
N ARG A 11 2.63 41.77 21.05
CA ARG A 11 4.07 41.80 20.96
C ARG A 11 4.65 43.23 21.10
N GLN A 12 3.97 44.23 20.56
CA GLN A 12 4.42 45.62 20.67
C GLN A 12 4.29 46.19 22.06
N THR A 13 3.38 45.67 22.86
CA THR A 13 3.11 46.31 24.13
C THR A 13 3.57 45.52 25.32
N SER A 14 3.07 44.30 25.43
CA SER A 14 3.24 43.52 26.66
C SER A 14 4.71 43.51 27.09
N ARG A 15 4.91 43.38 28.39
CA ARG A 15 6.23 43.52 28.99
C ARG A 15 6.54 42.28 29.80
N PRO A 16 7.32 41.38 29.19
CA PRO A 16 7.64 40.08 29.77
C PRO A 16 8.33 40.21 31.12
N ASP A 17 9.01 41.33 31.32
CA ASP A 17 9.81 41.57 32.51
C ASP A 17 8.95 42.09 33.67
N VAL A 18 7.67 42.32 33.42
CA VAL A 18 6.84 43.04 34.37
C VAL A 18 5.69 42.21 34.87
N ILE A 19 5.74 41.84 36.14
CA ILE A 19 4.70 41.02 36.74
C ILE A 19 3.37 41.78 36.70
N PRO A 20 2.32 41.14 36.16
CA PRO A 20 1.02 41.79 35.98
C PRO A 20 0.27 41.90 37.30
N THR A 21 0.93 42.41 38.33
CA THR A 21 0.19 42.81 39.51
C THR A 21 -0.88 43.80 39.20
N GLN A 22 -2.03 43.47 39.74
CA GLN A 22 -3.21 44.22 39.55
C GLN A 22 -3.47 44.66 40.96
N ARG A 23 -3.39 45.96 41.25
CA ARG A 23 -3.80 46.47 42.57
C ARG A 23 -2.86 46.42 43.71
N ASP A 24 -1.64 45.94 43.54
CA ASP A 24 -0.81 45.52 44.68
C ASP A 24 -1.39 44.25 45.29
N ARG A 25 -2.12 43.47 44.50
CA ARG A 25 -2.45 42.11 44.90
C ARG A 25 -1.53 41.18 44.20
N PRO A 26 -1.30 40.04 44.84
CA PRO A 26 -0.50 39.03 44.16
C PRO A 26 -1.17 38.57 42.88
N VAL A 27 -0.35 38.15 41.94
CA VAL A 27 -0.85 37.47 40.78
C VAL A 27 -1.17 36.05 41.21
N ALA A 28 -2.43 35.65 41.02
CA ALA A 28 -2.86 34.31 41.38
C ALA A 28 -2.42 33.29 40.33
N VAL A 29 -1.36 32.55 40.64
CA VAL A 29 -0.87 31.52 39.72
C VAL A 29 -1.33 30.13 40.15
N SER A 30 -1.96 29.40 39.23
CA SER A 30 -2.36 28.02 39.52
C SER A 30 -1.41 27.04 38.87
N VAL A 31 -0.93 26.07 39.66
CA VAL A 31 -0.03 25.03 39.16
C VAL A 31 -0.61 23.65 39.40
N SER A 32 -0.48 22.79 38.41
CA SER A 32 -0.97 21.42 38.51
C SER A 32 -0.15 20.50 37.62
N LEU A 33 0.52 19.52 38.21
CA LEU A 33 1.35 18.60 37.44
C LEU A 33 0.54 17.38 36.98
N LYS A 34 0.56 17.11 35.68
CA LYS A 34 -0.05 15.90 35.13
C LYS A 34 1.07 14.98 34.73
N PHE A 35 1.28 13.94 35.52
CA PHE A 35 2.38 13.01 35.23
C PHE A 35 2.11 12.16 34.00
N ILE A 36 3.14 12.04 33.17
CA ILE A 36 3.06 11.34 31.90
C ILE A 36 3.91 10.06 31.94
N ASN A 37 5.07 10.17 32.59
CA ASN A 37 5.97 9.03 32.65
C ASN A 37 6.94 9.13 33.80
N ILE A 38 7.24 7.99 34.41
CA ILE A 38 8.35 7.85 35.34
C ILE A 38 9.38 6.98 34.66
N LEU A 39 10.56 7.54 34.39
CA LEU A 39 11.45 6.97 33.39
C LEU A 39 12.61 6.22 34.01
N GLU A 40 13.21 6.81 35.03
CA GLU A 40 14.33 6.17 35.67
C GLU A 40 14.34 6.46 37.14
N VAL A 41 14.45 5.39 37.90
CA VAL A 41 14.29 5.45 39.33
C VAL A 41 15.50 4.77 39.97
N ASN A 42 15.95 5.31 41.11
CA ASN A 42 17.12 4.78 41.78
C ASN A 42 16.89 4.84 43.29
N GLU A 43 16.61 3.69 43.89
CA GLU A 43 16.26 3.66 45.32
C GLU A 43 17.48 3.89 46.20
N ILE A 44 18.66 3.64 45.63
CA ILE A 44 19.89 3.89 46.35
C ILE A 44 20.21 5.38 46.45
N THR A 45 20.19 6.06 45.30
CA THR A 45 20.53 7.48 45.25
C THR A 45 19.35 8.39 45.55
N ASN A 46 18.16 7.81 45.64
CA ASN A 46 16.93 8.58 45.87
C ASN A 46 16.73 9.66 44.81
N GLU A 47 16.77 9.24 43.55
CA GLU A 47 16.63 10.14 42.42
C GLU A 47 15.63 9.58 41.43
N VAL A 48 14.73 10.43 40.94
CA VAL A 48 13.77 10.00 39.92
C VAL A 48 13.86 10.87 38.67
N ASP A 49 13.52 10.27 37.53
CA ASP A 49 13.48 10.96 36.24
C ASP A 49 12.04 10.96 35.75
N VAL A 50 11.42 12.14 35.70
CA VAL A 50 9.98 12.25 35.49
C VAL A 50 9.62 13.09 34.27
N VAL A 51 8.55 12.71 33.59
CA VAL A 51 7.98 13.54 32.53
C VAL A 51 6.59 13.98 32.96
N PHE A 52 6.37 15.29 33.01
CA PHE A 52 5.07 15.79 33.41
C PHE A 52 4.64 17.02 32.59
N TRP A 53 3.33 17.23 32.49
CA TRP A 53 2.79 18.45 31.89
C TRP A 53 2.50 19.42 33.01
N GLN A 54 3.21 20.54 33.02
CA GLN A 54 3.05 21.53 34.08
C GLN A 54 1.95 22.55 33.72
N GLN A 55 0.71 22.20 34.04
CA GLN A 55 -0.41 23.08 33.75
C GLN A 55 -0.29 24.32 34.62
N THR A 56 0.02 25.45 33.98
CA THR A 56 0.19 26.71 34.69
C THR A 56 -0.79 27.78 34.17
N THR A 57 -1.46 28.43 35.10
CA THR A 57 -2.59 29.29 34.77
C THR A 57 -2.54 30.60 35.54
N TRP A 58 -2.84 31.71 34.89
CA TRP A 58 -2.90 33.00 35.56
C TRP A 58 -3.46 34.07 34.66
N SER A 59 -3.65 35.24 35.25
CA SER A 59 -4.33 36.30 34.59
C SER A 59 -3.39 37.49 34.39
N ASP A 60 -3.38 38.03 33.17
CA ASP A 60 -2.58 39.20 32.81
C ASP A 60 -3.51 40.17 32.06
N ARG A 61 -4.16 41.05 32.81
CA ARG A 61 -5.21 41.90 32.24
C ARG A 61 -4.67 42.84 31.16
N THR A 62 -3.36 42.97 31.09
CA THR A 62 -2.66 43.75 30.09
C THR A 62 -2.84 43.22 28.66
N LEU A 63 -3.14 41.92 28.56
CA LEU A 63 -3.21 41.22 27.29
C LEU A 63 -4.60 41.25 26.68
N ALA A 64 -5.57 41.74 27.44
CA ALA A 64 -6.98 41.63 27.08
C ALA A 64 -7.34 42.41 25.83
N TRP A 65 -8.39 41.99 25.14
CA TRP A 65 -8.92 42.71 24.01
C TRP A 65 -10.39 42.44 23.93
N ASN A 66 -11.09 43.24 23.16
CA ASN A 66 -12.51 43.09 22.98
C ASN A 66 -12.82 42.13 21.86
N SER A 67 -13.29 40.95 22.25
CA SER A 67 -13.44 39.86 21.31
C SER A 67 -14.80 39.86 20.60
N SER A 68 -15.37 41.04 20.40
CA SER A 68 -16.71 41.20 19.80
C SER A 68 -16.85 40.48 18.45
N HIS A 69 -16.20 41.01 17.40
CA HIS A 69 -16.02 40.11 16.28
C HIS A 69 -14.58 39.81 16.00
N SER A 70 -14.03 39.03 16.93
CA SER A 70 -12.63 38.73 16.98
C SER A 70 -12.47 37.33 17.55
N PRO A 71 -11.31 36.70 17.32
CA PRO A 71 -10.98 35.44 17.97
C PRO A 71 -11.05 35.58 19.47
N ASP A 72 -11.46 34.53 20.16
CA ASP A 72 -11.57 34.58 21.61
C ASP A 72 -10.21 34.25 22.23
N GLN A 73 -9.38 33.53 21.48
CA GLN A 73 -8.09 33.06 21.97
C GLN A 73 -7.02 33.10 20.89
N VAL A 74 -5.76 33.19 21.32
CA VAL A 74 -4.62 33.07 20.41
C VAL A 74 -3.49 32.33 21.11
N SER A 75 -2.60 31.74 20.31
CA SER A 75 -1.40 31.15 20.83
C SER A 75 -0.28 32.16 20.71
N VAL A 76 0.44 32.37 21.79
CA VAL A 76 1.47 33.39 21.84
C VAL A 76 2.77 32.83 22.36
N PRO A 77 3.89 33.14 21.69
CA PRO A 77 5.20 32.69 22.17
C PRO A 77 5.45 33.23 23.58
N ILE A 78 5.95 32.43 24.51
CA ILE A 78 6.11 32.91 25.87
C ILE A 78 7.19 34.00 25.99
N SER A 79 8.06 34.12 24.99
CA SER A 79 9.05 35.19 25.00
C SER A 79 8.37 36.59 24.91
N SER A 80 7.13 36.63 24.46
CA SER A 80 6.36 37.86 24.40
C SER A 80 5.40 38.03 25.58
N LEU A 81 5.48 37.17 26.58
CA LEU A 81 4.59 37.26 27.74
C LEU A 81 5.37 37.27 29.03
N TRP A 82 4.78 37.86 30.07
CA TRP A 82 5.30 37.63 31.40
C TRP A 82 4.94 36.18 31.80
N VAL A 83 5.89 35.51 32.43
CA VAL A 83 5.69 34.14 32.88
C VAL A 83 6.20 34.02 34.32
N PRO A 84 5.46 33.32 35.19
CA PRO A 84 5.90 33.10 36.57
C PRO A 84 7.27 32.42 36.62
N ASP A 85 8.16 32.90 37.49
CA ASP A 85 9.49 32.31 37.65
C ASP A 85 9.43 31.07 38.52
N LEU A 86 8.59 30.11 38.15
CA LEU A 86 8.43 28.89 38.94
C LEU A 86 9.65 28.00 38.87
N ALA A 87 10.02 27.42 40.00
CA ALA A 87 11.11 26.47 40.04
C ALA A 87 10.75 25.33 40.98
N ALA A 88 11.29 24.16 40.68
CA ALA A 88 11.14 23.02 41.57
C ALA A 88 12.30 23.03 42.55
N TYR A 89 11.99 23.14 43.84
CA TYR A 89 13.04 23.29 44.86
C TYR A 89 13.96 22.07 44.94
N ASN A 90 13.44 20.89 44.67
CA ASN A 90 14.26 19.70 44.82
C ASN A 90 14.65 19.08 43.49
N ALA A 91 14.68 19.91 42.45
CA ALA A 91 15.12 19.49 41.15
C ALA A 91 16.65 19.41 41.10
N ILE A 92 17.19 18.47 40.34
CA ILE A 92 18.64 18.32 40.30
C ILE A 92 19.12 18.28 38.87
N SER A 93 18.21 18.60 37.95
CA SER A 93 18.61 18.85 36.57
C SER A 93 17.82 20.05 36.05
N LYS A 94 18.30 20.66 34.97
CA LYS A 94 17.55 21.69 34.27
C LYS A 94 16.25 21.09 33.74
N PRO A 95 15.16 21.87 33.78
CA PRO A 95 13.93 21.41 33.15
C PRO A 95 14.13 21.32 31.66
N GLU A 96 13.94 20.15 31.09
CA GLU A 96 14.06 19.97 29.65
C GLU A 96 12.65 20.06 29.05
N VAL A 97 12.38 21.17 28.40
CA VAL A 97 11.07 21.42 27.80
C VAL A 97 10.92 20.69 26.47
N LEU A 98 9.90 19.86 26.37
CA LEU A 98 9.79 18.96 25.23
C LEU A 98 8.86 19.49 24.15
N THR A 99 8.14 20.56 24.47
CA THR A 99 7.07 21.06 23.59
C THR A 99 7.30 22.48 23.08
N PRO A 100 6.59 22.87 22.00
CA PRO A 100 6.62 24.26 21.54
C PRO A 100 6.32 25.26 22.67
N GLN A 101 7.18 26.26 22.82
CA GLN A 101 7.07 27.22 23.91
C GLN A 101 6.00 28.27 23.65
N LEU A 102 4.76 27.85 23.52
CA LEU A 102 3.65 28.77 23.33
C LEU A 102 2.72 28.73 24.53
N ALA A 103 2.02 29.84 24.77
CA ALA A 103 0.98 29.87 25.78
C ALA A 103 -0.33 30.21 25.08
N ARG A 104 -1.43 29.86 25.70
CA ARG A 104 -2.73 30.11 25.13
C ARG A 104 -3.35 31.32 25.87
N VAL A 105 -3.69 32.35 25.12
CA VAL A 105 -4.18 33.56 25.76
C VAL A 105 -5.63 33.86 25.40
N VAL A 106 -6.49 33.95 26.40
CA VAL A 106 -7.90 34.27 26.18
C VAL A 106 -8.12 35.79 26.20
N SER A 107 -9.14 36.26 25.49
CA SER A 107 -9.39 37.69 25.30
C SER A 107 -9.57 38.48 26.61
N ASP A 108 -9.88 37.78 27.70
CA ASP A 108 -10.03 38.44 29.00
C ASP A 108 -8.70 38.58 29.75
N GLY A 109 -7.64 38.00 29.19
CA GLY A 109 -6.32 38.10 29.80
C GLY A 109 -5.90 36.82 30.49
N GLU A 110 -6.75 35.80 30.45
CA GLU A 110 -6.39 34.52 31.05
C GLU A 110 -5.31 33.87 30.21
N VAL A 111 -4.30 33.32 30.88
CA VAL A 111 -3.18 32.69 30.20
C VAL A 111 -3.00 31.27 30.66
N LEU A 112 -2.91 30.34 29.70
CA LEU A 112 -2.58 28.94 30.02
CA LEU A 112 -2.61 28.94 29.99
C LEU A 112 -1.25 28.57 29.39
N TYR A 113 -0.30 28.20 30.22
CA TYR A 113 0.98 27.70 29.73
C TYR A 113 1.16 26.28 30.27
N MET A 114 1.23 25.29 29.39
CA MET A 114 1.32 23.89 29.81
C MET A 114 2.41 23.15 29.05
N PRO A 115 3.67 23.38 29.43
CA PRO A 115 4.78 22.69 28.77
C PRO A 115 4.89 21.24 29.25
N SER A 116 5.47 20.41 28.41
CA SER A 116 5.83 19.06 28.83
C SER A 116 7.29 19.10 29.22
N ILE A 117 7.58 18.65 30.43
CA ILE A 117 8.93 18.77 30.99
C ILE A 117 9.50 17.43 31.42
N ARG A 118 10.77 17.20 31.06
CA ARG A 118 11.50 16.10 31.64
C ARG A 118 12.53 16.63 32.64
N GLN A 119 12.45 16.16 33.88
CA GLN A 119 13.35 16.60 34.94
C GLN A 119 13.66 15.56 35.96
N ARG A 120 14.80 15.77 36.59
CA ARG A 120 15.27 14.83 37.56
C ARG A 120 15.12 15.44 38.95
N PHE A 121 14.65 14.65 39.91
CA PHE A 121 14.39 15.15 41.27
C PHE A 121 15.04 14.33 42.37
N SER A 122 15.31 15.00 43.48
CA SER A 122 15.78 14.34 44.68
C SER A 122 14.59 14.18 45.61
N CYS A 123 14.14 12.95 45.78
CA CYS A 123 12.98 12.66 46.60
C CYS A 123 13.05 11.24 47.16
N ASP A 124 12.09 10.91 48.02
CA ASP A 124 12.06 9.61 48.68
C ASP A 124 11.56 8.50 47.76
N VAL A 125 12.46 7.59 47.41
CA VAL A 125 12.17 6.55 46.45
C VAL A 125 11.99 5.21 47.19
N SER A 126 12.27 5.22 48.49
CA SER A 126 12.13 4.02 49.32
C SER A 126 10.70 3.46 49.25
N GLY A 127 10.62 2.15 49.03
CA GLY A 127 9.34 1.45 48.98
C GLY A 127 8.75 1.33 47.58
N VAL A 128 9.57 1.62 46.56
CA VAL A 128 9.07 1.67 45.19
C VAL A 128 8.67 0.28 44.66
N ASP A 129 9.30 -0.75 45.20
CA ASP A 129 8.97 -2.17 44.96
C ASP A 129 7.91 -2.71 45.88
N THR A 130 7.90 -2.23 47.12
CA THR A 130 6.76 -2.39 48.00
C THR A 130 5.50 -2.04 47.23
N GLU A 131 4.42 -2.71 47.57
CA GLU A 131 3.15 -2.53 46.91
C GLU A 131 2.42 -1.33 47.47
N SER A 132 2.88 -0.90 48.64
CA SER A 132 2.41 0.31 49.26
C SER A 132 2.98 1.50 48.47
N GLY A 133 4.14 1.24 47.85
CA GLY A 133 4.74 2.16 46.91
C GLY A 133 5.63 3.23 47.55
N ALA A 134 6.39 3.93 46.70
CA ALA A 134 7.13 5.10 47.14
C ALA A 134 6.27 6.35 47.06
N THR A 135 6.67 7.39 47.79
CA THR A 135 6.00 8.68 47.70
C THR A 135 7.03 9.77 47.52
N CYS A 136 7.14 10.25 46.28
CA CYS A 136 8.08 11.31 45.91
C CYS A 136 7.39 12.66 45.96
N ARG A 137 7.92 13.57 46.77
CA ARG A 137 7.34 14.92 46.88
C ARG A 137 8.12 15.96 46.05
N ILE A 138 7.40 16.75 45.27
CA ILE A 138 8.00 17.80 44.47
C ILE A 138 7.40 19.16 44.85
N LYS A 139 8.26 20.10 45.21
CA LYS A 139 7.79 21.43 45.61
C LYS A 139 8.06 22.46 44.53
N ILE A 140 7.02 23.17 44.13
CA ILE A 140 7.13 24.19 43.09
C ILE A 140 6.66 25.54 43.60
N GLY A 141 7.50 26.56 43.49
CA GLY A 141 7.11 27.93 43.83
C GLY A 141 7.85 29.00 43.04
N SER A 142 7.49 30.25 43.26
CA SER A 142 8.24 31.34 42.63
C SER A 142 9.65 31.37 43.20
N TRP A 143 10.63 31.58 42.33
CA TRP A 143 12.02 31.61 42.78
C TRP A 143 12.39 32.95 43.44
N THR A 144 11.78 34.06 43.02
CA THR A 144 12.17 35.37 43.53
C THR A 144 11.02 36.25 44.03
N HIS A 145 9.77 35.83 43.77
CA HIS A 145 8.62 36.62 44.22
C HIS A 145 7.99 36.05 45.48
N HIS A 146 7.60 36.92 46.41
CA HIS A 146 6.97 36.45 47.65
C HIS A 146 5.45 36.46 47.53
N SER A 147 4.77 36.03 48.59
CA SER A 147 3.35 35.74 48.54
C SER A 147 2.46 36.92 48.19
N ARG A 148 3.00 38.13 48.22
CA ARG A 148 2.17 39.28 47.92
C ARG A 148 2.37 39.77 46.51
N GLU A 149 3.31 39.13 45.82
CA GLU A 149 3.54 39.40 44.43
C GLU A 149 3.00 38.23 43.61
N ILE A 150 3.27 37.01 44.09
CA ILE A 150 2.77 35.80 43.47
C ILE A 150 2.24 34.82 44.52
N SER A 151 1.01 34.38 44.33
CA SER A 151 0.50 33.28 45.13
C SER A 151 0.34 32.05 44.26
N VAL A 152 0.77 30.90 44.76
CA VAL A 152 0.61 29.66 44.02
C VAL A 152 -0.46 28.83 44.68
N ASP A 153 -1.24 28.12 43.86
CA ASP A 153 -2.34 27.30 44.36
C ASP A 153 -2.53 26.09 43.47
N PRO A 154 -2.95 24.97 44.07
CA PRO A 154 -3.28 23.79 43.27
C PRO A 154 -4.59 23.98 42.53
N THR A 155 -5.02 22.98 41.77
CA THR A 155 -6.22 23.12 40.98
C THR A 155 -7.30 22.19 41.50
N SER A 162 -2.38 11.33 36.64
CA SER A 162 -2.86 9.96 36.73
C SER A 162 -3.55 9.49 35.42
N GLU A 163 -4.27 10.41 34.77
CA GLU A 163 -5.11 10.11 33.63
C GLU A 163 -4.35 10.08 32.30
N TYR A 164 -3.31 10.90 32.20
CA TYR A 164 -2.53 10.96 30.98
C TYR A 164 -1.22 10.17 31.11
N PHE A 165 -1.13 9.35 32.14
CA PHE A 165 0.09 8.61 32.42
C PHE A 165 0.25 7.46 31.43
N SER A 166 1.49 7.18 31.07
CA SER A 166 1.79 6.18 30.05
C SER A 166 1.49 4.78 30.52
N GLN A 167 0.68 4.07 29.75
CA GLN A 167 0.41 2.67 30.04
C GLN A 167 1.67 1.81 29.87
N TYR A 168 2.70 2.36 29.25
CA TYR A 168 3.90 1.58 28.92
C TYR A 168 5.05 1.83 29.88
N SER A 169 4.82 2.62 30.91
CA SER A 169 5.83 2.83 31.92
C SER A 169 6.08 1.56 32.74
N ARG A 170 7.28 1.41 33.26
CA ARG A 170 7.57 0.32 34.19
C ARG A 170 6.88 0.55 35.51
N PHE A 171 6.24 1.71 35.67
CA PHE A 171 5.65 2.08 36.94
C PHE A 171 4.18 2.41 36.77
N GLU A 172 3.48 2.53 37.88
CA GLU A 172 2.10 2.96 37.87
C GLU A 172 1.84 3.91 39.03
N ILE A 173 0.78 4.69 38.92
CA ILE A 173 0.50 5.68 39.94
C ILE A 173 -0.62 5.23 40.85
N LEU A 174 -0.32 5.18 42.14
CA LEU A 174 -1.34 4.87 43.14
C LEU A 174 -2.17 6.09 43.46
N ASP A 175 -1.50 7.21 43.72
CA ASP A 175 -2.17 8.45 44.12
C ASP A 175 -1.32 9.67 43.88
N VAL A 176 -1.98 10.78 43.56
CA VAL A 176 -1.32 12.07 43.47
C VAL A 176 -2.09 13.11 44.27
N THR A 177 -1.44 13.73 45.23
CA THR A 177 -2.09 14.80 45.98
C THR A 177 -1.29 16.09 45.89
N GLN A 178 -1.98 17.21 45.74
CA GLN A 178 -1.34 18.50 45.63
C GLN A 178 -1.80 19.36 46.80
N LYS A 179 -0.85 19.87 47.57
CA LYS A 179 -1.21 20.76 48.67
C LYS A 179 -0.32 22.00 48.71
N LYS A 180 -0.81 23.05 49.39
CA LYS A 180 -0.13 24.33 49.36
C LYS A 180 0.53 24.68 50.69
N ASN A 181 1.80 25.07 50.64
CA ASN A 181 2.54 25.52 51.81
C ASN A 181 2.83 27.01 51.73
N SER A 182 2.95 27.64 52.90
CA SER A 182 3.38 29.04 52.95
C SER A 182 4.49 29.13 53.99
N VAL A 183 5.65 29.63 53.59
CA VAL A 183 6.81 29.61 54.48
C VAL A 183 7.40 30.99 54.74
N THR A 184 7.56 31.33 56.02
CA THR A 184 8.19 32.59 56.40
C THR A 184 9.51 32.34 57.14
N TYR A 185 10.59 32.88 56.59
CA TYR A 185 11.94 32.64 57.11
C TYR A 185 12.37 33.71 58.12
N SER A 186 13.52 33.51 58.75
CA SER A 186 14.04 34.47 59.73
C SER A 186 15.04 35.42 59.10
N CYS A 187 15.07 35.44 57.77
CA CYS A 187 15.99 36.31 57.04
C CYS A 187 15.24 37.40 56.28
N CYS A 188 13.94 37.22 56.15
CA CYS A 188 13.10 38.18 55.44
C CYS A 188 11.67 38.14 55.96
N PRO A 189 11.09 39.33 56.17
CA PRO A 189 9.75 39.46 56.80
C PRO A 189 8.63 38.94 55.90
N GLU A 190 8.93 38.04 54.95
CA GLU A 190 7.88 37.81 53.96
C GLU A 190 7.68 36.34 53.60
N ALA A 191 6.43 35.99 53.28
CA ALA A 191 6.04 34.60 53.06
C ALA A 191 6.30 34.14 51.62
N TYR A 192 6.81 32.93 51.48
CA TYR A 192 7.01 32.33 50.17
C TYR A 192 6.17 31.07 50.05
N GLU A 193 5.25 31.08 49.10
CA GLU A 193 4.34 29.97 48.89
C GLU A 193 4.91 28.94 47.92
N ASP A 194 4.54 27.69 48.12
CA ASP A 194 4.86 26.66 47.16
C ASP A 194 3.71 25.67 47.06
N VAL A 195 3.69 24.89 45.99
CA VAL A 195 2.75 23.79 45.87
C VAL A 195 3.51 22.49 46.03
N GLU A 196 3.11 21.68 47.00
CA GLU A 196 3.77 20.40 47.21
C GLU A 196 2.97 19.31 46.50
N VAL A 197 3.63 18.60 45.60
CA VAL A 197 2.97 17.53 44.84
C VAL A 197 3.50 16.17 45.29
N SER A 198 2.61 15.35 45.82
CA SER A 198 3.00 14.05 46.34
C SER A 198 2.67 12.97 45.33
N LEU A 199 3.71 12.31 44.83
CA LEU A 199 3.53 11.28 43.82
C LEU A 199 3.71 9.90 44.44
N ASN A 200 2.59 9.21 44.64
CA ASN A 200 2.59 7.84 45.14
C ASN A 200 2.63 6.86 43.97
N PHE A 201 3.77 6.20 43.79
CA PHE A 201 3.96 5.29 42.66
C PHE A 201 4.73 4.04 43.08
N ARG A 202 4.60 2.99 42.26
CA ARG A 202 5.34 1.75 42.51
C ARG A 202 5.67 1.06 41.20
N LYS A 203 6.60 0.12 41.26
CA LYS A 203 6.89 -0.69 40.10
C LYS A 203 5.79 -1.73 39.87
N LYS A 204 5.52 -2.05 38.61
CA LYS A 204 4.44 -2.97 38.27
C LYS A 204 4.74 -4.42 38.66
N ASP B 2 -57.84 -36.18 28.72
CA ASP B 2 -58.27 -34.79 28.66
C ASP B 2 -57.45 -33.95 27.67
N ARG B 3 -57.79 -32.68 27.52
CA ARG B 3 -57.10 -31.84 26.55
C ARG B 3 -55.61 -31.75 26.81
N ALA B 4 -55.24 -31.63 28.08
CA ALA B 4 -53.83 -31.57 28.45
C ALA B 4 -53.06 -32.80 27.94
N ASP B 5 -53.62 -34.00 28.12
CA ASP B 5 -52.95 -35.23 27.68
C ASP B 5 -52.81 -35.27 26.16
N ILE B 6 -53.92 -34.95 25.48
CA ILE B 6 -53.95 -35.00 24.02
C ILE B 6 -52.90 -34.04 23.45
N LEU B 7 -52.84 -32.83 23.98
CA LEU B 7 -51.89 -31.86 23.46
C LEU B 7 -50.46 -32.23 23.84
N TYR B 8 -50.27 -32.78 25.03
CA TYR B 8 -48.96 -33.31 25.43
C TYR B 8 -48.48 -34.39 24.42
N ASN B 9 -49.33 -35.37 24.11
CA ASN B 9 -48.89 -36.44 23.23
C ASN B 9 -48.64 -35.90 21.82
N ILE B 10 -49.51 -35.02 21.36
CA ILE B 10 -49.35 -34.48 20.02
C ILE B 10 -48.01 -33.78 19.94
N ARG B 11 -47.70 -33.03 20.97
CA ARG B 11 -46.49 -32.25 20.90
C ARG B 11 -45.25 -33.13 21.01
N GLN B 12 -45.30 -34.15 21.85
CA GLN B 12 -44.17 -35.06 22.02
C GLN B 12 -43.91 -35.96 20.80
N THR B 13 -44.93 -36.23 19.98
CA THR B 13 -44.84 -37.25 18.92
C THR B 13 -45.28 -36.86 17.52
N SER B 14 -45.83 -35.67 17.36
CA SER B 14 -46.16 -35.23 16.02
C SER B 14 -44.83 -34.98 15.28
N ARG B 15 -44.86 -35.07 13.96
CA ARG B 15 -43.64 -34.83 13.23
C ARG B 15 -43.89 -33.75 12.18
N PRO B 16 -43.63 -32.47 12.52
CA PRO B 16 -44.02 -31.39 11.61
C PRO B 16 -43.30 -31.46 10.28
N ASP B 17 -42.11 -32.09 10.27
CA ASP B 17 -41.26 -32.14 9.11
C ASP B 17 -41.65 -33.29 8.20
N VAL B 18 -42.56 -34.12 8.68
CA VAL B 18 -42.85 -35.40 8.02
C VAL B 18 -44.26 -35.48 7.44
N ILE B 19 -44.34 -35.48 6.12
CA ILE B 19 -45.63 -35.53 5.45
C ILE B 19 -46.37 -36.83 5.76
N PRO B 20 -47.62 -36.72 6.25
CA PRO B 20 -48.36 -37.89 6.74
C PRO B 20 -48.84 -38.72 5.58
N THR B 21 -47.91 -39.17 4.75
CA THR B 21 -48.29 -40.05 3.67
C THR B 21 -48.74 -41.32 4.33
N GLN B 22 -49.87 -41.79 3.87
CA GLN B 22 -50.45 -43.01 4.32
C GLN B 22 -50.30 -43.93 3.13
N ARG B 23 -49.44 -44.93 3.22
CA ARG B 23 -49.48 -45.99 2.24
C ARG B 23 -48.84 -45.70 0.87
N ASP B 24 -48.03 -44.67 0.82
CA ASP B 24 -47.49 -44.20 -0.48
C ASP B 24 -48.62 -43.65 -1.33
N ARG B 25 -49.66 -43.20 -0.65
CA ARG B 25 -50.64 -42.33 -1.27
C ARG B 25 -50.41 -40.91 -1.00
N PRO B 26 -50.81 -40.07 -1.95
CA PRO B 26 -50.71 -38.66 -1.66
C PRO B 26 -51.60 -38.26 -0.50
N VAL B 27 -51.17 -37.23 0.20
CA VAL B 27 -52.00 -36.66 1.23
C VAL B 27 -53.04 -35.84 0.49
N ALA B 28 -54.31 -36.11 0.76
CA ALA B 28 -55.36 -35.36 0.11
C ALA B 28 -55.59 -34.02 0.83
N VAL B 29 -55.12 -32.95 0.22
CA VAL B 29 -55.28 -31.62 0.79
C VAL B 29 -56.37 -30.86 0.06
N SER B 30 -57.34 -30.34 0.82
CA SER B 30 -58.42 -29.54 0.24
C SER B 30 -58.19 -28.05 0.51
N VAL B 31 -58.28 -27.25 -0.53
CA VAL B 31 -58.09 -25.81 -0.40
C VAL B 31 -59.30 -25.07 -0.91
N SER B 32 -59.70 -24.05 -0.16
CA SER B 32 -60.83 -23.22 -0.57
C SER B 32 -60.66 -21.80 -0.03
N LEU B 33 -60.60 -20.82 -0.93
CA LEU B 33 -60.46 -19.43 -0.50
C LEU B 33 -61.82 -18.75 -0.27
N LYS B 34 -62.01 -18.21 0.92
CA LYS B 34 -63.20 -17.39 1.22
C LYS B 34 -62.82 -15.91 1.24
N PHE B 35 -63.15 -15.19 0.19
CA PHE B 35 -62.73 -13.81 0.12
C PHE B 35 -63.47 -12.94 1.12
N ILE B 36 -62.72 -12.04 1.75
CA ILE B 36 -63.25 -11.20 2.81
C ILE B 36 -63.20 -9.75 2.36
N ASN B 37 -62.15 -9.40 1.63
CA ASN B 37 -61.99 -8.03 1.19
C ASN B 37 -61.05 -7.87 0.01
N ILE B 38 -61.42 -6.97 -0.89
CA ILE B 38 -60.49 -6.52 -1.92
C ILE B 38 -60.11 -5.10 -1.56
N LEU B 39 -58.84 -4.86 -1.31
CA LEU B 39 -58.43 -3.65 -0.60
C LEU B 39 -57.81 -2.58 -1.49
N GLU B 40 -56.95 -3.01 -2.41
CA GLU B 40 -56.31 -2.07 -3.29
C GLU B 40 -56.13 -2.71 -4.64
N VAL B 41 -56.55 -2.00 -5.67
CA VAL B 41 -56.59 -2.53 -7.01
C VAL B 41 -55.90 -1.52 -7.92
N ASN B 42 -55.16 -2.03 -8.90
CA ASN B 42 -54.43 -1.16 -9.82
C ASN B 42 -54.50 -1.74 -11.22
N GLU B 43 -55.31 -1.12 -12.09
CA GLU B 43 -55.57 -1.65 -13.41
C GLU B 43 -54.38 -1.41 -14.31
N ILE B 44 -53.55 -0.45 -13.94
CA ILE B 44 -52.35 -0.18 -14.73
C ILE B 44 -51.29 -1.23 -14.47
N THR B 45 -51.00 -1.50 -13.20
CA THR B 45 -49.93 -2.45 -12.85
C THR B 45 -50.42 -3.88 -12.77
N ASN B 46 -51.74 -4.07 -12.82
CA ASN B 46 -52.34 -5.40 -12.77
C ASN B 46 -51.97 -6.09 -11.45
N GLU B 47 -52.24 -5.40 -10.36
CA GLU B 47 -51.94 -5.91 -9.04
C GLU B 47 -53.13 -5.70 -8.11
N VAL B 48 -53.45 -6.72 -7.32
CA VAL B 48 -54.53 -6.62 -6.35
C VAL B 48 -54.06 -6.95 -4.93
N ASP B 49 -54.73 -6.36 -3.96
CA ASP B 49 -54.43 -6.57 -2.55
C ASP B 49 -55.69 -7.19 -1.93
N VAL B 50 -55.57 -8.44 -1.49
CA VAL B 50 -56.73 -9.23 -1.10
C VAL B 50 -56.62 -9.79 0.32
N VAL B 51 -57.75 -9.86 1.00
CA VAL B 51 -57.84 -10.54 2.28
C VAL B 51 -58.76 -11.73 2.15
N PHE B 52 -58.25 -12.93 2.44
CA PHE B 52 -59.07 -14.13 2.31
C PHE B 52 -58.82 -15.11 3.45
N TRP B 53 -59.81 -15.94 3.74
CA TRP B 53 -59.64 -17.05 4.65
C TRP B 53 -59.30 -18.30 3.85
N GLN B 54 -58.10 -18.82 4.05
CA GLN B 54 -57.64 -19.99 3.30
C GLN B 54 -58.03 -21.27 4.03
N GLN B 55 -59.25 -21.74 3.75
CA GLN B 55 -59.75 -22.97 4.36
C GLN B 55 -58.93 -24.16 3.86
N THR B 56 -58.17 -24.74 4.78
CA THR B 56 -57.22 -25.80 4.44
C THR B 56 -57.47 -27.03 5.30
N THR B 57 -57.55 -28.16 4.63
CA THR B 57 -58.08 -29.35 5.26
C THR B 57 -57.35 -30.62 4.82
N TRP B 58 -57.05 -31.48 5.78
CA TRP B 58 -56.37 -32.73 5.46
C TRP B 58 -56.43 -33.69 6.63
N SER B 59 -55.90 -34.88 6.42
CA SER B 59 -55.87 -35.91 7.46
C SER B 59 -54.42 -36.24 7.86
N ASP B 60 -54.23 -36.59 9.13
CA ASP B 60 -52.93 -37.01 9.64
C ASP B 60 -53.19 -37.97 10.78
N ARG B 61 -53.13 -39.25 10.50
CA ARG B 61 -53.58 -40.22 11.49
C ARG B 61 -52.56 -40.40 12.62
N THR B 62 -51.35 -39.87 12.44
CA THR B 62 -50.41 -39.86 13.55
C THR B 62 -50.98 -39.03 14.71
N LEU B 63 -51.99 -38.21 14.45
CA LEU B 63 -52.59 -37.33 15.46
C LEU B 63 -53.81 -37.92 16.18
N ALA B 64 -54.32 -39.03 15.65
CA ALA B 64 -55.58 -39.59 16.13
C ALA B 64 -55.50 -40.08 17.55
N TRP B 65 -56.65 -40.09 18.22
CA TRP B 65 -56.76 -40.67 19.55
C TRP B 65 -58.17 -41.25 19.76
N ASN B 66 -58.31 -42.07 20.79
CA ASN B 66 -59.60 -42.68 21.13
C ASN B 66 -60.45 -41.70 21.93
N SER B 67 -61.44 -41.09 21.28
CA SER B 67 -62.23 -40.04 21.92
C SER B 67 -63.42 -40.57 22.75
N SER B 68 -63.27 -41.77 23.32
CA SER B 68 -64.36 -42.44 24.05
C SER B 68 -64.96 -41.58 25.17
N HIS B 69 -64.17 -41.28 26.19
CA HIS B 69 -64.57 -40.28 27.19
C HIS B 69 -63.56 -39.15 27.14
N SER B 70 -63.43 -38.55 25.97
CA SER B 70 -62.40 -37.56 25.72
C SER B 70 -62.96 -36.52 24.78
N PRO B 71 -62.35 -35.33 24.75
CA PRO B 71 -62.72 -34.31 23.77
C PRO B 71 -62.63 -34.86 22.36
N ASP B 72 -63.52 -34.43 21.48
CA ASP B 72 -63.50 -34.93 20.12
C ASP B 72 -62.50 -34.09 19.29
N GLN B 73 -62.27 -32.84 19.73
CA GLN B 73 -61.41 -31.92 19.01
C GLN B 73 -60.53 -31.09 19.96
N VAL B 74 -59.40 -30.63 19.45
CA VAL B 74 -58.57 -29.67 20.16
C VAL B 74 -58.01 -28.65 19.19
N SER B 75 -57.63 -27.48 19.70
CA SER B 75 -56.89 -26.50 18.94
C SER B 75 -55.39 -26.68 19.16
N VAL B 76 -54.63 -26.75 18.08
CA VAL B 76 -53.21 -27.08 18.18
C VAL B 76 -52.39 -26.03 17.44
N PRO B 77 -51.29 -25.54 18.05
CA PRO B 77 -50.40 -24.61 17.33
C PRO B 77 -49.81 -25.27 16.09
N ILE B 78 -49.77 -24.59 14.95
CA ILE B 78 -49.33 -25.28 13.74
C ILE B 78 -47.86 -25.66 13.79
N SER B 79 -47.11 -25.04 14.70
CA SER B 79 -45.70 -25.37 14.84
C SER B 79 -45.53 -26.82 15.32
N SER B 80 -46.59 -27.39 15.88
CA SER B 80 -46.58 -28.79 16.34
C SER B 80 -47.24 -29.75 15.36
N LEU B 81 -47.57 -29.28 14.17
CA LEU B 81 -48.21 -30.13 13.15
C LEU B 81 -47.49 -30.05 11.85
N TRP B 82 -47.61 -31.11 11.06
CA TRP B 82 -47.23 -31.02 9.66
C TRP B 82 -48.28 -30.17 8.94
N VAL B 83 -47.82 -29.31 8.04
CA VAL B 83 -48.70 -28.44 7.32
C VAL B 83 -48.25 -28.44 5.87
N PRO B 84 -49.21 -28.51 4.93
CA PRO B 84 -48.88 -28.48 3.49
C PRO B 84 -48.09 -27.22 3.13
N ASP B 85 -47.04 -27.36 2.31
CA ASP B 85 -46.24 -26.23 1.88
C ASP B 85 -46.92 -25.50 0.72
N LEU B 86 -48.13 -25.03 0.96
CA LEU B 86 -48.90 -24.39 -0.11
C LEU B 86 -48.35 -23.01 -0.37
N ALA B 87 -48.26 -22.64 -1.65
CA ALA B 87 -47.86 -21.30 -2.06
C ALA B 87 -48.75 -20.83 -3.20
N ALA B 88 -48.99 -19.52 -3.27
CA ALA B 88 -49.67 -18.93 -4.41
C ALA B 88 -48.65 -18.58 -5.48
N TYR B 89 -48.74 -19.22 -6.64
CA TYR B 89 -47.75 -19.02 -7.70
C TYR B 89 -47.61 -17.57 -8.18
N ASN B 90 -48.69 -16.81 -8.14
CA ASN B 90 -48.65 -15.45 -8.68
C ASN B 90 -48.71 -14.41 -7.59
N ALA B 91 -48.32 -14.79 -6.38
CA ALA B 91 -48.23 -13.86 -5.26
C ALA B 91 -46.99 -12.99 -5.42
N ILE B 92 -47.09 -11.73 -5.03
CA ILE B 92 -45.95 -10.82 -5.17
C ILE B 92 -45.59 -10.17 -3.85
N SER B 93 -46.24 -10.64 -2.78
CA SER B 93 -45.87 -10.26 -1.42
C SER B 93 -45.95 -11.48 -0.51
N LYS B 94 -45.25 -11.42 0.62
CA LYS B 94 -45.35 -12.48 1.63
C LYS B 94 -46.78 -12.56 2.13
N PRO B 95 -47.28 -13.78 2.36
CA PRO B 95 -48.61 -13.89 2.98
C PRO B 95 -48.58 -13.35 4.39
N GLU B 96 -49.35 -12.30 4.65
CA GLU B 96 -49.44 -11.71 5.99
C GLU B 96 -50.59 -12.38 6.74
N VAL B 97 -50.24 -13.23 7.70
CA VAL B 97 -51.26 -13.97 8.45
C VAL B 97 -51.82 -13.11 9.56
N LEU B 98 -53.14 -12.92 9.55
CA LEU B 98 -53.76 -11.96 10.47
C LEU B 98 -54.31 -12.59 11.76
N THR B 99 -54.35 -13.93 11.78
CA THR B 99 -55.03 -14.65 12.85
C THR B 99 -54.07 -15.52 13.70
N PRO B 100 -54.50 -15.90 14.91
CA PRO B 100 -53.77 -16.92 15.69
C PRO B 100 -53.43 -18.17 14.88
N GLN B 101 -52.17 -18.58 14.90
CA GLN B 101 -51.69 -19.70 14.10
C GLN B 101 -52.05 -21.07 14.73
N LEU B 102 -53.34 -21.33 14.85
CA LEU B 102 -53.80 -22.59 15.40
C LEU B 102 -54.53 -23.38 14.33
N ALA B 103 -54.52 -24.70 14.45
CA ALA B 103 -55.32 -25.56 13.60
C ALA B 103 -56.25 -26.38 14.48
N ARG B 104 -57.35 -26.83 13.89
CA ARG B 104 -58.34 -27.57 14.65
C ARG B 104 -58.17 -29.05 14.31
N VAL B 105 -57.93 -29.86 15.33
CA VAL B 105 -57.65 -31.28 15.09
C VAL B 105 -58.72 -32.18 15.68
N VAL B 106 -59.35 -32.98 14.83
CA VAL B 106 -60.37 -33.93 15.26
C VAL B 106 -59.72 -35.26 15.66
N SER B 107 -60.36 -35.98 16.58
CA SER B 107 -59.79 -37.22 17.13
C SER B 107 -59.46 -38.29 16.09
N ASP B 108 -60.02 -38.20 14.88
CA ASP B 108 -59.74 -39.18 13.83
C ASP B 108 -58.52 -38.80 12.99
N GLY B 109 -57.95 -37.63 13.27
CA GLY B 109 -56.79 -37.15 12.55
C GLY B 109 -57.08 -36.09 11.49
N GLU B 110 -58.34 -35.69 11.40
CA GLU B 110 -58.72 -34.65 10.46
C GLU B 110 -58.21 -33.32 10.99
N VAL B 111 -57.63 -32.52 10.10
CA VAL B 111 -57.06 -31.24 10.49
C VAL B 111 -57.67 -30.12 9.66
N LEU B 112 -58.12 -29.08 10.34
CA LEU B 112 -58.59 -27.85 9.66
C LEU B 112 -57.72 -26.66 10.03
N TYR B 113 -57.06 -26.05 9.04
CA TYR B 113 -56.28 -24.83 9.24
C TYR B 113 -56.86 -23.75 8.32
N MET B 114 -57.37 -22.67 8.93
CA MET B 114 -58.03 -21.64 8.17
C MET B 114 -57.53 -20.26 8.61
N PRO B 115 -56.32 -19.90 8.16
CA PRO B 115 -55.80 -18.58 8.52
C PRO B 115 -56.45 -17.50 7.69
N SER B 116 -56.51 -16.30 8.24
CA SER B 116 -56.89 -15.13 7.46
C SER B 116 -55.63 -14.47 6.91
N ILE B 117 -55.55 -14.34 5.60
CA ILE B 117 -54.34 -13.86 4.95
C ILE B 117 -54.55 -12.59 4.14
N ARG B 118 -53.64 -11.63 4.27
CA ARG B 118 -53.58 -10.50 3.37
C ARG B 118 -52.39 -10.65 2.45
N GLN B 119 -52.62 -10.55 1.14
CA GLN B 119 -51.55 -10.80 0.18
C GLN B 119 -51.80 -10.07 -1.14
N ARG B 120 -50.71 -9.66 -1.80
CA ARG B 120 -50.81 -9.03 -3.11
C ARG B 120 -50.59 -10.07 -4.21
N PHE B 121 -51.32 -9.92 -5.30
CA PHE B 121 -51.15 -10.82 -6.42
C PHE B 121 -50.95 -10.06 -7.74
N SER B 122 -50.32 -10.76 -8.68
CA SER B 122 -50.24 -10.32 -10.06
C SER B 122 -51.29 -11.06 -10.86
N CYS B 123 -52.34 -10.37 -11.28
CA CYS B 123 -53.42 -10.98 -12.04
C CYS B 123 -54.09 -9.96 -12.97
N ASP B 124 -55.07 -10.42 -13.75
CA ASP B 124 -55.74 -9.56 -14.72
C ASP B 124 -56.79 -8.70 -14.05
N VAL B 125 -56.54 -7.39 -14.03
CA VAL B 125 -57.41 -6.45 -13.35
C VAL B 125 -58.26 -5.68 -14.37
N SER B 126 -57.95 -5.88 -15.65
CA SER B 126 -58.66 -5.21 -16.73
C SER B 126 -60.17 -5.49 -16.66
N GLY B 127 -60.96 -4.42 -16.77
CA GLY B 127 -62.41 -4.53 -16.76
C GLY B 127 -63.03 -4.38 -15.39
N VAL B 128 -62.24 -3.91 -14.43
CA VAL B 128 -62.70 -3.82 -13.05
C VAL B 128 -63.79 -2.77 -12.89
N ASP B 129 -63.80 -1.76 -13.76
CA ASP B 129 -64.87 -0.76 -13.74
C ASP B 129 -66.02 -1.09 -14.66
N THR B 130 -65.70 -1.80 -15.74
CA THR B 130 -66.71 -2.50 -16.52
C THR B 130 -67.65 -3.26 -15.59
N GLU B 131 -68.92 -3.36 -15.94
CA GLU B 131 -69.78 -4.05 -15.01
C GLU B 131 -69.77 -5.53 -15.26
N SER B 132 -69.05 -5.93 -16.30
CA SER B 132 -68.94 -7.35 -16.55
C SER B 132 -67.79 -7.79 -15.60
N GLY B 133 -66.98 -6.81 -15.20
CA GLY B 133 -66.01 -6.97 -14.14
C GLY B 133 -64.66 -7.50 -14.56
N ALA B 134 -63.70 -7.47 -13.63
CA ALA B 134 -62.41 -8.12 -13.84
C ALA B 134 -62.46 -9.57 -13.35
N THR B 135 -61.54 -10.39 -13.86
CA THR B 135 -61.40 -11.75 -13.36
C THR B 135 -59.95 -12.04 -13.02
N CYS B 136 -59.66 -12.04 -11.72
CA CYS B 136 -58.32 -12.29 -11.21
C CYS B 136 -58.17 -13.76 -10.83
N ARG B 137 -57.19 -14.43 -11.44
CA ARG B 137 -56.95 -15.84 -11.15
C ARG B 137 -55.77 -16.05 -10.20
N ILE B 138 -55.99 -16.85 -9.17
CA ILE B 138 -54.96 -17.17 -8.19
C ILE B 138 -54.72 -18.68 -8.15
N LYS B 139 -53.47 -19.09 -8.41
CA LYS B 139 -53.13 -20.52 -8.36
C LYS B 139 -52.37 -20.92 -7.08
N ILE B 140 -52.89 -21.92 -6.39
CA ILE B 140 -52.31 -22.40 -5.15
C ILE B 140 -51.96 -23.88 -5.25
N GLY B 141 -50.70 -24.21 -4.98
CA GLY B 141 -50.28 -25.60 -4.94
C GLY B 141 -49.13 -25.84 -3.96
N SER B 142 -48.75 -27.10 -3.78
CA SER B 142 -47.55 -27.43 -3.02
C SER B 142 -46.33 -26.84 -3.70
N TRP B 143 -45.41 -26.31 -2.90
CA TRP B 143 -44.20 -25.71 -3.46
C TRP B 143 -43.14 -26.73 -3.80
N THR B 144 -43.08 -27.84 -3.06
CA THR B 144 -42.03 -28.83 -3.29
C THR B 144 -42.52 -30.29 -3.45
N HIS B 145 -43.79 -30.54 -3.14
CA HIS B 145 -44.32 -31.91 -3.29
C HIS B 145 -45.12 -32.11 -4.58
N HIS B 146 -44.91 -33.25 -5.24
CA HIS B 146 -45.64 -33.54 -6.47
C HIS B 146 -46.92 -34.34 -6.18
N SER B 147 -47.67 -34.63 -7.23
CA SER B 147 -49.04 -35.16 -7.11
C SER B 147 -49.15 -36.51 -6.41
N ARG B 148 -48.03 -37.19 -6.20
CA ARG B 148 -48.10 -38.45 -5.50
C ARG B 148 -47.74 -38.36 -4.04
N GLU B 149 -47.36 -37.16 -3.64
CA GLU B 149 -47.10 -36.90 -2.25
C GLU B 149 -48.22 -36.04 -1.73
N ILE B 150 -48.60 -35.03 -2.51
CA ILE B 150 -49.72 -34.15 -2.16
C ILE B 150 -50.65 -33.98 -3.36
N SER B 151 -51.94 -34.16 -3.15
CA SER B 151 -52.91 -33.77 -4.15
C SER B 151 -53.74 -32.59 -3.60
N VAL B 152 -53.93 -31.56 -4.42
CA VAL B 152 -54.79 -30.47 -3.99
C VAL B 152 -56.14 -30.55 -4.69
N ASP B 153 -57.21 -30.21 -3.99
CA ASP B 153 -58.55 -30.25 -4.56
C ASP B 153 -59.40 -29.13 -4.00
N PRO B 154 -60.33 -28.62 -4.81
CA PRO B 154 -61.29 -27.64 -4.33
C PRO B 154 -62.31 -28.28 -3.42
N THR B 155 -63.24 -27.50 -2.90
CA THR B 155 -64.25 -28.01 -1.98
C THR B 155 -65.64 -27.97 -2.60
N SER B 162 -67.59 -15.39 -1.19
CA SER B 162 -68.71 -14.53 -1.56
C SER B 162 -69.59 -14.16 -0.35
N GLU B 163 -69.78 -15.12 0.55
CA GLU B 163 -70.70 -15.01 1.68
C GLU B 163 -70.12 -14.20 2.86
N TYR B 164 -68.80 -14.29 3.06
CA TYR B 164 -68.18 -13.60 4.18
C TYR B 164 -67.50 -12.32 3.72
N PHE B 165 -67.81 -11.90 2.50
CA PHE B 165 -67.17 -10.72 1.92
C PHE B 165 -67.71 -9.44 2.57
N SER B 166 -66.82 -8.47 2.74
CA SER B 166 -67.17 -7.24 3.44
C SER B 166 -68.17 -6.41 2.66
N GLN B 167 -69.26 -6.01 3.32
CA GLN B 167 -70.24 -5.11 2.68
C GLN B 167 -69.64 -3.72 2.51
N TYR B 168 -68.51 -3.43 3.14
CA TYR B 168 -67.97 -2.09 3.11
C TYR B 168 -66.83 -1.94 2.11
N SER B 169 -66.53 -3.00 1.37
CA SER B 169 -65.48 -2.92 0.36
C SER B 169 -65.90 -1.99 -0.77
N ARG B 170 -64.93 -1.36 -1.42
CA ARG B 170 -65.22 -0.60 -2.64
C ARG B 170 -65.62 -1.49 -3.80
N PHE B 171 -65.51 -2.80 -3.58
CA PHE B 171 -65.77 -3.76 -4.64
C PHE B 171 -66.82 -4.76 -4.22
N GLU B 172 -67.31 -5.52 -5.19
CA GLU B 172 -68.26 -6.59 -4.93
C GLU B 172 -67.91 -7.80 -5.80
N ILE B 173 -68.35 -8.97 -5.36
CA ILE B 173 -68.00 -10.18 -6.07
C ILE B 173 -69.14 -10.68 -6.95
N LEU B 174 -68.88 -10.79 -8.24
CA LEU B 174 -69.85 -11.34 -9.18
C LEU B 174 -69.87 -12.87 -9.09
N ASP B 175 -68.69 -13.47 -9.17
CA ASP B 175 -68.58 -14.93 -9.15
C ASP B 175 -67.20 -15.40 -8.67
N VAL B 176 -67.19 -16.56 -8.01
CA VAL B 176 -65.93 -17.22 -7.66
C VAL B 176 -66.01 -18.66 -8.10
N THR B 177 -65.09 -19.10 -8.94
CA THR B 177 -65.01 -20.50 -9.32
C THR B 177 -63.66 -21.07 -8.97
N GLN B 178 -63.64 -22.30 -8.47
CA GLN B 178 -62.41 -22.98 -8.12
C GLN B 178 -62.27 -24.23 -8.97
N LYS B 179 -61.15 -24.35 -9.68
CA LYS B 179 -60.94 -25.54 -10.49
C LYS B 179 -59.52 -26.07 -10.30
N LYS B 180 -59.33 -27.35 -10.63
CA LYS B 180 -58.07 -28.02 -10.37
C LYS B 180 -57.27 -28.32 -11.64
N ASN B 181 -55.99 -27.95 -11.63
CA ASN B 181 -55.07 -28.28 -12.73
C ASN B 181 -54.07 -29.36 -12.28
N SER B 182 -53.58 -30.17 -13.21
CA SER B 182 -52.45 -31.08 -12.92
C SER B 182 -51.40 -30.93 -14.04
N VAL B 183 -50.23 -30.40 -13.68
CA VAL B 183 -49.33 -29.86 -14.69
C VAL B 183 -47.97 -30.55 -14.74
N THR B 184 -47.65 -31.12 -15.89
CA THR B 184 -46.30 -31.57 -16.14
C THR B 184 -45.57 -30.43 -16.86
N TYR B 185 -44.46 -29.98 -16.30
CA TYR B 185 -43.65 -28.94 -16.90
C TYR B 185 -42.52 -29.57 -17.71
N SER B 186 -41.94 -28.80 -18.63
CA SER B 186 -40.77 -29.24 -19.41
C SER B 186 -39.68 -29.69 -18.45
N CYS B 187 -39.23 -28.72 -17.67
CA CYS B 187 -38.46 -28.92 -16.46
C CYS B 187 -38.38 -30.36 -15.88
N CYS B 188 -39.52 -30.99 -15.60
CA CYS B 188 -39.53 -32.16 -14.71
C CYS B 188 -40.47 -33.29 -15.16
N PRO B 189 -40.14 -34.54 -14.79
CA PRO B 189 -40.94 -35.71 -15.14
C PRO B 189 -42.22 -35.86 -14.31
N GLU B 190 -42.37 -35.01 -13.29
CA GLU B 190 -43.49 -35.11 -12.37
C GLU B 190 -44.56 -34.04 -12.66
N ALA B 191 -45.81 -34.38 -12.33
CA ALA B 191 -46.92 -33.44 -12.47
C ALA B 191 -47.16 -32.72 -11.15
N TYR B 192 -47.49 -31.44 -11.24
CA TYR B 192 -47.74 -30.68 -10.03
C TYR B 192 -49.14 -30.06 -10.00
N GLU B 193 -49.92 -30.50 -9.03
CA GLU B 193 -51.31 -30.06 -8.98
C GLU B 193 -51.40 -28.69 -8.36
N ASP B 194 -52.41 -27.94 -8.80
CA ASP B 194 -52.73 -26.66 -8.18
C ASP B 194 -54.23 -26.46 -8.24
N VAL B 195 -54.73 -25.57 -7.39
CA VAL B 195 -56.11 -25.17 -7.47
C VAL B 195 -56.15 -23.74 -8.03
N GLU B 196 -56.87 -23.56 -9.13
CA GLU B 196 -57.00 -22.23 -9.71
C GLU B 196 -58.30 -21.59 -9.22
N VAL B 197 -58.17 -20.42 -8.61
CA VAL B 197 -59.33 -19.72 -8.07
C VAL B 197 -59.59 -18.48 -8.92
N SER B 198 -60.77 -18.42 -9.54
CA SER B 198 -61.10 -17.28 -10.40
C SER B 198 -62.01 -16.31 -9.65
N LEU B 199 -61.52 -15.11 -9.43
CA LEU B 199 -62.27 -14.10 -8.71
C LEU B 199 -62.83 -13.07 -9.67
N ASN B 200 -64.15 -13.15 -9.92
CA ASN B 200 -64.84 -12.19 -10.76
C ASN B 200 -65.41 -11.05 -9.90
N PHE B 201 -64.79 -9.87 -10.01
CA PHE B 201 -65.17 -8.74 -9.17
C PHE B 201 -65.19 -7.42 -9.95
N ARG B 202 -65.89 -6.43 -9.41
CA ARG B 202 -65.94 -5.12 -10.04
C ARG B 202 -66.10 -4.05 -8.99
N LYS B 203 -65.79 -2.81 -9.37
CA LYS B 203 -66.06 -1.69 -8.50
C LYS B 203 -67.57 -1.39 -8.44
N LYS B 204 -68.03 -0.95 -7.27
CA LYS B 204 -69.44 -0.67 -7.07
C LYS B 204 -69.93 0.54 -7.85
N LEU C 1 -36.77 -48.15 5.37
CA LEU C 1 -36.76 -46.71 5.59
C LEU C 1 -38.02 -46.03 5.08
N ASP C 2 -38.71 -45.30 5.94
CA ASP C 2 -39.80 -44.45 5.47
C ASP C 2 -39.42 -42.96 5.62
N ARG C 3 -40.31 -42.05 5.22
CA ARG C 3 -40.04 -40.63 5.30
C ARG C 3 -39.70 -40.23 6.72
N ALA C 4 -40.43 -40.78 7.69
CA ALA C 4 -40.27 -40.38 9.08
C ALA C 4 -38.84 -40.65 9.54
N ASP C 5 -38.32 -41.81 9.16
CA ASP C 5 -36.96 -42.19 9.53
C ASP C 5 -35.91 -41.33 8.86
N ILE C 6 -36.09 -41.11 7.56
CA ILE C 6 -35.17 -40.28 6.80
C ILE C 6 -35.09 -38.87 7.38
N LEU C 7 -36.23 -38.27 7.67
CA LEU C 7 -36.24 -36.90 8.18
C LEU C 7 -35.72 -36.88 9.61
N TYR C 8 -36.00 -37.94 10.38
CA TYR C 8 -35.47 -38.05 11.73
C TYR C 8 -33.93 -38.08 11.68
N ASN C 9 -33.34 -38.89 10.78
CA ASN C 9 -31.91 -38.93 10.78
C ASN C 9 -31.29 -37.65 10.25
N ILE C 10 -31.88 -37.07 9.22
CA ILE C 10 -31.37 -35.84 8.68
C ILE C 10 -31.33 -34.81 9.79
N ARG C 11 -32.40 -34.73 10.56
CA ARG C 11 -32.49 -33.74 11.60
C ARG C 11 -31.49 -33.93 12.71
N GLN C 12 -31.36 -35.17 13.15
CA GLN C 12 -30.45 -35.52 14.24
C GLN C 12 -28.99 -35.40 13.90
N THR C 13 -28.64 -35.48 12.62
CA THR C 13 -27.23 -35.51 12.31
C THR C 13 -26.76 -34.37 11.48
N SER C 14 -27.68 -33.62 10.87
CA SER C 14 -27.21 -32.65 9.89
C SER C 14 -26.62 -31.43 10.60
N ARG C 15 -25.62 -30.85 9.95
CA ARG C 15 -24.87 -29.75 10.51
C ARG C 15 -25.02 -28.56 9.56
N PRO C 16 -26.04 -27.75 9.78
CA PRO C 16 -26.37 -26.61 8.91
C PRO C 16 -25.23 -25.64 8.81
N ASP C 17 -24.40 -25.60 9.85
CA ASP C 17 -23.28 -24.68 9.95
C ASP C 17 -22.06 -25.17 9.17
N VAL C 18 -22.10 -26.41 8.69
CA VAL C 18 -20.91 -27.04 8.12
C VAL C 18 -21.02 -27.28 6.62
N ILE C 19 -20.20 -26.56 5.86
CA ILE C 19 -20.20 -26.67 4.41
C ILE C 19 -19.78 -28.09 4.01
N PRO C 20 -20.58 -28.77 3.19
CA PRO C 20 -20.35 -30.18 2.84
C PRO C 20 -19.20 -30.30 1.85
N THR C 21 -18.03 -29.80 2.22
CA THR C 21 -16.88 -29.94 1.37
C THR C 21 -16.58 -31.42 1.36
N GLN C 22 -16.40 -31.93 0.17
CA GLN C 22 -16.01 -33.28 -0.07
C GLN C 22 -14.60 -33.16 -0.54
N ARG C 23 -13.63 -33.67 0.21
CA ARG C 23 -12.28 -33.72 -0.31
C ARG C 23 -11.38 -32.54 -0.32
N ASP C 24 -11.76 -31.46 0.32
CA ASP C 24 -11.16 -30.15 0.07
C ASP C 24 -11.38 -29.71 -1.36
N ARG C 25 -12.49 -30.14 -1.95
CA ARG C 25 -12.93 -29.51 -3.19
C ARG C 25 -14.04 -28.61 -2.87
N PRO C 26 -14.20 -27.58 -3.69
CA PRO C 26 -15.34 -26.70 -3.49
C PRO C 26 -16.65 -27.45 -3.66
N VAL C 27 -17.67 -26.97 -2.96
CA VAL C 27 -19.01 -27.45 -3.19
C VAL C 27 -19.50 -26.81 -4.47
N ALA C 28 -19.90 -27.62 -5.43
CA ALA C 28 -20.40 -27.11 -6.69
C ALA C 28 -21.84 -26.66 -6.54
N VAL C 29 -22.05 -25.34 -6.49
CA VAL C 29 -23.38 -24.79 -6.38
C VAL C 29 -23.83 -24.24 -7.72
N SER C 30 -25.02 -24.64 -8.17
CA SER C 30 -25.58 -24.10 -9.40
C SER C 30 -26.68 -23.10 -9.08
N VAL C 31 -26.61 -21.94 -9.72
CA VAL C 31 -27.63 -20.91 -9.56
C VAL C 31 -28.27 -20.55 -10.90
N SER C 32 -29.58 -20.36 -10.89
CA SER C 32 -30.29 -19.98 -12.10
C SER C 32 -31.54 -19.23 -11.70
N LEU C 33 -31.65 -17.97 -12.15
CA LEU C 33 -32.83 -17.17 -11.83
C LEU C 33 -33.91 -17.31 -12.90
N LYS C 34 -35.11 -17.68 -12.49
CA LYS C 34 -36.28 -17.71 -13.36
C LYS C 34 -37.17 -16.52 -13.04
N PHE C 35 -37.14 -15.52 -13.90
CA PHE C 35 -37.91 -14.32 -13.60
C PHE C 35 -39.40 -14.53 -13.74
N ILE C 36 -40.15 -13.99 -12.79
CA ILE C 36 -41.58 -14.19 -12.72
C ILE C 36 -42.30 -12.86 -12.97
N ASN C 37 -41.72 -11.79 -12.45
CA ASN C 37 -42.34 -10.49 -12.58
C ASN C 37 -41.35 -9.36 -12.39
N ILE C 38 -41.53 -8.30 -13.18
CA ILE C 38 -40.87 -7.02 -12.95
C ILE C 38 -41.97 -6.08 -12.48
N LEU C 39 -41.84 -5.57 -11.26
CA LEU C 39 -42.98 -4.94 -10.60
C LEU C 39 -42.93 -3.43 -10.54
N GLU C 40 -41.75 -2.89 -10.26
CA GLU C 40 -41.62 -1.45 -10.20
C GLU C 40 -40.26 -1.05 -10.72
N VAL C 41 -40.27 -0.09 -11.63
CA VAL C 41 -39.08 0.30 -12.34
C VAL C 41 -38.95 1.82 -12.26
N ASN C 42 -37.72 2.31 -12.10
CA ASN C 42 -37.48 3.73 -11.98
C ASN C 42 -36.22 4.10 -12.74
N GLU C 43 -36.39 4.69 -13.92
CA GLU C 43 -35.27 5.01 -14.78
C GLU C 43 -34.44 6.17 -14.23
N ILE C 44 -35.06 6.99 -13.38
CA ILE C 44 -34.33 8.07 -12.75
C ILE C 44 -33.38 7.55 -11.68
N THR C 45 -33.90 6.74 -10.76
CA THR C 45 -33.09 6.24 -9.65
C THR C 45 -32.30 4.97 -9.99
N ASN C 46 -32.58 4.40 -11.16
CA ASN C 46 -31.94 3.16 -11.60
C ASN C 46 -32.17 2.03 -10.60
N GLU C 47 -33.43 1.80 -10.27
CA GLU C 47 -33.81 0.78 -9.31
C GLU C 47 -34.95 -0.06 -9.87
N VAL C 48 -34.86 -1.38 -9.71
CA VAL C 48 -35.93 -2.28 -10.13
C VAL C 48 -36.42 -3.16 -8.98
N ASP C 49 -37.69 -3.54 -9.05
CA ASP C 49 -38.31 -4.42 -8.07
C ASP C 49 -38.71 -5.70 -8.80
N VAL C 50 -38.09 -6.82 -8.44
CA VAL C 50 -38.19 -8.03 -9.23
C VAL C 50 -38.65 -9.22 -8.40
N VAL C 51 -39.43 -10.10 -9.02
CA VAL C 51 -39.78 -11.37 -8.41
C VAL C 51 -39.19 -12.49 -9.22
N PHE C 52 -38.39 -13.34 -8.59
CA PHE C 52 -37.75 -14.44 -9.32
C PHE C 52 -37.69 -15.72 -8.50
N TRP C 53 -37.63 -16.86 -9.19
CA TRP C 53 -37.39 -18.13 -8.53
C TRP C 53 -35.91 -18.42 -8.63
N GLN C 54 -35.25 -18.46 -7.48
CA GLN C 54 -33.81 -18.70 -7.44
C GLN C 54 -33.50 -20.19 -7.37
N GLN C 55 -33.45 -20.83 -8.52
CA GLN C 55 -33.15 -22.27 -8.59
C GLN C 55 -31.71 -22.53 -8.11
N THR C 56 -31.57 -23.10 -6.91
CA THR C 56 -30.25 -23.33 -6.32
C THR C 56 -29.95 -24.83 -6.10
N THR C 57 -28.78 -25.28 -6.54
CA THR C 57 -28.52 -26.70 -6.59
C THR C 57 -27.12 -27.09 -6.14
N TRP C 58 -27.00 -28.17 -5.36
CA TRP C 58 -25.69 -28.63 -4.91
C TRP C 58 -25.77 -30.05 -4.32
N SER C 59 -24.62 -30.71 -4.18
CA SER C 59 -24.57 -31.98 -3.48
C SER C 59 -24.07 -31.90 -2.05
N ASP C 60 -24.81 -32.55 -1.16
CA ASP C 60 -24.43 -32.73 0.24
C ASP C 60 -24.56 -34.23 0.54
N ARG C 61 -23.45 -34.95 0.53
CA ARG C 61 -23.55 -36.40 0.62
C ARG C 61 -23.84 -36.87 2.06
N THR C 62 -23.65 -36.02 3.05
CA THR C 62 -23.98 -36.43 4.43
C THR C 62 -25.48 -36.60 4.62
N LEU C 63 -26.26 -36.26 3.60
CA LEU C 63 -27.71 -36.43 3.62
C LEU C 63 -28.16 -37.75 2.97
N ALA C 64 -27.26 -38.42 2.26
CA ALA C 64 -27.64 -39.57 1.44
C ALA C 64 -28.13 -40.74 2.26
N TRP C 65 -28.95 -41.56 1.62
CA TRP C 65 -29.45 -42.79 2.22
C TRP C 65 -29.69 -43.83 1.14
N ASN C 66 -29.86 -45.07 1.55
CA ASN C 66 -29.98 -46.15 0.62
C ASN C 66 -31.48 -46.32 0.31
N SER C 67 -31.87 -45.86 -0.87
CA SER C 67 -33.28 -45.77 -1.24
C SER C 67 -33.85 -47.06 -1.84
N SER C 68 -33.28 -48.20 -1.48
CA SER C 68 -33.75 -49.52 -1.88
C SER C 68 -35.27 -49.75 -1.84
N HIS C 69 -35.85 -49.82 -0.65
CA HIS C 69 -37.30 -49.86 -0.50
C HIS C 69 -37.71 -48.64 0.29
N SER C 70 -37.32 -47.48 -0.23
CA SER C 70 -37.47 -46.22 0.49
C SER C 70 -37.79 -45.14 -0.50
N PRO C 71 -38.39 -44.04 -0.02
CA PRO C 71 -38.60 -42.87 -0.88
C PRO C 71 -37.30 -42.44 -1.52
N ASP C 72 -37.37 -41.97 -2.76
CA ASP C 72 -36.18 -41.46 -3.42
C ASP C 72 -35.90 -39.99 -3.04
N GLN C 73 -36.93 -39.28 -2.61
CA GLN C 73 -36.81 -37.86 -2.25
C GLN C 73 -37.68 -37.45 -1.06
N VAL C 74 -37.24 -36.43 -0.33
CA VAL C 74 -38.04 -35.85 0.73
C VAL C 74 -37.93 -34.33 0.73
N SER C 75 -38.93 -33.68 1.30
CA SER C 75 -38.89 -32.25 1.47
C SER C 75 -38.37 -31.98 2.86
N VAL C 76 -37.36 -31.12 2.97
CA VAL C 76 -36.69 -30.85 4.23
C VAL C 76 -36.61 -29.35 4.53
N PRO C 77 -36.98 -28.95 5.77
CA PRO C 77 -36.86 -27.53 6.13
C PRO C 77 -35.41 -27.06 6.00
N ILE C 78 -35.14 -25.90 5.43
CA ILE C 78 -33.75 -25.50 5.21
C ILE C 78 -33.03 -25.21 6.52
N SER C 79 -33.77 -24.99 7.59
CA SER C 79 -33.12 -24.84 8.90
C SER C 79 -32.37 -26.14 9.33
N SER C 80 -32.69 -27.28 8.71
CA SER C 80 -32.02 -28.52 9.03
C SER C 80 -30.95 -28.86 8.01
N LEU C 81 -30.68 -27.94 7.08
CA LEU C 81 -29.70 -28.23 6.04
C LEU C 81 -28.64 -27.17 5.96
N TRP C 82 -27.46 -27.53 5.50
CA TRP C 82 -26.53 -26.51 5.08
C TRP C 82 -27.04 -25.87 3.78
N VAL C 83 -26.91 -24.56 3.68
CA VAL C 83 -27.38 -23.80 2.52
C VAL C 83 -26.30 -22.77 2.15
N PRO C 84 -25.96 -22.68 0.87
CA PRO C 84 -24.98 -21.68 0.40
C PRO C 84 -25.34 -20.26 0.86
N ASP C 85 -24.35 -19.47 1.29
CA ASP C 85 -24.59 -18.11 1.77
C ASP C 85 -24.60 -17.16 0.59
N LEU C 86 -25.50 -17.42 -0.35
CA LEU C 86 -25.57 -16.61 -1.56
C LEU C 86 -26.15 -15.24 -1.28
N ALA C 87 -25.59 -14.24 -1.92
CA ALA C 87 -26.11 -12.87 -1.80
C ALA C 87 -26.02 -12.20 -3.16
N ALA C 88 -26.97 -11.32 -3.42
CA ALA C 88 -26.89 -10.48 -4.61
C ALA C 88 -26.11 -9.21 -4.28
N TYR C 89 -24.98 -9.03 -4.95
CA TYR C 89 -24.08 -7.92 -4.66
C TYR C 89 -24.72 -6.54 -4.82
N ASN C 90 -25.65 -6.41 -5.76
CA ASN C 90 -26.24 -5.11 -6.04
C ASN C 90 -27.68 -5.02 -5.59
N ALA C 91 -28.04 -5.84 -4.60
CA ALA C 91 -29.37 -5.77 -3.96
C ALA C 91 -29.43 -4.58 -3.00
N ILE C 92 -30.59 -3.93 -2.92
CA ILE C 92 -30.72 -2.78 -2.03
C ILE C 92 -31.89 -2.95 -1.09
N SER C 93 -32.45 -4.17 -1.04
CA SER C 93 -33.43 -4.54 -0.01
C SER C 93 -33.14 -5.96 0.45
N LYS C 94 -33.59 -6.37 1.65
CA LYS C 94 -33.56 -7.80 1.98
C LYS C 94 -34.37 -8.62 1.02
N PRO C 95 -33.87 -9.82 0.75
CA PRO C 95 -34.65 -10.77 -0.03
C PRO C 95 -35.91 -11.17 0.72
N GLU C 96 -37.07 -10.87 0.16
CA GLU C 96 -38.34 -11.24 0.75
C GLU C 96 -38.77 -12.59 0.17
N VAL C 97 -38.61 -13.65 0.95
CA VAL C 97 -38.96 -14.99 0.53
C VAL C 97 -40.46 -15.22 0.60
N LEU C 98 -41.05 -15.54 -0.55
CA LEU C 98 -42.50 -15.63 -0.66
C LEU C 98 -43.05 -17.04 -0.40
N THR C 99 -42.18 -18.03 -0.40
CA THR C 99 -42.59 -19.43 -0.43
C THR C 99 -42.18 -20.21 0.84
N PRO C 100 -42.78 -21.39 1.07
CA PRO C 100 -42.35 -22.27 2.16
C PRO C 100 -40.87 -22.58 2.08
N GLN C 101 -40.16 -22.39 3.19
CA GLN C 101 -38.71 -22.57 3.23
C GLN C 101 -38.31 -24.05 3.30
N LEU C 102 -38.67 -24.81 2.26
CA LEU C 102 -38.29 -26.21 2.17
C LEU C 102 -37.35 -26.43 1.01
N ALA C 103 -36.50 -27.45 1.12
CA ALA C 103 -35.64 -27.86 0.02
C ALA C 103 -35.98 -29.30 -0.32
N ARG C 104 -35.65 -29.70 -1.55
CA ARG C 104 -35.96 -31.04 -1.98
C ARG C 104 -34.66 -31.84 -1.96
N VAL C 105 -34.64 -32.92 -1.18
CA VAL C 105 -33.42 -33.72 -1.08
C VAL C 105 -33.59 -35.11 -1.69
N VAL C 106 -32.71 -35.44 -2.62
CA VAL C 106 -32.68 -36.77 -3.24
C VAL C 106 -31.78 -37.72 -2.47
N SER C 107 -32.09 -39.01 -2.51
CA SER C 107 -31.36 -40.02 -1.72
C SER C 107 -29.85 -40.08 -1.95
N ASP C 108 -29.37 -39.54 -3.07
CA ASP C 108 -27.93 -39.48 -3.32
C ASP C 108 -27.26 -38.22 -2.70
N GLY C 109 -28.07 -37.33 -2.13
CA GLY C 109 -27.52 -36.17 -1.49
C GLY C 109 -27.67 -34.91 -2.30
N GLU C 110 -28.31 -35.03 -3.46
CA GLU C 110 -28.58 -33.87 -4.29
C GLU C 110 -29.66 -33.03 -3.61
N VAL C 111 -29.44 -31.72 -3.55
CA VAL C 111 -30.38 -30.81 -2.91
C VAL C 111 -30.82 -29.72 -3.88
N LEU C 112 -32.14 -29.51 -3.97
CA LEU C 112 -32.69 -28.42 -4.76
C LEU C 112 -33.43 -27.46 -3.83
N TYR C 113 -33.01 -26.21 -3.81
CA TYR C 113 -33.71 -25.17 -3.07
C TYR C 113 -34.08 -24.05 -4.02
N MET C 114 -35.38 -23.79 -4.18
CA MET C 114 -35.87 -22.86 -5.20
C MET C 114 -36.93 -21.94 -4.61
N PRO C 115 -36.49 -20.98 -3.79
CA PRO C 115 -37.42 -20.02 -3.20
C PRO C 115 -37.89 -18.99 -4.20
N SER C 116 -39.08 -18.45 -3.98
CA SER C 116 -39.55 -17.32 -4.76
C SER C 116 -39.22 -16.06 -3.97
N ILE C 117 -38.46 -15.18 -4.60
CA ILE C 117 -37.95 -14.00 -3.92
C ILE C 117 -38.38 -12.70 -4.57
N ARG C 118 -38.79 -11.75 -3.75
CA ARG C 118 -39.00 -10.38 -4.21
C ARG C 118 -37.89 -9.51 -3.64
N GLN C 119 -37.20 -8.78 -4.50
CA GLN C 119 -36.06 -7.99 -4.09
C GLN C 119 -35.82 -6.78 -4.99
N ARG C 120 -35.34 -5.68 -4.41
CA ARG C 120 -34.96 -4.52 -5.23
C ARG C 120 -33.48 -4.51 -5.55
N PHE C 121 -33.15 -4.07 -6.75
CA PHE C 121 -31.77 -3.99 -7.16
C PHE C 121 -31.39 -2.62 -7.70
N SER C 122 -30.09 -2.35 -7.64
CA SER C 122 -29.52 -1.18 -8.29
C SER C 122 -28.85 -1.64 -9.57
N CYS C 123 -29.47 -1.33 -10.69
CA CYS C 123 -28.94 -1.71 -11.99
C CYS C 123 -29.31 -0.69 -13.06
N ASP C 124 -28.84 -0.93 -14.28
CA ASP C 124 -29.07 -0.01 -15.39
C ASP C 124 -30.46 -0.16 -15.98
N VAL C 125 -31.30 0.84 -15.75
CA VAL C 125 -32.68 0.83 -16.19
C VAL C 125 -32.85 1.68 -17.47
N SER C 126 -31.79 2.38 -17.85
CA SER C 126 -31.83 3.22 -19.04
C SER C 126 -32.23 2.41 -20.28
N GLY C 127 -33.19 2.94 -21.03
CA GLY C 127 -33.61 2.33 -22.27
C GLY C 127 -34.81 1.41 -22.12
N VAL C 128 -35.46 1.49 -20.96
CA VAL C 128 -36.55 0.58 -20.64
C VAL C 128 -37.76 0.82 -21.53
N ASP C 129 -37.91 2.04 -22.03
CA ASP C 129 -39.00 2.41 -22.94
C ASP C 129 -38.59 2.27 -24.39
N THR C 130 -37.29 2.46 -24.64
CA THR C 130 -36.67 2.04 -25.88
C THR C 130 -37.07 0.60 -26.17
N GLU C 131 -37.20 0.28 -27.43
CA GLU C 131 -37.59 -1.03 -27.89
C GLU C 131 -36.44 -2.02 -27.87
N SER C 132 -35.23 -1.47 -27.97
CA SER C 132 -34.02 -2.16 -27.56
C SER C 132 -34.04 -2.68 -26.14
N GLY C 133 -34.69 -1.92 -25.27
CA GLY C 133 -34.87 -2.34 -23.90
C GLY C 133 -33.72 -1.96 -22.98
N ALA C 134 -33.98 -2.09 -21.68
CA ALA C 134 -32.94 -1.95 -20.68
C ALA C 134 -32.27 -3.29 -20.44
N THR C 135 -31.06 -3.25 -19.87
CA THR C 135 -30.39 -4.48 -19.47
C THR C 135 -29.89 -4.35 -18.03
N CYS C 136 -30.61 -5.01 -17.13
CA CYS C 136 -30.29 -4.97 -15.71
C CYS C 136 -29.46 -6.20 -15.32
N ARG C 137 -28.27 -5.96 -14.76
CA ARG C 137 -27.38 -7.07 -14.40
C ARG C 137 -27.41 -7.31 -12.90
N ILE C 138 -27.59 -8.58 -12.52
CA ILE C 138 -27.61 -8.98 -11.13
C ILE C 138 -26.50 -10.00 -10.87
N LYS C 139 -25.65 -9.72 -9.89
CA LYS C 139 -24.55 -10.61 -9.54
C LYS C 139 -24.82 -11.37 -8.24
N ILE C 140 -24.71 -12.69 -8.30
CA ILE C 140 -24.96 -13.53 -7.13
C ILE C 140 -23.77 -14.42 -6.84
N GLY C 141 -23.26 -14.35 -5.62
CA GLY C 141 -22.17 -15.21 -5.18
C GLY C 141 -22.20 -15.53 -3.71
N SER C 142 -21.26 -16.37 -3.26
CA SER C 142 -21.13 -16.61 -1.83
C SER C 142 -20.68 -15.33 -1.16
N TRP C 143 -21.24 -15.05 0.01
CA TRP C 143 -20.87 -13.85 0.72
C TRP C 143 -19.54 -13.99 1.46
N THR C 144 -19.23 -15.20 1.94
CA THR C 144 -18.03 -15.40 2.78
C THR C 144 -17.10 -16.52 2.32
N HIS C 145 -17.56 -17.36 1.41
CA HIS C 145 -16.73 -18.46 0.94
C HIS C 145 -16.04 -18.13 -0.39
N HIS C 146 -14.78 -18.51 -0.53
CA HIS C 146 -14.06 -18.31 -1.78
C HIS C 146 -14.16 -19.54 -2.70
N SER C 147 -13.57 -19.42 -3.88
CA SER C 147 -13.79 -20.38 -4.98
C SER C 147 -13.37 -21.80 -4.69
N ARG C 148 -12.67 -21.97 -3.59
CA ARG C 148 -12.28 -23.32 -3.28
C ARG C 148 -13.08 -24.00 -2.22
N GLU C 149 -13.99 -23.22 -1.68
CA GLU C 149 -14.94 -23.74 -0.77
C GLU C 149 -16.28 -23.85 -1.48
N ILE C 150 -16.61 -22.82 -2.25
CA ILE C 150 -17.84 -22.80 -3.05
C ILE C 150 -17.57 -22.28 -4.46
N SER C 151 -17.96 -23.06 -5.46
CA SER C 151 -17.94 -22.56 -6.82
C SER C 151 -19.39 -22.36 -7.27
N VAL C 152 -19.66 -21.22 -7.89
CA VAL C 152 -20.99 -20.99 -8.44
C VAL C 152 -20.93 -21.14 -9.95
N ASP C 153 -22.02 -21.64 -10.53
CA ASP C 153 -22.09 -21.86 -11.97
C ASP C 153 -23.53 -21.69 -12.43
N PRO C 154 -23.70 -21.21 -13.67
CA PRO C 154 -25.05 -21.14 -14.26
C PRO C 154 -25.52 -22.53 -14.64
N THR C 155 -26.73 -22.61 -15.20
CA THR C 155 -27.31 -23.90 -15.56
C THR C 155 -27.43 -24.06 -17.08
N SER C 162 -37.74 -16.52 -18.39
CA SER C 162 -38.48 -16.08 -19.57
C SER C 162 -39.81 -16.85 -19.71
N GLU C 163 -39.78 -18.14 -19.36
CA GLU C 163 -40.88 -19.07 -19.56
C GLU C 163 -41.98 -18.97 -18.50
N TYR C 164 -41.58 -18.65 -17.27
CA TYR C 164 -42.54 -18.57 -16.17
C TYR C 164 -42.91 -17.13 -15.86
N PHE C 165 -42.54 -16.23 -16.77
CA PHE C 165 -42.77 -14.80 -16.54
C PHE C 165 -44.25 -14.45 -16.70
N SER C 166 -44.71 -13.52 -15.88
CA SER C 166 -46.11 -13.14 -15.85
C SER C 166 -46.55 -12.45 -17.14
N GLN C 167 -47.64 -12.95 -17.73
CA GLN C 167 -48.19 -12.33 -18.92
C GLN C 167 -48.84 -11.00 -18.56
N TYR C 168 -49.04 -10.75 -17.27
CA TYR C 168 -49.75 -9.56 -16.85
C TYR C 168 -48.84 -8.44 -16.38
N SER C 169 -47.53 -8.65 -16.49
CA SER C 169 -46.57 -7.61 -16.14
C SER C 169 -46.65 -6.44 -17.11
N ARG C 170 -46.33 -5.24 -16.64
CA ARG C 170 -46.20 -4.09 -17.54
C ARG C 170 -44.99 -4.22 -18.44
N PHE C 171 -44.20 -5.27 -18.23
CA PHE C 171 -42.95 -5.41 -18.95
C PHE C 171 -42.90 -6.76 -19.62
N GLU C 172 -41.93 -6.92 -20.51
CA GLU C 172 -41.69 -8.21 -21.16
C GLU C 172 -40.20 -8.47 -21.26
N ILE C 173 -39.82 -9.72 -21.37
CA ILE C 173 -38.41 -10.07 -21.41
C ILE C 173 -37.92 -10.33 -22.84
N LEU C 174 -36.89 -9.59 -23.25
CA LEU C 174 -36.30 -9.79 -24.56
C LEU C 174 -35.32 -10.93 -24.50
N ASP C 175 -34.45 -10.90 -23.49
CA ASP C 175 -33.40 -11.90 -23.36
C ASP C 175 -32.88 -12.01 -21.92
N VAL C 176 -32.50 -13.22 -21.52
CA VAL C 176 -31.81 -13.44 -20.27
C VAL C 176 -30.54 -14.26 -20.51
N THR C 177 -29.39 -13.73 -20.14
CA THR C 177 -28.15 -14.49 -20.22
C THR C 177 -27.49 -14.60 -18.86
N GLN C 178 -26.92 -15.77 -18.58
CA GLN C 178 -26.26 -16.00 -17.32
C GLN C 178 -24.81 -16.35 -17.60
N LYS C 179 -23.89 -15.62 -17.01
CA LYS C 179 -22.48 -15.93 -17.19
C LYS C 179 -21.72 -15.89 -15.86
N LYS C 180 -20.57 -16.54 -15.83
CA LYS C 180 -19.83 -16.71 -14.60
C LYS C 180 -18.56 -15.86 -14.55
N ASN C 181 -18.37 -15.15 -13.44
CA ASN C 181 -17.14 -14.38 -13.24
C ASN C 181 -16.29 -15.03 -12.16
N SER C 182 -14.98 -14.90 -12.32
CA SER C 182 -14.00 -15.31 -11.32
C SER C 182 -13.06 -14.13 -11.10
N VAL C 183 -12.94 -13.67 -9.85
CA VAL C 183 -12.14 -12.48 -9.59
C VAL C 183 -11.03 -12.81 -8.62
N THR C 184 -9.81 -12.34 -8.88
CA THR C 184 -8.72 -12.55 -7.96
C THR C 184 -8.33 -11.20 -7.39
N TYR C 185 -8.24 -11.11 -6.07
CA TYR C 185 -7.91 -9.85 -5.40
C TYR C 185 -6.47 -9.77 -4.90
N SER C 186 -6.03 -8.57 -4.50
CA SER C 186 -4.67 -8.39 -4.01
C SER C 186 -4.62 -9.01 -2.61
N CYS C 187 -5.67 -8.74 -1.83
CA CYS C 187 -5.76 -9.20 -0.44
C CYS C 187 -5.52 -10.71 -0.30
N CYS C 188 -6.16 -11.49 -1.16
CA CYS C 188 -6.26 -12.92 -0.97
C CYS C 188 -5.76 -13.69 -2.18
N PRO C 189 -5.13 -14.85 -1.94
CA PRO C 189 -4.65 -15.73 -3.01
C PRO C 189 -5.75 -16.54 -3.70
N GLU C 190 -6.97 -16.46 -3.16
CA GLU C 190 -8.05 -17.27 -3.70
C GLU C 190 -8.99 -16.43 -4.56
N ALA C 191 -9.56 -17.09 -5.57
CA ALA C 191 -10.55 -16.46 -6.44
C ALA C 191 -11.92 -16.46 -5.78
N TYR C 192 -12.72 -15.47 -6.17
CA TYR C 192 -14.09 -15.34 -5.71
C TYR C 192 -15.00 -15.35 -6.92
N GLU C 193 -16.02 -16.22 -6.87
CA GLU C 193 -16.88 -16.43 -8.02
C GLU C 193 -18.27 -15.85 -7.83
N ASP C 194 -18.85 -15.40 -8.93
CA ASP C 194 -20.24 -14.99 -8.93
C ASP C 194 -20.89 -15.37 -10.26
N VAL C 195 -22.21 -15.42 -10.26
CA VAL C 195 -22.94 -15.59 -11.50
C VAL C 195 -23.58 -14.27 -11.87
N GLU C 196 -23.28 -13.76 -13.06
CA GLU C 196 -23.87 -12.52 -13.52
C GLU C 196 -25.09 -12.82 -14.38
N VAL C 197 -26.25 -12.29 -13.98
CA VAL C 197 -27.47 -12.52 -14.73
C VAL C 197 -27.91 -11.24 -15.44
N SER C 198 -27.94 -11.28 -16.76
CA SER C 198 -28.31 -10.09 -17.54
C SER C 198 -29.77 -10.17 -17.95
N LEU C 199 -30.57 -9.24 -17.44
CA LEU C 199 -31.99 -9.21 -17.74
C LEU C 199 -32.33 -8.12 -18.75
N ASN C 200 -32.55 -8.52 -20.01
CA ASN C 200 -32.95 -7.60 -21.06
C ASN C 200 -34.47 -7.49 -21.12
N PHE C 201 -35.01 -6.36 -20.69
CA PHE C 201 -36.46 -6.18 -20.63
C PHE C 201 -36.86 -4.79 -21.09
N ARG C 202 -38.13 -4.63 -21.46
CA ARG C 202 -38.66 -3.33 -21.85
C ARG C 202 -40.12 -3.23 -21.45
N LYS C 203 -40.63 -2.00 -21.43
CA LYS C 203 -42.05 -1.79 -21.22
C LYS C 203 -42.84 -2.15 -22.48
N LYS C 204 -44.05 -2.67 -22.32
CA LYS C 204 -44.86 -3.14 -23.43
C LYS C 204 -45.39 -2.00 -24.30
N LEU D 1 -8.14 -32.12 12.57
CA LEU D 1 -9.27 -31.20 12.67
C LEU D 1 -9.88 -30.94 11.30
N ASP D 2 -11.19 -31.13 11.16
CA ASP D 2 -11.89 -30.68 9.98
C ASP D 2 -12.89 -29.56 10.34
N ARG D 3 -13.57 -29.01 9.34
CA ARG D 3 -14.51 -27.92 9.58
C ARG D 3 -15.59 -28.27 10.60
N ALA D 4 -16.08 -29.50 10.53
CA ALA D 4 -17.13 -29.96 11.41
C ALA D 4 -16.67 -29.87 12.88
N ASP D 5 -15.45 -30.30 13.14
CA ASP D 5 -14.90 -30.25 14.49
C ASP D 5 -14.71 -28.83 14.98
N ILE D 6 -14.12 -28.00 14.11
CA ILE D 6 -13.87 -26.61 14.45
C ILE D 6 -15.17 -25.88 14.79
N LEU D 7 -16.19 -26.07 13.96
CA LEU D 7 -17.46 -25.41 14.20
C LEU D 7 -18.16 -25.99 15.42
N TYR D 8 -18.02 -27.29 15.63
CA TYR D 8 -18.58 -27.91 16.84
C TYR D 8 -17.98 -27.32 18.11
N ASN D 9 -16.66 -27.19 18.15
CA ASN D 9 -16.01 -26.63 19.33
C ASN D 9 -16.36 -25.16 19.53
N ILE D 10 -16.36 -24.40 18.45
CA ILE D 10 -16.69 -22.98 18.55
C ILE D 10 -18.07 -22.83 19.14
N ARG D 11 -18.99 -23.64 18.65
CA ARG D 11 -20.35 -23.53 19.09
C ARG D 11 -20.57 -23.95 20.54
N GLN D 12 -19.90 -25.03 20.96
CA GLN D 12 -20.00 -25.55 22.31
C GLN D 12 -19.33 -24.66 23.34
N THR D 13 -18.26 -23.99 22.96
CA THR D 13 -17.52 -23.26 23.94
C THR D 13 -17.95 -21.80 24.00
N SER D 14 -17.86 -21.10 22.88
CA SER D 14 -17.89 -19.65 22.89
C SER D 14 -19.11 -19.05 23.62
N ARG D 15 -18.82 -17.90 24.23
CA ARG D 15 -19.76 -17.12 24.98
C ARG D 15 -19.97 -15.78 24.31
N PRO D 16 -20.95 -15.71 23.40
CA PRO D 16 -21.30 -14.51 22.62
C PRO D 16 -21.51 -13.30 23.51
N ASP D 17 -21.84 -13.55 24.76
CA ASP D 17 -22.15 -12.52 25.74
C ASP D 17 -20.89 -11.95 26.38
N VAL D 18 -19.73 -12.55 26.10
CA VAL D 18 -18.51 -12.23 26.82
C VAL D 18 -17.45 -11.60 25.93
N ILE D 19 -17.17 -10.33 26.18
CA ILE D 19 -16.21 -9.59 25.38
C ILE D 19 -14.83 -10.20 25.57
N PRO D 20 -14.15 -10.51 24.46
CA PRO D 20 -12.88 -11.25 24.51
C PRO D 20 -11.73 -10.35 24.93
N THR D 21 -11.88 -9.73 26.10
CA THR D 21 -10.83 -8.87 26.61
C THR D 21 -9.68 -9.77 26.91
N GLN D 22 -8.51 -9.35 26.53
CA GLN D 22 -7.40 -10.21 26.69
C GLN D 22 -6.60 -9.27 27.57
N ARG D 23 -6.37 -9.63 28.84
CA ARG D 23 -5.39 -8.87 29.62
C ARG D 23 -5.88 -7.66 30.40
N ASP D 24 -7.18 -7.37 30.35
CA ASP D 24 -7.70 -6.06 30.77
C ASP D 24 -7.24 -5.01 29.78
N ARG D 25 -6.97 -5.41 28.55
CA ARG D 25 -6.83 -4.42 27.51
C ARG D 25 -8.07 -4.41 26.69
N PRO D 26 -8.36 -3.24 26.10
CA PRO D 26 -9.50 -3.19 25.21
C PRO D 26 -9.37 -4.18 24.05
N VAL D 27 -10.50 -4.62 23.55
CA VAL D 27 -10.52 -5.36 22.31
C VAL D 27 -10.39 -4.35 21.17
N ALA D 28 -9.37 -4.54 20.35
CA ALA D 28 -9.14 -3.64 19.24
C ALA D 28 -10.11 -3.96 18.10
N VAL D 29 -11.13 -3.14 17.94
CA VAL D 29 -12.07 -3.29 16.84
C VAL D 29 -11.80 -2.29 15.70
N SER D 30 -11.61 -2.79 14.48
CA SER D 30 -11.46 -1.92 13.32
C SER D 30 -12.75 -1.83 12.52
N VAL D 31 -13.14 -0.61 12.19
CA VAL D 31 -14.34 -0.37 11.41
C VAL D 31 -14.03 0.43 10.16
N SER D 32 -14.64 0.05 9.05
CA SER D 32 -14.42 0.72 7.77
C SER D 32 -15.65 0.55 6.89
N LEU D 33 -16.29 1.68 6.54
CA LEU D 33 -17.48 1.61 5.69
C LEU D 33 -17.12 1.69 4.21
N LYS D 34 -17.56 0.68 3.44
CA LYS D 34 -17.43 0.71 1.99
C LYS D 34 -18.78 1.05 1.37
N PHE D 35 -18.93 2.27 0.90
CA PHE D 35 -20.22 2.69 0.40
C PHE D 35 -20.53 2.01 -0.91
N ILE D 36 -21.79 1.59 -1.05
CA ILE D 36 -22.23 0.86 -2.23
C ILE D 36 -23.29 1.65 -2.99
N ASN D 37 -24.14 2.33 -2.25
CA ASN D 37 -25.17 3.13 -2.88
C ASN D 37 -25.70 4.25 -1.99
N ILE D 38 -26.02 5.38 -2.61
CA ILE D 38 -26.79 6.42 -1.97
C ILE D 38 -28.15 6.42 -2.67
N LEU D 39 -29.21 6.15 -1.91
CA LEU D 39 -30.47 5.75 -2.51
C LEU D 39 -31.53 6.83 -2.51
N GLU D 40 -31.64 7.52 -1.37
CA GLU D 40 -32.63 8.56 -1.27
C GLU D 40 -32.10 9.69 -0.42
N VAL D 41 -32.19 10.89 -0.94
CA VAL D 41 -31.58 12.06 -0.33
C VAL D 41 -32.62 13.15 -0.23
N ASN D 42 -32.60 13.88 0.88
CA ASN D 42 -33.58 14.94 1.11
C ASN D 42 -32.90 16.15 1.74
N GLU D 43 -32.65 17.18 0.93
CA GLU D 43 -31.91 18.35 1.39
C GLU D 43 -32.73 19.19 2.36
N ILE D 44 -34.05 19.02 2.31
CA ILE D 44 -34.92 19.73 3.22
C ILE D 44 -34.88 19.13 4.62
N THR D 45 -35.04 17.81 4.70
CA THR D 45 -35.11 17.12 5.99
C THR D 45 -33.73 16.70 6.50
N ASN D 46 -32.72 16.83 5.64
CA ASN D 46 -31.36 16.46 6.00
C ASN D 46 -31.28 15.00 6.39
N GLU D 47 -31.76 14.15 5.49
CA GLU D 47 -31.81 12.72 5.73
C GLU D 47 -31.33 11.97 4.50
N VAL D 48 -30.48 10.97 4.70
CA VAL D 48 -29.98 10.17 3.59
C VAL D 48 -30.25 8.68 3.84
N ASP D 49 -30.44 7.96 2.73
CA ASP D 49 -30.65 6.52 2.76
C ASP D 49 -29.44 5.88 2.07
N VAL D 50 -28.67 5.12 2.84
CA VAL D 50 -27.37 4.64 2.36
C VAL D 50 -27.22 3.10 2.44
N VAL D 51 -26.51 2.53 1.47
CA VAL D 51 -26.16 1.13 1.51
C VAL D 51 -24.66 1.02 1.60
N PHE D 52 -24.17 0.37 2.65
CA PHE D 52 -22.73 0.22 2.83
C PHE D 52 -22.34 -1.17 3.33
N TRP D 53 -21.10 -1.57 3.04
CA TRP D 53 -20.53 -2.76 3.66
C TRP D 53 -19.71 -2.34 4.87
N GLN D 54 -20.15 -2.75 6.05
CA GLN D 54 -19.48 -2.39 7.28
C GLN D 54 -18.39 -3.40 7.61
N GLN D 55 -17.20 -3.19 7.03
CA GLN D 55 -16.07 -4.06 7.29
C GLN D 55 -15.65 -3.97 8.75
N THR D 56 -15.93 -5.02 9.50
CA THR D 56 -15.69 -5.02 10.95
C THR D 56 -14.76 -6.14 11.38
N THR D 57 -13.64 -5.77 12.01
CA THR D 57 -12.52 -6.69 12.26
C THR D 57 -12.06 -6.64 13.69
N TRP D 58 -11.69 -7.79 14.27
CA TRP D 58 -11.16 -7.86 15.63
C TRP D 58 -10.57 -9.24 15.93
N SER D 59 -9.97 -9.38 17.12
CA SER D 59 -9.41 -10.64 17.59
C SER D 59 -10.20 -11.25 18.72
N ASP D 60 -10.29 -12.59 18.71
CA ASP D 60 -10.98 -13.31 19.79
C ASP D 60 -10.26 -14.61 20.00
N ARG D 61 -9.23 -14.59 20.83
CA ARG D 61 -8.33 -15.70 20.92
C ARG D 61 -8.98 -16.98 21.44
N THR D 62 -10.14 -16.88 22.08
CA THR D 62 -10.83 -18.11 22.47
C THR D 62 -11.37 -18.91 21.30
N LEU D 63 -11.24 -18.40 20.09
CA LEU D 63 -11.75 -19.10 18.91
C LEU D 63 -10.64 -19.83 18.20
N ALA D 64 -9.40 -19.58 18.62
CA ALA D 64 -8.24 -20.09 17.91
C ALA D 64 -8.14 -21.60 17.94
N TRP D 65 -7.47 -22.17 16.95
CA TRP D 65 -7.18 -23.59 16.91
C TRP D 65 -5.86 -23.80 16.16
N ASN D 66 -5.25 -24.96 16.34
CA ASN D 66 -4.03 -25.36 15.65
C ASN D 66 -4.33 -25.83 14.23
N SER D 67 -4.04 -24.97 13.25
CA SER D 67 -4.40 -25.26 11.85
C SER D 67 -3.37 -26.09 11.09
N SER D 68 -2.63 -26.94 11.81
CA SER D 68 -1.55 -27.75 11.25
C SER D 68 -1.97 -28.55 10.00
N HIS D 69 -2.87 -29.52 10.18
CA HIS D 69 -3.49 -30.18 9.03
C HIS D 69 -4.98 -29.92 9.09
N SER D 70 -5.33 -28.65 9.08
CA SER D 70 -6.70 -28.24 9.28
C SER D 70 -6.96 -27.01 8.43
N PRO D 71 -8.23 -26.72 8.15
CA PRO D 71 -8.61 -25.46 7.49
C PRO D 71 -8.05 -24.27 8.25
N ASP D 72 -7.63 -23.24 7.52
CA ASP D 72 -7.11 -22.05 8.15
C ASP D 72 -8.25 -21.12 8.56
N GLN D 73 -9.39 -21.25 7.89
CA GLN D 73 -10.54 -20.37 8.14
C GLN D 73 -11.86 -21.11 8.07
N VAL D 74 -12.86 -20.60 8.78
CA VAL D 74 -14.23 -21.08 8.65
C VAL D 74 -15.23 -19.94 8.66
N SER D 75 -16.40 -20.16 8.09
CA SER D 75 -17.48 -19.21 8.21
C SER D 75 -18.35 -19.63 9.38
N VAL D 76 -18.65 -18.70 10.27
CA VAL D 76 -19.37 -18.98 11.51
C VAL D 76 -20.56 -18.03 11.67
N PRO D 77 -21.72 -18.58 12.05
CA PRO D 77 -22.88 -17.71 12.31
C PRO D 77 -22.56 -16.73 13.44
N ILE D 78 -22.89 -15.45 13.31
CA ILE D 78 -22.55 -14.52 14.37
C ILE D 78 -23.29 -14.76 15.68
N SER D 79 -24.37 -15.54 15.64
CA SER D 79 -25.05 -15.89 16.89
C SER D 79 -24.16 -16.76 17.76
N SER D 80 -23.13 -17.37 17.18
CA SER D 80 -22.20 -18.17 17.95
C SER D 80 -20.91 -17.42 18.34
N LEU D 81 -20.83 -16.15 18.01
CA LEU D 81 -19.65 -15.36 18.32
C LEU D 81 -20.00 -14.14 19.15
N TRP D 82 -19.02 -13.64 19.89
CA TRP D 82 -19.12 -12.30 20.43
C TRP D 82 -18.97 -11.31 19.28
N VAL D 83 -19.79 -10.27 19.30
CA VAL D 83 -19.74 -9.25 18.27
C VAL D 83 -19.82 -7.88 18.94
N PRO D 84 -18.97 -6.93 18.51
CA PRO D 84 -19.00 -5.56 19.05
C PRO D 84 -20.40 -4.96 18.94
N ASP D 85 -20.87 -4.34 20.01
CA ASP D 85 -22.16 -3.66 20.03
C ASP D 85 -22.08 -2.28 19.37
N LEU D 86 -21.66 -2.27 18.11
CA LEU D 86 -21.48 -1.03 17.37
C LEU D 86 -22.82 -0.43 17.02
N ALA D 87 -22.93 0.89 17.12
CA ALA D 87 -24.13 1.59 16.69
C ALA D 87 -23.73 2.87 15.99
N ALA D 88 -24.54 3.28 15.02
CA ALA D 88 -24.37 4.58 14.41
C ALA D 88 -25.16 5.63 15.21
N TYR D 89 -24.44 6.60 15.79
CA TYR D 89 -25.05 7.60 16.68
C TYR D 89 -26.13 8.44 15.99
N ASN D 90 -25.95 8.74 14.70
CA ASN D 90 -26.94 9.57 14.01
C ASN D 90 -27.85 8.79 13.06
N ALA D 91 -28.02 7.50 13.32
CA ALA D 91 -28.94 6.67 12.55
C ALA D 91 -30.37 6.94 12.97
N ILE D 92 -31.30 6.92 12.02
CA ILE D 92 -32.69 7.21 12.35
C ILE D 92 -33.60 6.07 11.89
N SER D 93 -32.99 4.98 11.47
CA SER D 93 -33.71 3.74 11.20
C SER D 93 -32.89 2.56 11.70
N LYS D 94 -33.55 1.44 11.95
CA LYS D 94 -32.85 0.18 12.25
C LYS D 94 -31.92 -0.18 11.10
N PRO D 95 -30.74 -0.70 11.43
CA PRO D 95 -29.87 -1.21 10.37
C PRO D 95 -30.52 -2.44 9.72
N GLU D 96 -30.80 -2.35 8.43
CA GLU D 96 -31.39 -3.45 7.69
C GLU D 96 -30.26 -4.29 7.08
N VAL D 97 -29.99 -5.46 7.64
CA VAL D 97 -28.89 -6.30 7.16
C VAL D 97 -29.32 -7.10 5.92
N LEU D 98 -28.60 -6.92 4.83
CA LEU D 98 -29.02 -7.47 3.55
C LEU D 98 -28.38 -8.82 3.22
N THR D 99 -27.40 -9.22 4.02
CA THR D 99 -26.57 -10.37 3.71
C THR D 99 -26.63 -11.48 4.78
N PRO D 100 -26.20 -12.70 4.41
CA PRO D 100 -26.12 -13.80 5.40
C PRO D 100 -25.30 -13.40 6.63
N GLN D 101 -25.86 -13.62 7.80
CA GLN D 101 -25.22 -13.20 9.03
C GLN D 101 -24.08 -14.14 9.45
N LEU D 102 -23.05 -14.23 8.61
CA LEU D 102 -21.88 -15.05 8.93
C LEU D 102 -20.64 -14.19 9.11
N ALA D 103 -19.72 -14.63 9.94
CA ALA D 103 -18.44 -13.95 10.06
C ALA D 103 -17.37 -14.94 9.61
N ARG D 104 -16.22 -14.42 9.21
CA ARG D 104 -15.11 -15.26 8.77
C ARG D 104 -14.09 -15.34 9.91
N VAL D 105 -13.77 -16.54 10.36
CA VAL D 105 -12.88 -16.72 11.50
C VAL D 105 -11.60 -17.45 11.10
N VAL D 106 -10.46 -16.81 11.36
CA VAL D 106 -9.17 -17.39 11.04
C VAL D 106 -8.67 -18.15 12.27
N SER D 107 -7.85 -19.17 12.05
CA SER D 107 -7.37 -20.07 13.10
C SER D 107 -6.64 -19.38 14.24
N ASP D 108 -6.15 -18.17 14.02
CA ASP D 108 -5.46 -17.42 15.08
C ASP D 108 -6.44 -16.64 15.95
N GLY D 109 -7.71 -16.64 15.57
CA GLY D 109 -8.73 -15.94 16.33
C GLY D 109 -9.16 -14.61 15.70
N GLU D 110 -8.60 -14.29 14.55
CA GLU D 110 -9.00 -13.08 13.84
C GLU D 110 -10.39 -13.28 13.28
N VAL D 111 -11.25 -12.26 13.44
CA VAL D 111 -12.62 -12.34 12.98
C VAL D 111 -12.95 -11.19 12.04
N LEU D 112 -13.50 -11.52 10.88
CA LEU D 112 -13.99 -10.51 9.94
C LEU D 112 -15.51 -10.65 9.76
N TYR D 113 -16.24 -9.62 10.13
CA TYR D 113 -17.67 -9.55 9.92
C TYR D 113 -17.95 -8.34 9.04
N MET D 114 -18.48 -8.56 7.84
CA MET D 114 -18.72 -7.48 6.89
C MET D 114 -20.12 -7.55 6.30
N PRO D 115 -21.12 -7.19 7.09
CA PRO D 115 -22.50 -7.18 6.58
C PRO D 115 -22.76 -6.04 5.59
N SER D 116 -23.72 -6.26 4.71
CA SER D 116 -24.22 -5.18 3.87
C SER D 116 -25.43 -4.59 4.53
N ILE D 117 -25.40 -3.28 4.79
CA ILE D 117 -26.44 -2.63 5.56
C ILE D 117 -27.10 -1.49 4.80
N ARG D 118 -28.42 -1.41 4.90
CA ARG D 118 -29.17 -0.27 4.44
C ARG D 118 -29.70 0.46 5.64
N GLN D 119 -29.43 1.76 5.71
CA GLN D 119 -29.81 2.54 6.88
C GLN D 119 -29.99 4.02 6.56
N ARG D 120 -30.89 4.66 7.30
CA ARG D 120 -31.12 6.08 7.16
C ARG D 120 -30.37 6.88 8.20
N PHE D 121 -29.78 7.99 7.79
CA PHE D 121 -29.06 8.85 8.72
C PHE D 121 -29.52 10.29 8.72
N SER D 122 -29.33 10.94 9.86
CA SER D 122 -29.52 12.38 9.97
C SER D 122 -28.14 13.04 9.83
N CYS D 123 -27.91 13.69 8.69
CA CYS D 123 -26.64 14.36 8.46
C CYS D 123 -26.80 15.58 7.56
N ASP D 124 -25.70 16.29 7.31
CA ASP D 124 -25.75 17.49 6.48
C ASP D 124 -25.80 17.15 4.99
N VAL D 125 -26.93 17.46 4.37
CA VAL D 125 -27.17 17.15 2.96
C VAL D 125 -27.03 18.43 2.10
N SER D 126 -26.91 19.58 2.75
CA SER D 126 -26.76 20.85 2.05
C SER D 126 -25.58 20.83 1.08
N GLY D 127 -25.84 21.25 -0.15
CA GLY D 127 -24.79 21.33 -1.17
C GLY D 127 -24.71 20.11 -2.05
N VAL D 128 -25.71 19.25 -1.96
CA VAL D 128 -25.69 18.00 -2.68
C VAL D 128 -25.76 18.19 -4.19
N ASP D 129 -26.38 19.28 -4.63
CA ASP D 129 -26.42 19.65 -6.05
C ASP D 129 -25.28 20.53 -6.48
N THR D 130 -24.79 21.34 -5.54
CA THR D 130 -23.50 21.99 -5.68
C THR D 130 -22.49 20.96 -6.13
N GLU D 131 -21.55 21.40 -6.95
CA GLU D 131 -20.45 20.60 -7.44
C GLU D 131 -19.41 20.29 -6.41
N SER D 132 -19.37 21.15 -5.41
CA SER D 132 -18.51 20.96 -4.26
C SER D 132 -19.06 19.80 -3.43
N GLY D 133 -20.36 19.59 -3.55
CA GLY D 133 -21.02 18.45 -2.95
C GLY D 133 -21.43 18.60 -1.50
N ALA D 134 -22.23 17.66 -1.02
CA ALA D 134 -22.57 17.59 0.39
C ALA D 134 -21.54 16.73 1.12
N THR D 135 -21.48 16.89 2.44
CA THR D 135 -20.61 16.06 3.26
C THR D 135 -21.41 15.54 4.45
N CYS D 136 -21.79 14.26 4.36
CA CYS D 136 -22.57 13.61 5.40
C CYS D 136 -21.63 12.85 6.34
N ARG D 137 -21.70 13.15 7.63
CA ARG D 137 -20.84 12.50 8.61
C ARG D 137 -21.60 11.42 9.39
N ILE D 138 -21.01 10.23 9.49
CA ILE D 138 -21.61 9.14 10.23
C ILE D 138 -20.69 8.68 11.33
N LYS D 139 -21.18 8.68 12.57
CA LYS D 139 -20.35 8.28 13.70
C LYS D 139 -20.70 6.87 14.23
N ILE D 140 -19.70 6.00 14.31
CA ILE D 140 -19.94 4.62 14.76
C ILE D 140 -19.06 4.26 15.95
N GLY D 141 -19.70 3.88 17.06
CA GLY D 141 -18.98 3.44 18.23
C GLY D 141 -19.68 2.32 19.00
N SER D 142 -19.01 1.83 20.04
CA SER D 142 -19.66 0.89 20.95
C SER D 142 -20.79 1.59 21.65
N TRP D 143 -21.93 0.92 21.78
CA TRP D 143 -23.06 1.53 22.47
C TRP D 143 -22.93 1.49 24.01
N THR D 144 -22.25 0.49 24.58
CA THR D 144 -22.21 0.36 26.03
C THR D 144 -20.80 0.17 26.57
N HIS D 145 -19.82 -0.06 25.71
CA HIS D 145 -18.47 -0.29 26.21
C HIS D 145 -17.60 0.96 26.05
N HIS D 146 -16.78 1.26 27.06
CA HIS D 146 -15.87 2.39 26.97
C HIS D 146 -14.50 2.00 26.44
N SER D 147 -13.63 2.99 26.29
CA SER D 147 -12.38 2.84 25.52
C SER D 147 -11.43 1.80 26.04
N ARG D 148 -11.64 1.31 27.25
CA ARG D 148 -10.69 0.38 27.84
C ARG D 148 -11.26 -1.05 27.74
N GLU D 149 -12.47 -1.15 27.22
CA GLU D 149 -13.07 -2.44 26.93
C GLU D 149 -13.09 -2.65 25.42
N ILE D 150 -13.48 -1.61 24.69
CA ILE D 150 -13.43 -1.60 23.24
C ILE D 150 -12.81 -0.33 22.70
N SER D 151 -11.81 -0.49 21.83
CA SER D 151 -11.29 0.66 21.11
C SER D 151 -11.67 0.52 19.64
N VAL D 152 -12.17 1.59 19.04
CA VAL D 152 -12.48 1.55 17.63
C VAL D 152 -11.44 2.32 16.84
N ASP D 153 -11.13 1.83 15.66
CA ASP D 153 -10.13 2.46 14.80
C ASP D 153 -10.49 2.32 13.33
N PRO D 154 -10.16 3.33 12.51
CA PRO D 154 -10.32 3.18 11.06
C PRO D 154 -9.30 2.21 10.50
N THR D 155 -9.33 2.00 9.19
CA THR D 155 -8.42 1.06 8.55
C THR D 155 -7.45 1.76 7.62
N SER D 162 -15.70 3.91 -1.97
CA SER D 162 -15.53 4.59 -3.26
C SER D 162 -15.41 3.59 -4.43
N GLU D 163 -14.71 2.49 -4.18
CA GLU D 163 -14.37 1.52 -5.21
C GLU D 163 -15.48 0.52 -5.54
N TYR D 164 -16.31 0.20 -4.55
CA TYR D 164 -17.42 -0.73 -4.78
C TYR D 164 -18.75 0.01 -4.96
N PHE D 165 -18.67 1.32 -5.15
CA PHE D 165 -19.87 2.13 -5.28
C PHE D 165 -20.57 1.91 -6.62
N SER D 166 -21.90 1.95 -6.60
CA SER D 166 -22.69 1.62 -7.77
C SER D 166 -22.53 2.67 -8.85
N GLN D 167 -22.20 2.22 -10.06
CA GLN D 167 -22.12 3.12 -11.20
C GLN D 167 -23.51 3.63 -11.62
N TYR D 168 -24.56 3.02 -11.08
CA TYR D 168 -25.91 3.37 -11.50
C TYR D 168 -26.62 4.27 -10.51
N SER D 169 -25.93 4.64 -9.43
CA SER D 169 -26.51 5.57 -8.48
C SER D 169 -26.73 6.94 -9.10
N ARG D 170 -27.71 7.65 -8.59
CA ARG D 170 -27.99 9.01 -8.99
C ARG D 170 -26.88 9.94 -8.50
N PHE D 171 -26.02 9.40 -7.64
CA PHE D 171 -24.98 10.19 -7.00
C PHE D 171 -23.60 9.62 -7.28
N GLU D 172 -22.58 10.36 -6.89
CA GLU D 172 -21.21 9.91 -7.04
C GLU D 172 -20.41 10.40 -5.83
N ILE D 173 -19.31 9.72 -5.55
CA ILE D 173 -18.54 10.04 -4.37
C ILE D 173 -17.29 10.86 -4.72
N LEU D 174 -17.17 12.03 -4.11
CA LEU D 174 -15.99 12.86 -4.31
C LEU D 174 -14.86 12.37 -3.40
N ASP D 175 -15.19 12.15 -2.13
CA ASP D 175 -14.19 11.76 -1.15
C ASP D 175 -14.81 11.07 0.07
N VAL D 176 -14.04 10.16 0.65
CA VAL D 176 -14.42 9.56 1.92
C VAL D 176 -13.24 9.58 2.88
N THR D 177 -13.43 10.17 4.06
CA THR D 177 -12.37 10.18 5.06
C THR D 177 -12.87 9.62 6.35
N GLN D 178 -12.03 8.87 7.02
CA GLN D 178 -12.43 8.21 8.24
C GLN D 178 -11.47 8.70 9.33
N LYS D 179 -12.00 9.24 10.41
CA LYS D 179 -11.14 9.64 11.50
C LYS D 179 -11.70 9.18 12.84
N LYS D 180 -10.85 9.15 13.86
CA LYS D 180 -11.26 8.62 15.15
C LYS D 180 -11.38 9.66 16.25
N ASN D 181 -12.53 9.67 16.92
CA ASN D 181 -12.75 10.55 18.04
C ASN D 181 -12.70 9.86 19.38
N SER D 182 -12.40 10.63 20.40
CA SER D 182 -12.29 10.14 21.76
C SER D 182 -12.69 11.26 22.74
N VAL D 183 -13.64 10.99 23.64
CA VAL D 183 -14.09 12.03 24.55
C VAL D 183 -13.96 11.56 26.00
N THR D 184 -13.42 12.40 26.86
CA THR D 184 -13.36 12.08 28.27
C THR D 184 -14.29 13.01 29.00
N TYR D 185 -15.13 12.46 29.86
CA TYR D 185 -16.12 13.27 30.56
C TYR D 185 -15.74 13.48 32.02
N SER D 186 -16.42 14.45 32.63
CA SER D 186 -16.24 14.71 34.03
C SER D 186 -16.90 13.62 34.93
N CYS D 187 -18.05 13.08 34.51
CA CYS D 187 -18.70 11.99 35.24
C CYS D 187 -17.77 10.77 35.42
N CYS D 188 -17.09 10.37 34.35
CA CYS D 188 -16.46 9.06 34.27
C CYS D 188 -14.98 9.18 33.95
N PRO D 189 -14.17 8.29 34.53
CA PRO D 189 -12.72 8.23 34.26
C PRO D 189 -12.37 7.58 32.91
N GLU D 190 -13.35 7.00 32.25
CA GLU D 190 -13.10 6.31 30.98
C GLU D 190 -13.46 7.17 29.77
N ALA D 191 -12.74 6.95 28.68
CA ALA D 191 -13.03 7.60 27.41
C ALA D 191 -14.06 6.84 26.60
N TYR D 192 -14.62 7.49 25.60
CA TYR D 192 -15.60 6.85 24.75
C TYR D 192 -15.29 7.14 23.29
N GLU D 193 -14.95 6.11 22.53
CA GLU D 193 -14.40 6.28 21.19
C GLU D 193 -15.48 6.08 20.12
N ASP D 194 -15.30 6.75 18.99
CA ASP D 194 -16.10 6.47 17.81
C ASP D 194 -15.24 6.69 16.57
N VAL D 195 -15.72 6.19 15.44
CA VAL D 195 -15.08 6.45 14.16
C VAL D 195 -16.02 7.33 13.39
N GLU D 196 -15.53 8.50 12.97
CA GLU D 196 -16.33 9.42 12.19
C GLU D 196 -15.99 9.21 10.72
N VAL D 197 -17.02 8.90 9.93
CA VAL D 197 -16.85 8.70 8.50
C VAL D 197 -17.48 9.84 7.75
N SER D 198 -16.68 10.55 6.96
CA SER D 198 -17.16 11.72 6.22
C SER D 198 -17.38 11.37 4.77
N LEU D 199 -18.64 11.43 4.35
CA LEU D 199 -19.00 11.07 2.99
C LEU D 199 -19.25 12.30 2.14
N ASN D 200 -18.30 12.59 1.25
CA ASN D 200 -18.43 13.72 0.33
C ASN D 200 -19.01 13.24 -0.99
N PHE D 201 -20.26 13.61 -1.23
CA PHE D 201 -20.98 13.16 -2.42
C PHE D 201 -21.81 14.28 -3.04
N ARG D 202 -22.19 14.09 -4.31
CA ARG D 202 -23.03 15.04 -5.01
C ARG D 202 -23.89 14.32 -6.04
N LYS D 203 -24.95 14.98 -6.47
CA LYS D 203 -25.73 14.48 -7.59
C LYS D 203 -24.97 14.62 -8.91
N LYS D 204 -25.15 13.66 -9.81
CA LYS D 204 -24.46 13.64 -11.08
C LYS D 204 -24.94 14.75 -12.01
N LEU E 1 -12.78 -13.05 40.25
CA LEU E 1 -13.89 -12.91 39.32
C LEU E 1 -13.48 -12.17 38.06
N ASP E 2 -13.77 -12.76 36.91
CA ASP E 2 -13.60 -12.04 35.65
C ASP E 2 -14.97 -11.85 35.00
N ARG E 3 -15.00 -11.16 33.86
CA ARG E 3 -16.24 -10.91 33.15
C ARG E 3 -16.99 -12.20 32.84
N ALA E 4 -16.26 -13.22 32.40
CA ALA E 4 -16.88 -14.48 32.04
C ALA E 4 -17.67 -15.07 33.21
N ASP E 5 -17.08 -15.02 34.39
CA ASP E 5 -17.73 -15.55 35.59
C ASP E 5 -18.96 -14.75 35.97
N ILE E 6 -18.81 -13.43 35.95
CA ILE E 6 -19.90 -12.53 36.30
C ILE E 6 -21.10 -12.74 35.39
N LEU E 7 -20.84 -12.82 34.09
CA LEU E 7 -21.92 -12.97 33.14
C LEU E 7 -22.52 -14.37 33.21
N TYR E 8 -21.68 -15.35 33.49
CA TYR E 8 -22.17 -16.71 33.72
C TYR E 8 -23.14 -16.76 34.91
N ASN E 9 -22.76 -16.17 36.03
CA ASN E 9 -23.64 -16.18 37.20
C ASN E 9 -24.92 -15.40 36.97
N ILE E 10 -24.80 -14.25 36.31
CA ILE E 10 -25.97 -13.42 36.08
C ILE E 10 -26.95 -14.21 35.24
N ARG E 11 -26.43 -14.85 34.21
CA ARG E 11 -27.30 -15.58 33.32
C ARG E 11 -27.97 -16.79 34.01
N GLN E 12 -27.20 -17.54 34.80
CA GLN E 12 -27.70 -18.72 35.50
C GLN E 12 -28.70 -18.39 36.61
N THR E 13 -28.60 -17.20 37.21
CA THR E 13 -29.50 -16.83 38.30
C THR E 13 -30.35 -15.60 38.03
N SER E 14 -30.72 -15.39 36.76
CA SER E 14 -31.15 -14.06 36.29
C SER E 14 -32.49 -13.59 36.86
N ARG E 15 -33.52 -14.40 36.59
CA ARG E 15 -34.90 -14.10 36.96
C ARG E 15 -35.45 -12.79 36.34
N PRO E 16 -35.57 -12.75 34.99
CA PRO E 16 -36.07 -11.57 34.25
C PRO E 16 -37.54 -11.32 34.52
N ASP E 17 -38.24 -12.36 34.92
CA ASP E 17 -39.68 -12.30 35.15
C ASP E 17 -40.01 -11.76 36.53
N VAL E 18 -38.99 -11.57 37.36
CA VAL E 18 -39.20 -11.25 38.77
C VAL E 18 -38.71 -9.86 39.15
N ILE E 19 -39.66 -8.98 39.45
CA ILE E 19 -39.36 -7.61 39.83
C ILE E 19 -38.51 -7.60 41.11
N PRO E 20 -37.36 -6.91 41.08
CA PRO E 20 -36.41 -6.93 42.19
C PRO E 20 -36.88 -6.06 43.33
N THR E 21 -38.12 -6.28 43.78
CA THR E 21 -38.55 -5.67 45.01
C THR E 21 -37.68 -6.08 46.15
N GLN E 22 -37.21 -5.05 46.82
CA GLN E 22 -36.42 -5.17 47.99
C GLN E 22 -37.41 -4.81 49.05
N ARG E 23 -37.76 -5.70 49.98
CA ARG E 23 -38.41 -5.21 51.19
C ARG E 23 -39.91 -4.97 51.15
N ASP E 24 -40.55 -5.25 50.02
CA ASP E 24 -41.92 -4.77 49.78
C ASP E 24 -41.88 -3.25 49.59
N ARG E 25 -40.74 -2.71 49.16
CA ARG E 25 -40.76 -1.35 48.62
C ARG E 25 -40.73 -1.39 47.16
N PRO E 26 -41.31 -0.35 46.58
CA PRO E 26 -41.23 -0.27 45.13
C PRO E 26 -39.79 -0.24 44.65
N VAL E 27 -39.60 -0.71 43.44
CA VAL E 27 -38.34 -0.54 42.76
C VAL E 27 -38.31 0.89 42.25
N ALA E 28 -37.28 1.64 42.63
CA ALA E 28 -37.16 3.03 42.21
C ALA E 28 -36.59 3.10 40.81
N VAL E 29 -37.45 3.38 39.83
CA VAL E 29 -37.01 3.48 38.46
C VAL E 29 -36.93 4.95 38.04
N SER E 30 -35.79 5.33 37.47
CA SER E 30 -35.62 6.69 36.98
C SER E 30 -35.68 6.71 35.47
N VAL E 31 -36.48 7.62 34.93
CA VAL E 31 -36.62 7.76 33.48
C VAL E 31 -36.26 9.16 33.06
N SER E 32 -35.58 9.29 31.93
CA SER E 32 -35.20 10.58 31.39
C SER E 32 -35.02 10.48 29.90
N LEU E 33 -35.80 11.24 29.13
CA LEU E 33 -35.69 11.20 27.67
C LEU E 33 -34.72 12.25 27.15
N LYS E 34 -33.70 11.80 26.41
CA LYS E 34 -32.81 12.70 25.71
C LYS E 34 -33.15 12.76 24.23
N PHE E 35 -33.79 13.84 23.80
CA PHE E 35 -34.25 13.93 22.43
C PHE E 35 -33.10 14.09 21.47
N ILE E 36 -33.17 13.38 20.35
CA ILE E 36 -32.10 13.32 19.38
C ILE E 36 -32.58 13.91 18.06
N ASN E 37 -33.84 13.63 17.73
CA ASN E 37 -34.38 14.11 16.47
C ASN E 37 -35.90 14.17 16.49
N ILE E 38 -36.45 15.20 15.85
CA ILE E 38 -37.87 15.26 15.53
C ILE E 38 -37.96 15.11 14.02
N LEU E 39 -38.62 14.06 13.56
CA LEU E 39 -38.43 13.63 12.18
C LEU E 39 -39.60 13.96 11.27
N GLU E 40 -40.80 13.78 11.78
CA GLU E 40 -41.97 14.07 10.98
C GLU E 40 -43.08 14.58 11.87
N VAL E 41 -43.64 15.72 11.46
CA VAL E 41 -44.59 16.44 12.26
C VAL E 41 -45.81 16.74 11.41
N ASN E 42 -47.00 16.65 12.02
CA ASN E 42 -48.23 16.86 11.31
C ASN E 42 -49.20 17.62 12.19
N GLU E 43 -49.36 18.91 11.91
CA GLU E 43 -50.18 19.79 12.75
C GLU E 43 -51.68 19.52 12.57
N ILE E 44 -52.03 18.94 11.42
CA ILE E 44 -53.41 18.53 11.17
C ILE E 44 -53.80 17.30 11.99
N THR E 45 -53.00 16.24 11.92
CA THR E 45 -53.32 14.99 12.61
C THR E 45 -52.83 14.96 14.06
N ASN E 46 -52.03 15.95 14.44
CA ASN E 46 -51.46 16.03 15.78
C ASN E 46 -50.63 14.79 16.10
N GLU E 47 -49.71 14.47 15.21
CA GLU E 47 -48.83 13.32 15.38
C GLU E 47 -47.37 13.71 15.13
N VAL E 48 -46.48 13.24 16.00
CA VAL E 48 -45.05 13.48 15.81
C VAL E 48 -44.26 12.16 15.75
N ASP E 49 -43.15 12.21 15.02
CA ASP E 49 -42.24 11.08 14.88
C ASP E 49 -40.92 11.48 15.52
N VAL E 50 -40.56 10.83 16.61
CA VAL E 50 -39.46 11.29 17.46
C VAL E 50 -38.38 10.21 17.68
N VAL E 51 -37.13 10.63 17.74
CA VAL E 51 -36.04 9.75 18.12
C VAL E 51 -35.45 10.22 19.44
N PHE E 52 -35.42 9.34 20.43
CA PHE E 52 -34.92 9.73 21.73
C PHE E 52 -34.11 8.60 22.39
N TRP E 53 -33.21 8.96 23.28
CA TRP E 53 -32.53 7.99 24.12
C TRP E 53 -33.25 7.92 25.45
N GLN E 54 -33.82 6.75 25.75
CA GLN E 54 -34.58 6.59 26.98
C GLN E 54 -33.69 6.13 28.15
N GLN E 55 -33.06 7.09 28.82
CA GLN E 55 -32.18 6.81 29.92
C GLN E 55 -32.98 6.22 31.08
N THR E 56 -32.79 4.92 31.33
CA THR E 56 -33.56 4.22 32.35
C THR E 56 -32.63 3.62 33.40
N THR E 57 -33.05 3.67 34.66
CA THR E 57 -32.13 3.39 35.76
C THR E 57 -32.78 2.85 37.02
N TRP E 58 -32.18 1.82 37.60
CA TRP E 58 -32.76 1.16 38.78
C TRP E 58 -31.75 0.20 39.39
N SER E 59 -32.02 -0.26 40.62
CA SER E 59 -31.16 -1.21 41.32
C SER E 59 -31.76 -2.61 41.38
N ASP E 60 -30.90 -3.62 41.12
CA ASP E 60 -31.26 -5.01 41.29
C ASP E 60 -30.19 -5.70 42.11
N ARG E 61 -30.38 -5.74 43.43
CA ARG E 61 -29.37 -6.25 44.35
C ARG E 61 -28.92 -7.66 43.99
N THR E 62 -29.80 -8.45 43.39
CA THR E 62 -29.54 -9.84 43.05
C THR E 62 -28.54 -10.00 41.91
N LEU E 63 -28.13 -8.88 41.31
CA LEU E 63 -27.09 -8.88 40.28
C LEU E 63 -25.71 -8.57 40.87
N ALA E 64 -25.68 -8.15 42.12
CA ALA E 64 -24.46 -7.62 42.73
C ALA E 64 -23.39 -8.66 42.89
N TRP E 65 -22.15 -8.21 42.91
CA TRP E 65 -21.01 -9.08 43.17
C TRP E 65 -19.92 -8.28 43.86
N ASN E 66 -18.98 -8.99 44.47
CA ASN E 66 -17.84 -8.38 45.15
C ASN E 66 -16.75 -8.00 44.16
N SER E 67 -16.65 -6.72 43.85
CA SER E 67 -15.74 -6.26 42.80
C SER E 67 -14.31 -6.00 43.27
N SER E 68 -13.88 -6.74 44.31
CA SER E 68 -12.56 -6.54 44.92
C SER E 68 -11.41 -6.59 43.90
N HIS E 69 -11.15 -7.75 43.31
CA HIS E 69 -10.25 -7.74 42.17
C HIS E 69 -11.01 -8.20 40.95
N SER E 70 -12.03 -7.43 40.59
CA SER E 70 -12.95 -7.83 39.54
C SER E 70 -13.39 -6.58 38.83
N PRO E 71 -13.91 -6.72 37.60
CA PRO E 71 -14.51 -5.59 36.89
C PRO E 71 -15.61 -4.93 37.74
N ASP E 72 -15.72 -3.62 37.65
CA ASP E 72 -16.74 -2.91 38.41
C ASP E 72 -18.07 -2.94 37.65
N GLN E 73 -18.00 -3.12 36.33
CA GLN E 73 -19.17 -3.10 35.45
C GLN E 73 -19.08 -4.10 34.32
N VAL E 74 -20.25 -4.50 33.83
CA VAL E 74 -20.34 -5.35 32.64
C VAL E 74 -21.53 -4.92 31.81
N SER E 75 -21.48 -5.22 30.53
CA SER E 75 -22.66 -5.10 29.67
C SER E 75 -23.38 -6.43 29.60
N VAL E 76 -24.70 -6.38 29.81
CA VAL E 76 -25.51 -7.58 29.90
C VAL E 76 -26.70 -7.49 28.93
N PRO E 77 -26.98 -8.56 28.19
CA PRO E 77 -28.19 -8.56 27.33
C PRO E 77 -29.43 -8.39 28.19
N ILE E 78 -30.38 -7.56 27.80
CA ILE E 78 -31.55 -7.33 28.66
C ILE E 78 -32.44 -8.57 28.78
N SER E 79 -32.27 -9.53 27.88
CA SER E 79 -33.04 -10.76 27.96
C SER E 79 -32.66 -11.53 29.21
N SER E 80 -31.50 -11.20 29.80
CA SER E 80 -31.03 -11.85 31.01
C SER E 80 -31.28 -11.03 32.27
N LEU E 81 -32.01 -9.93 32.14
CA LEU E 81 -32.29 -9.07 33.28
C LEU E 81 -33.76 -8.78 33.40
N TRP E 82 -34.20 -8.49 34.61
CA TRP E 82 -35.50 -7.86 34.76
C TRP E 82 -35.43 -6.41 34.27
N VAL E 83 -36.48 -5.99 33.58
CA VAL E 83 -36.54 -4.67 32.99
C VAL E 83 -37.94 -4.13 33.23
N PRO E 84 -38.04 -2.85 33.63
CA PRO E 84 -39.33 -2.20 33.88
C PRO E 84 -40.24 -2.26 32.67
N ASP E 85 -41.51 -2.64 32.85
CA ASP E 85 -42.46 -2.67 31.75
C ASP E 85 -42.96 -1.27 31.41
N LEU E 86 -42.05 -0.38 31.06
CA LEU E 86 -42.42 1.00 30.76
C LEU E 86 -43.12 1.10 29.42
N ALA E 87 -44.18 1.88 29.36
CA ALA E 87 -44.84 2.18 28.10
C ALA E 87 -45.15 3.67 28.01
N ALA E 88 -45.16 4.19 26.80
CA ALA E 88 -45.66 5.55 26.58
C ALA E 88 -47.15 5.51 26.33
N TYR E 89 -47.93 6.12 27.23
CA TYR E 89 -49.38 6.11 27.16
C TYR E 89 -49.97 6.69 25.87
N ASN E 90 -49.29 7.65 25.25
CA ASN E 90 -49.86 8.26 24.06
C ASN E 90 -49.07 7.90 22.83
N ALA E 91 -48.39 6.75 22.87
CA ALA E 91 -47.68 6.24 21.70
C ALA E 91 -48.65 5.62 20.73
N ILE E 92 -48.41 5.78 19.43
CA ILE E 92 -49.33 5.23 18.43
C ILE E 92 -48.59 4.34 17.45
N SER E 93 -47.32 4.04 17.74
CA SER E 93 -46.56 3.01 17.03
C SER E 93 -45.74 2.19 18.03
N LYS E 94 -45.35 0.96 17.68
CA LYS E 94 -44.36 0.26 18.51
C LYS E 94 -43.06 1.00 18.58
N PRO E 95 -42.46 0.97 19.77
CA PRO E 95 -41.13 1.55 19.94
C PRO E 95 -40.12 0.76 19.10
N GLU E 96 -39.51 1.44 18.14
CA GLU E 96 -38.50 0.84 17.28
C GLU E 96 -37.14 1.07 17.90
N VAL E 97 -36.57 0.01 18.48
CA VAL E 97 -35.27 0.11 19.14
C VAL E 97 -34.15 0.09 18.12
N LEU E 98 -33.33 1.13 18.13
CA LEU E 98 -32.32 1.30 17.09
C LEU E 98 -30.94 0.78 17.49
N THR E 99 -30.78 0.43 18.76
CA THR E 99 -29.47 0.12 19.32
C THR E 99 -29.36 -1.32 19.88
N PRO E 100 -28.12 -1.80 20.07
CA PRO E 100 -27.93 -3.10 20.72
C PRO E 100 -28.64 -3.20 22.07
N GLN E 101 -29.41 -4.26 22.26
CA GLN E 101 -30.23 -4.41 23.47
C GLN E 101 -29.42 -4.84 24.68
N LEU E 102 -28.47 -4.02 25.10
CA LEU E 102 -27.63 -4.32 26.27
C LEU E 102 -27.89 -3.31 27.34
N ALA E 103 -27.73 -3.71 28.59
CA ALA E 103 -27.78 -2.79 29.71
C ALA E 103 -26.44 -2.80 30.41
N ARG E 104 -26.15 -1.74 31.15
CA ARG E 104 -24.87 -1.65 31.84
C ARG E 104 -25.10 -1.94 33.32
N VAL E 105 -24.43 -2.95 33.86
CA VAL E 105 -24.67 -3.35 35.23
C VAL E 105 -23.43 -3.11 36.10
N VAL E 106 -23.61 -2.38 37.19
CA VAL E 106 -22.53 -2.09 38.12
C VAL E 106 -22.53 -3.13 39.25
N SER E 107 -21.36 -3.35 39.85
CA SER E 107 -21.21 -4.43 40.82
C SER E 107 -22.11 -4.30 42.04
N ASP E 108 -22.68 -3.14 42.27
CA ASP E 108 -23.57 -2.96 43.41
C ASP E 108 -25.02 -3.28 43.07
N GLY E 109 -25.28 -3.53 41.78
CA GLY E 109 -26.61 -3.90 41.35
C GLY E 109 -27.31 -2.78 40.58
N GLU E 110 -26.63 -1.66 40.42
CA GLU E 110 -27.18 -0.56 39.66
C GLU E 110 -27.22 -0.93 38.20
N VAL E 111 -28.34 -0.64 37.54
CA VAL E 111 -28.52 -1.00 36.13
C VAL E 111 -28.86 0.24 35.33
N LEU E 112 -28.16 0.43 34.21
CA LEU E 112 -28.49 1.50 33.27
C LEU E 112 -28.84 0.91 31.90
N TYR E 113 -30.07 1.16 31.46
CA TYR E 113 -30.51 0.72 30.14
C TYR E 113 -30.94 1.96 29.37
N MET E 114 -30.27 2.24 28.27
CA MET E 114 -30.49 3.49 27.52
C MET E 114 -30.59 3.21 26.03
N PRO E 115 -31.73 2.67 25.61
CA PRO E 115 -31.95 2.40 24.19
C PRO E 115 -32.23 3.65 23.41
N SER E 116 -31.88 3.65 22.14
CA SER E 116 -32.32 4.70 21.23
C SER E 116 -33.60 4.23 20.54
N ILE E 117 -34.65 5.02 20.69
CA ILE E 117 -35.98 4.63 20.23
C ILE E 117 -36.56 5.62 19.21
N ARG E 118 -37.16 5.08 18.15
CA ARG E 118 -37.96 5.88 17.24
C ARG E 118 -39.41 5.48 17.40
N GLN E 119 -40.27 6.46 17.65
CA GLN E 119 -41.65 6.19 17.98
C GLN E 119 -42.56 7.36 17.61
N ARG E 120 -43.80 7.03 17.24
CA ARG E 120 -44.80 8.03 16.92
C ARG E 120 -45.70 8.31 18.10
N PHE E 121 -46.04 9.58 18.30
CA PHE E 121 -46.92 9.94 19.40
C PHE E 121 -48.12 10.78 18.97
N SER E 122 -49.18 10.69 19.76
CA SER E 122 -50.31 11.57 19.61
C SER E 122 -50.19 12.66 20.66
N CYS E 123 -49.91 13.88 20.22
CA CYS E 123 -49.72 15.00 21.13
C CYS E 123 -50.06 16.33 20.45
N ASP E 124 -50.02 17.42 21.22
CA ASP E 124 -50.39 18.73 20.69
C ASP E 124 -49.27 19.32 19.84
N VAL E 125 -49.52 19.43 18.54
CA VAL E 125 -48.53 19.93 17.60
C VAL E 125 -48.85 21.39 17.19
N SER E 126 -50.00 21.88 17.62
CA SER E 126 -50.41 23.26 17.33
C SER E 126 -49.36 24.27 17.78
N GLY E 127 -49.02 25.19 16.88
CA GLY E 127 -48.08 26.25 17.19
C GLY E 127 -46.64 25.91 16.84
N VAL E 128 -46.47 24.84 16.06
CA VAL E 128 -45.13 24.38 15.74
C VAL E 128 -44.38 25.37 14.83
N ASP E 129 -45.13 26.15 14.05
CA ASP E 129 -44.53 27.19 13.22
C ASP E 129 -44.46 28.54 13.92
N THR E 130 -45.40 28.76 14.82
CA THR E 130 -45.29 29.82 15.80
C THR E 130 -43.93 29.75 16.45
N GLU E 131 -43.40 30.89 16.80
CA GLU E 131 -42.07 30.99 17.35
C GLU E 131 -42.11 30.66 18.83
N SER E 132 -43.32 30.70 19.36
CA SER E 132 -43.54 30.31 20.75
C SER E 132 -43.47 28.78 20.81
N GLY E 133 -43.75 28.16 19.66
CA GLY E 133 -43.54 26.75 19.47
C GLY E 133 -44.68 25.85 19.92
N ALA E 134 -44.60 24.57 19.54
CA ALA E 134 -45.55 23.57 20.01
C ALA E 134 -45.02 22.97 21.30
N THR E 135 -45.93 22.37 22.08
CA THR E 135 -45.52 21.64 23.27
C THR E 135 -46.17 20.25 23.28
N CYS E 136 -45.36 19.24 22.96
CA CYS E 136 -45.83 17.87 22.88
C CYS E 136 -45.52 17.15 24.19
N ARG E 137 -46.55 16.63 24.85
CA ARG E 137 -46.36 15.93 26.12
C ARG E 137 -46.38 14.39 25.94
N ILE E 138 -45.39 13.72 26.52
CA ILE E 138 -45.26 12.27 26.48
C ILE E 138 -45.26 11.69 27.89
N LYS E 139 -46.18 10.78 28.16
CA LYS E 139 -46.29 10.18 29.47
C LYS E 139 -45.78 8.74 29.47
N ILE E 140 -44.84 8.45 30.37
CA ILE E 140 -44.24 7.13 30.47
C ILE E 140 -44.40 6.56 31.87
N GLY E 141 -44.95 5.36 31.94
CA GLY E 141 -45.08 4.68 33.23
C GLY E 141 -45.07 3.16 33.09
N SER E 142 -45.12 2.47 34.22
CA SER E 142 -45.25 1.02 34.19
C SER E 142 -46.61 0.66 33.59
N TRP E 143 -46.64 -0.40 32.78
CA TRP E 143 -47.88 -0.79 32.16
C TRP E 143 -48.75 -1.62 33.11
N THR E 144 -48.14 -2.38 34.02
CA THR E 144 -48.90 -3.31 34.85
C THR E 144 -48.58 -3.23 36.34
N HIS E 145 -47.53 -2.51 36.70
CA HIS E 145 -47.17 -2.37 38.11
C HIS E 145 -47.64 -1.05 38.69
N HIS E 146 -48.15 -1.08 39.92
CA HIS E 146 -48.57 0.14 40.59
C HIS E 146 -47.46 0.70 41.49
N SER E 147 -47.74 1.86 42.10
CA SER E 147 -46.73 2.68 42.74
C SER E 147 -45.98 1.99 43.87
N ARG E 148 -46.49 0.87 44.34
CA ARG E 148 -45.83 0.19 45.43
C ARG E 148 -44.96 -0.95 44.97
N GLU E 149 -44.98 -1.18 43.68
CA GLU E 149 -44.14 -2.16 43.07
C GLU E 149 -43.09 -1.43 42.25
N ILE E 150 -43.51 -0.39 41.54
CA ILE E 150 -42.62 0.44 40.77
C ILE E 150 -42.95 1.91 40.96
N SER E 151 -41.94 2.69 41.32
CA SER E 151 -42.11 4.14 41.30
C SER E 151 -41.26 4.72 40.18
N VAL E 152 -41.85 5.61 39.39
CA VAL E 152 -41.07 6.28 38.36
C VAL E 152 -40.72 7.71 38.78
N ASP E 153 -39.53 8.17 38.42
CA ASP E 153 -39.08 9.52 38.76
C ASP E 153 -38.20 10.11 37.68
N PRO E 154 -38.28 11.43 37.48
CA PRO E 154 -37.37 12.09 36.55
C PRO E 154 -35.97 12.15 37.12
N THR E 155 -35.04 12.74 36.36
CA THR E 155 -33.65 12.80 36.80
C THR E 155 -33.22 14.23 37.09
N SER E 162 -32.03 17.91 24.85
CA SER E 162 -31.62 19.20 24.30
C SER E 162 -30.17 19.23 23.83
N GLU E 163 -29.27 18.56 24.56
CA GLU E 163 -27.85 18.66 24.30
C GLU E 163 -27.36 17.68 23.22
N TYR E 164 -28.05 16.56 23.06
CA TYR E 164 -27.65 15.58 22.05
C TYR E 164 -28.54 15.67 20.82
N PHE E 165 -29.30 16.75 20.71
CA PHE E 165 -30.26 16.90 19.64
C PHE E 165 -29.55 17.21 18.35
N SER E 166 -30.09 16.71 17.24
CA SER E 166 -29.44 16.83 15.95
C SER E 166 -29.45 18.26 15.44
N GLN E 167 -28.28 18.75 15.05
CA GLN E 167 -28.19 20.09 14.48
C GLN E 167 -28.82 20.12 13.07
N TYR E 168 -29.11 18.96 12.52
CA TYR E 168 -29.61 18.91 11.16
C TYR E 168 -31.12 18.69 11.08
N SER E 169 -31.78 18.62 12.21
CA SER E 169 -33.24 18.50 12.22
C SER E 169 -33.91 19.75 11.65
N ARG E 170 -35.09 19.61 11.06
CA ARG E 170 -35.85 20.78 10.61
C ARG E 170 -36.40 21.54 11.81
N PHE E 171 -36.19 21.00 13.00
CA PHE E 171 -36.78 21.57 14.19
C PHE E 171 -35.69 21.86 15.21
N GLU E 172 -36.06 22.62 16.24
CA GLU E 172 -35.15 22.92 17.34
C GLU E 172 -35.92 22.89 18.65
N ILE E 173 -35.21 22.70 19.74
CA ILE E 173 -35.86 22.56 21.03
C ILE E 173 -35.76 23.83 21.85
N LEU E 174 -36.90 24.36 22.25
CA LEU E 174 -36.94 25.54 23.11
C LEU E 174 -36.71 25.12 24.54
N ASP E 175 -37.47 24.12 24.99
CA ASP E 175 -37.42 23.67 26.37
C ASP E 175 -37.89 22.23 26.53
N VAL E 176 -37.31 21.52 27.49
CA VAL E 176 -37.81 20.21 27.89
C VAL E 176 -37.96 20.17 29.39
N THR E 177 -39.17 19.87 29.86
CA THR E 177 -39.40 19.71 31.29
C THR E 177 -39.97 18.33 31.59
N GLN E 178 -39.50 17.74 32.67
CA GLN E 178 -39.95 16.42 33.08
C GLN E 178 -40.59 16.52 34.46
N LYS E 179 -41.83 16.10 34.59
CA LYS E 179 -42.48 16.11 35.89
C LYS E 179 -43.22 14.80 36.16
N LYS E 180 -43.48 14.55 37.44
CA LYS E 180 -44.01 13.27 37.87
C LYS E 180 -45.47 13.35 38.32
N ASN E 181 -46.30 12.47 37.77
CA ASN E 181 -47.71 12.37 38.18
C ASN E 181 -47.96 11.09 38.95
N SER E 182 -48.99 11.11 39.80
CA SER E 182 -49.45 9.90 40.48
C SER E 182 -50.96 9.84 40.36
N VAL E 183 -51.48 8.76 39.81
CA VAL E 183 -52.91 8.71 39.50
C VAL E 183 -53.63 7.53 40.14
N THR E 184 -54.71 7.82 40.85
CA THR E 184 -55.51 6.77 41.48
C THR E 184 -56.90 6.73 40.85
N TYR E 185 -57.26 5.57 40.30
CA TYR E 185 -58.52 5.42 39.57
C TYR E 185 -59.64 4.91 40.49
N SER E 186 -60.86 4.91 39.94
CA SER E 186 -62.08 4.44 40.63
C SER E 186 -62.10 2.94 40.85
N CYS E 187 -61.73 2.25 39.79
CA CYS E 187 -61.71 0.81 39.76
C CYS E 187 -60.83 0.23 40.87
N CYS E 188 -59.55 0.58 40.83
CA CYS E 188 -58.55 -0.08 41.66
C CYS E 188 -58.03 0.84 42.76
N PRO E 189 -57.84 0.29 43.96
CA PRO E 189 -57.43 1.06 45.13
C PRO E 189 -55.97 1.50 45.09
N GLU E 190 -55.38 1.64 43.90
CA GLU E 190 -53.94 1.74 43.86
C GLU E 190 -53.42 2.79 42.90
N ALA E 191 -52.32 3.43 43.29
CA ALA E 191 -51.77 4.55 42.53
C ALA E 191 -50.86 4.10 41.39
N TYR E 192 -51.00 4.74 40.23
CA TYR E 192 -50.11 4.48 39.11
C TYR E 192 -49.34 5.74 38.75
N GLU E 193 -48.03 5.67 38.89
CA GLU E 193 -47.15 6.79 38.59
C GLU E 193 -46.72 6.84 37.13
N ASP E 194 -46.48 8.05 36.64
CA ASP E 194 -45.91 8.24 35.32
C ASP E 194 -44.99 9.46 35.36
N VAL E 195 -44.15 9.57 34.34
CA VAL E 195 -43.33 10.74 34.17
C VAL E 195 -43.84 11.45 32.95
N GLU E 196 -44.23 12.71 33.10
CA GLU E 196 -44.68 13.49 31.97
C GLU E 196 -43.53 14.33 31.43
N VAL E 197 -43.25 14.16 30.14
CA VAL E 197 -42.16 14.88 29.50
C VAL E 197 -42.72 15.89 28.51
N SER E 198 -42.46 17.18 28.76
CA SER E 198 -42.98 18.23 27.91
C SER E 198 -41.92 18.71 26.94
N LEU E 199 -42.17 18.52 25.66
CA LEU E 199 -41.22 18.88 24.63
C LEU E 199 -41.67 20.14 23.90
N ASN E 200 -41.01 21.26 24.22
CA ASN E 200 -41.29 22.53 23.57
C ASN E 200 -40.36 22.71 22.36
N PHE E 201 -40.93 22.64 21.17
CA PHE E 201 -40.14 22.68 19.95
C PHE E 201 -40.84 23.47 18.87
N ARG E 202 -40.09 23.91 17.87
CA ARG E 202 -40.64 24.65 16.76
C ARG E 202 -39.85 24.37 15.51
N LYS E 203 -40.41 24.68 14.36
CA LYS E 203 -39.63 24.62 13.15
C LYS E 203 -38.71 25.82 13.00
N LYS E 204 -37.56 25.59 12.37
CA LYS E 204 -36.52 26.60 12.27
C LYS E 204 -36.89 27.75 11.34
N LEU F 1 -44.25 -17.73 50.57
CA LEU F 1 -44.20 -17.49 49.14
C LEU F 1 -43.86 -16.04 48.80
N ASP F 2 -42.84 -15.86 47.96
CA ASP F 2 -42.57 -14.52 47.42
C ASP F 2 -42.80 -14.53 45.91
N ARG F 3 -42.59 -13.38 45.27
CA ARG F 3 -42.81 -13.27 43.84
C ARG F 3 -41.98 -14.25 43.04
N ALA F 4 -40.72 -14.41 43.44
CA ALA F 4 -39.82 -15.32 42.74
C ALA F 4 -40.38 -16.75 42.72
N ASP F 5 -40.93 -17.20 43.84
CA ASP F 5 -41.46 -18.55 43.93
C ASP F 5 -42.72 -18.72 43.08
N ILE F 6 -43.61 -17.74 43.18
CA ILE F 6 -44.85 -17.75 42.43
C ILE F 6 -44.58 -17.78 40.93
N LEU F 7 -43.64 -16.97 40.47
CA LEU F 7 -43.33 -16.90 39.05
C LEU F 7 -42.60 -18.16 38.60
N TYR F 8 -41.79 -18.72 39.49
CA TYR F 8 -41.09 -19.97 39.20
C TYR F 8 -42.10 -21.10 38.99
N ASN F 9 -43.07 -21.21 39.87
CA ASN F 9 -44.05 -22.27 39.74
C ASN F 9 -44.95 -22.11 38.57
N ILE F 10 -45.33 -20.85 38.30
CA ILE F 10 -46.19 -20.57 37.16
C ILE F 10 -45.47 -21.00 35.89
N ARG F 11 -44.19 -20.65 35.82
CA ARG F 11 -43.40 -20.94 34.63
C ARG F 11 -43.18 -22.44 34.42
N GLN F 12 -42.89 -23.14 35.51
CA GLN F 12 -42.61 -24.58 35.46
C GLN F 12 -43.86 -25.44 35.17
N THR F 13 -45.05 -24.99 35.52
CA THR F 13 -46.20 -25.83 35.26
C THR F 13 -46.98 -25.14 34.14
N SER F 14 -46.25 -24.29 33.44
CA SER F 14 -46.77 -23.50 32.32
C SER F 14 -47.34 -24.36 31.18
N ARG F 15 -48.66 -24.37 31.02
CA ARG F 15 -49.26 -25.03 29.85
C ARG F 15 -50.10 -24.10 28.97
N PRO F 16 -49.42 -23.14 28.33
CA PRO F 16 -49.99 -22.09 27.48
C PRO F 16 -50.87 -22.65 26.38
N ASP F 17 -50.62 -23.89 26.04
CA ASP F 17 -51.30 -24.55 24.94
C ASP F 17 -52.63 -25.16 25.37
N VAL F 18 -52.93 -25.10 26.67
CA VAL F 18 -54.07 -25.82 27.23
C VAL F 18 -55.11 -24.88 27.83
N ILE F 19 -56.26 -24.82 27.18
CA ILE F 19 -57.35 -23.98 27.64
C ILE F 19 -57.81 -24.44 29.02
N PRO F 20 -57.89 -23.51 29.98
CA PRO F 20 -58.18 -23.86 31.38
C PRO F 20 -59.65 -24.14 31.57
N THR F 21 -60.17 -25.11 30.82
CA THR F 21 -61.56 -25.48 30.97
C THR F 21 -61.66 -26.10 32.34
N GLN F 22 -62.64 -25.64 33.07
CA GLN F 22 -62.98 -26.13 34.38
C GLN F 22 -64.25 -26.87 34.14
N ARG F 23 -64.26 -28.20 34.34
CA ARG F 23 -65.55 -28.90 34.34
C ARG F 23 -66.18 -29.31 33.07
N ASP F 24 -65.55 -29.05 31.93
CA ASP F 24 -66.26 -29.06 30.65
C ASP F 24 -67.23 -27.88 30.56
N ARG F 25 -66.99 -26.81 31.31
CA ARG F 25 -67.69 -25.57 30.97
C ARG F 25 -66.75 -24.66 30.25
N PRO F 26 -67.33 -23.79 29.43
CA PRO F 26 -66.51 -22.84 28.71
C PRO F 26 -65.72 -21.94 29.67
N VAL F 27 -64.57 -21.50 29.21
CA VAL F 27 -63.83 -20.48 29.92
C VAL F 27 -64.53 -19.16 29.63
N ALA F 28 -64.98 -18.49 30.70
CA ALA F 28 -65.66 -17.21 30.58
C ALA F 28 -64.66 -16.11 30.33
N VAL F 29 -64.59 -15.65 29.08
CA VAL F 29 -63.69 -14.57 28.71
C VAL F 29 -64.46 -13.25 28.53
N SER F 30 -64.02 -12.21 29.23
CA SER F 30 -64.63 -10.89 29.09
C SER F 30 -63.75 -9.99 28.23
N VAL F 31 -64.36 -9.34 27.24
CA VAL F 31 -63.65 -8.44 26.36
C VAL F 31 -64.29 -7.07 26.37
N SER F 32 -63.47 -6.03 26.40
CA SER F 32 -63.96 -4.67 26.42
C SER F 32 -62.92 -3.75 25.80
N LEU F 33 -63.28 -3.09 24.69
CA LEU F 33 -62.34 -2.18 24.04
C LEU F 33 -62.46 -0.76 24.61
N LYS F 34 -61.33 -0.21 25.05
CA LYS F 34 -61.24 1.20 25.44
C LYS F 34 -60.52 1.97 24.36
N PHE F 35 -61.28 2.74 23.56
CA PHE F 35 -60.66 3.45 22.45
C PHE F 35 -59.79 4.59 22.93
N ILE F 36 -58.64 4.73 22.28
CA ILE F 36 -57.63 5.70 22.68
C ILE F 36 -57.43 6.71 21.58
N ASN F 37 -57.48 6.24 20.34
CA ASN F 37 -57.31 7.13 19.20
C ASN F 37 -57.90 6.59 17.91
N ILE F 38 -58.47 7.49 17.11
CA ILE F 38 -58.82 7.18 15.74
C ILE F 38 -57.84 7.94 14.86
N LEU F 39 -57.05 7.24 14.07
CA LEU F 39 -55.84 7.84 13.51
C LEU F 39 -55.95 8.19 12.04
N GLU F 40 -56.55 7.30 11.28
CA GLU F 40 -56.67 7.54 9.86
C GLU F 40 -57.97 6.92 9.39
N VAL F 41 -58.75 7.71 8.66
CA VAL F 41 -60.08 7.34 8.28
C VAL F 41 -60.21 7.58 6.79
N ASN F 42 -60.92 6.70 6.10
CA ASN F 42 -61.09 6.81 4.66
C ASN F 42 -62.51 6.43 4.28
N GLU F 43 -63.34 7.43 3.98
CA GLU F 43 -64.75 7.21 3.74
C GLU F 43 -64.98 6.59 2.37
N ILE F 44 -64.00 6.71 1.49
CA ILE F 44 -64.05 6.05 0.19
C ILE F 44 -63.81 4.55 0.30
N THR F 45 -62.73 4.15 0.96
CA THR F 45 -62.36 2.74 1.05
C THR F 45 -63.04 2.04 2.23
N ASN F 46 -63.70 2.80 3.08
CA ASN F 46 -64.34 2.27 4.29
C ASN F 46 -63.35 1.55 5.17
N GLU F 47 -62.27 2.25 5.54
CA GLU F 47 -61.21 1.67 6.36
C GLU F 47 -60.82 2.64 7.46
N VAL F 48 -60.68 2.14 8.68
CA VAL F 48 -60.23 2.97 9.79
C VAL F 48 -58.98 2.41 10.44
N ASP F 49 -58.19 3.31 11.03
CA ASP F 49 -56.97 2.95 11.75
C ASP F 49 -57.17 3.36 13.20
N VAL F 50 -57.20 2.38 14.09
CA VAL F 50 -57.64 2.62 15.46
C VAL F 50 -56.62 2.16 16.51
N VAL F 51 -56.53 2.90 17.61
CA VAL F 51 -55.73 2.48 18.74
C VAL F 51 -56.64 2.25 19.93
N PHE F 52 -56.60 1.05 20.49
CA PHE F 52 -57.47 0.72 21.60
C PHE F 52 -56.77 -0.15 22.64
N TRP F 53 -57.26 -0.10 23.88
CA TRP F 53 -56.81 -1.01 24.91
C TRP F 53 -57.81 -2.13 25.01
N GLN F 54 -57.36 -3.34 24.69
CA GLN F 54 -58.25 -4.49 24.70
C GLN F 54 -58.25 -5.15 26.09
N GLN F 55 -59.12 -4.66 26.96
CA GLN F 55 -59.28 -5.23 28.29
C GLN F 55 -59.84 -6.65 28.20
N THR F 56 -59.01 -7.62 28.53
CA THR F 56 -59.36 -9.03 28.39
C THR F 56 -59.20 -9.72 29.73
N THR F 57 -60.21 -10.46 30.15
CA THR F 57 -60.22 -11.08 31.48
C THR F 57 -60.79 -12.49 31.42
N TRP F 58 -60.23 -13.38 32.22
CA TRP F 58 -60.74 -14.75 32.31
C TRP F 58 -60.11 -15.39 33.51
N SER F 59 -60.57 -16.58 33.84
CA SER F 59 -60.06 -17.32 34.99
C SER F 59 -59.20 -18.47 34.53
N ASP F 60 -58.09 -18.70 35.24
CA ASP F 60 -57.30 -19.90 35.08
C ASP F 60 -56.90 -20.39 36.44
N ARG F 61 -57.74 -21.20 37.07
CA ARG F 61 -57.49 -21.53 38.47
C ARG F 61 -56.31 -22.48 38.67
N THR F 62 -55.62 -22.85 37.58
CA THR F 62 -54.37 -23.61 37.69
C THR F 62 -53.25 -22.71 38.21
N LEU F 63 -53.39 -21.41 37.95
CA LEU F 63 -52.40 -20.41 38.33
C LEU F 63 -52.48 -20.02 39.80
N ALA F 64 -53.55 -20.41 40.47
CA ALA F 64 -53.83 -19.97 41.84
C ALA F 64 -52.79 -20.38 42.86
N TRP F 65 -52.67 -19.58 43.90
CA TRP F 65 -51.81 -19.91 45.04
C TRP F 65 -52.41 -19.35 46.32
N ASN F 66 -51.92 -19.84 47.44
CA ASN F 66 -52.37 -19.39 48.75
C ASN F 66 -51.65 -18.13 49.17
N SER F 67 -52.34 -16.99 49.04
CA SER F 67 -51.72 -15.68 49.26
C SER F 67 -51.70 -15.24 50.74
N SER F 68 -51.56 -16.19 51.67
CA SER F 68 -51.66 -15.90 53.10
C SER F 68 -50.65 -14.84 53.55
N HIS F 69 -49.36 -15.16 53.44
CA HIS F 69 -48.31 -14.17 53.63
C HIS F 69 -47.55 -14.07 52.33
N SER F 70 -48.26 -13.70 51.28
CA SER F 70 -47.70 -13.71 49.94
C SER F 70 -48.34 -12.59 49.16
N PRO F 71 -47.66 -12.14 48.09
CA PRO F 71 -48.27 -11.16 47.19
C PRO F 71 -49.62 -11.63 46.69
N ASP F 72 -50.55 -10.72 46.51
CA ASP F 72 -51.88 -11.08 46.04
C ASP F 72 -51.89 -11.14 44.52
N GLN F 73 -50.96 -10.41 43.89
CA GLN F 73 -50.86 -10.37 42.43
C GLN F 73 -49.43 -10.37 41.91
N VAL F 74 -49.23 -10.88 40.70
CA VAL F 74 -47.97 -10.75 40.00
C VAL F 74 -48.17 -10.40 38.54
N SER F 75 -47.16 -9.81 37.92
CA SER F 75 -47.16 -9.62 36.48
C SER F 75 -46.44 -10.81 35.81
N VAL F 76 -47.07 -11.37 34.80
CA VAL F 76 -46.56 -12.57 34.17
C VAL F 76 -46.48 -12.40 32.66
N PRO F 77 -45.35 -12.79 32.05
CA PRO F 77 -45.28 -12.74 30.58
C PRO F 77 -46.34 -13.65 29.96
N ILE F 78 -47.06 -13.19 28.96
CA ILE F 78 -48.13 -13.99 28.40
C ILE F 78 -47.64 -15.26 27.72
N SER F 79 -46.35 -15.31 27.39
CA SER F 79 -45.77 -16.53 26.81
C SER F 79 -45.82 -17.69 27.80
N SER F 80 -45.98 -17.38 29.09
CA SER F 80 -46.09 -18.41 30.13
C SER F 80 -47.53 -18.67 30.56
N LEU F 81 -48.50 -18.09 29.86
CA LEU F 81 -49.90 -18.27 30.20
C LEU F 81 -50.69 -18.75 29.02
N TRP F 82 -51.80 -19.44 29.28
CA TRP F 82 -52.78 -19.61 28.25
C TRP F 82 -53.49 -18.28 28.00
N VAL F 83 -53.72 -17.96 26.73
CA VAL F 83 -54.37 -16.74 26.34
C VAL F 83 -55.44 -17.04 25.28
N PRO F 84 -56.65 -16.48 25.42
CA PRO F 84 -57.72 -16.67 24.43
C PRO F 84 -57.25 -16.33 23.02
N ASP F 85 -57.58 -17.15 22.04
CA ASP F 85 -57.19 -16.89 20.65
C ASP F 85 -58.16 -15.92 19.99
N LEU F 86 -58.31 -14.73 20.60
CA LEU F 86 -59.26 -13.72 20.11
C LEU F 86 -58.78 -13.13 18.81
N ALA F 87 -59.70 -12.94 17.89
CA ALA F 87 -59.38 -12.25 16.64
C ALA F 87 -60.50 -11.28 16.27
N ALA F 88 -60.17 -10.20 15.60
CA ALA F 88 -61.19 -9.29 15.07
C ALA F 88 -61.55 -9.73 13.66
N TYR F 89 -62.80 -10.10 13.46
CA TYR F 89 -63.25 -10.70 12.20
C TYR F 89 -63.08 -9.77 11.01
N ASN F 90 -63.20 -8.47 11.25
CA ASN F 90 -63.13 -7.52 10.14
C ASN F 90 -61.83 -6.71 10.17
N ALA F 91 -60.79 -7.27 10.77
CA ALA F 91 -59.47 -6.63 10.77
C ALA F 91 -58.80 -6.83 9.43
N ILE F 92 -58.03 -5.85 8.97
CA ILE F 92 -57.38 -6.00 7.68
C ILE F 92 -55.88 -5.75 7.79
N SER F 93 -55.40 -5.69 9.03
CA SER F 93 -53.97 -5.64 9.29
C SER F 93 -53.71 -6.47 10.52
N LYS F 94 -52.45 -6.87 10.71
CA LYS F 94 -52.04 -7.56 11.93
C LYS F 94 -52.23 -6.63 13.13
N PRO F 95 -52.63 -7.18 14.26
CA PRO F 95 -52.68 -6.33 15.46
C PRO F 95 -51.26 -5.94 15.89
N GLU F 96 -50.97 -4.65 15.91
CA GLU F 96 -49.68 -4.16 16.33
C GLU F 96 -49.77 -3.86 17.83
N VAL F 97 -49.15 -4.70 18.64
CA VAL F 97 -49.16 -4.53 20.08
C VAL F 97 -48.12 -3.51 20.51
N LEU F 98 -48.58 -2.48 21.23
CA LEU F 98 -47.73 -1.33 21.51
C LEU F 98 -47.10 -1.40 22.90
N THR F 99 -47.55 -2.34 23.71
CA THR F 99 -47.18 -2.37 25.12
C THR F 99 -46.44 -3.65 25.52
N PRO F 100 -45.78 -3.64 26.69
CA PRO F 100 -45.16 -4.86 27.22
C PRO F 100 -46.15 -6.03 27.32
N GLN F 101 -45.79 -7.17 26.75
CA GLN F 101 -46.68 -8.33 26.72
C GLN F 101 -46.79 -9.03 28.06
N LEU F 102 -47.29 -8.34 29.07
CA LEU F 102 -47.48 -8.93 30.40
C LEU F 102 -48.95 -9.01 30.74
N ALA F 103 -49.32 -9.97 31.59
CA ALA F 103 -50.68 -10.04 32.08
C ALA F 103 -50.62 -9.94 33.58
N ARG F 104 -51.71 -9.52 34.19
CA ARG F 104 -51.74 -9.41 35.64
C ARG F 104 -52.50 -10.61 36.23
N VAL F 105 -51.83 -11.37 37.08
CA VAL F 105 -52.45 -12.56 37.65
C VAL F 105 -52.72 -12.43 39.15
N VAL F 106 -53.98 -12.62 39.54
CA VAL F 106 -54.37 -12.60 40.95
C VAL F 106 -54.29 -13.99 41.57
N SER F 107 -54.08 -14.07 42.87
CA SER F 107 -53.81 -15.33 43.54
C SER F 107 -54.94 -16.35 43.41
N ASP F 108 -56.12 -15.90 43.03
CA ASP F 108 -57.25 -16.82 42.87
C ASP F 108 -57.32 -17.39 41.45
N GLY F 109 -56.43 -16.92 40.59
CA GLY F 109 -56.40 -17.40 39.21
C GLY F 109 -57.00 -16.43 38.20
N GLU F 110 -57.45 -15.28 38.69
CA GLU F 110 -58.00 -14.27 37.79
C GLU F 110 -56.88 -13.65 36.98
N VAL F 111 -57.12 -13.50 35.69
CA VAL F 111 -56.09 -12.98 34.79
C VAL F 111 -56.61 -11.77 34.03
N LEU F 112 -55.82 -10.69 34.04
CA LEU F 112 -56.13 -9.50 33.27
C LEU F 112 -55.02 -9.22 32.25
N TYR F 113 -55.39 -9.25 30.98
CA TYR F 113 -54.47 -8.91 29.92
C TYR F 113 -55.04 -7.76 29.14
N MET F 114 -54.36 -6.61 29.15
CA MET F 114 -54.89 -5.41 28.52
C MET F 114 -53.83 -4.74 27.65
N PRO F 115 -53.59 -5.31 26.46
CA PRO F 115 -52.61 -4.71 25.56
C PRO F 115 -53.15 -3.49 24.87
N SER F 116 -52.26 -2.60 24.47
CA SER F 116 -52.64 -1.49 23.62
C SER F 116 -52.36 -1.90 22.20
N ILE F 117 -53.39 -1.85 21.37
CA ILE F 117 -53.29 -2.32 20.00
C ILE F 117 -53.59 -1.25 18.96
N ARG F 118 -52.77 -1.19 17.91
CA ARG F 118 -53.12 -0.43 16.72
C ARG F 118 -53.45 -1.39 15.59
N GLN F 119 -54.63 -1.18 14.99
CA GLN F 119 -55.09 -2.09 13.96
C GLN F 119 -56.02 -1.38 12.98
N ARG F 120 -56.02 -1.85 11.74
CA ARG F 120 -56.93 -1.35 10.72
C ARG F 120 -58.14 -2.24 10.54
N PHE F 121 -59.29 -1.63 10.35
CA PHE F 121 -60.51 -2.40 10.17
C PHE F 121 -61.27 -2.00 8.93
N SER F 122 -62.05 -2.95 8.42
CA SER F 122 -63.01 -2.69 7.37
C SER F 122 -64.39 -2.53 8.00
N CYS F 123 -64.89 -1.31 7.98
CA CYS F 123 -66.17 -1.00 8.60
C CYS F 123 -66.84 0.21 7.93
N ASP F 124 -68.06 0.52 8.37
CA ASP F 124 -68.82 1.61 7.77
C ASP F 124 -68.37 2.97 8.26
N VAL F 125 -67.76 3.73 7.35
CA VAL F 125 -67.19 5.03 7.68
C VAL F 125 -68.11 6.15 7.19
N SER F 126 -69.13 5.77 6.43
CA SER F 126 -70.09 6.73 5.89
C SER F 126 -70.71 7.57 7.00
N GLY F 127 -70.71 8.89 6.81
CA GLY F 127 -71.34 9.80 7.74
C GLY F 127 -70.37 10.35 8.78
N VAL F 128 -69.09 10.18 8.52
CA VAL F 128 -68.07 10.55 9.50
C VAL F 128 -68.00 12.07 9.67
N ASP F 129 -68.50 12.79 8.68
CA ASP F 129 -68.33 14.23 8.63
C ASP F 129 -69.69 14.82 9.05
N THR F 130 -70.74 14.07 8.72
CA THR F 130 -72.06 14.26 9.30
C THR F 130 -71.90 14.34 10.81
N GLU F 131 -72.79 15.09 11.44
CA GLU F 131 -72.70 15.33 12.86
C GLU F 131 -73.38 14.20 13.62
N SER F 132 -74.16 13.44 12.87
CA SER F 132 -74.77 12.23 13.39
C SER F 132 -73.66 11.16 13.51
N GLY F 133 -72.63 11.32 12.68
CA GLY F 133 -71.42 10.53 12.81
C GLY F 133 -71.46 9.20 12.08
N ALA F 134 -70.30 8.58 11.96
CA ALA F 134 -70.20 7.23 11.41
C ALA F 134 -70.35 6.23 12.56
N THR F 135 -70.70 5.00 12.21
CA THR F 135 -70.73 3.92 13.19
C THR F 135 -69.97 2.72 12.67
N CYS F 136 -68.76 2.54 13.20
CA CYS F 136 -67.89 1.44 12.81
C CYS F 136 -68.06 0.25 13.77
N ARG F 137 -68.43 -0.91 13.24
CA ARG F 137 -68.61 -2.09 14.08
C ARG F 137 -67.43 -3.05 13.99
N ILE F 138 -66.92 -3.46 15.16
CA ILE F 138 -65.82 -4.40 15.23
C ILE F 138 -66.24 -5.66 15.97
N LYS F 139 -66.08 -6.81 15.34
CA LYS F 139 -66.44 -8.09 15.99
C LYS F 139 -65.21 -8.88 16.45
N ILE F 140 -65.21 -9.25 17.72
CA ILE F 140 -64.11 -9.98 18.31
C ILE F 140 -64.60 -11.29 18.92
N GLY F 141 -64.00 -12.40 18.50
CA GLY F 141 -64.30 -13.69 19.10
C GLY F 141 -63.13 -14.67 19.04
N SER F 142 -63.33 -15.86 19.58
CA SER F 142 -62.32 -16.90 19.50
C SER F 142 -62.18 -17.33 18.05
N TRP F 143 -60.94 -17.56 17.61
CA TRP F 143 -60.75 -17.95 16.22
C TRP F 143 -61.01 -19.44 16.00
N THR F 144 -60.76 -20.28 17.00
CA THR F 144 -60.88 -21.73 16.81
C THR F 144 -61.74 -22.45 17.87
N HIS F 145 -62.09 -21.76 18.95
CA HIS F 145 -62.88 -22.38 20.01
C HIS F 145 -64.35 -21.99 19.93
N HIS F 146 -65.23 -22.96 20.15
CA HIS F 146 -66.67 -22.69 20.10
C HIS F 146 -67.23 -22.41 21.50
N SER F 147 -68.52 -22.13 21.57
CA SER F 147 -69.14 -21.51 22.74
C SER F 147 -69.04 -22.35 23.99
N ARG F 148 -68.71 -23.63 23.82
CA ARG F 148 -68.63 -24.52 24.99
C ARG F 148 -67.22 -24.69 25.50
N GLU F 149 -66.28 -24.09 24.78
CA GLU F 149 -64.90 -24.05 25.20
C GLU F 149 -64.56 -22.64 25.65
N ILE F 150 -65.00 -21.66 24.87
CA ILE F 150 -64.86 -20.25 25.23
C ILE F 150 -66.16 -19.48 25.03
N SER F 151 -66.59 -18.77 26.06
CA SER F 151 -67.67 -17.81 25.89
C SER F 151 -67.12 -16.40 26.00
N VAL F 152 -67.49 -15.54 25.08
CA VAL F 152 -67.09 -14.14 25.19
C VAL F 152 -68.25 -13.28 25.68
N ASP F 153 -67.95 -12.27 26.49
CA ASP F 153 -68.97 -11.37 27.01
C ASP F 153 -68.42 -9.96 27.17
N PRO F 154 -69.28 -8.95 26.97
CA PRO F 154 -68.88 -7.57 27.25
C PRO F 154 -68.78 -7.33 28.75
N THR F 155 -68.42 -6.12 29.14
CA THR F 155 -68.22 -5.80 30.55
C THR F 155 -69.27 -4.83 31.04
N SER F 162 -64.22 5.65 25.65
CA SER F 162 -64.68 7.05 25.60
C SER F 162 -63.88 7.94 26.58
N GLU F 163 -63.52 7.37 27.72
CA GLU F 163 -62.91 8.10 28.82
C GLU F 163 -61.39 8.30 28.66
N TYR F 164 -60.73 7.33 28.02
CA TYR F 164 -59.27 7.41 27.84
C TYR F 164 -58.93 7.85 26.43
N PHE F 165 -59.93 8.38 25.72
CA PHE F 165 -59.72 8.76 24.33
C PHE F 165 -58.91 10.06 24.25
N SER F 166 -58.12 10.18 23.20
CA SER F 166 -57.19 11.28 23.05
C SER F 166 -57.91 12.58 22.74
N GLN F 167 -57.64 13.61 23.54
CA GLN F 167 -58.22 14.93 23.29
C GLN F 167 -57.64 15.56 22.03
N TYR F 168 -56.57 14.98 21.51
CA TYR F 168 -55.87 15.56 20.36
C TYR F 168 -56.19 14.86 19.05
N SER F 169 -57.11 13.92 19.11
CA SER F 169 -57.53 13.24 17.88
C SER F 169 -58.33 14.20 17.00
N ARG F 170 -58.25 13.99 15.69
CA ARG F 170 -59.10 14.72 14.76
C ARG F 170 -60.57 14.35 14.90
N PHE F 171 -60.84 13.34 15.73
CA PHE F 171 -62.17 12.79 15.86
C PHE F 171 -62.60 12.80 17.30
N GLU F 172 -63.88 12.56 17.51
CA GLU F 172 -64.43 12.45 18.86
C GLU F 172 -65.47 11.35 18.90
N ILE F 173 -65.71 10.81 20.09
CA ILE F 173 -66.61 9.69 20.20
C ILE F 173 -67.97 10.12 20.71
N LEU F 174 -69.01 9.83 19.93
CA LEU F 174 -70.38 10.08 20.34
C LEU F 174 -70.86 8.99 21.29
N ASP F 175 -70.66 7.74 20.90
CA ASP F 175 -71.16 6.61 21.69
C ASP F 175 -70.40 5.32 21.36
N VAL F 176 -70.25 4.48 22.39
CA VAL F 176 -69.72 3.14 22.21
C VAL F 176 -70.64 2.12 22.87
N THR F 177 -71.14 1.17 22.10
CA THR F 177 -71.95 0.11 22.67
C THR F 177 -71.33 -1.24 22.36
N GLN F 178 -71.38 -2.13 23.34
CA GLN F 178 -70.84 -3.48 23.18
C GLN F 178 -71.95 -4.49 23.38
N LYS F 179 -72.14 -5.35 22.38
CA LYS F 179 -73.17 -6.38 22.51
C LYS F 179 -72.65 -7.74 22.06
N LYS F 180 -73.33 -8.80 22.50
CA LYS F 180 -72.85 -10.16 22.28
C LYS F 180 -73.69 -10.92 21.28
N ASN F 181 -73.03 -11.51 20.28
CA ASN F 181 -73.71 -12.38 19.33
C ASN F 181 -73.34 -13.86 19.54
N SER F 182 -74.24 -14.75 19.15
CA SER F 182 -73.93 -16.18 19.12
C SER F 182 -74.36 -16.73 17.77
N VAL F 183 -73.43 -17.36 17.05
CA VAL F 183 -73.73 -17.74 15.67
C VAL F 183 -73.52 -19.24 15.43
N THR F 184 -74.54 -19.90 14.88
CA THR F 184 -74.45 -21.32 14.54
C THR F 184 -74.53 -21.52 13.03
N TYR F 185 -73.49 -22.11 12.45
CA TYR F 185 -73.39 -22.27 11.00
C TYR F 185 -73.95 -23.62 10.54
N SER F 186 -73.96 -23.79 9.23
CA SER F 186 -74.62 -24.91 8.56
C SER F 186 -73.69 -26.14 8.60
N CYS F 187 -72.41 -25.85 8.38
CA CYS F 187 -71.33 -26.81 8.46
C CYS F 187 -71.28 -27.56 9.79
N CYS F 188 -71.00 -26.83 10.85
CA CYS F 188 -70.71 -27.39 12.15
C CYS F 188 -71.83 -27.17 13.16
N PRO F 189 -72.10 -28.19 13.95
CA PRO F 189 -73.21 -28.20 14.91
C PRO F 189 -72.99 -27.31 16.14
N GLU F 190 -72.11 -26.31 16.03
CA GLU F 190 -71.71 -25.63 17.25
C GLU F 190 -71.70 -24.13 17.13
N ALA F 191 -71.99 -23.47 18.25
CA ALA F 191 -72.13 -22.02 18.31
C ALA F 191 -70.79 -21.30 18.49
N TYR F 192 -70.61 -20.20 17.76
CA TYR F 192 -69.44 -19.37 17.92
C TYR F 192 -69.87 -17.98 18.37
N GLU F 193 -69.42 -17.60 19.55
CA GLU F 193 -69.75 -16.30 20.12
C GLU F 193 -68.77 -15.21 19.71
N ASP F 194 -69.26 -13.99 19.62
CA ASP F 194 -68.41 -12.83 19.42
C ASP F 194 -68.97 -11.65 20.19
N VAL F 195 -68.14 -10.64 20.41
CA VAL F 195 -68.60 -9.39 20.99
C VAL F 195 -68.57 -8.37 19.87
N GLU F 196 -69.71 -7.74 19.62
CA GLU F 196 -69.76 -6.68 18.61
C GLU F 196 -69.61 -5.32 19.29
N VAL F 197 -68.63 -4.55 18.85
CA VAL F 197 -68.38 -3.23 19.43
C VAL F 197 -68.72 -2.16 18.42
N SER F 198 -69.69 -1.32 18.76
CA SER F 198 -70.13 -0.26 17.84
C SER F 198 -69.51 1.07 18.23
N LEU F 199 -68.70 1.61 17.34
CA LEU F 199 -68.01 2.86 17.60
C LEU F 199 -68.64 4.00 16.82
N ASN F 200 -69.39 4.84 17.53
CA ASN F 200 -70.03 6.01 16.94
C ASN F 200 -69.11 7.22 17.09
N PHE F 201 -68.54 7.66 15.97
CA PHE F 201 -67.58 8.74 15.99
C PHE F 201 -67.77 9.68 14.81
N ARG F 202 -67.25 10.90 14.94
CA ARG F 202 -67.30 11.86 13.85
C ARG F 202 -66.07 12.75 13.89
N LYS F 203 -65.82 13.44 12.78
CA LYS F 203 -64.76 14.43 12.76
C LYS F 203 -65.19 15.69 13.52
N LYS F 204 -64.23 16.35 14.16
CA LYS F 204 -64.52 17.52 14.98
C LYS F 204 -64.94 18.73 14.14
N LEU G 1 10.84 39.58 -10.78
CA LEU G 1 11.13 39.08 -9.45
C LEU G 1 12.26 38.05 -9.49
N ASP G 2 13.28 38.26 -8.67
CA ASP G 2 14.30 37.22 -8.49
C ASP G 2 14.28 36.68 -7.05
N ARG G 3 15.14 35.71 -6.76
CA ARG G 3 15.16 35.12 -5.42
C ARG G 3 15.40 36.13 -4.33
N ALA G 4 16.32 37.06 -4.57
CA ALA G 4 16.64 38.09 -3.60
C ALA G 4 15.39 38.90 -3.22
N ASP G 5 14.58 39.25 -4.22
CA ASP G 5 13.38 40.06 -3.97
C ASP G 5 12.36 39.27 -3.19
N ILE G 6 12.13 38.03 -3.61
CA ILE G 6 11.15 37.17 -2.97
C ILE G 6 11.53 36.98 -1.49
N LEU G 7 12.80 36.70 -1.23
CA LEU G 7 13.22 36.44 0.14
C LEU G 7 13.20 37.71 0.97
N TYR G 8 13.53 38.84 0.33
CA TYR G 8 13.40 40.14 0.98
C TYR G 8 11.96 40.40 1.42
N ASN G 9 11.01 40.24 0.51
CA ASN G 9 9.63 40.47 0.88
C ASN G 9 9.12 39.50 1.95
N ILE G 10 9.51 38.23 1.83
CA ILE G 10 9.04 37.24 2.77
C ILE G 10 9.51 37.61 4.15
N ARG G 11 10.76 38.00 4.21
CA ARG G 11 11.34 38.37 5.49
C ARG G 11 10.76 39.66 6.10
N GLN G 12 10.55 40.66 5.27
CA GLN G 12 9.98 41.91 5.76
C GLN G 12 8.52 41.78 6.21
N THR G 13 7.84 40.66 5.90
CA THR G 13 6.39 40.64 6.11
C THR G 13 5.70 39.38 6.59
N SER G 14 6.40 38.28 6.81
CA SER G 14 5.69 36.97 6.82
C SER G 14 4.97 36.61 8.14
N ARG G 15 5.38 37.22 9.25
CA ARG G 15 4.67 37.10 10.54
C ARG G 15 4.62 35.67 11.13
N PRO G 16 5.75 35.19 11.68
CA PRO G 16 5.95 33.80 12.15
C PRO G 16 5.06 33.45 13.32
N ASP G 17 4.60 34.48 14.02
CA ASP G 17 3.80 34.32 15.22
C ASP G 17 2.32 34.15 14.86
N VAL G 18 2.00 34.31 13.58
CA VAL G 18 0.60 34.43 13.16
C VAL G 18 0.16 33.28 12.27
N ILE G 19 -0.71 32.43 12.81
CA ILE G 19 -1.21 31.26 12.11
C ILE G 19 -1.98 31.72 10.87
N PRO G 20 -1.62 31.19 9.69
CA PRO G 20 -2.19 31.65 8.42
C PRO G 20 -3.59 31.11 8.23
N THR G 21 -4.43 31.25 9.23
CA THR G 21 -5.84 31.00 9.01
C THR G 21 -6.40 31.84 7.92
N GLN G 22 -7.02 31.13 7.02
CA GLN G 22 -7.75 31.65 5.92
C GLN G 22 -9.15 31.44 6.30
N ARG G 23 -9.87 32.52 6.56
CA ARG G 23 -11.30 32.49 6.37
C ARG G 23 -12.01 31.94 7.67
N ASP G 24 -11.28 31.88 8.80
CA ASP G 24 -11.71 31.15 9.99
C ASP G 24 -11.82 29.67 9.73
N ARG G 25 -11.09 29.16 8.73
CA ARG G 25 -10.91 27.71 8.63
C ARG G 25 -9.61 27.32 9.21
N PRO G 26 -9.54 26.08 9.69
CA PRO G 26 -8.26 25.58 10.18
C PRO G 26 -7.23 25.58 9.07
N VAL G 27 -5.98 25.75 9.46
CA VAL G 27 -4.89 25.52 8.55
C VAL G 27 -4.74 23.99 8.41
N ALA G 28 -4.84 23.53 7.18
CA ALA G 28 -4.68 22.12 6.89
C ALA G 28 -3.21 21.76 6.92
N VAL G 29 -2.78 21.05 7.97
CA VAL G 29 -1.40 20.61 8.06
C VAL G 29 -1.29 19.09 7.84
N SER G 30 -0.45 18.70 6.90
CA SER G 30 -0.21 17.29 6.62
C SER G 30 1.08 16.83 7.29
N VAL G 31 1.00 15.72 8.01
CA VAL G 31 2.19 15.14 8.64
C VAL G 31 2.42 13.71 8.18
N SER G 32 3.68 13.37 7.95
CA SER G 32 4.03 12.02 7.50
C SER G 32 5.46 11.69 7.89
N LEU G 33 5.63 10.69 8.76
CA LEU G 33 6.96 10.32 9.20
C LEU G 33 7.59 9.28 8.27
N LYS G 34 8.81 9.55 7.79
CA LYS G 34 9.56 8.59 6.98
C LYS G 34 10.70 8.09 7.87
N PHE G 35 10.59 6.87 8.38
CA PHE G 35 11.61 6.36 9.30
C PHE G 35 12.92 6.07 8.58
N ILE G 36 14.01 6.48 9.22
CA ILE G 36 15.34 6.35 8.65
C ILE G 36 16.16 5.35 9.45
N ASN G 37 15.99 5.36 10.76
CA ASN G 37 16.74 4.46 11.59
C ASN G 37 16.08 4.22 12.94
N ILE G 38 16.20 2.98 13.43
CA ILE G 38 15.87 2.66 14.81
C ILE G 38 17.19 2.36 15.50
N LEU G 39 17.56 3.14 16.50
CA LEU G 39 18.96 3.16 16.94
C LEU G 39 19.20 2.44 18.25
N GLU G 40 18.27 2.59 19.18
CA GLU G 40 18.35 1.96 20.49
C GLU G 40 17.02 1.65 21.03
N VAL G 41 16.90 0.40 21.45
CA VAL G 41 15.63 -0.15 21.84
C VAL G 41 15.80 -0.81 23.18
N ASN G 42 14.81 -0.68 24.04
CA ASN G 42 14.88 -1.25 25.39
C ASN G 42 13.52 -1.82 25.77
N GLU G 43 13.42 -3.15 25.71
CA GLU G 43 12.15 -3.84 25.94
C GLU G 43 11.74 -3.80 27.40
N ILE G 44 12.71 -3.59 28.28
CA ILE G 44 12.44 -3.47 29.70
C ILE G 44 11.82 -2.10 30.02
N THR G 45 12.47 -1.03 29.56
CA THR G 45 12.00 0.32 29.89
C THR G 45 10.92 0.81 28.91
N ASN G 46 10.71 0.07 27.82
CA ASN G 46 9.75 0.46 26.79
C ASN G 46 10.08 1.83 26.20
N GLU G 47 11.32 1.97 25.75
CA GLU G 47 11.80 3.22 25.18
C GLU G 47 12.55 2.96 23.89
N VAL G 48 12.27 3.75 22.87
CA VAL G 48 13.00 3.63 21.61
C VAL G 48 13.68 4.95 21.22
N ASP G 49 14.75 4.83 20.46
CA ASP G 49 15.50 5.96 19.93
C ASP G 49 15.42 5.91 18.42
N VAL G 50 14.77 6.90 17.82
CA VAL G 50 14.36 6.85 16.42
C VAL G 50 14.85 8.05 15.61
N VAL G 51 15.20 7.82 14.35
CA VAL G 51 15.53 8.88 13.45
C VAL G 51 14.52 8.88 12.32
N PHE G 52 13.85 10.01 12.11
CA PHE G 52 12.83 10.06 11.07
C PHE G 52 12.81 11.42 10.38
N TRP G 53 12.29 11.43 9.15
CA TRP G 53 12.09 12.67 8.41
C TRP G 53 10.64 13.04 8.58
N GLN G 54 10.39 14.18 9.21
CA GLN G 54 9.03 14.61 9.49
C GLN G 54 8.52 15.47 8.36
N GLN G 55 8.01 14.83 7.32
CA GLN G 55 7.44 15.53 6.17
C GLN G 55 6.21 16.33 6.58
N THR G 56 6.32 17.66 6.52
CA THR G 56 5.27 18.53 7.01
C THR G 56 4.91 19.60 5.99
N THR G 57 3.62 19.70 5.69
CA THR G 57 3.15 20.53 4.60
C THR G 57 1.91 21.33 4.99
N TRP G 58 1.80 22.56 4.49
CA TRP G 58 0.64 23.41 4.77
C TRP G 58 0.66 24.62 3.84
N SER G 59 -0.45 25.34 3.82
CA SER G 59 -0.58 26.51 2.99
C SER G 59 -0.43 27.78 3.82
N ASP G 60 0.07 28.85 3.19
CA ASP G 60 0.18 30.19 3.79
C ASP G 60 0.21 31.20 2.68
N ARG G 61 -0.97 31.63 2.23
CA ARG G 61 -1.07 32.49 1.07
C ARG G 61 -0.46 33.88 1.24
N THR G 62 -0.05 34.24 2.45
CA THR G 62 0.65 35.51 2.64
C THR G 62 2.11 35.41 2.19
N LEU G 63 2.51 34.22 1.74
CA LEU G 63 3.85 34.02 1.20
C LEU G 63 3.84 34.02 -0.33
N ALA G 64 2.64 33.95 -0.92
CA ALA G 64 2.52 33.78 -2.36
C ALA G 64 3.07 34.96 -3.16
N TRP G 65 3.46 34.68 -4.39
CA TRP G 65 3.89 35.71 -5.32
C TRP G 65 3.60 35.29 -6.75
N ASN G 66 3.63 36.26 -7.67
CA ASN G 66 3.30 36.00 -9.06
C ASN G 66 4.55 35.47 -9.75
N SER G 67 4.64 34.15 -9.96
CA SER G 67 5.85 33.55 -10.51
C SER G 67 5.97 33.61 -12.05
N SER G 68 5.44 34.68 -12.65
CA SER G 68 5.39 34.79 -14.12
C SER G 68 6.77 34.63 -14.79
N HIS G 69 7.66 35.59 -14.58
CA HIS G 69 9.08 35.42 -14.90
C HIS G 69 9.90 35.42 -13.64
N SER G 70 9.61 34.46 -12.79
CA SER G 70 10.20 34.39 -11.47
C SER G 70 10.38 32.94 -11.08
N PRO G 71 11.29 32.67 -10.13
CA PRO G 71 11.42 31.33 -9.58
C PRO G 71 10.09 30.82 -9.05
N ASP G 72 9.86 29.52 -9.18
CA ASP G 72 8.60 28.96 -8.72
C ASP G 72 8.71 28.61 -7.23
N GLN G 73 9.95 28.40 -6.77
CA GLN G 73 10.19 28.02 -5.38
C GLN G 73 11.45 28.64 -4.78
N VAL G 74 11.46 28.77 -3.45
CA VAL G 74 12.65 29.25 -2.75
C VAL G 74 12.81 28.50 -1.46
N SER G 75 14.04 28.44 -0.96
CA SER G 75 14.30 27.89 0.36
C SER G 75 14.34 29.03 1.37
N VAL G 76 13.62 28.88 2.48
CA VAL G 76 13.43 29.96 3.43
C VAL G 76 13.71 29.47 4.84
N PRO G 77 14.51 30.23 5.61
CA PRO G 77 14.73 29.82 7.01
C PRO G 77 13.41 29.81 7.77
N ILE G 78 13.16 28.77 8.58
CA ILE G 78 11.86 28.68 9.24
C ILE G 78 11.64 29.79 10.26
N SER G 79 12.72 30.45 10.68
CA SER G 79 12.59 31.55 11.63
C SER G 79 11.81 32.70 10.98
N SER G 80 11.76 32.73 9.65
CA SER G 80 10.99 33.75 8.93
C SER G 80 9.61 33.29 8.51
N LEU G 81 9.18 32.11 8.98
CA LEU G 81 7.88 31.58 8.58
C LEU G 81 7.07 31.18 9.79
N TRP G 82 5.76 31.19 9.64
CA TRP G 82 4.94 30.48 10.61
C TRP G 82 5.10 28.98 10.41
N VAL G 83 5.21 28.27 11.53
CA VAL G 83 5.40 26.83 11.53
C VAL G 83 4.46 26.23 12.56
N PRO G 84 3.75 25.14 12.21
CA PRO G 84 2.84 24.46 13.15
C PRO G 84 3.57 24.07 14.43
N ASP G 85 2.94 24.27 15.59
CA ASP G 85 3.54 23.89 16.86
C ASP G 85 3.32 22.40 17.14
N LEU G 86 3.81 21.55 16.25
CA LEU G 86 3.60 20.12 16.39
C LEU G 86 4.45 19.56 17.50
N ALA G 87 3.88 18.68 18.28
CA ALA G 87 4.63 17.96 19.30
C ALA G 87 4.28 16.48 19.27
N ALA G 88 5.24 15.64 19.63
CA ALA G 88 4.96 14.22 19.83
C ALA G 88 4.55 14.00 21.29
N TYR G 89 3.32 13.54 21.50
CA TYR G 89 2.77 13.43 22.86
C TYR G 89 3.53 12.46 23.74
N ASN G 90 4.15 11.45 23.14
CA ASN G 90 4.82 10.44 23.95
C ASN G 90 6.32 10.49 23.79
N ALA G 91 6.82 11.67 23.42
CA ALA G 91 8.27 11.89 23.34
C ALA G 91 8.85 12.06 24.74
N ILE G 92 10.07 11.58 24.94
CA ILE G 92 10.68 11.72 26.25
C ILE G 92 12.05 12.37 26.17
N SER G 93 12.39 12.86 24.99
CA SER G 93 13.55 13.72 24.83
C SER G 93 13.19 14.87 23.88
N LYS G 94 13.97 15.94 23.92
CA LYS G 94 13.82 17.05 22.97
C LYS G 94 14.06 16.52 21.58
N PRO G 95 13.29 17.00 20.60
CA PRO G 95 13.59 16.63 19.21
C PRO G 95 14.94 17.24 18.81
N GLU G 96 15.88 16.38 18.46
CA GLU G 96 17.18 16.82 17.97
C GLU G 96 17.15 16.92 16.46
N VAL G 97 17.10 18.14 15.95
CA VAL G 97 17.03 18.38 14.51
C VAL G 97 18.43 18.25 13.89
N LEU G 98 18.54 17.37 12.92
CA LEU G 98 19.84 17.02 12.35
C LEU G 98 20.18 17.79 11.07
N THR G 99 19.20 18.50 10.53
CA THR G 99 19.34 19.12 9.22
C THR G 99 19.21 20.65 9.23
N PRO G 100 19.68 21.31 8.16
CA PRO G 100 19.45 22.77 8.02
C PRO G 100 17.99 23.15 8.21
N GLN G 101 17.73 24.13 9.05
CA GLN G 101 16.35 24.52 9.36
C GLN G 101 15.73 25.41 8.27
N LEU G 102 15.59 24.87 7.07
CA LEU G 102 14.99 25.59 5.96
C LEU G 102 13.68 24.92 5.57
N ALA G 103 12.75 25.69 5.02
CA ALA G 103 11.54 25.13 4.44
C ALA G 103 11.55 25.47 2.99
N ARG G 104 10.77 24.73 2.21
CA ARG G 104 10.67 25.00 0.80
C ARG G 104 9.34 25.69 0.55
N VAL G 105 9.38 26.86 -0.06
CA VAL G 105 8.15 27.62 -0.29
C VAL G 105 7.85 27.76 -1.78
N VAL G 106 6.67 27.31 -2.20
CA VAL G 106 6.22 27.45 -3.58
C VAL G 106 5.47 28.78 -3.75
N SER G 107 5.47 29.30 -4.98
CA SER G 107 4.91 30.61 -5.28
C SER G 107 3.44 30.75 -4.97
N ASP G 108 2.74 29.63 -4.80
CA ASP G 108 1.31 29.69 -4.47
C ASP G 108 1.08 29.71 -2.96
N GLY G 109 2.15 29.64 -2.18
CA GLY G 109 2.05 29.68 -0.74
C GLY G 109 2.16 28.32 -0.07
N GLU G 110 2.36 27.27 -0.87
CA GLU G 110 2.57 25.92 -0.31
C GLU G 110 3.92 25.87 0.36
N VAL G 111 3.94 25.29 1.55
CA VAL G 111 5.18 25.21 2.32
C VAL G 111 5.48 23.77 2.66
N LEU G 112 6.73 23.38 2.43
CA LEU G 112 7.17 22.06 2.76
CA LEU G 112 7.21 22.04 2.74
C LEU G 112 8.35 22.13 3.74
N TYR G 113 8.15 21.62 4.95
CA TYR G 113 9.22 21.58 5.95
C TYR G 113 9.47 20.11 6.36
N MET G 114 10.68 19.62 6.11
CA MET G 114 10.96 18.20 6.30
C MET G 114 12.26 17.99 7.02
N PRO G 115 12.28 18.26 8.33
CA PRO G 115 13.51 18.09 9.09
C PRO G 115 13.79 16.62 9.37
N SER G 116 15.06 16.30 9.58
CA SER G 116 15.42 14.98 10.06
C SER G 116 15.60 15.08 11.56
N ILE G 117 14.89 14.25 12.29
CA ILE G 117 14.82 14.34 13.74
C ILE G 117 15.27 13.06 14.43
N ARG G 118 16.09 13.21 15.46
CA ARG G 118 16.36 12.09 16.36
C ARG G 118 15.67 12.34 17.69
N GLN G 119 14.85 11.39 18.12
CA GLN G 119 14.08 11.58 19.33
C GLN G 119 13.79 10.25 20.03
N ARG G 120 13.61 10.32 21.34
CA ARG G 120 13.28 9.16 22.15
C ARG G 120 11.81 9.13 22.46
N PHE G 121 11.22 7.94 22.43
CA PHE G 121 9.81 7.82 22.71
C PHE G 121 9.49 6.73 23.76
N SER G 122 8.37 6.92 24.43
CA SER G 122 7.82 5.93 25.31
C SER G 122 6.70 5.22 24.57
N CYS G 123 6.95 3.96 24.22
CA CYS G 123 5.99 3.18 23.45
C CYS G 123 6.17 1.68 23.73
N ASP G 124 5.28 0.87 23.15
CA ASP G 124 5.29 -0.56 23.39
C ASP G 124 6.38 -1.23 22.56
N VAL G 125 7.39 -1.76 23.26
CA VAL G 125 8.53 -2.38 22.61
C VAL G 125 8.44 -3.91 22.70
N SER G 126 7.47 -4.39 23.47
CA SER G 126 7.25 -5.83 23.66
C SER G 126 7.07 -6.54 22.32
N GLY G 127 7.78 -7.63 22.15
CA GLY G 127 7.69 -8.43 20.94
C GLY G 127 8.69 -8.07 19.88
N VAL G 128 9.68 -7.25 20.24
CA VAL G 128 10.65 -6.76 19.27
C VAL G 128 11.54 -7.89 18.71
N ASP G 129 11.74 -8.94 19.50
CA ASP G 129 12.51 -10.08 19.03
C ASP G 129 11.63 -11.15 18.41
N THR G 130 10.39 -11.22 18.87
CA THR G 130 9.35 -11.93 18.17
C THR G 130 9.39 -11.53 16.72
N GLU G 131 9.03 -12.45 15.85
CA GLU G 131 9.04 -12.24 14.42
C GLU G 131 7.81 -11.49 13.97
N SER G 132 6.81 -11.52 14.84
CA SER G 132 5.61 -10.73 14.66
C SER G 132 5.95 -9.25 14.88
N GLY G 133 6.98 -9.03 15.69
CA GLY G 133 7.53 -7.70 15.87
C GLY G 133 6.84 -6.88 16.95
N ALA G 134 7.48 -5.78 17.33
CA ALA G 134 6.85 -4.82 18.22
C ALA G 134 6.07 -3.79 17.39
N THR G 135 5.15 -3.10 18.04
CA THR G 135 4.43 -2.02 17.40
C THR G 135 4.45 -0.78 18.28
N CYS G 136 5.30 0.18 17.91
CA CYS G 136 5.46 1.42 18.65
C CYS G 136 4.58 2.51 18.02
N ARG G 137 3.68 3.08 18.83
CA ARG G 137 2.81 4.15 18.33
C ARG G 137 3.31 5.54 18.77
N ILE G 138 3.36 6.45 17.80
CA ILE G 138 3.77 7.83 18.04
C ILE G 138 2.68 8.81 17.63
N LYS G 139 2.24 9.64 18.57
CA LYS G 139 1.16 10.59 18.30
C LYS G 139 1.67 12.02 18.16
N ILE G 140 1.35 12.64 17.02
CA ILE G 140 1.80 13.99 16.72
C ILE G 140 0.64 14.93 16.46
N GLY G 141 0.58 16.02 17.23
CA GLY G 141 -0.45 17.03 17.02
C GLY G 141 -0.01 18.43 17.40
N SER G 142 -0.88 19.41 17.16
CA SER G 142 -0.61 20.77 17.62
C SER G 142 -0.58 20.79 19.13
N TRP G 143 0.37 21.52 19.71
CA TRP G 143 0.44 21.57 21.17
C TRP G 143 -0.59 22.56 21.75
N THR G 144 -0.94 23.63 21.03
CA THR G 144 -1.80 24.67 21.61
C THR G 144 -2.99 25.05 20.75
N HIS G 145 -3.00 24.58 19.50
CA HIS G 145 -4.12 24.90 18.60
C HIS G 145 -5.14 23.76 18.47
N HIS G 146 -6.42 24.09 18.54
CA HIS G 146 -7.46 23.07 18.40
C HIS G 146 -7.89 22.90 16.94
N SER G 147 -8.83 21.99 16.72
CA SER G 147 -9.12 21.49 15.37
C SER G 147 -9.68 22.55 14.43
N ARG G 148 -10.03 23.71 14.96
CA ARG G 148 -10.58 24.73 14.09
C ARG G 148 -9.56 25.76 13.73
N GLU G 149 -8.38 25.62 14.33
CA GLU G 149 -7.28 26.47 13.98
C GLU G 149 -6.28 25.66 13.18
N ILE G 150 -6.03 24.43 13.63
CA ILE G 150 -5.16 23.51 12.92
C ILE G 150 -5.80 22.12 12.80
N SER G 151 -5.84 21.60 11.58
CA SER G 151 -6.21 20.20 11.42
C SER G 151 -5.00 19.41 10.92
N VAL G 152 -4.73 18.27 11.55
CA VAL G 152 -3.63 17.44 11.10
C VAL G 152 -4.19 16.29 10.32
N ASP G 153 -3.47 15.89 9.27
CA ASP G 153 -3.86 14.74 8.45
C ASP G 153 -2.67 13.94 7.95
N PRO G 154 -2.82 12.62 7.83
CA PRO G 154 -1.77 11.81 7.20
C PRO G 154 -1.70 12.05 5.69
N THR G 155 -0.76 11.39 5.02
CA THR G 155 -0.53 11.64 3.61
C THR G 155 -0.93 10.43 2.78
N ASP G 160 6.57 3.79 0.11
CA ASP G 160 7.06 2.53 0.68
C ASP G 160 7.65 2.71 2.09
N ASP G 161 7.27 1.84 3.01
CA ASP G 161 7.52 2.10 4.42
C ASP G 161 9.00 2.06 4.79
N SER G 162 9.70 1.04 4.34
CA SER G 162 11.12 1.01 4.57
C SER G 162 11.79 1.84 3.52
N GLU G 163 11.11 2.84 2.92
CA GLU G 163 11.73 3.13 1.65
C GLU G 163 13.05 3.88 1.87
N TYR G 164 13.09 4.80 2.84
CA TYR G 164 14.34 5.48 3.15
C TYR G 164 15.01 4.94 4.41
N PHE G 165 14.56 3.78 4.88
CA PHE G 165 15.10 3.20 6.10
C PHE G 165 16.48 2.62 5.85
N SER G 166 17.33 2.70 6.87
CA SER G 166 18.72 2.29 6.76
C SER G 166 18.85 0.78 6.67
N GLN G 167 19.53 0.31 5.62
CA GLN G 167 19.82 -1.11 5.47
C GLN G 167 20.77 -1.59 6.56
N TYR G 168 21.40 -0.68 7.29
CA TYR G 168 22.42 -1.07 8.25
C TYR G 168 21.91 -1.06 9.69
N SER G 169 20.62 -0.77 9.87
CA SER G 169 20.03 -0.83 11.20
C SER G 169 19.98 -2.27 11.73
N ARG G 170 20.06 -2.41 13.04
CA ARG G 170 19.83 -3.71 13.67
C ARG G 170 18.39 -4.17 13.53
N PHE G 171 17.55 -3.30 12.99
CA PHE G 171 16.13 -3.59 12.94
C PHE G 171 15.63 -3.47 11.53
N GLU G 172 14.40 -3.92 11.30
CA GLU G 172 13.76 -3.76 10.01
C GLU G 172 12.30 -3.43 10.23
N ILE G 173 11.68 -2.85 9.22
CA ILE G 173 10.29 -2.44 9.34
C ILE G 173 9.34 -3.40 8.65
N LEU G 174 8.37 -3.92 9.41
CA LEU G 174 7.36 -4.79 8.86
C LEU G 174 6.25 -3.96 8.23
N ASP G 175 5.78 -2.96 8.96
CA ASP G 175 4.67 -2.13 8.49
C ASP G 175 4.63 -0.77 9.18
N VAL G 176 4.22 0.25 8.45
CA VAL G 176 3.94 1.56 9.03
C VAL G 176 2.55 2.02 8.62
N THR G 177 1.70 2.30 9.60
CA THR G 177 0.37 2.86 9.28
C THR G 177 0.18 4.19 9.98
N GLN G 178 -0.47 5.11 9.28
CA GLN G 178 -0.73 6.42 9.84
C GLN G 178 -2.25 6.64 9.88
N LYS G 179 -2.79 6.91 11.06
CA LYS G 179 -4.20 7.24 11.14
C LYS G 179 -4.47 8.50 11.98
N LYS G 180 -5.66 9.08 11.80
CA LYS G 180 -5.98 10.34 12.42
C LYS G 180 -7.00 10.27 13.56
N ASN G 181 -6.63 10.80 14.72
CA ASN G 181 -7.55 10.88 15.85
C ASN G 181 -8.05 12.31 16.10
N SER G 182 -9.22 12.42 16.70
CA SER G 182 -9.75 13.72 17.09
C SER G 182 -10.27 13.57 18.50
N VAL G 183 -9.76 14.37 19.43
CA VAL G 183 -10.08 14.14 20.83
C VAL G 183 -10.71 15.36 21.52
N THR G 184 -11.87 15.19 22.14
CA THR G 184 -12.55 16.27 22.85
C THR G 184 -12.56 16.02 24.33
N TYR G 185 -11.96 16.91 25.12
CA TYR G 185 -11.91 16.62 26.54
C TYR G 185 -12.99 17.28 27.36
N SER G 186 -13.03 17.01 28.67
CA SER G 186 -14.19 17.52 29.39
C SER G 186 -13.99 18.93 29.93
N CYS G 187 -12.74 19.30 30.13
CA CYS G 187 -12.37 20.68 30.41
C CYS G 187 -12.89 21.66 29.35
N CYS G 188 -12.37 21.51 28.13
CA CYS G 188 -12.59 22.46 27.05
C CYS G 188 -13.44 21.95 25.92
N PRO G 189 -14.32 22.83 25.41
CA PRO G 189 -15.36 22.48 24.43
C PRO G 189 -14.83 22.23 23.02
N GLU G 190 -13.56 21.84 22.88
CA GLU G 190 -12.90 21.92 21.58
C GLU G 190 -12.10 20.66 21.28
N ALA G 191 -12.07 20.29 20.01
CA ALA G 191 -11.42 19.07 19.58
C ALA G 191 -9.94 19.29 19.31
N TYR G 192 -9.12 18.35 19.74
CA TYR G 192 -7.70 18.36 19.40
C TYR G 192 -7.30 17.14 18.58
N GLU G 193 -6.83 17.41 17.36
CA GLU G 193 -6.48 16.37 16.41
C GLU G 193 -5.05 15.93 16.55
N ASP G 194 -4.79 14.65 16.28
CA ASP G 194 -3.41 14.17 16.21
C ASP G 194 -3.32 13.13 15.10
N VAL G 195 -2.11 12.88 14.64
CA VAL G 195 -1.85 11.77 13.72
C VAL G 195 -1.12 10.66 14.46
N GLU G 196 -1.72 9.48 14.51
CA GLU G 196 -1.09 8.35 15.20
C GLU G 196 -0.32 7.54 14.17
N VAL G 197 0.98 7.37 14.43
CA VAL G 197 1.85 6.62 13.53
C VAL G 197 2.25 5.31 14.19
N SER G 198 1.85 4.19 13.58
CA SER G 198 2.16 2.87 14.13
C SER G 198 3.37 2.28 13.41
N LEU G 199 4.43 2.07 14.16
CA LEU G 199 5.66 1.53 13.62
C LEU G 199 5.84 0.05 14.03
N ASN G 200 5.58 -0.85 13.08
CA ASN G 200 5.77 -2.29 13.26
C ASN G 200 7.16 -2.71 12.85
N PHE G 201 8.00 -3.06 13.83
CA PHE G 201 9.40 -3.34 13.55
C PHE G 201 9.89 -4.51 14.40
N ARG G 202 10.98 -5.15 13.98
CA ARG G 202 11.56 -6.22 14.76
C ARG G 202 13.07 -6.24 14.57
N LYS G 203 13.76 -6.96 15.43
CA LYS G 203 15.18 -7.12 15.30
C LYS G 203 15.45 -8.16 14.19
N LYS G 204 16.55 -7.99 13.46
CA LYS G 204 16.87 -8.86 12.33
C LYS G 204 17.27 -10.29 12.74
N LEU H 1 5.78 55.93 40.80
CA LEU H 1 6.53 54.86 40.16
C LEU H 1 5.86 53.53 40.36
N ASP H 2 5.65 52.79 39.28
CA ASP H 2 5.21 51.39 39.40
C ASP H 2 6.30 50.45 38.88
N ARG H 3 6.05 49.13 38.95
CA ARG H 3 7.05 48.16 38.53
C ARG H 3 7.45 48.35 37.08
N ALA H 4 6.46 48.66 36.24
CA ALA H 4 6.72 48.84 34.80
C ALA H 4 7.73 49.96 34.58
N ASP H 5 7.56 51.07 35.29
CA ASP H 5 8.48 52.19 35.16
C ASP H 5 9.88 51.85 35.65
N ILE H 6 9.93 51.23 36.82
CA ILE H 6 11.21 50.89 37.42
C ILE H 6 12.00 49.95 36.48
N LEU H 7 11.32 48.95 35.92
CA LEU H 7 12.00 47.99 35.07
C LEU H 7 12.35 48.61 33.72
N TYR H 8 11.48 49.47 33.20
CA TYR H 8 11.80 50.26 32.02
C TYR H 8 13.09 51.10 32.22
N ASN H 9 13.16 51.88 33.29
CA ASN H 9 14.38 52.65 33.53
C ASN H 9 15.63 51.79 33.74
N ILE H 10 15.48 50.70 34.48
CA ILE H 10 16.63 49.84 34.75
C ILE H 10 17.17 49.31 33.45
N ARG H 11 16.25 48.91 32.58
CA ARG H 11 16.64 48.35 31.30
C ARG H 11 17.29 49.37 30.37
N GLN H 12 16.70 50.57 30.33
CA GLN H 12 17.21 51.62 29.47
C GLN H 12 18.57 52.19 29.91
N THR H 13 18.90 52.09 31.20
CA THR H 13 20.02 52.88 31.73
C THR H 13 21.17 52.10 32.37
N SER H 14 20.90 50.87 32.76
CA SER H 14 21.91 50.07 33.44
C SER H 14 22.94 49.55 32.46
N ARG H 15 24.20 49.54 32.90
CA ARG H 15 25.26 49.08 32.02
C ARG H 15 25.86 47.77 32.56
N PRO H 16 25.36 46.61 32.07
CA PRO H 16 25.78 45.28 32.54
C PRO H 16 27.27 45.08 32.43
N ASP H 17 27.90 45.77 31.48
CA ASP H 17 29.31 45.64 31.22
C ASP H 17 30.16 46.48 32.20
N VAL H 18 29.50 47.29 33.01
CA VAL H 18 30.20 48.28 33.83
C VAL H 18 30.09 48.01 35.32
N ILE H 19 31.22 47.63 35.91
CA ILE H 19 31.27 47.32 37.33
C ILE H 19 30.91 48.59 38.11
N PRO H 20 29.94 48.46 39.04
CA PRO H 20 29.41 49.62 39.78
C PRO H 20 30.37 50.07 40.88
N THR H 21 31.63 50.28 40.53
CA THR H 21 32.55 50.88 41.47
C THR H 21 32.08 52.22 41.89
N GLN H 22 32.15 52.41 43.18
CA GLN H 22 31.66 53.61 43.75
C GLN H 22 32.92 54.11 44.27
N ARG H 23 33.46 55.19 43.71
CA ARG H 23 34.40 55.99 44.49
C ARG H 23 35.85 55.51 44.32
N ASP H 24 36.10 54.64 43.34
CA ASP H 24 37.30 53.80 43.32
C ASP H 24 37.48 52.92 44.52
N ARG H 25 36.40 52.49 45.11
CA ARG H 25 36.51 51.41 46.04
C ARG H 25 35.98 50.17 45.39
N PRO H 26 36.47 49.03 45.86
CA PRO H 26 35.95 47.79 45.33
C PRO H 26 34.44 47.67 45.57
N VAL H 27 33.80 46.91 44.70
CA VAL H 27 32.43 46.49 44.93
C VAL H 27 32.44 45.36 45.92
N ALA H 28 31.74 45.54 47.03
CA ALA H 28 31.70 44.51 48.06
C ALA H 28 30.73 43.41 47.64
N VAL H 29 31.27 42.29 47.20
CA VAL H 29 30.42 41.15 46.86
C VAL H 29 30.45 40.09 47.95
N SER H 30 29.27 39.69 48.42
CA SER H 30 29.15 38.63 49.40
C SER H 30 28.73 37.32 48.75
N VAL H 31 29.46 36.24 49.05
CA VAL H 31 29.14 34.93 48.51
C VAL H 31 28.90 33.94 49.64
N SER H 32 27.89 33.11 49.49
CA SER H 32 27.59 32.07 50.47
C SER H 32 26.91 30.88 49.80
N LEU H 33 27.54 29.71 49.85
CA LEU H 33 26.95 28.51 49.24
C LEU H 33 26.03 27.78 50.21
N LYS H 34 24.79 27.56 49.80
CA LYS H 34 23.86 26.71 50.54
C LYS H 34 23.72 25.36 49.83
N PHE H 35 24.37 24.33 50.37
CA PHE H 35 24.35 23.03 49.72
C PHE H 35 22.98 22.38 49.79
N ILE H 36 22.58 21.80 48.66
CA ILE H 36 21.25 21.23 48.53
C ILE H 36 21.37 19.72 48.33
N ASN H 37 22.39 19.30 47.60
CA ASN H 37 22.58 17.91 47.32
C ASN H 37 24.01 17.58 46.92
N ILE H 38 24.47 16.40 47.35
CA ILE H 38 25.69 15.80 46.84
C ILE H 38 25.29 14.58 46.04
N LEU H 39 25.60 14.57 44.75
CA LEU H 39 24.88 13.67 43.85
C LEU H 39 25.71 12.49 43.40
N GLU H 40 26.96 12.76 43.09
CA GLU H 40 27.84 11.72 42.65
C GLU H 40 29.24 11.98 43.16
N VAL H 41 29.82 10.97 43.77
CA VAL H 41 31.09 11.09 44.44
C VAL H 41 32.00 9.96 43.98
N ASN H 42 33.27 10.28 43.77
CA ASN H 42 34.24 9.32 43.30
C ASN H 42 35.55 9.47 44.05
N GLU H 43 35.81 8.57 45.00
CA GLU H 43 36.99 8.65 45.86
C GLU H 43 38.25 8.33 45.09
N ILE H 44 38.11 7.62 43.98
CA ILE H 44 39.26 7.30 43.15
C ILE H 44 39.71 8.51 42.33
N THR H 45 38.77 9.13 41.63
CA THR H 45 39.09 10.28 40.77
C THR H 45 39.11 11.60 41.52
N ASN H 46 38.64 11.60 42.78
CA ASN H 46 38.56 12.80 43.58
C ASN H 46 37.69 13.87 42.92
N GLU H 47 36.47 13.48 42.57
CA GLU H 47 35.55 14.36 41.88
C GLU H 47 34.19 14.27 42.52
N VAL H 48 33.55 15.42 42.74
CA VAL H 48 32.21 15.45 43.30
C VAL H 48 31.23 16.22 42.41
N ASP H 49 29.97 15.81 42.47
CA ASP H 49 28.89 16.43 41.71
C ASP H 49 27.91 17.04 42.71
N VAL H 50 27.82 18.36 42.73
CA VAL H 50 27.14 19.07 43.81
C VAL H 50 26.03 20.00 43.30
N VAL H 51 24.96 20.12 44.07
CA VAL H 51 23.94 21.11 43.81
C VAL H 51 23.90 22.10 44.96
N PHE H 52 24.08 23.38 44.64
CA PHE H 52 24.06 24.40 45.68
C PHE H 52 23.36 25.68 45.23
N TRP H 53 22.86 26.43 46.22
CA TRP H 53 22.33 27.76 45.95
C TRP H 53 23.41 28.79 46.24
N GLN H 54 23.91 29.44 45.20
CA GLN H 54 24.98 30.42 45.37
C GLN H 54 24.44 31.81 45.71
N GLN H 55 24.16 32.03 47.00
CA GLN H 55 23.67 33.32 47.49
C GLN H 55 24.68 34.41 47.26
N THR H 56 24.40 35.28 46.29
CA THR H 56 25.31 36.36 45.92
C THR H 56 24.61 37.73 46.15
N THR H 57 25.39 38.75 46.48
CA THR H 57 24.84 39.98 47.00
C THR H 57 25.81 41.11 46.85
N TRP H 58 25.32 42.24 46.36
CA TRP H 58 26.15 43.40 46.21
C TRP H 58 25.28 44.61 45.97
N SER H 59 25.92 45.71 45.61
CA SER H 59 25.25 47.00 45.53
C SER H 59 25.55 47.73 44.23
N ASP H 60 24.52 48.24 43.59
CA ASP H 60 24.67 49.03 42.38
C ASP H 60 23.75 50.21 42.49
N ARG H 61 24.30 51.36 42.89
CA ARG H 61 23.41 52.50 43.16
C ARG H 61 22.80 53.05 41.88
N THR H 62 23.39 52.77 40.73
CA THR H 62 22.78 53.21 39.47
C THR H 62 21.42 52.54 39.25
N LEU H 63 21.10 51.54 40.08
CA LEU H 63 19.80 50.89 40.04
C LEU H 63 18.78 51.52 40.97
N ALA H 64 19.22 52.38 41.89
CA ALA H 64 18.36 52.89 42.97
C ALA H 64 17.23 53.76 42.45
N TRP H 65 16.15 53.80 43.23
CA TRP H 65 15.04 54.71 42.95
C TRP H 65 14.38 55.13 44.26
N ASN H 66 13.58 56.18 44.19
CA ASN H 66 12.84 56.69 45.35
C ASN H 66 11.56 55.90 45.58
N SER H 67 11.57 55.00 46.56
CA SER H 67 10.45 54.08 46.76
C SER H 67 9.32 54.65 47.62
N SER H 68 9.14 55.97 47.56
CA SER H 68 8.14 56.66 48.39
C SER H 68 6.74 56.06 48.29
N HIS H 69 6.10 56.16 47.12
CA HIS H 69 4.86 55.43 46.86
C HIS H 69 5.14 54.46 45.72
N SER H 70 6.10 53.58 45.93
CA SER H 70 6.57 52.71 44.89
C SER H 70 6.95 51.39 45.50
N PRO H 71 7.01 50.33 44.69
CA PRO H 71 7.51 49.05 45.17
C PRO H 71 8.90 49.20 45.76
N ASP H 72 9.18 48.49 46.85
CA ASP H 72 10.50 48.53 47.44
C ASP H 72 11.48 47.64 46.66
N GLN H 73 10.96 46.61 46.00
CA GLN H 73 11.79 45.63 45.30
C GLN H 73 11.19 45.19 43.96
N VAL H 74 12.05 44.78 43.04
CA VAL H 74 11.60 44.16 41.80
C VAL H 74 12.49 42.99 41.41
N SER H 75 11.95 42.07 40.62
CA SER H 75 12.78 41.00 40.06
C SER H 75 13.25 41.42 38.68
N VAL H 76 14.55 41.30 38.43
CA VAL H 76 15.14 41.80 37.21
C VAL H 76 15.96 40.71 36.53
N PRO H 77 15.79 40.53 35.20
CA PRO H 77 16.65 39.57 34.47
C PRO H 77 18.12 39.96 34.60
N ILE H 78 19.01 39.00 34.85
CA ILE H 78 20.41 39.38 35.07
C ILE H 78 21.10 39.90 33.81
N SER H 79 20.51 39.63 32.66
CA SER H 79 21.04 40.17 31.42
C SER H 79 20.93 41.72 31.40
N SER H 80 20.09 42.29 32.27
CA SER H 80 19.97 43.74 32.38
C SER H 80 20.75 44.34 33.55
N LEU H 81 21.55 43.52 34.23
CA LEU H 81 22.33 43.97 35.37
C LEU H 81 23.79 43.67 35.21
N TRP H 82 24.63 44.45 35.86
CA TRP H 82 25.99 44.01 36.08
C TRP H 82 25.99 42.87 37.09
N VAL H 83 26.82 41.86 36.83
CA VAL H 83 26.93 40.71 37.70
C VAL H 83 28.40 40.37 37.88
N PRO H 84 28.83 40.09 39.13
CA PRO H 84 30.20 39.66 39.40
C PRO H 84 30.63 38.47 38.53
N ASP H 85 31.82 38.54 37.93
CA ASP H 85 32.34 37.44 37.14
C ASP H 85 32.94 36.36 38.05
N LEU H 86 32.12 35.84 38.96
CA LEU H 86 32.58 34.80 39.88
C LEU H 86 32.82 33.48 39.18
N ALA H 87 33.90 32.79 39.53
CA ALA H 87 34.16 31.44 39.05
C ALA H 87 34.67 30.57 40.18
N ALA H 88 34.38 29.28 40.09
CA ALA H 88 34.96 28.31 41.03
C ALA H 88 36.28 27.82 40.44
N TYR H 89 37.39 28.09 41.13
CA TYR H 89 38.73 27.76 40.60
C TYR H 89 38.94 26.27 40.34
N ASN H 90 38.33 25.41 41.14
CA ASN H 90 38.54 23.99 40.97
C ASN H 90 37.34 23.28 40.35
N ALA H 91 36.54 24.03 39.61
CA ALA H 91 35.40 23.45 38.89
C ALA H 91 35.89 22.74 37.64
N ILE H 92 35.27 21.60 37.31
CA ILE H 92 35.70 20.85 36.13
C ILE H 92 34.54 20.65 35.14
N SER H 93 33.43 21.31 35.40
CA SER H 93 32.32 21.36 34.47
C SER H 93 31.74 22.76 34.48
N LYS H 94 31.04 23.12 33.41
CA LYS H 94 30.29 24.38 33.34
C LYS H 94 29.25 24.40 34.44
N PRO H 95 29.07 25.55 35.08
CA PRO H 95 27.97 25.68 36.04
C PRO H 95 26.64 25.54 35.32
N GLU H 96 25.85 24.54 35.68
CA GLU H 96 24.54 24.35 35.08
C GLU H 96 23.50 25.00 35.98
N VAL H 97 23.00 26.15 35.52
CA VAL H 97 22.02 26.90 36.27
C VAL H 97 20.63 26.29 36.14
N LEU H 98 20.05 25.92 37.27
CA LEU H 98 18.78 25.21 37.29
C LEU H 98 17.54 26.10 37.42
N THR H 99 17.75 27.37 37.75
CA THR H 99 16.66 28.27 38.10
C THR H 99 16.51 29.47 37.14
N PRO H 100 15.34 30.15 37.18
CA PRO H 100 15.15 31.39 36.39
C PRO H 100 16.25 32.38 36.69
N GLN H 101 16.89 32.89 35.63
CA GLN H 101 18.01 33.82 35.79
C GLN H 101 17.54 35.23 36.16
N LEU H 102 16.92 35.36 37.33
CA LEU H 102 16.48 36.67 37.82
C LEU H 102 17.23 37.06 39.07
N ALA H 103 17.41 38.36 39.28
CA ALA H 103 17.99 38.88 40.52
C ALA H 103 16.95 39.73 41.20
N ARG H 104 17.07 39.86 42.51
CA ARG H 104 16.13 40.67 43.27
C ARG H 104 16.79 42.00 43.59
N VAL H 105 16.16 43.10 43.18
CA VAL H 105 16.78 44.41 43.35
C VAL H 105 15.96 45.26 44.28
N VAL H 106 16.61 45.76 45.33
CA VAL H 106 15.95 46.65 46.30
C VAL H 106 16.15 48.10 45.89
N SER H 107 15.22 48.97 46.30
CA SER H 107 15.21 50.37 45.85
C SER H 107 16.46 51.15 46.18
N ASP H 108 17.26 50.66 47.13
CA ASP H 108 18.50 51.35 47.51
C ASP H 108 19.67 50.92 46.63
N GLY H 109 19.43 49.94 45.76
CA GLY H 109 20.48 49.44 44.89
C GLY H 109 21.06 48.11 45.34
N GLU H 110 20.52 47.55 46.42
CA GLU H 110 21.00 46.24 46.87
C GLU H 110 20.52 45.18 45.90
N VAL H 111 21.41 44.25 45.56
CA VAL H 111 21.05 43.20 44.61
C VAL H 111 21.30 41.84 45.22
N LEU H 112 20.33 40.94 45.09
CA LEU H 112 20.49 39.54 45.51
C LEU H 112 20.27 38.61 44.32
N TYR H 113 21.31 37.87 43.96
CA TYR H 113 21.22 36.87 42.91
C TYR H 113 21.57 35.52 43.54
N MET H 114 20.62 34.59 43.53
CA MET H 114 20.82 33.31 44.19
C MET H 114 20.40 32.15 43.27
N PRO H 115 21.25 31.84 42.28
CA PRO H 115 20.92 30.74 41.38
C PRO H 115 21.11 29.40 42.05
N SER H 116 20.39 28.39 41.56
CA SER H 116 20.67 27.01 41.95
C SER H 116 21.55 26.39 40.90
N ILE H 117 22.71 25.90 41.31
CA ILE H 117 23.72 25.43 40.37
C ILE H 117 24.09 23.97 40.60
N ARG H 118 24.20 23.22 39.50
CA ARG H 118 24.80 21.91 39.56
C ARG H 118 26.16 21.97 38.89
N GLN H 119 27.19 21.53 39.61
CA GLN H 119 28.56 21.61 39.09
C GLN H 119 29.46 20.50 39.63
N ARG H 120 30.45 20.09 38.84
CA ARG H 120 31.42 19.11 39.30
C ARG H 120 32.69 19.81 39.75
N PHE H 121 33.28 19.30 40.82
CA PHE H 121 34.53 19.84 41.31
C PHE H 121 35.64 18.80 41.49
N SER H 122 36.87 19.29 41.41
CA SER H 122 38.03 18.50 41.76
C SER H 122 38.43 18.87 43.18
N CYS H 123 38.20 17.96 44.11
CA CYS H 123 38.52 18.20 45.51
C CYS H 123 38.83 16.88 46.24
N ASP H 124 39.21 16.97 47.52
CA ASP H 124 39.59 15.81 48.30
C ASP H 124 38.37 15.04 48.79
N VAL H 125 38.20 13.84 48.24
CA VAL H 125 37.05 13.00 48.55
C VAL H 125 37.44 11.88 49.53
N SER H 126 38.74 11.78 49.79
CA SER H 126 39.25 10.75 50.71
C SER H 126 38.60 10.85 52.08
N GLY H 127 38.14 9.72 52.58
CA GLY H 127 37.52 9.65 53.89
C GLY H 127 36.01 9.78 53.87
N VAL H 128 35.43 9.70 52.67
CA VAL H 128 33.99 9.92 52.54
C VAL H 128 33.16 8.83 53.21
N ASP H 129 33.73 7.64 53.33
CA ASP H 129 33.07 6.55 54.06
C ASP H 129 33.44 6.49 55.51
N THR H 130 34.64 6.95 55.83
CA THR H 130 35.02 7.24 57.20
C THR H 130 33.93 8.07 57.87
N GLU H 131 33.69 7.81 59.17
CA GLU H 131 32.70 8.61 59.91
C GLU H 131 33.16 10.07 59.93
N SER H 132 34.49 10.26 59.90
CA SER H 132 35.06 11.56 60.25
C SER H 132 34.81 12.39 58.98
N GLY H 133 34.62 11.69 57.86
CA GLY H 133 34.11 12.29 56.65
C GLY H 133 35.19 12.83 55.75
N ALA H 134 34.81 13.14 54.51
CA ALA H 134 35.68 13.85 53.58
C ALA H 134 35.50 15.35 53.78
N THR H 135 36.49 16.13 53.34
CA THR H 135 36.38 17.58 53.34
C THR H 135 36.76 18.13 51.97
N CYS H 136 35.74 18.52 51.20
CA CYS H 136 35.92 19.05 49.86
C CYS H 136 35.95 20.58 49.90
N ARG H 137 37.02 21.18 49.39
CA ARG H 137 37.15 22.64 49.43
C ARG H 137 36.88 23.26 48.06
N ILE H 138 36.01 24.26 48.03
CA ILE H 138 35.66 24.95 46.80
C ILE H 138 36.05 26.43 46.92
N LYS H 139 36.84 26.92 45.98
CA LYS H 139 37.25 28.32 45.99
C LYS H 139 36.54 29.14 44.91
N ILE H 140 35.90 30.22 45.35
CA ILE H 140 35.16 31.10 44.45
C ILE H 140 35.68 32.53 44.50
N GLY H 141 36.05 33.07 43.34
CA GLY H 141 36.48 34.46 43.26
C GLY H 141 36.16 35.10 41.91
N SER H 142 36.44 36.39 41.80
CA SER H 142 36.33 37.06 40.52
C SER H 142 37.36 36.47 39.57
N TRP H 143 36.96 36.28 38.32
CA TRP H 143 37.85 35.70 37.35
C TRP H 143 38.81 36.75 36.78
N THR H 144 38.38 38.01 36.66
CA THR H 144 39.23 39.01 36.01
C THR H 144 39.46 40.28 36.82
N HIS H 145 38.71 40.46 37.91
CA HIS H 145 38.84 41.66 38.74
C HIS H 145 39.69 41.40 39.99
N HIS H 146 40.56 42.35 40.34
CA HIS H 146 41.38 42.21 41.54
C HIS H 146 40.71 42.89 42.73
N SER H 147 41.36 42.79 43.89
CA SER H 147 40.75 43.13 45.18
C SER H 147 40.29 44.59 45.30
N ARG H 148 40.75 45.44 44.40
CA ARG H 148 40.38 46.84 44.50
C ARG H 148 39.25 47.21 43.58
N GLU H 149 38.84 46.23 42.79
CA GLU H 149 37.67 46.38 41.95
C GLU H 149 36.54 45.53 42.54
N ILE H 150 36.87 44.31 42.96
CA ILE H 150 35.91 43.44 43.62
C ILE H 150 36.52 42.82 44.88
N SER H 151 35.83 42.93 45.99
CA SER H 151 36.22 42.16 47.17
C SER H 151 35.15 41.12 47.43
N VAL H 152 35.57 39.88 47.69
CA VAL H 152 34.62 38.83 48.04
C VAL H 152 34.68 38.56 49.54
N ASP H 153 33.53 38.27 50.13
CA ASP H 153 33.46 37.98 51.55
C ASP H 153 32.38 36.95 51.82
N PRO H 154 32.58 36.11 52.84
CA PRO H 154 31.54 35.19 53.30
C PRO H 154 30.41 35.95 54.01
N THR H 155 29.40 35.23 54.46
CA THR H 155 28.28 35.85 55.12
C THR H 155 28.21 35.48 56.59
N SER H 162 23.71 23.53 54.87
CA SER H 162 23.36 22.51 55.86
C SER H 162 21.85 22.40 56.10
N GLU H 163 21.16 23.54 56.13
CA GLU H 163 19.74 23.60 56.50
C GLU H 163 18.79 23.25 55.34
N TYR H 164 19.21 23.53 54.11
CA TYR H 164 18.35 23.26 52.95
C TYR H 164 18.80 22.01 52.24
N PHE H 165 19.65 21.23 52.91
CA PHE H 165 20.21 20.04 52.28
C PHE H 165 19.18 18.92 52.20
N SER H 166 19.24 18.14 51.13
CA SER H 166 18.24 17.12 50.88
C SER H 166 18.33 15.99 51.89
N GLN H 167 17.19 15.66 52.50
CA GLN H 167 17.14 14.52 53.41
C GLN H 167 17.28 13.20 52.66
N TYR H 168 17.19 13.23 51.34
CA TYR H 168 17.18 12.00 50.57
C TYR H 168 18.52 11.73 49.91
N SER H 169 19.49 12.57 50.18
CA SER H 169 20.82 12.36 49.61
C SER H 169 21.46 11.10 50.20
N ARG H 170 22.37 10.46 49.45
CA ARG H 170 23.15 9.36 50.01
C ARG H 170 24.14 9.86 51.04
N PHE H 171 24.24 11.17 51.15
CA PHE H 171 25.26 11.76 52.00
C PHE H 171 24.63 12.67 53.02
N GLU H 172 25.44 13.10 53.98
CA GLU H 172 25.00 14.07 54.97
C GLU H 172 26.13 15.04 55.27
N ILE H 173 25.78 16.21 55.78
CA ILE H 173 26.77 17.24 56.03
C ILE H 173 27.15 17.29 57.50
N LEU H 174 28.45 17.13 57.78
CA LEU H 174 28.94 17.28 59.14
C LEU H 174 29.15 18.75 59.47
N ASP H 175 29.85 19.45 58.58
CA ASP H 175 30.17 20.85 58.82
C ASP H 175 30.45 21.61 57.51
N VAL H 176 30.08 22.88 57.50
CA VAL H 176 30.45 23.78 56.41
C VAL H 176 31.08 25.05 56.96
N THR H 177 32.29 25.35 56.53
CA THR H 177 32.92 26.59 56.93
C THR H 177 33.31 27.40 55.71
N GLN H 178 33.12 28.71 55.82
CA GLN H 178 33.47 29.63 54.76
C GLN H 178 34.48 30.65 55.26
N LYS H 179 35.57 30.77 54.52
CA LYS H 179 36.75 31.53 54.91
C LYS H 179 37.27 32.34 53.74
N LYS H 180 37.85 33.50 54.00
CA LYS H 180 38.32 34.36 52.91
C LYS H 180 39.83 34.35 52.75
N ASN H 181 40.29 34.13 51.52
CA ASN H 181 41.71 34.21 51.22
C ASN H 181 42.03 35.46 50.49
N SER H 182 43.16 35.95 50.93
CA SER H 182 43.78 37.14 50.44
C SER H 182 45.24 36.72 50.40
N VAL H 183 45.83 36.85 49.25
CA VAL H 183 47.21 36.50 49.04
C VAL H 183 47.84 37.62 48.24
N THR H 184 49.04 38.04 48.63
CA THR H 184 49.82 38.97 47.84
C THR H 184 50.98 38.30 47.20
N TYR H 185 51.12 38.49 45.89
CA TYR H 185 52.17 37.83 45.12
C TYR H 185 53.30 38.80 44.78
N SER H 186 54.42 38.22 44.34
CA SER H 186 55.56 39.03 43.90
C SER H 186 55.27 39.68 42.55
N CYS H 187 54.60 38.95 41.65
CA CYS H 187 54.24 39.47 40.33
C CYS H 187 53.46 40.79 40.40
N CYS H 188 52.46 40.84 41.26
CA CYS H 188 51.44 41.88 41.22
C CYS H 188 51.35 42.61 42.56
N PRO H 189 51.08 43.93 42.51
CA PRO H 189 50.89 44.75 43.72
C PRO H 189 49.52 44.56 44.37
N GLU H 190 48.62 43.82 43.72
CA GLU H 190 47.27 43.64 44.23
C GLU H 190 47.08 42.28 44.89
N ALA H 191 46.21 42.26 45.90
CA ALA H 191 45.84 41.03 46.58
C ALA H 191 44.78 40.31 45.76
N TYR H 192 44.76 38.97 45.79
CA TYR H 192 43.72 38.26 45.06
C TYR H 192 42.69 37.70 46.02
N GLU H 193 41.39 37.99 45.82
CA GLU H 193 40.49 37.47 46.83
C GLU H 193 39.63 36.33 46.34
N ASP H 194 39.47 35.34 47.21
CA ASP H 194 38.51 34.29 46.97
C ASP H 194 37.84 33.92 48.29
N VAL H 195 36.72 33.23 48.20
CA VAL H 195 36.09 32.64 49.37
C VAL H 195 36.26 31.12 49.29
N GLU H 196 36.88 30.55 50.32
CA GLU H 196 37.07 29.11 50.37
C GLU H 196 35.95 28.51 51.18
N VAL H 197 35.24 27.57 50.57
CA VAL H 197 34.14 26.89 51.23
C VAL H 197 34.50 25.43 51.51
N SER H 198 34.53 25.05 52.78
CA SER H 198 34.95 23.70 53.16
C SER H 198 33.72 22.87 53.48
N LEU H 199 33.51 21.85 52.68
CA LEU H 199 32.34 20.99 52.83
C LEU H 199 32.75 19.67 53.47
N ASN H 200 32.42 19.51 54.75
CA ASN H 200 32.65 18.27 55.49
C ASN H 200 31.44 17.35 55.42
N PHE H 201 31.57 16.27 54.65
CA PHE H 201 30.45 15.38 54.40
C PHE H 201 30.90 13.92 54.42
N ARG H 202 29.94 13.02 54.62
CA ARG H 202 30.21 11.59 54.58
C ARG H 202 29.01 10.84 54.05
N LYS H 203 29.23 9.59 53.67
CA LYS H 203 28.13 8.74 53.26
C LYS H 203 27.37 8.26 54.51
N LYS H 204 26.05 8.09 54.37
CA LYS H 204 25.21 7.71 55.51
C LYS H 204 25.45 6.28 55.98
N LEU I 1 37.67 60.49 31.99
CA LEU I 1 37.20 59.17 31.57
C LEU I 1 36.97 58.27 32.76
N ASP I 2 35.78 57.68 32.84
CA ASP I 2 35.54 56.61 33.80
C ASP I 2 35.27 55.29 33.07
N ARG I 3 35.06 54.22 33.83
CA ARG I 3 34.87 52.91 33.23
C ARG I 3 33.69 52.90 32.27
N ALA I 4 32.61 53.57 32.67
CA ALA I 4 31.41 53.62 31.86
C ALA I 4 31.70 54.19 30.47
N ASP I 5 32.49 55.26 30.42
CA ASP I 5 32.83 55.90 29.15
C ASP I 5 33.69 54.99 28.30
N ILE I 6 34.71 54.42 28.92
CA ILE I 6 35.64 53.54 28.23
C ILE I 6 34.91 52.34 27.61
N LEU I 7 34.02 51.73 28.38
CA LEU I 7 33.30 50.58 27.88
C LEU I 7 32.27 50.98 26.82
N TYR I 8 31.68 52.16 26.99
CA TYR I 8 30.76 52.71 26.00
C TYR I 8 31.48 52.88 24.67
N ASN I 9 32.65 53.51 24.68
CA ASN I 9 33.38 53.73 23.44
C ASN I 9 33.86 52.44 22.79
N ILE I 10 34.36 51.53 23.62
CA ILE I 10 34.85 50.25 23.12
C ILE I 10 33.71 49.54 22.41
N ARG I 11 32.56 49.52 23.05
CA ARG I 11 31.42 48.88 22.46
C ARG I 11 30.91 49.52 21.17
N GLN I 12 30.80 50.83 21.16
CA GLN I 12 30.34 51.57 19.99
C GLN I 12 31.29 51.52 18.80
N THR I 13 32.59 51.39 19.06
CA THR I 13 33.55 51.44 17.96
C THR I 13 34.12 50.07 17.56
N SER I 14 34.23 49.16 18.52
CA SER I 14 35.03 47.96 18.27
C SER I 14 34.40 47.02 17.24
N ARG I 15 35.21 46.65 16.26
CA ARG I 15 34.81 45.74 15.19
C ARG I 15 35.43 44.35 15.39
N PRO I 16 34.72 43.48 16.12
CA PRO I 16 35.12 42.12 16.49
C PRO I 16 35.50 41.27 15.29
N ASP I 17 35.01 41.67 14.13
CA ASP I 17 35.18 40.94 12.90
C ASP I 17 36.49 41.33 12.22
N VAL I 18 37.15 42.36 12.75
CA VAL I 18 38.28 42.98 12.06
C VAL I 18 39.60 42.79 12.79
N ILE I 19 40.48 41.98 12.20
CA ILE I 19 41.78 41.71 12.81
C ILE I 19 42.57 43.03 12.90
N PRO I 20 43.04 43.35 14.11
CA PRO I 20 43.73 44.62 14.36
C PRO I 20 45.13 44.63 13.77
N THR I 21 45.22 44.43 12.46
CA THR I 21 46.51 44.40 11.81
C THR I 21 46.98 45.84 11.87
N GLN I 22 48.21 45.99 12.28
CA GLN I 22 48.83 47.28 12.36
C GLN I 22 49.84 47.22 11.26
N ARG I 23 49.69 48.03 10.23
CA ARG I 23 50.72 48.11 9.20
C ARG I 23 50.92 47.07 8.16
N ASP I 24 49.99 46.16 8.00
CA ASP I 24 50.28 44.93 7.28
C ASP I 24 51.37 44.10 7.95
N ARG I 25 51.53 44.25 9.24
CA ARG I 25 52.19 43.21 9.96
C ARG I 25 51.25 42.35 10.72
N PRO I 26 51.69 41.10 10.92
CA PRO I 26 50.85 40.19 11.67
C PRO I 26 50.54 40.72 13.06
N VAL I 27 49.40 40.31 13.59
CA VAL I 27 49.09 40.55 14.98
C VAL I 27 49.86 39.52 15.79
N ALA I 28 50.70 40.00 16.70
CA ALA I 28 51.49 39.10 17.55
C ALA I 28 50.64 38.52 18.66
N VAL I 29 50.27 37.25 18.53
CA VAL I 29 49.46 36.60 19.55
C VAL I 29 50.32 35.63 20.35
N SER I 30 50.26 35.74 21.67
CA SER I 30 51.02 34.85 22.54
C SER I 30 50.07 33.87 23.19
N VAL I 31 50.44 32.60 23.14
CA VAL I 31 49.63 31.55 23.74
C VAL I 31 50.43 30.76 24.74
N SER I 32 49.81 30.44 25.87
CA SER I 32 50.47 29.65 26.89
C SER I 32 49.45 28.87 27.71
N LEU I 33 49.55 27.55 27.70
CA LEU I 33 48.60 26.73 28.43
C LEU I 33 49.07 26.45 29.86
N LYS I 34 48.22 26.75 30.83
CA LYS I 34 48.49 26.44 32.22
C LYS I 34 47.59 25.27 32.63
N PHE I 35 48.16 24.07 32.70
CA PHE I 35 47.35 22.90 33.01
C PHE I 35 46.88 22.89 34.45
N ILE I 36 45.61 22.52 34.61
CA ILE I 36 44.95 22.59 35.90
C ILE I 36 44.55 21.19 36.33
N ASN I 37 44.13 20.38 35.37
CA ASN I 37 43.75 19.01 35.68
C ASN I 37 43.81 18.10 34.46
N ILE I 38 44.22 16.86 34.70
CA ILE I 38 44.07 15.78 33.74
C ILE I 38 42.99 14.87 34.31
N LEU I 39 41.88 14.73 33.59
CA LEU I 39 40.67 14.18 34.19
C LEU I 39 40.36 12.75 33.79
N GLU I 40 40.53 12.45 32.52
CA GLU I 40 40.26 11.11 32.05
C GLU I 40 41.24 10.74 30.96
N VAL I 41 41.86 9.58 31.14
CA VAL I 41 42.94 9.16 30.27
C VAL I 41 42.63 7.75 29.76
N ASN I 42 42.95 7.48 28.50
CA ASN I 42 42.67 6.19 27.90
C ASN I 42 43.84 5.77 27.01
N GLU I 43 44.66 4.85 27.52
CA GLU I 43 45.87 4.44 26.81
C GLU I 43 45.54 3.58 25.60
N ILE I 44 44.36 2.97 25.60
CA ILE I 44 43.90 2.20 24.46
C ILE I 44 43.49 3.09 23.30
N THR I 45 42.61 4.06 23.58
CA THR I 45 42.08 4.94 22.53
C THR I 45 42.97 6.14 22.27
N ASN I 46 43.98 6.35 23.11
CA ASN I 46 44.89 7.49 22.97
C ASN I 46 44.13 8.83 23.03
N GLU I 47 43.34 8.99 24.08
CA GLU I 47 42.52 10.17 24.25
C GLU I 47 42.64 10.68 25.67
N VAL I 48 42.82 11.99 25.82
CA VAL I 48 42.89 12.60 27.13
C VAL I 48 41.84 13.70 27.30
N ASP I 49 41.39 13.86 28.54
CA ASP I 49 40.44 14.89 28.93
C ASP I 49 41.17 15.86 29.85
N VAL I 50 41.33 17.10 29.40
CA VAL I 50 42.22 18.06 30.08
C VAL I 50 41.50 19.38 30.43
N VAL I 51 41.88 19.95 31.57
CA VAL I 51 41.43 21.28 31.95
C VAL I 51 42.62 22.21 32.02
N PHE I 52 42.58 23.29 31.24
CA PHE I 52 43.69 24.22 31.20
C PHE I 52 43.24 25.68 31.11
N TRP I 53 44.08 26.59 31.57
CA TRP I 53 43.85 28.00 31.39
C TRP I 53 44.64 28.47 30.17
N GLN I 54 43.92 28.89 29.14
CA GLN I 54 44.59 29.29 27.90
C GLN I 54 44.94 30.77 27.95
N GLN I 55 46.11 31.07 28.49
CA GLN I 55 46.58 32.44 28.56
C GLN I 55 46.86 32.95 27.16
N THR I 56 45.97 33.79 26.64
CA THR I 56 46.12 34.35 25.31
C THR I 56 46.37 35.84 25.41
N THR I 57 47.20 36.37 24.53
CA THR I 57 47.71 37.73 24.69
C THR I 57 47.98 38.42 23.35
N TRP I 58 47.55 39.67 23.23
CA TRP I 58 47.85 40.46 22.05
C TRP I 58 47.49 41.92 22.24
N SER I 59 47.86 42.70 21.25
CA SER I 59 47.64 44.13 21.22
C SER I 59 46.57 44.49 20.20
N ASP I 60 45.58 45.25 20.63
CA ASP I 60 44.58 45.84 19.74
C ASP I 60 44.55 47.32 20.08
N ARG I 61 45.26 48.13 19.30
CA ARG I 61 45.46 49.52 19.69
C ARG I 61 44.20 50.35 19.47
N THR I 62 43.26 49.83 18.67
CA THR I 62 42.00 50.53 18.43
C THR I 62 41.19 50.61 19.71
N LEU I 63 41.65 49.90 20.72
CA LEU I 63 41.01 49.89 22.03
C LEU I 63 41.64 50.90 22.98
N ALA I 64 42.77 51.48 22.58
CA ALA I 64 43.54 52.32 23.48
C ALA I 64 42.80 53.60 23.87
N TRP I 65 43.15 54.12 25.05
CA TRP I 65 42.66 55.40 25.52
C TRP I 65 43.71 56.08 26.39
N ASN I 66 43.54 57.39 26.61
CA ASN I 66 44.44 58.17 27.43
C ASN I 66 44.09 58.01 28.91
N SER I 67 44.88 57.21 29.61
CA SER I 67 44.57 56.86 31.00
C SER I 67 45.07 57.88 32.05
N SER I 68 45.13 59.15 31.65
CA SER I 68 45.66 60.21 32.50
C SER I 68 44.99 60.26 33.89
N HIS I 69 43.72 60.61 33.94
CA HIS I 69 42.95 60.49 35.18
C HIS I 69 41.85 59.48 34.93
N SER I 70 42.25 58.28 34.55
CA SER I 70 41.30 57.27 34.14
C SER I 70 41.81 55.92 34.60
N PRO I 71 40.92 54.93 34.67
CA PRO I 71 41.35 53.55 34.95
C PRO I 71 42.39 53.11 33.94
N ASP I 72 43.34 52.30 34.38
CA ASP I 72 44.37 51.82 33.47
C ASP I 72 43.87 50.57 32.73
N GLN I 73 42.92 49.87 33.34
CA GLN I 73 42.38 48.62 32.79
C GLN I 73 40.88 48.47 32.97
N VAL I 74 40.26 47.72 32.08
CA VAL I 74 38.85 47.35 32.23
C VAL I 74 38.64 45.89 31.83
N SER I 75 37.58 45.29 32.34
CA SER I 75 37.16 43.97 31.86
C SER I 75 36.09 44.15 30.81
N VAL I 76 36.28 43.49 29.66
CA VAL I 76 35.42 43.67 28.49
C VAL I 76 34.90 42.32 28.03
N PRO I 77 33.58 42.22 27.73
CA PRO I 77 33.05 40.98 27.15
C PRO I 77 33.71 40.71 25.82
N ILE I 78 34.12 39.47 25.53
CA ILE I 78 34.86 39.22 24.29
C ILE I 78 33.99 39.41 23.06
N SER I 79 32.68 39.38 23.25
CA SER I 79 31.78 39.62 22.13
C SER I 79 31.95 41.02 21.57
N SER I 80 32.54 41.91 22.36
CA SER I 80 32.83 43.28 21.90
C SER I 80 34.26 43.47 21.41
N LEU I 81 35.05 42.40 21.37
CA LEU I 81 36.45 42.48 20.97
C LEU I 81 36.75 41.56 19.81
N TRP I 82 37.75 41.91 19.01
CA TRP I 82 38.33 40.94 18.11
C TRP I 82 39.11 39.93 18.95
N VAL I 83 39.01 38.66 18.57
CA VAL I 83 39.68 37.59 19.27
C VAL I 83 40.29 36.62 18.25
N PRO I 84 41.54 36.19 18.46
CA PRO I 84 42.21 35.25 17.55
C PRO I 84 41.39 33.97 17.38
N ASP I 85 41.27 33.49 16.14
CA ASP I 85 40.50 32.28 15.86
C ASP I 85 41.35 31.05 16.12
N LEU I 86 41.81 30.93 17.36
CA LEU I 86 42.71 29.84 17.73
C LEU I 86 41.94 28.53 17.81
N ALA I 87 42.55 27.46 17.32
CA ALA I 87 41.97 26.13 17.44
C ALA I 87 43.05 25.13 17.77
N ALA I 88 42.69 24.10 18.51
CA ALA I 88 43.59 22.97 18.75
C ALA I 88 43.42 21.96 17.65
N TYR I 89 44.46 21.75 16.86
CA TYR I 89 44.39 20.88 15.69
C TYR I 89 44.00 19.44 16.03
N ASN I 90 44.41 18.94 17.18
CA ASN I 90 44.12 17.55 17.51
C ASN I 90 43.06 17.41 18.59
N ALA I 91 42.20 18.42 18.71
CA ALA I 91 41.06 18.36 19.63
C ALA I 91 39.95 17.50 19.04
N ILE I 92 39.22 16.78 19.89
CA ILE I 92 38.19 15.89 19.40
C ILE I 92 36.86 16.16 20.09
N SER I 93 36.82 17.24 20.85
CA SER I 93 35.57 17.75 21.40
C SER I 93 35.59 19.28 21.32
N LYS I 94 34.42 19.89 21.38
CA LYS I 94 34.29 21.34 21.47
C LYS I 94 34.98 21.84 22.72
N PRO I 95 35.69 22.97 22.63
CA PRO I 95 36.23 23.56 23.87
C PRO I 95 35.10 23.99 24.79
N GLU I 96 35.02 23.42 25.99
CA GLU I 96 33.97 23.81 26.91
C GLU I 96 34.56 24.89 27.85
N VAL I 97 34.13 26.13 27.64
CA VAL I 97 34.62 27.26 28.44
C VAL I 97 33.95 27.31 29.80
N LEU I 98 34.75 27.25 30.85
CA LEU I 98 34.20 27.10 32.20
C LEU I 98 34.01 28.44 32.91
N THR I 99 34.57 29.52 32.37
CA THR I 99 34.68 30.80 33.05
C THR I 99 33.90 31.93 32.35
N PRO I 100 33.63 33.03 33.07
CA PRO I 100 33.07 34.24 32.44
C PRO I 100 33.87 34.69 31.22
N GLN I 101 33.18 34.91 30.11
CA GLN I 101 33.82 35.26 28.85
C GLN I 101 34.24 36.72 28.79
N LEU I 102 35.12 37.12 29.70
CA LEU I 102 35.65 38.46 29.72
C LEU I 102 37.13 38.49 29.38
N ALA I 103 37.59 39.58 28.77
CA ALA I 103 39.01 39.78 28.55
C ALA I 103 39.43 41.02 29.33
N ARG I 104 40.72 41.12 29.64
CA ARG I 104 41.22 42.25 30.38
C ARG I 104 41.95 43.19 29.41
N VAL I 105 41.50 44.45 29.33
CA VAL I 105 42.06 45.37 28.37
C VAL I 105 42.79 46.53 29.05
N VAL I 106 44.06 46.70 28.71
CA VAL I 106 44.88 47.79 29.24
C VAL I 106 44.79 49.00 28.33
N SER I 107 44.96 50.19 28.91
CA SER I 107 44.75 51.46 28.20
C SER I 107 45.62 51.62 26.95
N ASP I 108 46.68 50.83 26.83
CA ASP I 108 47.55 50.93 25.67
C ASP I 108 47.09 50.00 24.55
N GLY I 109 46.07 49.19 24.82
CA GLY I 109 45.52 48.31 23.82
C GLY I 109 45.93 46.85 24.00
N GLU I 110 46.67 46.59 25.06
CA GLU I 110 47.04 45.23 25.39
C GLU I 110 45.82 44.46 25.89
N VAL I 111 45.65 43.24 25.39
CA VAL I 111 44.48 42.43 25.72
C VAL I 111 44.91 41.09 26.28
N LEU I 112 44.35 40.72 27.42
CA LEU I 112 44.58 39.41 28.00
C LEU I 112 43.26 38.64 28.10
N TYR I 113 43.19 37.50 27.43
CA TYR I 113 42.03 36.64 27.51
C TYR I 113 42.52 35.28 27.99
N MET I 114 42.05 34.86 29.16
CA MET I 114 42.53 33.63 29.77
C MET I 114 41.36 32.77 30.26
N PRO I 115 40.66 32.13 29.32
CA PRO I 115 39.54 31.26 29.70
C PRO I 115 40.03 29.96 30.30
N SER I 116 39.22 29.37 31.16
CA SER I 116 39.47 28.01 31.61
C SER I 116 38.70 27.05 30.71
N ILE I 117 39.41 26.13 30.09
CA ILE I 117 38.81 25.23 29.09
C ILE I 117 38.91 23.76 29.44
N ARG I 118 37.81 23.04 29.26
CA ARG I 118 37.87 21.58 29.32
C ARG I 118 37.72 21.03 27.91
N GLN I 119 38.64 20.18 27.50
CA GLN I 119 38.62 19.67 26.14
C GLN I 119 39.29 18.31 26.02
N ARG I 120 38.85 17.53 25.04
CA ARG I 120 39.39 16.19 24.77
C ARG I 120 40.34 16.24 23.60
N PHE I 121 41.47 15.54 23.75
CA PHE I 121 42.46 15.54 22.68
C PHE I 121 42.85 14.13 22.23
N SER I 122 43.30 14.05 20.98
CA SER I 122 43.89 12.83 20.45
C SER I 122 45.39 12.97 20.48
N CYS I 123 46.03 12.25 21.38
CA CYS I 123 47.48 12.37 21.55
C CYS I 123 48.08 11.06 22.08
N ASP I 124 49.41 11.02 22.17
CA ASP I 124 50.09 9.82 22.62
C ASP I 124 50.02 9.64 24.13
N VAL I 125 49.29 8.61 24.56
CA VAL I 125 49.06 8.37 25.98
C VAL I 125 49.93 7.21 26.47
N SER I 126 50.60 6.55 25.53
CA SER I 126 51.47 5.43 25.84
C SER I 126 52.53 5.81 26.86
N GLY I 127 52.68 4.98 27.89
CA GLY I 127 53.69 5.21 28.91
C GLY I 127 53.19 5.98 30.12
N VAL I 128 51.88 6.14 30.21
CA VAL I 128 51.28 6.97 31.25
C VAL I 128 51.49 6.34 32.64
N ASP I 129 51.63 5.02 32.69
CA ASP I 129 51.87 4.32 33.95
C ASP I 129 53.35 4.12 34.21
N THR I 130 54.10 4.02 33.11
CA THR I 130 55.55 4.14 33.15
C THR I 130 55.90 5.38 33.95
N GLU I 131 57.00 5.35 34.71
CA GLU I 131 57.29 6.53 35.48
C GLU I 131 58.10 7.52 34.66
N SER I 132 58.48 7.10 33.45
CA SER I 132 59.05 8.04 32.50
C SER I 132 57.90 8.90 31.94
N GLY I 133 56.70 8.33 32.01
CA GLY I 133 55.47 9.05 31.72
C GLY I 133 55.08 9.11 30.26
N ALA I 134 53.85 9.54 30.00
CA ALA I 134 53.38 9.79 28.64
C ALA I 134 53.73 11.23 28.25
N THR I 135 53.76 11.48 26.95
CA THR I 135 53.94 12.84 26.46
C THR I 135 52.88 13.16 25.41
N CYS I 136 51.89 13.94 25.83
CA CYS I 136 50.79 14.34 24.96
C CYS I 136 51.07 15.72 24.35
N ARG I 137 51.11 15.79 23.03
CA ARG I 137 51.33 17.06 22.34
C ARG I 137 50.05 17.68 21.81
N ILE I 138 49.88 18.96 22.11
CA ILE I 138 48.72 19.72 21.65
C ILE I 138 49.16 20.88 20.79
N LYS I 139 48.63 20.96 19.58
CA LYS I 139 49.00 22.07 18.69
C LYS I 139 47.89 23.13 18.57
N ILE I 140 48.25 24.38 18.81
CA ILE I 140 47.28 25.47 18.74
C ILE I 140 47.72 26.53 17.74
N GLY I 141 46.85 26.85 16.79
CA GLY I 141 47.13 27.93 15.84
C GLY I 141 45.88 28.61 15.32
N SER I 142 46.08 29.63 14.50
CA SER I 142 44.93 30.29 13.89
C SER I 142 44.28 29.33 12.92
N TRP I 143 42.96 29.33 12.87
CA TRP I 143 42.26 28.39 12.00
C TRP I 143 42.19 28.89 10.55
N THR I 144 42.16 30.21 10.35
CA THR I 144 41.99 30.75 9.00
C THR I 144 43.02 31.82 8.62
N HIS I 145 43.81 32.30 9.58
CA HIS I 145 44.78 33.33 9.28
C HIS I 145 46.18 32.76 9.15
N HIS I 146 46.93 33.23 8.16
CA HIS I 146 48.32 32.80 7.98
C HIS I 146 49.31 33.70 8.71
N SER I 147 50.59 33.34 8.63
CA SER I 147 51.64 33.92 9.47
C SER I 147 51.83 35.42 9.30
N ARG I 148 51.23 35.98 8.26
CA ARG I 148 51.40 37.40 8.02
C ARG I 148 50.22 38.21 8.50
N GLU I 149 49.22 37.49 8.98
CA GLU I 149 48.06 38.13 9.56
C GLU I 149 48.08 37.86 11.05
N ILE I 150 48.43 36.63 11.41
CA ILE I 150 48.60 36.25 12.81
C ILE I 150 49.87 35.44 13.01
N SER I 151 50.68 35.85 13.98
CA SER I 151 51.80 35.04 14.39
C SER I 151 51.53 34.54 15.80
N VAL I 152 51.75 33.26 16.04
CA VAL I 152 51.59 32.73 17.38
C VAL I 152 52.97 32.47 17.99
N ASP I 153 53.09 32.70 19.30
CA ASP I 153 54.35 32.48 19.99
C ASP I 153 54.10 32.02 21.41
N PRO I 154 55.00 31.20 21.96
CA PRO I 154 54.90 30.83 23.37
C PRO I 154 55.31 31.99 24.27
N THR I 155 55.28 31.77 25.58
CA THR I 155 55.59 32.83 26.52
C THR I 155 56.88 32.53 27.28
N SER I 162 52.04 23.77 35.23
CA SER I 162 52.65 22.97 36.26
C SER I 162 52.34 23.49 37.69
N GLU I 163 52.30 24.81 37.82
CA GLU I 163 52.20 25.48 39.11
C GLU I 163 50.75 25.58 39.62
N TYR I 164 49.78 25.65 38.71
CA TYR I 164 48.39 25.74 39.11
C TYR I 164 47.67 24.40 38.97
N PHE I 165 48.45 23.34 38.79
CA PHE I 165 47.88 22.01 38.60
C PHE I 165 47.30 21.47 39.89
N SER I 166 46.21 20.72 39.77
CA SER I 166 45.50 20.23 40.94
C SER I 166 46.27 19.17 41.70
N GLN I 167 46.43 19.37 43.00
CA GLN I 167 47.09 18.37 43.83
C GLN I 167 46.24 17.11 43.97
N TYR I 168 44.98 17.17 43.53
CA TYR I 168 44.06 16.06 43.76
C TYR I 168 43.83 15.25 42.50
N SER I 169 44.54 15.60 41.43
CA SER I 169 44.47 14.81 40.21
C SER I 169 45.07 13.43 40.41
N ARG I 170 44.58 12.44 39.67
CA ARG I 170 45.18 11.11 39.66
C ARG I 170 46.55 11.14 38.99
N PHE I 171 46.88 12.28 38.39
CA PHE I 171 48.10 12.38 37.61
C PHE I 171 48.97 13.50 38.13
N GLU I 172 50.21 13.54 37.66
CA GLU I 172 51.12 14.62 38.01
C GLU I 172 51.92 15.00 36.79
N ILE I 173 52.45 16.21 36.78
CA ILE I 173 53.17 16.70 35.63
C ILE I 173 54.68 16.62 35.83
N LEU I 174 55.35 15.94 34.91
CA LEU I 174 56.79 15.85 34.93
C LEU I 174 57.39 17.08 34.28
N ASP I 175 56.89 17.42 33.10
CA ASP I 175 57.43 18.54 32.34
C ASP I 175 56.42 19.08 31.33
N VAL I 176 56.48 20.38 31.10
CA VAL I 176 55.72 21.02 30.02
C VAL I 176 56.65 21.91 29.20
N THR I 177 56.74 21.63 27.91
CA THR I 177 57.51 22.48 27.02
C THR I 177 56.63 23.01 25.91
N GLN I 178 56.85 24.27 25.57
CA GLN I 178 56.09 24.92 24.52
C GLN I 178 57.05 25.35 23.42
N LYS I 179 56.81 24.92 22.20
CA LYS I 179 57.65 25.35 21.09
C LYS I 179 56.82 25.76 19.88
N LYS I 180 57.42 26.53 18.99
CA LYS I 180 56.71 27.11 17.87
C LYS I 180 57.04 26.47 16.52
N ASN I 181 56.02 26.08 15.78
CA ASN I 181 56.22 25.57 14.41
C ASN I 181 55.71 26.55 13.36
N SER I 182 56.27 26.48 12.16
CA SER I 182 55.78 27.24 11.03
C SER I 182 55.68 26.30 9.84
N VAL I 183 54.49 26.20 9.26
CA VAL I 183 54.28 25.19 8.24
C VAL I 183 53.79 25.78 6.92
N THR I 184 54.43 25.41 5.82
CA THR I 184 54.03 25.89 4.49
C THR I 184 53.59 24.72 3.63
N TYR I 185 52.34 24.75 3.16
CA TYR I 185 51.84 23.61 2.42
C TYR I 185 51.97 23.79 0.92
N PRO I 189 50.61 29.35 -0.92
CA PRO I 189 51.95 29.94 -0.85
C PRO I 189 52.27 30.59 0.49
N GLU I 190 51.64 30.16 1.57
CA GLU I 190 51.69 30.93 2.81
C GLU I 190 51.91 30.06 4.04
N ALA I 191 52.61 30.62 5.01
CA ALA I 191 53.00 29.88 6.22
C ALA I 191 51.91 29.94 7.29
N TYR I 192 51.67 28.80 7.94
CA TYR I 192 50.74 28.76 9.06
C TYR I 192 51.47 28.34 10.33
N GLU I 193 51.48 29.22 11.30
CA GLU I 193 52.18 28.98 12.54
C GLU I 193 51.30 28.29 13.56
N ASP I 194 51.93 27.52 14.44
CA ASP I 194 51.22 26.96 15.58
C ASP I 194 52.16 26.91 16.75
N VAL I 195 51.61 26.75 17.95
CA VAL I 195 52.40 26.49 19.14
C VAL I 195 52.17 25.05 19.55
N GLU I 196 53.25 24.28 19.66
CA GLU I 196 53.16 22.89 20.10
C GLU I 196 53.45 22.81 21.58
N VAL I 197 52.50 22.28 22.34
CA VAL I 197 52.65 22.18 23.78
C VAL I 197 52.81 20.70 24.15
N SER I 198 53.94 20.37 24.74
CA SER I 198 54.24 19.00 25.10
C SER I 198 53.97 18.77 26.58
N LEU I 199 52.99 17.92 26.88
CA LEU I 199 52.64 17.64 28.26
C LEU I 199 53.16 16.28 28.70
N ASN I 200 54.23 16.30 29.50
CA ASN I 200 54.79 15.10 30.08
C ASN I 200 54.16 14.80 31.43
N PHE I 201 53.34 13.76 31.48
CA PHE I 201 52.61 13.43 32.70
C PHE I 201 52.55 11.91 32.92
N ARG I 202 52.26 11.53 34.16
CA ARG I 202 52.14 10.12 34.51
C ARG I 202 51.15 9.95 35.65
N LYS I 203 50.68 8.73 35.83
CA LYS I 203 49.84 8.45 36.97
C LYS I 203 50.64 8.34 38.24
N LYS I 204 50.04 8.73 39.35
CA LYS I 204 50.75 8.78 40.61
C LYS I 204 51.06 7.39 41.18
N LEU J 1 41.05 50.26 -0.36
CA LEU J 1 40.30 49.32 0.46
C LEU J 1 41.17 48.62 1.48
N ASP J 2 40.75 48.64 2.74
CA ASP J 2 41.40 47.81 3.76
C ASP J 2 40.42 46.74 4.26
N ARG J 3 40.90 45.89 5.17
CA ARG J 3 40.08 44.80 5.68
C ARG J 3 38.79 45.30 6.30
N ALA J 4 38.89 46.39 7.07
CA ALA J 4 37.73 46.97 7.73
C ALA J 4 36.63 47.31 6.73
N ASP J 5 37.01 47.95 5.61
CA ASP J 5 36.04 48.35 4.61
C ASP J 5 35.39 47.13 3.94
N ILE J 6 36.23 46.15 3.58
CA ILE J 6 35.77 44.96 2.90
C ILE J 6 34.77 44.22 3.78
N LEU J 7 35.11 44.06 5.05
CA LEU J 7 34.22 43.36 5.98
C LEU J 7 32.96 44.16 6.26
N TYR J 8 33.09 45.48 6.32
CA TYR J 8 31.93 46.35 6.46
C TYR J 8 30.97 46.14 5.30
N ASN J 9 31.46 46.22 4.07
CA ASN J 9 30.59 46.07 2.91
C ASN J 9 29.95 44.69 2.81
N ILE J 10 30.76 43.66 3.09
CA ILE J 10 30.26 42.30 3.06
C ILE J 10 29.12 42.19 4.04
N ARG J 11 29.32 42.72 5.23
CA ARG J 11 28.29 42.61 6.24
C ARG J 11 27.02 43.38 5.91
N GLN J 12 27.19 44.58 5.37
CA GLN J 12 26.06 45.42 5.03
C GLN J 12 25.27 44.90 3.82
N THR J 13 25.93 44.25 2.88
CA THR J 13 25.27 43.90 1.61
C THR J 13 25.26 42.43 1.23
N SER J 14 25.64 41.56 2.15
CA SER J 14 25.55 40.16 1.83
C SER J 14 24.13 39.72 2.18
N ARG J 15 23.72 38.58 1.64
CA ARG J 15 22.36 38.12 1.81
C ARG J 15 22.33 36.63 2.15
N PRO J 16 22.74 36.27 3.38
CA PRO J 16 22.97 34.86 3.78
C PRO J 16 21.83 33.94 3.38
N ASP J 17 20.64 34.51 3.21
CA ASP J 17 19.44 33.77 2.92
C ASP J 17 19.28 33.52 1.42
N VAL J 18 20.16 34.10 0.63
CA VAL J 18 19.99 34.11 -0.82
C VAL J 18 21.09 33.37 -1.57
N ILE J 19 20.73 32.26 -2.17
CA ILE J 19 21.68 31.43 -2.90
C ILE J 19 22.26 32.21 -4.10
N PRO J 20 23.60 32.30 -4.17
CA PRO J 20 24.25 33.13 -5.18
C PRO J 20 24.19 32.47 -6.55
N THR J 21 22.99 32.10 -6.99
CA THR J 21 22.83 31.67 -8.35
C THR J 21 23.23 32.74 -9.27
N GLN J 22 24.15 32.39 -10.16
CA GLN J 22 24.43 33.33 -11.18
C GLN J 22 23.81 32.70 -12.39
N ARG J 23 22.88 33.41 -13.01
CA ARG J 23 22.41 33.03 -14.33
C ARG J 23 21.34 32.01 -14.46
N ASP J 24 20.71 31.62 -13.36
CA ASP J 24 19.92 30.39 -13.35
C ASP J 24 20.78 29.16 -13.63
N ARG J 25 22.07 29.23 -13.33
CA ARG J 25 22.82 28.00 -13.20
C ARG J 25 23.02 27.66 -11.78
N PRO J 26 23.16 26.37 -11.53
CA PRO J 26 23.41 25.94 -10.16
C PRO J 26 24.69 26.55 -9.61
N VAL J 27 24.74 26.68 -8.29
CA VAL J 27 25.95 27.07 -7.64
C VAL J 27 26.81 25.82 -7.54
N ALA J 28 28.02 25.90 -8.10
CA ALA J 28 28.93 24.77 -8.06
C ALA J 28 29.57 24.67 -6.69
N VAL J 29 29.11 23.72 -5.88
CA VAL J 29 29.71 23.50 -4.57
C VAL J 29 30.61 22.28 -4.61
N SER J 30 31.85 22.44 -4.14
CA SER J 30 32.76 21.30 -4.02
C SER J 30 32.90 20.86 -2.58
N VAL J 31 32.79 19.55 -2.36
CA VAL J 31 32.91 19.00 -1.02
C VAL J 31 34.00 17.93 -0.98
N SER J 32 34.76 17.93 0.10
CA SER J 32 35.81 16.95 0.26
C SER J 32 36.09 16.73 1.73
N LEU J 33 35.92 15.50 2.20
CA LEU J 33 36.15 15.19 3.60
C LEU J 33 37.60 14.75 3.83
N LYS J 34 38.27 15.42 4.78
CA LYS J 34 39.60 15.01 5.22
C LYS J 34 39.47 14.40 6.60
N PHE J 35 39.56 13.07 6.67
CA PHE J 35 39.38 12.40 7.95
C PHE J 35 40.55 12.64 8.90
N ILE J 36 40.23 12.86 10.15
CA ILE J 36 41.21 13.24 11.15
C ILE J 36 41.26 12.16 12.21
N ASN J 37 40.11 11.58 12.53
CA ASN J 37 40.04 10.56 13.56
C ASN J 37 38.80 9.71 13.48
N ILE J 38 38.97 8.42 13.77
CA ILE J 38 37.84 7.52 13.98
C ILE J 38 37.84 7.18 15.46
N LEU J 39 36.78 7.52 16.15
CA LEU J 39 36.87 7.64 17.61
C LEU J 39 36.18 6.51 18.33
N GLU J 40 35.00 6.15 17.84
CA GLU J 40 34.22 5.08 18.42
C GLU J 40 33.51 4.29 17.37
N VAL J 41 33.69 2.98 17.43
CA VAL J 41 33.19 2.10 16.41
C VAL J 41 32.41 0.99 17.08
N ASN J 42 31.30 0.59 16.47
CA ASN J 42 30.47 -0.46 17.04
C ASN J 42 29.95 -1.37 15.93
N GLU J 43 30.56 -2.56 15.82
CA GLU J 43 30.24 -3.47 14.72
C GLU J 43 28.87 -4.10 14.89
N ILE J 44 28.37 -4.10 16.13
CA ILE J 44 27.04 -4.62 16.41
C ILE J 44 25.96 -3.66 15.94
N THR J 45 26.07 -2.39 16.35
CA THR J 45 25.06 -1.40 16.04
C THR J 45 25.29 -0.73 14.70
N ASN J 46 26.44 -1.00 14.08
CA ASN J 46 26.81 -0.38 12.81
C ASN J 46 26.82 1.14 12.90
N GLU J 47 27.55 1.65 13.88
CA GLU J 47 27.63 3.08 14.12
C GLU J 47 29.07 3.52 14.32
N VAL J 48 29.46 4.60 13.67
CA VAL J 48 30.81 5.13 13.85
C VAL J 48 30.80 6.58 14.31
N ASP J 49 31.82 6.96 15.07
CA ASP J 49 32.01 8.32 15.54
C ASP J 49 33.26 8.87 14.88
N VAL J 50 33.09 9.89 14.03
CA VAL J 50 34.17 10.35 13.16
C VAL J 50 34.48 11.85 13.31
N VAL J 51 35.75 12.21 13.17
CA VAL J 51 36.15 13.61 13.15
C VAL J 51 36.74 13.89 11.79
N PHE J 52 36.19 14.86 11.08
CA PHE J 52 36.69 15.19 9.77
C PHE J 52 36.70 16.70 9.51
N TRP J 53 37.53 17.12 8.56
CA TRP J 53 37.49 18.48 8.08
C TRP J 53 36.69 18.53 6.79
N GLN J 54 35.56 19.22 6.82
CA GLN J 54 34.70 19.28 5.66
C GLN J 54 35.10 20.43 4.75
N GLN J 55 36.06 20.19 3.87
CA GLN J 55 36.51 21.20 2.92
C GLN J 55 35.36 21.49 1.96
N THR J 56 34.63 22.56 2.24
CA THR J 56 33.51 22.98 1.43
C THR J 56 33.99 24.22 0.72
N THR J 57 33.69 24.36 -0.56
CA THR J 57 34.24 25.46 -1.34
C THR J 57 33.24 25.83 -2.45
N TRP J 58 33.08 27.13 -2.75
CA TRP J 58 32.11 27.60 -3.76
C TRP J 58 32.32 29.09 -4.11
N SER J 59 31.61 29.56 -5.13
CA SER J 59 31.76 30.92 -5.59
C SER J 59 30.51 31.79 -5.28
N ASP J 60 30.73 33.08 -5.03
CA ASP J 60 29.64 34.03 -4.81
C ASP J 60 30.11 35.43 -5.21
N ARG J 61 29.81 35.79 -6.46
CA ARG J 61 30.27 37.02 -7.10
C ARG J 61 29.92 38.29 -6.33
N THR J 62 28.87 38.26 -5.53
CA THR J 62 28.43 39.46 -4.87
C THR J 62 29.28 39.76 -3.64
N LEU J 63 30.26 38.91 -3.35
CA LEU J 63 31.24 39.20 -2.31
C LEU J 63 32.50 39.83 -2.88
N ALA J 64 32.59 39.86 -4.21
CA ALA J 64 33.84 40.25 -4.87
C ALA J 64 34.17 41.73 -4.66
N TRP J 65 35.46 42.04 -4.73
CA TRP J 65 35.92 43.42 -4.69
C TRP J 65 37.19 43.56 -5.51
N ASN J 66 37.53 44.81 -5.87
CA ASN J 66 38.74 45.11 -6.64
C ASN J 66 39.96 45.15 -5.72
N SER J 67 40.75 44.07 -5.75
CA SER J 67 41.89 43.92 -4.84
C SER J 67 43.18 44.62 -5.30
N SER J 68 43.03 45.70 -6.08
CA SER J 68 44.17 46.45 -6.63
C SER J 68 45.24 46.82 -5.60
N HIS J 69 44.92 47.71 -4.67
CA HIS J 69 45.79 47.96 -3.52
C HIS J 69 45.03 47.57 -2.27
N SER J 70 44.62 46.30 -2.22
CA SER J 70 43.76 45.82 -1.16
C SER J 70 44.13 44.40 -0.85
N PRO J 71 43.77 43.92 0.35
CA PRO J 71 43.94 42.50 0.68
C PRO J 71 43.28 41.62 -0.37
N ASP J 72 43.89 40.47 -0.67
CA ASP J 72 43.32 39.57 -1.65
C ASP J 72 42.27 38.67 -0.98
N GLN J 73 42.40 38.50 0.33
CA GLN J 73 41.51 37.61 1.08
C GLN J 73 41.17 38.15 2.47
N VAL J 74 40.02 37.72 2.99
CA VAL J 74 39.64 38.03 4.35
C VAL J 74 38.93 36.84 4.97
N SER J 75 38.96 36.77 6.30
CA SER J 75 38.19 35.80 7.03
C SER J 75 36.86 36.42 7.44
N VAL J 76 35.76 35.73 7.14
CA VAL J 76 34.43 36.26 7.36
C VAL J 76 33.59 35.28 8.18
N PRO J 77 32.89 35.78 9.21
CA PRO J 77 31.96 34.90 9.95
C PRO J 77 30.90 34.33 9.01
N ILE J 78 30.58 33.04 9.12
CA ILE J 78 29.64 32.46 8.16
C ILE J 78 28.22 32.99 8.34
N SER J 79 27.95 33.58 9.49
CA SER J 79 26.64 34.17 9.71
C SER J 79 26.42 35.34 8.72
N SER J 80 27.50 35.89 8.18
CA SER J 80 27.41 36.99 7.21
C SER J 80 27.50 36.52 5.75
N LEU J 81 27.54 35.20 5.55
CA LEU J 81 27.61 34.65 4.20
C LEU J 81 26.48 33.68 3.92
N TRP J 82 26.14 33.51 2.65
CA TRP J 82 25.36 32.37 2.24
C TRP J 82 26.23 31.12 2.31
N VAL J 83 25.65 30.04 2.82
CA VAL J 83 26.37 28.79 2.99
C VAL J 83 25.46 27.67 2.51
N PRO J 84 26.01 26.73 1.73
CA PRO J 84 25.25 25.55 1.27
C PRO J 84 24.59 24.79 2.42
N ASP J 85 23.33 24.41 2.28
CA ASP J 85 22.62 23.66 3.31
C ASP J 85 22.97 22.17 3.21
N LEU J 86 24.25 21.86 3.33
CA LEU J 86 24.73 20.51 3.19
C LEU J 86 24.35 19.68 4.41
N ALA J 87 23.88 18.46 4.18
CA ALA J 87 23.61 17.54 5.28
C ALA J 87 24.16 16.15 4.93
N ALA J 88 24.55 15.40 5.94
CA ALA J 88 24.90 13.99 5.75
C ALA J 88 23.66 13.13 5.95
N TYR J 89 23.25 12.46 4.87
CA TYR J 89 21.99 11.70 4.86
C TYR J 89 21.96 10.60 5.92
N ASN J 90 23.11 10.01 6.22
CA ASN J 90 23.11 8.90 7.16
C ASN J 90 23.72 9.27 8.50
N ALA J 91 23.67 10.56 8.83
CA ALA J 91 24.14 11.05 10.13
C ALA J 91 23.08 10.78 11.19
N ILE J 92 23.50 10.47 12.41
CA ILE J 92 22.55 10.11 13.45
C ILE J 92 22.79 10.96 14.68
N SER J 93 23.64 11.96 14.53
CA SER J 93 23.82 12.98 15.55
C SER J 93 23.98 14.32 14.86
N LYS J 94 23.71 15.41 15.59
CA LYS J 94 24.04 16.76 15.10
C LYS J 94 25.51 16.89 14.83
N PRO J 95 25.87 17.57 13.73
CA PRO J 95 27.27 17.88 13.49
C PRO J 95 27.80 18.81 14.59
N GLU J 96 28.80 18.35 15.32
CA GLU J 96 29.42 19.14 16.38
C GLU J 96 30.62 19.85 15.77
N VAL J 97 30.48 21.16 15.56
CA VAL J 97 31.54 21.96 14.95
C VAL J 97 32.60 22.34 15.96
N LEU J 98 33.83 21.91 15.73
CA LEU J 98 34.89 22.06 16.72
C LEU J 98 35.72 23.34 16.57
N THR J 99 35.54 24.03 15.45
CA THR J 99 36.39 25.15 15.08
C THR J 99 35.66 26.51 14.98
N PRO J 100 36.41 27.62 14.98
CA PRO J 100 35.83 28.95 14.72
C PRO J 100 35.03 28.99 13.43
N GLN J 101 33.79 29.46 13.49
CA GLN J 101 32.90 29.45 12.35
C GLN J 101 33.22 30.56 11.37
N LEU J 102 34.42 30.52 10.80
CA LEU J 102 34.81 31.52 9.81
C LEU J 102 35.01 30.90 8.46
N ALA J 103 34.78 31.65 7.40
CA ALA J 103 35.11 31.17 6.07
C ALA J 103 36.16 32.10 5.49
N ARG J 104 36.90 31.62 4.50
CA ARG J 104 37.92 32.42 3.86
C ARG J 104 37.40 32.91 2.52
N VAL J 105 37.37 34.22 2.34
CA VAL J 105 36.81 34.76 1.11
C VAL J 105 37.88 35.48 0.28
N VAL J 106 38.01 35.05 -0.98
CA VAL J 106 38.93 35.69 -1.91
C VAL J 106 38.23 36.83 -2.67
N SER J 107 39.01 37.82 -3.12
CA SER J 107 38.48 39.00 -3.75
C SER J 107 37.65 38.75 -5.00
N ASP J 108 37.76 37.55 -5.59
CA ASP J 108 37.00 37.23 -6.80
C ASP J 108 35.65 36.61 -6.44
N GLY J 109 35.44 36.37 -5.15
CA GLY J 109 34.20 35.80 -4.68
C GLY J 109 34.30 34.32 -4.31
N GLU J 110 35.51 33.78 -4.39
CA GLU J 110 35.69 32.38 -4.05
C GLU J 110 35.62 32.25 -2.56
N VAL J 111 34.90 31.25 -2.08
CA VAL J 111 34.72 31.05 -0.64
C VAL J 111 35.18 29.66 -0.24
N LEU J 112 36.00 29.58 0.80
CA LEU J 112 36.40 28.30 1.38
C LEU J 112 35.94 28.21 2.83
N TYR J 113 35.09 27.23 3.12
CA TYR J 113 34.64 26.98 4.48
C TYR J 113 35.05 25.56 4.84
N MET J 114 35.89 25.41 5.86
CA MET J 114 36.43 24.11 6.21
C MET J 114 36.36 23.88 7.72
N PRO J 115 35.16 23.59 8.21
CA PRO J 115 35.01 23.33 9.64
C PRO J 115 35.51 21.95 10.01
N SER J 116 35.93 21.80 11.26
CA SER J 116 36.23 20.48 11.80
C SER J 116 35.01 19.97 12.53
N ILE J 117 34.53 18.79 12.11
CA ILE J 117 33.25 18.28 12.60
C ILE J 117 33.39 16.91 13.26
N ARG J 118 32.74 16.76 14.40
CA ARG J 118 32.59 15.43 14.99
C ARG J 118 31.14 15.00 14.84
N GLN J 119 30.92 13.82 14.27
CA GLN J 119 29.56 13.36 14.01
C GLN J 119 29.47 11.82 14.00
N ARG J 120 28.32 11.29 14.41
CA ARG J 120 28.06 9.85 14.35
C ARG J 120 27.32 9.49 13.08
N PHE J 121 27.65 8.34 12.51
CA PHE J 121 26.99 7.89 11.30
C PHE J 121 26.48 6.47 11.42
N SER J 122 25.44 6.17 10.63
CA SER J 122 24.98 4.81 10.46
C SER J 122 25.54 4.29 9.16
N CYS J 123 26.48 3.34 9.25
CA CYS J 123 27.14 2.80 8.07
C CYS J 123 27.65 1.39 8.33
N ASP J 124 28.17 0.74 7.29
CA ASP J 124 28.61 -0.65 7.40
C ASP J 124 29.97 -0.74 8.09
N VAL J 125 29.95 -1.31 9.29
CA VAL J 125 31.15 -1.43 10.11
C VAL J 125 31.71 -2.87 10.08
N SER J 126 30.96 -3.77 9.45
CA SER J 126 31.37 -5.16 9.33
C SER J 126 32.73 -5.27 8.67
N GLY J 127 33.62 -6.06 9.27
CA GLY J 127 34.94 -6.31 8.73
C GLY J 127 36.01 -5.37 9.25
N VAL J 128 35.68 -4.66 10.33
CA VAL J 128 36.58 -3.63 10.84
C VAL J 128 37.82 -4.25 11.47
N ASP J 129 37.71 -5.50 11.92
CA ASP J 129 38.86 -6.22 12.46
C ASP J 129 39.56 -7.06 11.41
N THR J 130 38.79 -7.53 10.43
CA THR J 130 39.33 -8.05 9.20
C THR J 130 40.38 -7.08 8.68
N GLU J 131 41.38 -7.59 8.00
CA GLU J 131 42.48 -6.76 7.56
C GLU J 131 42.13 -6.16 6.21
N SER J 132 41.09 -6.73 5.62
CA SER J 132 40.50 -6.15 4.41
C SER J 132 39.74 -4.86 4.80
N GLY J 133 39.32 -4.83 6.06
CA GLY J 133 38.75 -3.62 6.64
C GLY J 133 37.26 -3.42 6.43
N ALA J 134 36.68 -2.47 7.16
CA ALA J 134 35.30 -2.06 6.94
C ALA J 134 35.28 -0.94 5.92
N THR J 135 34.13 -0.76 5.28
CA THR J 135 33.95 0.36 4.36
C THR J 135 32.67 1.11 4.71
N CYS J 136 32.84 2.26 5.35
CA CYS J 136 31.73 3.09 5.78
C CYS J 136 31.47 4.17 4.75
N ARG J 137 30.25 4.22 4.21
CA ARG J 137 29.88 5.22 3.22
C ARG J 137 29.08 6.38 3.83
N ILE J 138 29.49 7.61 3.50
CA ILE J 138 28.83 8.82 3.97
C ILE J 138 28.35 9.66 2.81
N LYS J 139 27.06 9.95 2.77
CA LYS J 139 26.50 10.73 1.67
C LYS J 139 26.18 12.17 2.08
N ILE J 140 26.71 13.13 1.33
CA ILE J 140 26.51 14.53 1.65
C ILE J 140 25.92 15.28 0.48
N GLY J 141 24.79 15.95 0.71
CA GLY J 141 24.17 16.77 -0.32
C GLY J 141 23.38 17.96 0.22
N SER J 142 22.87 18.79 -0.66
CA SER J 142 21.99 19.88 -0.24
C SER J 142 20.71 19.29 0.34
N TRP J 143 20.20 19.90 1.40
CA TRP J 143 19.02 19.37 2.06
C TRP J 143 17.74 19.81 1.36
N THR J 144 17.77 20.96 0.70
CA THR J 144 16.53 21.53 0.14
C THR J 144 16.69 22.02 -1.30
N HIS J 145 17.92 22.11 -1.78
CA HIS J 145 18.14 22.59 -3.15
C HIS J 145 18.40 21.44 -4.11
N HIS J 146 17.80 21.51 -5.30
CA HIS J 146 18.00 20.46 -6.29
C HIS J 146 19.15 20.80 -7.24
N SER J 147 19.43 19.89 -8.17
CA SER J 147 20.64 19.97 -8.99
C SER J 147 20.77 21.21 -9.87
N ARG J 148 19.69 21.96 -10.01
CA ARG J 148 19.76 23.17 -10.80
C ARG J 148 19.93 24.43 -9.97
N GLU J 149 19.96 24.24 -8.67
CA GLU J 149 20.23 25.35 -7.77
C GLU J 149 21.58 25.09 -7.16
N ILE J 150 21.84 23.85 -6.78
CA ILE J 150 23.13 23.46 -6.24
C ILE J 150 23.62 22.17 -6.87
N SER J 151 24.86 22.19 -7.36
CA SER J 151 25.48 20.94 -7.76
C SER J 151 26.63 20.65 -6.82
N VAL J 152 26.71 19.41 -6.35
CA VAL J 152 27.84 19.03 -5.52
C VAL J 152 28.83 18.20 -6.33
N ASP J 153 30.12 18.37 -6.05
CA ASP J 153 31.16 17.62 -6.73
C ASP J 153 32.34 17.35 -5.80
N PRO J 154 33.00 16.21 -5.98
CA PRO J 154 34.21 15.92 -5.22
C PRO J 154 35.35 16.80 -5.69
N THR J 155 36.53 16.64 -5.09
CA THR J 155 37.68 17.45 -5.45
C THR J 155 38.77 16.61 -6.11
N SER J 162 43.20 11.08 4.54
CA SER J 162 44.24 10.08 4.77
C SER J 162 45.51 10.72 5.32
N GLU J 163 45.82 11.92 4.84
CA GLU J 163 47.08 12.62 5.14
C GLU J 163 47.12 13.36 6.49
N TYR J 164 45.96 13.83 6.94
CA TYR J 164 45.82 14.58 8.19
C TYR J 164 45.28 13.67 9.29
N PHE J 165 45.25 12.37 9.01
CA PHE J 165 44.64 11.43 9.96
C PHE J 165 45.54 11.23 11.17
N SER J 166 44.92 11.05 12.33
CA SER J 166 45.66 10.92 13.56
C SER J 166 46.43 9.62 13.63
N GLN J 167 47.72 9.77 13.77
CA GLN J 167 48.68 8.75 14.14
C GLN J 167 48.30 7.93 15.37
N TYR J 168 47.49 8.52 16.25
CA TYR J 168 47.21 7.92 17.57
C TYR J 168 45.84 7.25 17.62
N SER J 169 45.14 7.24 16.50
CA SER J 169 43.85 6.56 16.44
C SER J 169 44.01 5.04 16.59
N ARG J 170 43.01 4.39 17.16
CA ARG J 170 42.99 2.94 17.22
C ARG J 170 42.82 2.33 15.85
N PHE J 171 42.59 3.17 14.86
CA PHE J 171 42.28 2.70 13.52
C PHE J 171 43.23 3.32 12.52
N GLU J 172 43.20 2.80 11.30
CA GLU J 172 43.98 3.36 10.21
C GLU J 172 43.17 3.32 8.92
N ILE J 173 43.54 4.15 7.97
CA ILE J 173 42.78 4.26 6.74
C ILE J 173 43.46 3.52 5.61
N LEU J 174 42.73 2.60 5.01
CA LEU J 174 43.25 1.87 3.86
C LEU J 174 43.04 2.69 2.60
N ASP J 175 41.81 3.17 2.41
CA ASP J 175 41.46 3.93 1.22
C ASP J 175 40.28 4.86 1.45
N VAL J 176 40.29 5.98 0.74
CA VAL J 176 39.14 6.88 0.71
C VAL J 176 38.83 7.21 -0.72
N THR J 177 37.60 6.93 -1.15
CA THR J 177 37.15 7.34 -2.49
C THR J 177 35.91 8.19 -2.40
N GLN J 178 35.85 9.21 -3.26
CA GLN J 178 34.74 10.14 -3.26
C GLN J 178 34.11 10.08 -4.64
N LYS J 179 32.82 9.80 -4.70
CA LYS J 179 32.13 9.77 -5.98
C LYS J 179 30.78 10.47 -5.93
N LYS J 180 30.28 10.89 -7.09
CA LYS J 180 29.10 11.73 -7.18
C LYS J 180 27.88 11.00 -7.69
N ASN J 181 26.77 11.10 -6.94
CA ASN J 181 25.49 10.53 -7.38
C ASN J 181 24.47 11.63 -7.73
N SER J 182 23.45 11.28 -8.50
CA SER J 182 22.37 12.21 -8.76
C SER J 182 21.06 11.48 -8.49
N VAL J 183 20.43 11.81 -7.36
CA VAL J 183 19.33 11.00 -6.84
C VAL J 183 17.95 11.64 -6.98
N THR J 184 17.02 10.88 -7.52
CA THR J 184 15.60 11.22 -7.55
C THR J 184 14.84 10.38 -6.53
N TYR J 185 14.05 11.01 -5.67
CA TYR J 185 13.22 10.25 -4.75
C TYR J 185 11.80 10.15 -5.29
N SER J 186 10.93 9.44 -4.58
CA SER J 186 9.63 9.07 -5.14
C SER J 186 8.56 10.14 -4.93
N CYS J 187 8.75 10.92 -3.88
CA CYS J 187 7.85 12.02 -3.53
C CYS J 187 7.89 13.14 -4.56
N CYS J 188 9.02 13.25 -5.24
CA CYS J 188 9.40 14.50 -5.85
C CYS J 188 9.89 14.32 -7.29
N PRO J 189 9.59 15.29 -8.16
CA PRO J 189 9.95 15.23 -9.58
C PRO J 189 11.41 15.56 -9.84
N GLU J 190 12.04 16.24 -8.89
CA GLU J 190 13.33 16.85 -9.12
C GLU J 190 14.47 15.98 -8.55
N ALA J 191 15.71 16.21 -9.00
CA ALA J 191 16.84 15.39 -8.52
C ALA J 191 17.78 16.13 -7.57
N TYR J 192 18.34 15.39 -6.63
CA TYR J 192 19.26 15.94 -5.66
C TYR J 192 20.59 15.21 -5.74
N GLU J 193 21.62 15.94 -6.13
CA GLU J 193 22.97 15.43 -6.16
C GLU J 193 23.52 15.21 -4.77
N ASP J 194 24.39 14.21 -4.63
CA ASP J 194 25.13 14.03 -3.40
C ASP J 194 26.54 13.58 -3.75
N VAL J 195 27.45 13.70 -2.77
CA VAL J 195 28.79 13.14 -2.88
C VAL J 195 28.88 11.96 -1.92
N GLU J 196 29.21 10.79 -2.45
CA GLU J 196 29.33 9.61 -1.61
C GLU J 196 30.80 9.44 -1.27
N VAL J 197 31.10 9.38 0.02
CA VAL J 197 32.47 9.23 0.47
C VAL J 197 32.65 7.86 1.10
N SER J 198 33.53 7.05 0.52
CA SER J 198 33.74 5.69 1.01
C SER J 198 35.00 5.63 1.86
N LEU J 199 34.81 5.28 3.13
CA LEU J 199 35.92 5.25 4.06
C LEU J 199 36.29 3.80 4.37
N ASN J 200 37.40 3.36 3.77
CA ASN J 200 37.93 2.03 4.03
C ASN J 200 38.93 2.08 5.18
N PHE J 201 38.55 1.49 6.30
CA PHE J 201 39.38 1.56 7.51
C PHE J 201 39.33 0.23 8.28
N ARG J 202 40.33 0.02 9.14
CA ARG J 202 40.37 -1.16 9.98
C ARG J 202 41.05 -0.84 11.30
N LYS J 203 40.85 -1.70 12.27
CA LYS J 203 41.60 -1.60 13.51
C LYS J 203 43.07 -2.00 13.32
N LYS J 204 43.96 -1.38 14.08
CA LYS J 204 45.40 -1.63 13.94
C LYS J 204 45.79 -2.99 14.48
N LEU K 1 43.62 -44.42 -40.72
CA LEU K 1 42.74 -43.29 -40.47
C LEU K 1 41.86 -42.99 -41.66
N ASP K 2 40.55 -42.91 -41.44
CA ASP K 2 39.65 -42.40 -42.46
C ASP K 2 39.03 -41.07 -42.00
N ARG K 3 38.19 -40.47 -42.84
CA ARG K 3 37.56 -39.20 -42.52
C ARG K 3 36.76 -39.27 -41.22
N ALA K 4 36.02 -40.37 -41.04
CA ALA K 4 35.23 -40.55 -39.83
C ALA K 4 36.08 -40.42 -38.57
N ASP K 5 37.24 -41.05 -38.58
CA ASP K 5 38.12 -41.04 -37.42
C ASP K 5 38.71 -39.68 -37.16
N ILE K 6 39.17 -39.05 -38.24
CA ILE K 6 39.73 -37.70 -38.14
C ILE K 6 38.71 -36.71 -37.58
N LEU K 7 37.48 -36.77 -38.07
CA LEU K 7 36.48 -35.81 -37.65
C LEU K 7 36.04 -36.14 -36.22
N TYR K 8 36.00 -37.42 -35.88
CA TYR K 8 35.67 -37.85 -34.54
C TYR K 8 36.68 -37.28 -33.55
N ASN K 9 37.97 -37.43 -33.86
CA ASN K 9 39.00 -36.93 -32.95
C ASN K 9 39.00 -35.42 -32.85
N ILE K 10 38.82 -34.76 -33.99
CA ILE K 10 38.80 -33.31 -34.01
C ILE K 10 37.67 -32.85 -33.09
N ARG K 11 36.51 -33.47 -33.22
CA ARG K 11 35.39 -33.05 -32.40
C ARG K 11 35.56 -33.29 -30.92
N GLN K 12 36.07 -34.47 -30.58
CA GLN K 12 36.25 -34.85 -29.20
C GLN K 12 37.32 -34.06 -28.48
N THR K 13 38.32 -33.58 -29.20
CA THR K 13 39.44 -32.96 -28.52
C THR K 13 39.47 -31.48 -28.77
N SER K 14 38.79 -31.03 -29.80
CA SER K 14 39.01 -29.64 -30.21
C SER K 14 38.31 -28.68 -29.28
N ARG K 15 39.02 -27.58 -29.04
CA ARG K 15 38.63 -26.65 -28.03
C ARG K 15 38.60 -25.26 -28.65
N PRO K 16 37.43 -24.92 -29.19
CA PRO K 16 37.08 -23.72 -29.96
C PRO K 16 37.32 -22.44 -29.20
N ASP K 17 37.33 -22.55 -27.87
CA ASP K 17 37.50 -21.42 -26.99
C ASP K 17 38.99 -21.09 -26.77
N VAL K 18 39.88 -21.93 -27.29
CA VAL K 18 41.29 -21.82 -26.94
C VAL K 18 42.15 -21.48 -28.14
N ILE K 19 42.71 -20.26 -28.13
CA ILE K 19 43.56 -19.81 -29.20
C ILE K 19 44.80 -20.71 -29.28
N PRO K 20 45.08 -21.25 -30.47
CA PRO K 20 46.17 -22.21 -30.67
C PRO K 20 47.54 -21.53 -30.65
N THR K 21 47.84 -20.83 -29.56
CA THR K 21 49.12 -20.17 -29.45
C THR K 21 50.13 -21.28 -29.33
N GLN K 22 51.20 -21.11 -30.07
CA GLN K 22 52.24 -22.10 -30.12
C GLN K 22 53.46 -21.41 -29.56
N ARG K 25 54.03 -17.45 -28.95
CA ARG K 25 53.97 -16.49 -30.04
C ARG K 25 52.59 -16.37 -30.62
N PRO K 26 52.35 -15.23 -31.28
CA PRO K 26 51.03 -15.01 -31.85
C PRO K 26 50.67 -16.06 -32.87
N VAL K 27 49.37 -16.28 -33.02
CA VAL K 27 48.87 -17.09 -34.10
C VAL K 27 48.88 -16.23 -35.35
N ALA K 28 49.58 -16.68 -36.38
CA ALA K 28 49.68 -15.93 -37.63
C ALA K 28 48.42 -16.12 -38.45
N VAL K 29 47.56 -15.12 -38.49
CA VAL K 29 46.33 -15.19 -39.25
C VAL K 29 46.48 -14.34 -40.50
N SER K 30 46.17 -14.93 -41.65
CA SER K 30 46.18 -14.22 -42.92
C SER K 30 44.77 -13.91 -43.37
N VAL K 31 44.55 -12.66 -43.75
CA VAL K 31 43.25 -12.22 -44.23
C VAL K 31 43.37 -11.63 -45.62
N SER K 32 42.39 -11.95 -46.47
CA SER K 32 42.38 -11.41 -47.82
C SER K 32 40.95 -11.38 -48.34
N LEU K 33 40.45 -10.19 -48.68
CA LEU K 33 39.09 -10.05 -49.17
C LEU K 33 39.06 -10.16 -50.70
N LYS K 34 38.23 -11.08 -51.21
CA LYS K 34 37.98 -11.17 -52.64
C LYS K 34 36.60 -10.62 -52.91
N PHE K 35 36.53 -9.43 -53.49
CA PHE K 35 35.24 -8.79 -53.72
C PHE K 35 34.47 -9.48 -54.83
N ILE K 36 33.18 -9.64 -54.59
CA ILE K 36 32.31 -10.37 -55.50
C ILE K 36 31.25 -9.43 -56.06
N ASN K 37 30.76 -8.53 -55.21
CA ASN K 37 29.76 -7.58 -55.66
C ASN K 37 29.70 -6.32 -54.81
N ILE K 38 29.46 -5.20 -55.46
CA ILE K 38 29.08 -3.96 -54.78
C ILE K 38 27.61 -3.74 -55.09
N LEU K 39 26.77 -3.75 -54.08
CA LEU K 39 25.33 -3.90 -54.32
C LEU K 39 24.53 -2.61 -54.16
N GLU K 40 24.86 -1.84 -53.14
CA GLU K 40 24.14 -0.59 -52.92
C GLU K 40 25.09 0.44 -52.37
N VAL K 41 25.08 1.60 -53.00
CA VAL K 41 26.04 2.64 -52.71
C VAL K 41 25.26 3.94 -52.47
N ASN K 42 25.72 4.74 -51.52
CA ASN K 42 25.06 5.99 -51.18
C ASN K 42 26.10 7.06 -50.89
N GLU K 43 26.28 7.97 -51.85
CA GLU K 43 27.34 8.97 -51.74
C GLU K 43 26.97 10.05 -50.72
N ILE K 44 25.69 10.15 -50.42
CA ILE K 44 25.23 11.10 -49.42
C ILE K 44 25.53 10.60 -48.01
N THR K 45 25.14 9.35 -47.73
CA THR K 45 25.31 8.79 -46.39
C THR K 45 26.68 8.15 -46.19
N ASN K 46 27.44 8.02 -47.27
CA ASN K 46 28.75 7.38 -47.24
C ASN K 46 28.66 5.95 -46.69
N GLU K 47 27.78 5.16 -47.31
CA GLU K 47 27.56 3.78 -46.92
C GLU K 47 27.54 2.86 -48.13
N VAL K 48 28.23 1.73 -48.03
CA VAL K 48 28.25 0.75 -49.12
C VAL K 48 27.77 -0.61 -48.63
N ASP K 49 27.20 -1.38 -49.55
CA ASP K 49 26.72 -2.73 -49.29
C ASP K 49 27.55 -3.67 -50.17
N VAL K 50 28.36 -4.51 -49.55
CA VAL K 50 29.37 -5.27 -50.27
C VAL K 50 29.26 -6.80 -50.04
N VAL K 51 29.54 -7.57 -51.09
CA VAL K 51 29.64 -9.01 -50.95
C VAL K 51 31.07 -9.42 -51.21
N PHE K 52 31.70 -10.09 -50.26
CA PHE K 52 33.09 -10.51 -50.42
C PHE K 52 33.36 -11.89 -49.84
N TRP K 53 34.38 -12.55 -50.36
CA TRP K 53 34.85 -13.81 -49.81
C TRP K 53 36.02 -13.52 -48.89
N GLN K 54 35.86 -13.77 -47.60
CA GLN K 54 36.90 -13.44 -46.65
C GLN K 54 37.85 -14.63 -46.47
N GLN K 55 38.85 -14.69 -47.32
CA GLN K 55 39.84 -15.76 -47.27
C GLN K 55 40.64 -15.65 -45.99
N THR K 56 40.38 -16.54 -45.06
CA THR K 56 41.09 -16.51 -43.78
C THR K 56 41.85 -17.81 -43.56
N THR K 57 43.06 -17.70 -43.00
CA THR K 57 43.99 -18.81 -42.97
C THR K 57 44.91 -18.76 -41.75
N TRP K 58 45.03 -19.90 -41.07
CA TRP K 58 45.91 -19.96 -39.91
C TRP K 58 46.27 -21.40 -39.58
N SER K 59 47.32 -21.57 -38.79
CA SER K 59 47.72 -22.89 -38.34
C SER K 59 47.18 -23.22 -36.95
N ASP K 60 46.74 -24.46 -36.77
CA ASP K 60 46.34 -25.01 -35.47
C ASP K 60 46.95 -26.40 -35.32
N ARG K 61 48.11 -26.48 -34.68
CA ARG K 61 48.88 -27.72 -34.61
C ARG K 61 48.18 -28.82 -33.84
N THR K 62 47.14 -28.47 -33.11
CA THR K 62 46.40 -29.45 -32.31
C THR K 62 45.36 -30.19 -33.14
N LEU K 63 45.21 -29.82 -34.41
CA LEU K 63 44.30 -30.49 -35.32
C LEU K 63 45.04 -31.49 -36.21
N ALA K 64 46.36 -31.44 -36.17
CA ALA K 64 47.18 -32.25 -37.06
C ALA K 64 47.00 -33.76 -36.87
N TRP K 65 47.28 -34.51 -37.94
CA TRP K 65 47.28 -35.96 -37.88
C TRP K 65 48.27 -36.50 -38.90
N ASN K 66 48.66 -37.76 -38.72
CA ASN K 66 49.57 -38.44 -39.62
C ASN K 66 48.84 -38.95 -40.87
N SER K 67 48.99 -38.22 -41.97
CA SER K 67 48.23 -38.53 -43.19
C SER K 67 48.87 -39.62 -44.08
N SER K 68 49.57 -40.57 -43.45
CA SER K 68 50.29 -41.62 -44.17
C SER K 68 49.41 -42.38 -45.16
N HIS K 69 48.47 -43.17 -44.65
CA HIS K 69 47.43 -43.71 -45.51
C HIS K 69 46.09 -43.16 -45.09
N SER K 70 45.98 -41.84 -45.19
CA SER K 70 44.81 -41.14 -44.70
C SER K 70 44.57 -39.95 -45.61
N PRO K 71 43.33 -39.43 -45.59
CA PRO K 71 43.02 -38.19 -46.29
C PRO K 71 43.98 -37.09 -45.86
N ASP K 72 44.33 -36.21 -46.78
CA ASP K 72 45.24 -35.12 -46.46
C ASP K 72 44.44 -33.94 -45.90
N GLN K 73 43.14 -33.89 -46.22
CA GLN K 73 42.30 -32.78 -45.82
C GLN K 73 40.89 -33.25 -45.48
N VAL K 74 40.20 -32.47 -44.64
CA VAL K 74 38.79 -32.67 -44.34
C VAL K 74 38.08 -31.34 -44.19
N SER K 75 36.78 -31.37 -44.39
CA SER K 75 35.94 -30.21 -44.15
C SER K 75 35.35 -30.33 -42.76
N VAL K 76 35.48 -29.27 -41.96
CA VAL K 76 35.10 -29.30 -40.56
C VAL K 76 34.19 -28.14 -40.23
N PRO K 77 33.09 -28.39 -39.51
CA PRO K 77 32.22 -27.28 -39.08
C PRO K 77 32.99 -26.31 -38.17
N ILE K 78 32.87 -25.01 -38.37
CA ILE K 78 33.68 -24.09 -37.58
C ILE K 78 33.30 -24.07 -36.10
N SER K 79 32.12 -24.58 -35.77
CA SER K 79 31.73 -24.71 -34.37
C SER K 79 32.66 -25.70 -33.62
N SER K 80 33.39 -26.54 -34.35
CA SER K 80 34.33 -27.47 -33.73
C SER K 80 35.77 -27.00 -33.81
N LEU K 81 35.97 -25.75 -34.24
CA LEU K 81 37.33 -25.22 -34.38
C LEU K 81 37.48 -23.90 -33.67
N TRP K 82 38.70 -23.57 -33.30
CA TRP K 82 38.98 -22.22 -32.90
C TRP K 82 39.01 -21.36 -34.16
N VAL K 83 38.46 -20.17 -34.08
CA VAL K 83 38.39 -19.25 -35.20
C VAL K 83 38.73 -17.85 -34.72
N PRO K 84 39.57 -17.13 -35.47
CA PRO K 84 39.96 -15.74 -35.10
C PRO K 84 38.73 -14.85 -34.92
N ASP K 85 38.72 -14.03 -33.88
CA ASP K 85 37.60 -13.15 -33.60
C ASP K 85 37.73 -11.88 -34.42
N LEU K 86 37.79 -12.06 -35.74
CA LEU K 86 37.98 -10.94 -36.66
C LEU K 86 36.72 -10.10 -36.75
N ALA K 87 36.89 -8.80 -36.77
CA ALA K 87 35.77 -7.89 -36.95
C ALA K 87 36.20 -6.76 -37.89
N ALA K 88 35.25 -6.26 -38.69
CA ALA K 88 35.49 -5.04 -39.47
C ALA K 88 35.15 -3.83 -38.63
N TYR K 89 36.15 -2.99 -38.37
CA TYR K 89 36.00 -1.84 -37.48
C TYR K 89 34.96 -0.84 -37.96
N ASN K 90 34.79 -0.69 -39.26
CA ASN K 90 33.85 0.30 -39.78
C ASN K 90 32.61 -0.35 -40.38
N ALA K 91 32.27 -1.54 -39.90
CA ALA K 91 31.05 -2.21 -40.32
C ALA K 91 29.85 -1.61 -39.61
N ILE K 92 28.71 -1.52 -40.28
CA ILE K 92 27.54 -0.95 -39.65
C ILE K 92 26.34 -1.90 -39.75
N SER K 93 26.60 -3.13 -40.16
CA SER K 93 25.60 -4.19 -40.08
C SER K 93 26.29 -5.49 -39.65
N LYS K 94 25.51 -6.45 -39.13
CA LYS K 94 26.08 -7.78 -38.86
C LYS K 94 26.57 -8.40 -40.14
N PRO K 95 27.69 -9.14 -40.08
CA PRO K 95 28.12 -9.91 -41.25
C PRO K 95 27.10 -10.99 -41.54
N GLU K 96 26.48 -10.94 -42.70
CA GLU K 96 25.54 -11.96 -43.13
C GLU K 96 26.28 -13.03 -43.91
N VAL K 97 26.47 -14.19 -43.30
CA VAL K 97 27.23 -15.27 -43.92
C VAL K 97 26.35 -16.06 -44.87
N LEU K 98 26.76 -16.11 -46.13
CA LEU K 98 25.92 -16.66 -47.20
C LEU K 98 26.19 -18.12 -47.50
N THR K 99 27.28 -18.66 -46.94
CA THR K 99 27.75 -20.00 -47.29
C THR K 99 27.75 -20.98 -46.12
N PRO K 100 27.84 -22.30 -46.41
CA PRO K 100 28.02 -23.31 -45.36
C PRO K 100 29.20 -23.01 -44.43
N GLN K 101 28.94 -22.96 -43.13
CA GLN K 101 29.97 -22.60 -42.17
C GLN K 101 30.99 -23.73 -41.94
N LEU K 102 31.72 -24.10 -42.99
CA LEU K 102 32.75 -25.12 -42.89
C LEU K 102 34.13 -24.54 -43.13
N ALA K 103 35.14 -25.11 -42.50
CA ALA K 103 36.51 -24.73 -42.80
C ALA K 103 37.21 -25.96 -43.38
N ARG K 104 38.31 -25.71 -44.08
CA ARG K 104 39.05 -26.79 -44.68
C ARG K 104 40.30 -27.00 -43.84
N VAL K 105 40.48 -28.22 -43.31
CA VAL K 105 41.62 -28.49 -42.45
C VAL K 105 42.62 -29.48 -43.07
N VAL K 106 43.88 -29.08 -43.19
CA VAL K 106 44.92 -29.93 -43.76
C VAL K 106 45.61 -30.70 -42.63
N SER K 107 46.15 -31.88 -42.95
CA SER K 107 46.68 -32.77 -41.94
C SER K 107 47.81 -32.19 -41.10
N ASP K 108 48.41 -31.10 -41.58
CA ASP K 108 49.50 -30.46 -40.83
C ASP K 108 48.96 -29.42 -39.84
N GLY K 109 47.65 -29.19 -39.85
CA GLY K 109 47.05 -28.22 -38.96
C GLY K 109 46.72 -26.89 -39.61
N GLU K 110 46.96 -26.78 -40.91
CA GLU K 110 46.61 -25.57 -41.64
C GLU K 110 45.11 -25.52 -41.80
N VAL K 111 44.53 -24.34 -41.57
CA VAL K 111 43.10 -24.16 -41.64
C VAL K 111 42.73 -23.03 -42.62
N LEU K 112 41.80 -23.31 -43.52
CA LEU K 112 41.31 -22.29 -44.44
C LEU K 112 39.83 -22.12 -44.22
N TYR K 113 39.43 -20.90 -43.84
CA TYR K 113 38.02 -20.58 -43.69
C TYR K 113 37.73 -19.38 -44.61
N MET K 114 36.84 -19.59 -45.56
CA MET K 114 36.56 -18.57 -46.59
C MET K 114 35.07 -18.40 -46.79
N PRO K 115 34.42 -17.72 -45.85
CA PRO K 115 32.98 -17.51 -45.98
C PRO K 115 32.68 -16.41 -46.99
N SER K 116 31.49 -16.48 -47.57
CA SER K 116 30.99 -15.39 -48.39
C SER K 116 30.12 -14.51 -47.51
N ILE K 117 30.47 -13.23 -47.43
CA ILE K 117 29.82 -12.33 -46.51
C ILE K 117 29.17 -11.13 -47.22
N ARG K 118 27.95 -10.80 -46.81
CA ARG K 118 27.35 -9.54 -47.20
C ARG K 118 27.30 -8.62 -45.99
N GLN K 119 27.81 -7.41 -46.15
CA GLN K 119 27.91 -6.49 -45.02
C GLN K 119 27.90 -5.03 -45.49
N ARG K 120 27.34 -4.16 -44.66
CA ARG K 120 27.43 -2.74 -44.96
C ARG K 120 28.55 -2.07 -44.21
N PHE K 121 29.17 -1.09 -44.86
CA PHE K 121 30.27 -0.35 -44.24
C PHE K 121 30.08 1.15 -44.33
N SER K 122 30.72 1.84 -43.40
CA SER K 122 30.84 3.28 -43.42
C SER K 122 32.21 3.64 -43.95
N CYS K 123 32.25 4.15 -45.18
CA CYS K 123 33.50 4.49 -45.82
C CYS K 123 33.31 5.65 -46.80
N ASP K 124 34.41 6.11 -47.39
CA ASP K 124 34.37 7.24 -48.32
C ASP K 124 33.85 6.84 -49.69
N VAL K 125 32.65 7.30 -50.01
CA VAL K 125 32.01 6.94 -51.28
C VAL K 125 32.14 8.07 -52.31
N SER K 126 32.65 9.22 -51.87
CA SER K 126 32.83 10.38 -52.72
C SER K 126 33.69 10.05 -53.95
N GLY K 127 33.19 10.44 -55.12
CA GLY K 127 33.92 10.23 -56.37
C GLY K 127 33.54 8.94 -57.08
N VAL K 128 32.44 8.33 -56.65
CA VAL K 128 32.04 7.05 -57.19
C VAL K 128 31.59 7.16 -58.66
N ASP K 129 31.07 8.32 -59.05
CA ASP K 129 30.72 8.60 -60.46
C ASP K 129 31.85 9.21 -61.25
N THR K 130 32.71 9.94 -60.56
CA THR K 130 34.01 10.27 -61.10
C THR K 130 34.67 9.03 -61.65
N GLU K 131 35.42 9.20 -62.71
CA GLU K 131 36.11 8.12 -63.37
C GLU K 131 37.37 7.70 -62.64
N SER K 132 37.82 8.60 -61.79
CA SER K 132 38.93 8.33 -60.89
C SER K 132 38.43 7.36 -59.81
N GLY K 133 37.13 7.42 -59.56
CA GLY K 133 36.46 6.48 -58.68
C GLY K 133 36.51 6.82 -57.20
N ALA K 134 35.69 6.10 -56.43
CA ALA K 134 35.73 6.19 -54.98
C ALA K 134 36.77 5.22 -54.43
N THR K 135 37.21 5.48 -53.20
CA THR K 135 38.09 4.54 -52.51
C THR K 135 37.57 4.30 -51.11
N CYS K 136 36.95 3.12 -50.94
CA CYS K 136 36.38 2.73 -49.66
C CYS K 136 37.39 1.86 -48.90
N ARG K 137 37.74 2.27 -47.69
CA ARG K 137 38.68 1.51 -46.87
C ARG K 137 37.98 0.69 -45.78
N ILE K 138 38.33 -0.59 -45.69
CA ILE K 138 37.76 -1.49 -44.69
C ILE K 138 38.89 -2.05 -43.83
N LYS K 139 38.77 -1.85 -42.52
CA LYS K 139 39.78 -2.36 -41.59
C LYS K 139 39.31 -3.60 -40.82
N ILE K 140 40.10 -4.66 -40.90
CA ILE K 140 39.75 -5.93 -40.24
C ILE K 140 40.85 -6.33 -39.27
N GLY K 141 40.49 -6.59 -38.02
CA GLY K 141 41.42 -7.09 -37.02
C GLY K 141 40.76 -7.94 -35.96
N SER K 142 41.55 -8.49 -35.06
CA SER K 142 41.01 -9.22 -33.92
C SER K 142 40.26 -8.24 -33.03
N TRP K 143 39.11 -8.66 -32.50
CA TRP K 143 38.32 -7.79 -31.66
C TRP K 143 38.84 -7.72 -30.23
N THR K 144 39.46 -8.80 -29.73
CA THR K 144 39.88 -8.84 -28.32
C THR K 144 41.33 -9.26 -28.10
N HIS K 145 41.98 -9.77 -29.14
CA HIS K 145 43.36 -10.24 -29.00
C HIS K 145 44.35 -9.20 -29.52
N HIS K 146 45.44 -9.00 -28.81
CA HIS K 146 46.48 -8.09 -29.26
C HIS K 146 47.55 -8.80 -30.10
N SER K 147 48.52 -8.03 -30.58
CA SER K 147 49.47 -8.49 -31.58
C SER K 147 50.33 -9.68 -31.15
N ARG K 148 50.37 -10.01 -29.86
CA ARG K 148 51.25 -11.13 -29.47
C ARG K 148 50.41 -12.37 -29.24
N GLU K 149 49.12 -12.26 -29.46
CA GLU K 149 48.24 -13.41 -29.40
C GLU K 149 47.77 -13.71 -30.81
N ILE K 150 47.43 -12.66 -31.54
CA ILE K 150 47.08 -12.78 -32.95
C ILE K 150 47.79 -11.71 -33.79
N SER K 151 48.44 -12.14 -34.86
CA SER K 151 48.94 -11.16 -35.83
C SER K 151 48.15 -11.33 -37.11
N VAL K 152 47.71 -10.22 -37.69
CA VAL K 152 47.02 -10.29 -38.96
C VAL K 152 47.95 -9.81 -40.09
N ASP K 153 47.84 -10.44 -41.25
CA ASP K 153 48.67 -10.10 -42.39
C ASP K 153 47.90 -10.29 -43.69
N PRO K 154 48.15 -9.42 -44.69
CA PRO K 154 47.58 -9.63 -46.02
C PRO K 154 48.23 -10.83 -46.73
N THR K 155 47.79 -11.11 -47.94
CA THR K 155 48.29 -12.27 -48.67
C THR K 155 49.11 -11.87 -49.88
N SER K 162 39.13 -8.75 -57.29
CA SER K 162 39.05 -8.19 -58.63
C SER K 162 38.65 -9.26 -59.65
N GLU K 163 39.14 -10.49 -59.44
CA GLU K 163 39.04 -11.55 -60.42
C GLU K 163 37.71 -12.33 -60.33
N TYR K 164 37.15 -12.39 -59.13
CA TYR K 164 35.88 -13.09 -58.94
C TYR K 164 34.71 -12.12 -58.86
N PHE K 165 34.95 -10.87 -59.23
CA PHE K 165 33.93 -9.83 -59.15
C PHE K 165 32.88 -10.01 -60.24
N SER K 166 31.64 -9.67 -59.89
CA SER K 166 30.50 -9.92 -60.77
C SER K 166 30.54 -9.00 -61.99
N GLN K 167 30.45 -9.60 -63.18
CA GLN K 167 30.37 -8.80 -64.41
C GLN K 167 29.04 -8.05 -64.49
N TYR K 168 28.08 -8.41 -63.64
CA TYR K 168 26.75 -7.82 -63.75
C TYR K 168 26.51 -6.73 -62.73
N SER K 169 27.53 -6.40 -61.95
CA SER K 169 27.41 -5.30 -60.98
C SER K 169 27.28 -3.96 -61.69
N ARG K 170 26.59 -3.01 -61.05
CA ARG K 170 26.54 -1.64 -61.57
C ARG K 170 27.88 -0.95 -61.46
N PHE K 171 28.84 -1.63 -60.81
CA PHE K 171 30.12 -1.04 -60.54
C PHE K 171 31.24 -1.91 -61.07
N GLU K 172 32.44 -1.36 -61.08
CA GLU K 172 33.62 -2.09 -61.48
C GLU K 172 34.78 -1.71 -60.59
N ILE K 173 35.79 -2.57 -60.52
CA ILE K 173 36.90 -2.34 -59.62
C ILE K 173 38.12 -1.84 -60.36
N LEU K 174 38.61 -0.69 -59.95
CA LEU K 174 39.83 -0.14 -60.53
C LEU K 174 41.04 -0.78 -59.89
N ASP K 175 41.06 -0.80 -58.56
CA ASP K 175 42.19 -1.33 -57.83
C ASP K 175 41.80 -1.78 -56.42
N VAL K 176 42.48 -2.82 -55.93
CA VAL K 176 42.36 -3.23 -54.54
C VAL K 176 43.74 -3.38 -53.93
N THR K 177 44.01 -2.66 -52.85
CA THR K 177 45.27 -2.82 -52.15
C THR K 177 45.01 -3.21 -50.72
N GLN K 178 45.84 -4.09 -50.19
CA GLN K 178 45.71 -4.55 -48.81
C GLN K 178 47.01 -4.22 -48.08
N LYS K 179 46.89 -3.50 -46.98
CA LYS K 179 48.07 -3.12 -46.22
C LYS K 179 47.85 -3.36 -44.73
N LYS K 180 48.94 -3.52 -43.98
CA LYS K 180 48.84 -3.85 -42.57
C LYS K 180 49.18 -2.69 -41.64
N ASN K 181 48.32 -2.43 -40.67
CA ASN K 181 48.61 -1.42 -39.66
C ASN K 181 48.94 -2.06 -38.36
N SER K 182 49.96 -1.49 -37.73
CA SER K 182 50.33 -1.78 -36.37
C SER K 182 50.46 -0.46 -35.62
N VAL K 183 49.96 -0.44 -34.40
CA VAL K 183 49.91 0.76 -33.60
C VAL K 183 50.21 0.39 -32.16
N THR K 184 51.03 1.20 -31.49
CA THR K 184 51.31 0.94 -30.09
C THR K 184 50.69 2.09 -29.30
N TYR K 185 49.94 1.76 -28.26
CA TYR K 185 49.24 2.78 -27.48
C TYR K 185 49.89 3.03 -26.12
N SER K 186 49.47 4.11 -25.45
CA SER K 186 50.04 4.45 -24.14
C SER K 186 49.46 3.44 -23.14
N CYS K 187 48.16 3.16 -23.25
CA CYS K 187 47.45 2.25 -22.35
C CYS K 187 48.13 0.89 -22.20
N CYS K 188 48.53 0.32 -23.34
CA CYS K 188 48.90 -1.09 -23.39
C CYS K 188 50.29 -1.28 -23.98
N PRO K 189 51.03 -2.27 -23.47
CA PRO K 189 52.37 -2.59 -23.96
C PRO K 189 52.36 -3.38 -25.27
N GLU K 190 51.19 -3.80 -25.71
CA GLU K 190 51.10 -4.61 -26.92
C GLU K 190 50.64 -3.79 -28.12
N ALA K 191 51.12 -4.18 -29.30
CA ALA K 191 50.71 -3.54 -30.54
C ALA K 191 49.37 -4.11 -30.97
N TYR K 192 48.61 -3.32 -31.70
CA TYR K 192 47.31 -3.80 -32.14
C TYR K 192 47.28 -3.78 -33.66
N GLU K 193 46.93 -4.91 -34.25
CA GLU K 193 47.07 -5.04 -35.69
C GLU K 193 45.73 -5.11 -36.40
N ASP K 194 45.71 -4.55 -37.61
CA ASP K 194 44.58 -4.72 -38.51
C ASP K 194 45.08 -4.79 -39.96
N VAL K 195 44.23 -5.28 -40.84
CA VAL K 195 44.52 -5.24 -42.25
C VAL K 195 43.59 -4.22 -42.89
N GLU K 196 44.17 -3.21 -43.55
CA GLU K 196 43.37 -2.20 -44.22
C GLU K 196 43.23 -2.56 -45.67
N VAL K 197 41.99 -2.71 -46.11
CA VAL K 197 41.69 -3.05 -47.50
C VAL K 197 41.11 -1.85 -48.24
N SER K 198 41.83 -1.37 -49.25
CA SER K 198 41.38 -0.20 -50.00
C SER K 198 40.70 -0.63 -51.30
N LEU K 199 39.41 -0.33 -51.39
CA LEU K 199 38.63 -0.72 -52.55
C LEU K 199 38.38 0.50 -53.45
N ASN K 200 39.12 0.56 -54.57
CA ASN K 200 38.94 1.58 -55.58
C ASN K 200 37.94 1.15 -56.63
N PHE K 201 36.75 1.75 -56.59
CA PHE K 201 35.67 1.36 -57.50
C PHE K 201 34.91 2.57 -58.03
N ARG K 202 34.21 2.38 -59.14
CA ARG K 202 33.38 3.42 -59.71
C ARG K 202 32.17 2.82 -60.39
N LYS K 203 31.16 3.64 -60.64
CA LYS K 203 30.05 3.25 -61.50
C LYS K 203 30.44 3.10 -62.96
N LYS K 204 29.79 2.18 -63.64
CA LYS K 204 30.09 1.91 -65.05
C LYS K 204 29.56 2.95 -66.02
N GLY K 205 30.41 3.38 -66.95
CA GLY K 205 29.96 4.15 -68.10
C GLY K 205 29.11 5.39 -67.81
N LEU L 1 50.24 -22.95 -15.49
CA LEU L 1 48.95 -22.64 -16.12
C LEU L 1 49.14 -22.09 -17.53
N ASP L 2 48.46 -22.70 -18.50
CA ASP L 2 48.41 -22.12 -19.83
C ASP L 2 46.97 -21.73 -20.15
N ARG L 3 46.75 -21.15 -21.33
CA ARG L 3 45.43 -20.65 -21.72
C ARG L 3 44.40 -21.76 -21.68
N ALA L 4 44.79 -22.93 -22.14
CA ALA L 4 43.88 -24.06 -22.19
C ALA L 4 43.35 -24.39 -20.79
N ASP L 5 44.24 -24.42 -19.81
CA ASP L 5 43.83 -24.72 -18.43
C ASP L 5 42.90 -23.62 -17.87
N ILE L 6 43.29 -22.36 -18.07
CA ILE L 6 42.53 -21.25 -17.56
C ILE L 6 41.11 -21.27 -18.12
N LEU L 7 40.99 -21.46 -19.44
CA LEU L 7 39.69 -21.45 -20.07
C LEU L 7 38.89 -22.69 -19.68
N TYR L 8 39.59 -23.81 -19.45
CA TYR L 8 38.94 -25.02 -18.99
C TYR L 8 38.32 -24.79 -17.61
N ASN L 9 39.09 -24.26 -16.68
CA ASN L 9 38.56 -23.99 -15.36
C ASN L 9 37.42 -22.96 -15.36
N ILE L 10 37.60 -21.88 -16.11
CA ILE L 10 36.56 -20.87 -16.19
C ILE L 10 35.28 -21.51 -16.67
N ARG L 11 35.39 -22.33 -17.70
CA ARG L 11 34.19 -22.90 -18.25
C ARG L 11 33.51 -23.89 -17.30
N GLN L 12 34.32 -24.70 -16.61
CA GLN L 12 33.81 -25.69 -15.69
C GLN L 12 33.22 -25.10 -14.40
N THR L 13 33.68 -23.91 -13.98
CA THR L 13 33.31 -23.36 -12.66
C THR L 13 32.72 -21.96 -12.63
N SER L 14 32.80 -21.23 -13.74
CA SER L 14 32.20 -19.91 -13.82
C SER L 14 30.67 -20.02 -13.80
N ARG L 15 30.01 -19.05 -13.21
CA ARG L 15 28.59 -19.19 -13.03
C ARG L 15 27.79 -18.08 -13.69
N PRO L 16 27.37 -18.26 -14.96
CA PRO L 16 26.86 -17.10 -15.70
C PRO L 16 25.60 -16.54 -15.12
N ASP L 17 24.83 -17.37 -14.42
CA ASP L 17 23.54 -17.00 -13.86
CA ASP L 17 23.55 -16.88 -13.91
C ASP L 17 23.67 -16.29 -12.51
N VAL L 18 24.89 -16.23 -12.00
CA VAL L 18 25.13 -15.81 -10.62
C VAL L 18 25.93 -14.54 -10.56
N ILE L 19 25.27 -13.47 -10.14
CA ILE L 19 25.92 -12.17 -10.00
C ILE L 19 27.06 -12.26 -8.98
N PRO L 20 28.27 -11.84 -9.37
CA PRO L 20 29.46 -11.98 -8.53
C PRO L 20 29.47 -10.96 -7.40
N THR L 21 28.45 -11.03 -6.56
CA THR L 21 28.35 -10.09 -5.46
C THR L 21 29.45 -10.56 -4.54
N GLN L 22 30.25 -9.61 -4.12
CA GLN L 22 31.27 -9.81 -3.15
C GLN L 22 30.71 -9.19 -1.94
N ARG L 23 30.45 -9.92 -0.85
CA ARG L 23 30.26 -9.22 0.41
C ARG L 23 28.90 -8.67 0.70
N ASP L 24 27.97 -8.81 -0.23
CA ASP L 24 26.63 -8.27 -0.13
C ASP L 24 26.85 -6.79 -0.50
N ARG L 25 27.91 -6.49 -1.25
CA ARG L 25 28.00 -5.20 -1.87
C ARG L 25 27.68 -5.32 -3.31
N PRO L 26 27.20 -4.22 -3.88
CA PRO L 26 26.90 -4.24 -5.30
C PRO L 26 28.12 -4.55 -6.13
N VAL L 27 27.89 -5.15 -7.30
CA VAL L 27 28.93 -5.28 -8.28
C VAL L 27 29.09 -3.93 -8.96
N ALA L 28 30.29 -3.39 -8.93
CA ALA L 28 30.56 -2.09 -9.54
C ALA L 28 30.74 -2.23 -11.05
N VAL L 29 29.73 -1.84 -11.81
CA VAL L 29 29.80 -1.94 -13.26
C VAL L 29 30.03 -0.56 -13.85
N SER L 30 31.06 -0.43 -14.67
CA SER L 30 31.31 0.82 -15.38
C SER L 30 30.85 0.73 -16.82
N VAL L 31 30.11 1.74 -17.27
CA VAL L 31 29.63 1.79 -18.63
C VAL L 31 30.08 3.08 -19.30
N SER L 32 30.47 2.98 -20.56
CA SER L 32 30.91 4.15 -21.31
C SER L 32 30.70 3.89 -22.80
N LEU L 33 29.85 4.71 -23.42
CA LEU L 33 29.58 4.56 -24.85
C LEU L 33 30.58 5.33 -25.70
N LYS L 34 31.22 4.65 -26.65
CA LYS L 34 32.06 5.31 -27.64
C LYS L 34 31.34 5.33 -28.97
N PHE L 35 30.84 6.49 -29.37
CA PHE L 35 30.04 6.57 -30.59
C PHE L 35 30.92 6.44 -31.82
N ILE L 36 30.41 5.69 -32.79
CA ILE L 36 31.16 5.33 -33.98
C ILE L 36 30.46 5.90 -35.17
N ASN L 37 29.13 5.86 -35.15
CA ASN L 37 28.37 6.37 -36.27
C ASN L 37 26.94 6.74 -35.90
N ILE L 38 26.44 7.82 -36.50
CA ILE L 38 25.03 8.16 -36.48
C ILE L 38 24.53 7.94 -37.90
N LEU L 39 23.59 7.01 -38.05
CA LEU L 39 23.33 6.45 -39.37
C LEU L 39 22.06 6.96 -39.98
N GLU L 40 21.00 7.06 -39.18
CA GLU L 40 19.76 7.54 -39.72
C GLU L 40 19.01 8.30 -38.67
N VAL L 41 18.60 9.50 -39.05
CA VAL L 41 18.02 10.45 -38.12
C VAL L 41 16.69 10.92 -38.67
N ASN L 42 15.72 11.10 -37.79
CA ASN L 42 14.39 11.53 -38.21
C ASN L 42 13.83 12.55 -37.21
N GLU L 43 13.87 13.83 -37.58
CA GLU L 43 13.47 14.91 -36.68
C GLU L 43 11.96 14.90 -36.46
N ILE L 44 11.23 14.34 -37.40
CA ILE L 44 9.77 14.23 -37.26
C ILE L 44 9.37 13.18 -36.23
N THR L 45 9.92 11.97 -36.36
CA THR L 45 9.57 10.86 -35.47
C THR L 45 10.42 10.84 -34.20
N ASN L 46 11.46 11.66 -34.15
CA ASN L 46 12.36 11.70 -33.01
C ASN L 46 13.00 10.35 -32.75
N GLU L 47 13.61 9.80 -33.80
CA GLU L 47 14.26 8.50 -33.73
C GLU L 47 15.65 8.55 -34.37
N VAL L 48 16.64 7.99 -33.69
CA VAL L 48 17.97 7.91 -34.25
C VAL L 48 18.45 6.46 -34.34
N ASP L 49 19.33 6.21 -35.31
CA ASP L 49 19.97 4.92 -35.52
C ASP L 49 21.46 5.10 -35.28
N VAL L 50 21.98 4.46 -34.24
CA VAL L 50 23.32 4.73 -33.76
C VAL L 50 24.20 3.47 -33.70
N VAL L 51 25.48 3.63 -33.99
CA VAL L 51 26.45 2.57 -33.78
C VAL L 51 27.44 3.01 -32.72
N PHE L 52 27.53 2.24 -31.63
CA PHE L 52 28.46 2.57 -30.56
C PHE L 52 29.18 1.35 -29.99
N TRP L 53 30.34 1.59 -29.40
CA TRP L 53 31.06 0.57 -28.65
C TRP L 53 30.72 0.73 -27.18
N GLN L 54 30.02 -0.26 -26.62
CA GLN L 54 29.60 -0.18 -25.23
C GLN L 54 30.70 -0.74 -24.31
N GLN L 55 31.62 0.12 -23.89
CA GLN L 55 32.69 -0.30 -23.01
C GLN L 55 32.13 -0.63 -21.62
N THR L 56 32.15 -1.91 -21.25
CA THR L 56 31.59 -2.38 -20.00
C THR L 56 32.64 -3.11 -19.15
N THR L 57 32.70 -2.77 -17.86
CA THR L 57 33.82 -3.13 -17.02
C THR L 57 33.36 -3.49 -15.62
N TRP L 58 33.89 -4.59 -15.08
CA TRP L 58 33.58 -4.98 -13.71
C TRP L 58 34.49 -6.10 -13.26
N SER L 59 34.34 -6.45 -12.00
CA SER L 59 35.23 -7.38 -11.34
C SER L 59 34.45 -8.61 -10.90
N ASP L 60 34.87 -9.79 -11.39
CA ASP L 60 34.26 -11.05 -10.98
C ASP L 60 35.36 -11.95 -10.46
N ARG L 61 35.54 -11.95 -9.15
CA ARG L 61 36.73 -12.56 -8.59
C ARG L 61 36.69 -14.08 -8.64
N THR L 62 35.54 -14.68 -8.96
CA THR L 62 35.49 -16.13 -9.10
C THR L 62 36.30 -16.61 -10.33
N LEU L 63 36.66 -15.66 -11.19
CA LEU L 63 37.41 -15.94 -12.42
C LEU L 63 38.93 -15.86 -12.24
N ALA L 64 39.36 -15.32 -11.09
CA ALA L 64 40.77 -15.03 -10.89
C ALA L 64 41.65 -16.30 -10.88
N TRP L 65 42.93 -16.10 -11.21
CA TRP L 65 43.91 -17.17 -11.13
C TRP L 65 45.28 -16.57 -10.85
N ASN L 66 46.20 -17.42 -10.40
CA ASN L 66 47.57 -17.02 -10.09
C ASN L 66 48.40 -16.94 -11.36
N SER L 67 48.64 -15.73 -11.86
CA SER L 67 49.31 -15.54 -13.14
C SER L 67 50.84 -15.55 -13.05
N SER L 68 51.40 -16.29 -12.09
CA SER L 68 52.84 -16.32 -11.83
C SER L 68 53.67 -16.64 -13.09
N HIS L 69 53.52 -17.85 -13.61
CA HIS L 69 54.10 -18.18 -14.91
C HIS L 69 52.96 -18.54 -15.84
N SER L 70 52.05 -17.61 -16.00
CA SER L 70 50.81 -17.85 -16.73
C SER L 70 50.44 -16.59 -17.47
N PRO L 71 49.61 -16.72 -18.51
CA PRO L 71 49.04 -15.54 -19.18
C PRO L 71 48.36 -14.62 -18.17
N ASP L 72 48.45 -13.31 -18.39
CA ASP L 72 47.82 -12.36 -17.49
C ASP L 72 46.35 -12.16 -17.89
N GLN L 73 46.02 -12.47 -19.14
CA GLN L 73 44.68 -12.25 -19.69
C GLN L 73 44.28 -13.33 -20.68
N VAL L 74 42.97 -13.54 -20.80
CA VAL L 74 42.42 -14.42 -21.82
C VAL L 74 41.13 -13.84 -22.38
N SER L 75 40.79 -14.23 -23.59
CA SER L 75 39.50 -13.88 -24.17
C SER L 75 38.56 -15.04 -23.88
N VAL L 76 37.37 -14.72 -23.38
CA VAL L 76 36.40 -15.70 -22.95
C VAL L 76 35.03 -15.43 -23.59
N PRO L 77 34.37 -16.47 -24.14
CA PRO L 77 33.02 -16.28 -24.66
C PRO L 77 32.09 -15.80 -23.55
N ILE L 78 31.24 -14.80 -23.80
CA ILE L 78 30.40 -14.28 -22.72
C ILE L 78 29.36 -15.30 -22.24
N SER L 79 29.09 -16.33 -23.04
CA SER L 79 28.18 -17.39 -22.60
C SER L 79 28.74 -18.13 -21.37
N SER L 80 30.04 -18.02 -21.15
CA SER L 80 30.68 -18.67 -20.01
C SER L 80 30.93 -17.72 -18.85
N LEU L 81 30.42 -16.49 -18.95
CA LEU L 81 30.63 -15.49 -17.89
C LEU L 81 29.32 -14.92 -17.45
N TRP L 82 29.28 -14.45 -16.20
CA TRP L 82 28.20 -13.60 -15.78
C TRP L 82 28.37 -12.24 -16.47
N VAL L 83 27.27 -11.69 -16.95
CA VAL L 83 27.26 -10.41 -17.62
C VAL L 83 26.12 -9.53 -17.10
N PRO L 84 26.39 -8.25 -16.80
CA PRO L 84 25.34 -7.33 -16.35
C PRO L 84 24.16 -7.31 -17.32
N ASP L 85 22.93 -7.38 -16.80
CA ASP L 85 21.73 -7.31 -17.62
C ASP L 85 21.41 -5.84 -17.99
N LEU L 86 22.37 -5.18 -18.63
CA LEU L 86 22.19 -3.79 -19.00
C LEU L 86 21.20 -3.64 -20.14
N ALA L 87 20.35 -2.62 -20.05
CA ALA L 87 19.41 -2.31 -21.13
C ALA L 87 19.35 -0.81 -21.30
N ALA L 88 19.12 -0.36 -22.53
CA ALA L 88 18.83 1.03 -22.79
C ALA L 88 17.34 1.27 -22.63
N TYR L 89 16.96 2.14 -21.68
CA TYR L 89 15.55 2.39 -21.38
C TYR L 89 14.74 2.97 -22.55
N ASN L 90 15.39 3.74 -23.42
CA ASN L 90 14.66 4.37 -24.50
C ASN L 90 15.02 3.77 -25.85
N ALA L 91 15.46 2.52 -25.85
CA ALA L 91 15.75 1.81 -27.09
C ALA L 91 14.45 1.32 -27.71
N ILE L 92 14.38 1.32 -29.04
CA ILE L 92 13.14 0.92 -29.70
C ILE L 92 13.40 -0.18 -30.72
N SER L 93 14.63 -0.70 -30.70
CA SER L 93 14.95 -1.90 -31.44
C SER L 93 15.87 -2.78 -30.59
N LYS L 94 15.93 -4.09 -30.91
CA LYS L 94 16.92 -4.98 -30.31
C LYS L 94 18.32 -4.51 -30.58
N PRO L 95 19.19 -4.64 -29.58
CA PRO L 95 20.58 -4.29 -29.82
C PRO L 95 21.16 -5.30 -30.79
N GLU L 96 21.64 -4.82 -31.93
CA GLU L 96 22.28 -5.67 -32.94
C GLU L 96 23.78 -5.68 -32.68
N VAL L 97 24.28 -6.80 -32.16
CA VAL L 97 25.69 -6.92 -31.84
C VAL L 97 26.49 -7.25 -33.08
N LEU L 98 27.45 -6.39 -33.41
CA LEU L 98 28.18 -6.51 -34.67
C LEU L 98 29.49 -7.29 -34.57
N THR L 99 29.93 -7.56 -33.34
CA THR L 99 31.26 -8.09 -33.10
C THR L 99 31.24 -9.49 -32.42
N PRO L 100 32.37 -10.22 -32.46
CA PRO L 100 32.50 -11.48 -31.72
C PRO L 100 32.16 -11.33 -30.24
N GLN L 101 31.28 -12.19 -29.76
CA GLN L 101 30.81 -12.09 -28.38
C GLN L 101 31.82 -12.59 -27.37
N LEU L 102 32.97 -11.91 -27.26
CA LEU L 102 34.01 -12.32 -26.33
C LEU L 102 34.23 -11.21 -25.33
N ALA L 103 34.65 -11.57 -24.12
CA ALA L 103 35.07 -10.58 -23.15
C ALA L 103 36.53 -10.82 -22.80
N ARG L 104 37.20 -9.81 -22.30
CA ARG L 104 38.60 -9.93 -21.96
C ARG L 104 38.72 -10.04 -20.44
N VAL L 105 39.34 -11.12 -19.97
CA VAL L 105 39.39 -11.37 -18.54
C VAL L 105 40.82 -11.34 -18.04
N VAL L 106 41.07 -10.52 -17.03
CA VAL L 106 42.41 -10.39 -16.44
C VAL L 106 42.51 -11.32 -15.24
N SER L 107 43.72 -11.76 -14.92
CA SER L 107 43.93 -12.76 -13.90
C SER L 107 43.40 -12.38 -12.52
N ASP L 108 43.14 -11.09 -12.30
CA ASP L 108 42.64 -10.64 -11.00
C ASP L 108 41.12 -10.67 -10.95
N GLY L 109 40.50 -10.95 -12.09
CA GLY L 109 39.05 -11.08 -12.13
C GLY L 109 38.39 -9.90 -12.81
N GLU L 110 39.20 -8.99 -13.32
CA GLU L 110 38.68 -7.82 -14.02
C GLU L 110 38.19 -8.26 -15.38
N VAL L 111 37.01 -7.79 -15.76
CA VAL L 111 36.41 -8.22 -17.02
C VAL L 111 36.10 -7.00 -17.87
N LEU L 112 36.49 -7.07 -19.15
CA LEU L 112 36.13 -6.01 -20.09
C LEU L 112 35.32 -6.62 -21.23
N TYR L 113 34.08 -6.16 -21.38
CA TYR L 113 33.23 -6.55 -22.48
C TYR L 113 32.85 -5.29 -23.25
N MET L 114 33.24 -5.23 -24.52
CA MET L 114 33.04 -4.00 -25.33
C MET L 114 32.51 -4.37 -26.71
N PRO L 115 31.22 -4.72 -26.78
CA PRO L 115 30.60 -5.04 -28.07
C PRO L 115 30.34 -3.79 -28.89
N SER L 116 30.34 -3.97 -30.21
CA SER L 116 29.88 -2.91 -31.09
C SER L 116 28.41 -3.13 -31.38
N ILE L 117 27.60 -2.13 -31.08
CA ILE L 117 26.16 -2.27 -31.15
C ILE L 117 25.50 -1.27 -32.11
N ARG L 118 24.56 -1.75 -32.91
CA ARG L 118 23.72 -0.85 -33.68
C ARG L 118 22.33 -0.94 -33.09
N GLN L 119 21.75 0.22 -32.76
CA GLN L 119 20.46 0.26 -32.10
C GLN L 119 19.71 1.56 -32.39
N ARG L 120 18.38 1.47 -32.37
CA ARG L 120 17.55 2.65 -32.57
C ARG L 120 17.01 3.17 -31.27
N PHE L 121 17.01 4.48 -31.12
CA PHE L 121 16.52 5.09 -29.89
C PHE L 121 15.43 6.14 -30.12
N SER L 122 14.61 6.31 -29.09
CA SER L 122 13.65 7.40 -29.05
C SER L 122 14.25 8.52 -28.21
N CYS L 123 14.64 9.60 -28.86
CA CYS L 123 15.25 10.74 -28.19
C CYS L 123 14.98 12.06 -28.92
N ASP L 124 15.41 13.16 -28.32
CA ASP L 124 15.18 14.48 -28.87
C ASP L 124 16.12 14.79 -30.02
N VAL L 125 15.57 14.85 -31.22
CA VAL L 125 16.33 15.05 -32.44
C VAL L 125 16.22 16.51 -32.93
N SER L 126 15.31 17.26 -32.29
CA SER L 126 15.08 18.67 -32.65
C SER L 126 16.37 19.47 -32.57
N GLY L 127 16.62 20.26 -33.62
CA GLY L 127 17.81 21.09 -33.68
C GLY L 127 19.01 20.45 -34.35
N VAL L 128 18.78 19.33 -35.02
CA VAL L 128 19.87 18.56 -35.61
C VAL L 128 20.54 19.32 -36.77
N ASP L 129 19.77 20.19 -37.42
CA ASP L 129 20.25 21.04 -38.53
C ASP L 129 20.75 22.38 -38.04
N THR L 130 20.15 22.86 -36.95
CA THR L 130 20.71 23.95 -36.16
C THR L 130 22.18 23.66 -35.89
N GLU L 131 23.02 24.69 -35.80
CA GLU L 131 24.41 24.39 -35.58
C GLU L 131 24.68 24.26 -34.08
N SER L 132 23.69 24.65 -33.30
CA SER L 132 23.71 24.34 -31.87
C SER L 132 23.57 22.84 -31.67
N GLY L 133 22.90 22.21 -32.63
CA GLY L 133 22.79 20.77 -32.69
C GLY L 133 21.66 20.18 -31.87
N ALA L 134 21.40 18.90 -32.10
CA ALA L 134 20.44 18.16 -31.27
C ALA L 134 21.18 17.54 -30.10
N THR L 135 20.43 17.19 -29.07
CA THR L 135 20.99 16.48 -27.93
C THR L 135 20.12 15.27 -27.61
N CYS L 136 20.61 14.10 -28.02
CA CYS L 136 19.92 12.85 -27.78
C CYS L 136 20.42 12.18 -26.51
N ARG L 137 19.52 11.90 -25.58
CA ARG L 137 19.90 11.28 -24.31
C ARG L 137 19.58 9.77 -24.30
N ILE L 138 20.57 8.97 -23.91
CA ILE L 138 20.38 7.52 -23.80
C ILE L 138 20.65 7.06 -22.38
N LYS L 139 19.68 6.38 -21.77
CA LYS L 139 19.84 5.88 -20.40
C LYS L 139 20.07 4.36 -20.37
N ILE L 140 21.15 3.95 -19.71
CA ILE L 140 21.51 2.55 -19.59
C ILE L 140 21.62 2.11 -18.14
N GLY L 141 20.88 1.07 -17.77
CA GLY L 141 20.98 0.52 -16.42
C GLY L 141 20.70 -0.98 -16.38
N SER L 142 20.85 -1.58 -15.21
CA SER L 142 20.43 -2.96 -15.03
C SER L 142 18.93 -3.06 -15.22
N TRP L 143 18.48 -4.14 -15.84
CA TRP L 143 17.05 -4.30 -16.09
C TRP L 143 16.34 -4.88 -14.87
N THR L 144 17.02 -5.69 -14.07
CA THR L 144 16.36 -6.38 -12.97
C THR L 144 17.07 -6.25 -11.62
N HIS L 145 18.30 -5.75 -11.62
CA HIS L 145 19.03 -5.60 -10.36
C HIS L 145 19.00 -4.16 -9.83
N HIS L 146 18.83 -4.01 -8.53
CA HIS L 146 18.81 -2.68 -7.93
C HIS L 146 20.19 -2.26 -7.43
N SER L 147 20.28 -1.05 -6.89
CA SER L 147 21.57 -0.41 -6.61
C SER L 147 22.45 -1.15 -5.63
N ARG L 148 21.89 -2.09 -4.91
CA ARG L 148 22.69 -2.83 -3.94
C ARG L 148 23.18 -4.17 -4.46
N GLU L 149 22.77 -4.48 -5.67
CA GLU L 149 23.23 -5.65 -6.36
C GLU L 149 24.13 -5.21 -7.49
N ILE L 150 23.73 -4.17 -8.20
CA ILE L 150 24.53 -3.58 -9.25
C ILE L 150 24.55 -2.05 -9.17
N SER L 151 25.75 -1.48 -9.18
CA SER L 151 25.84 -0.05 -9.33
C SER L 151 26.46 0.26 -10.70
N VAL L 152 25.88 1.21 -11.42
CA VAL L 152 26.45 1.63 -12.69
C VAL L 152 27.13 2.97 -12.52
N ASP L 153 28.23 3.17 -13.23
CA ASP L 153 28.98 4.43 -13.15
C ASP L 153 29.62 4.73 -14.49
N PRO L 154 29.76 6.02 -14.81
CA PRO L 154 30.49 6.41 -16.02
C PRO L 154 31.98 6.21 -15.80
N THR L 155 32.77 6.52 -16.83
CA THR L 155 34.21 6.33 -16.76
C THR L 155 34.95 7.67 -16.74
N SER L 162 33.61 10.19 -29.25
CA SER L 162 34.01 11.34 -30.06
C SER L 162 35.24 11.00 -30.91
N GLU L 163 36.16 10.25 -30.32
CA GLU L 163 37.48 10.00 -30.91
C GLU L 163 37.47 8.88 -31.97
N TYR L 164 36.58 7.91 -31.80
CA TYR L 164 36.50 6.81 -32.76
C TYR L 164 35.34 6.99 -33.71
N PHE L 165 34.78 8.20 -33.74
CA PHE L 165 33.63 8.48 -34.59
C PHE L 165 34.01 8.57 -36.06
N SER L 166 33.12 8.10 -36.93
CA SER L 166 33.41 7.98 -38.34
C SER L 166 33.52 9.36 -38.99
N GLN L 167 34.63 9.59 -39.69
CA GLN L 167 34.79 10.82 -40.44
C GLN L 167 33.82 10.90 -41.63
N TYR L 168 33.19 9.78 -41.97
CA TYR L 168 32.36 9.72 -43.16
C TYR L 168 30.88 9.81 -42.85
N SER L 169 30.56 10.04 -41.58
CA SER L 169 29.16 10.18 -41.17
C SER L 169 28.59 11.49 -41.72
N ARG L 170 27.29 11.50 -41.97
CA ARG L 170 26.63 12.75 -42.35
C ARG L 170 26.58 13.70 -41.18
N PHE L 171 26.98 13.22 -40.01
CA PHE L 171 26.86 14.01 -38.79
C PHE L 171 28.21 14.14 -38.11
N GLU L 172 28.27 15.01 -37.11
CA GLU L 172 29.47 15.20 -36.33
C GLU L 172 29.09 15.44 -34.90
N ILE L 173 30.03 15.17 -33.99
CA ILE L 173 29.72 15.24 -32.57
C ILE L 173 30.26 16.52 -31.95
N LEU L 174 29.37 17.29 -31.33
CA LEU L 174 29.77 18.51 -30.65
C LEU L 174 30.28 18.15 -29.27
N ASP L 175 29.48 17.36 -28.56
CA ASP L 175 29.83 17.01 -27.18
C ASP L 175 29.16 15.73 -26.72
N VAL L 176 29.86 14.99 -25.87
CA VAL L 176 29.28 13.83 -25.20
C VAL L 176 29.51 13.94 -23.70
N THR L 177 28.44 13.91 -22.91
CA THR L 177 28.59 13.89 -21.47
C THR L 177 27.88 12.69 -20.90
N GLN L 178 28.50 12.09 -19.89
CA GLN L 178 27.92 10.92 -19.24
C GLN L 178 27.71 11.24 -17.77
N LYS L 179 26.50 11.10 -17.28
CA LYS L 179 26.22 11.33 -15.87
C LYS L 179 25.36 10.22 -15.27
N LYS L 180 25.42 10.09 -13.96
CA LYS L 180 24.77 8.99 -13.26
C LYS L 180 23.54 9.39 -12.47
N ASN L 181 22.43 8.69 -12.71
CA ASN L 181 21.20 8.90 -11.96
C ASN L 181 20.91 7.75 -11.00
N SER L 182 20.19 8.04 -9.94
CA SER L 182 19.72 6.99 -9.04
C SER L 182 18.23 7.25 -8.79
N VAL L 183 17.38 6.26 -9.03
CA VAL L 183 15.95 6.51 -8.97
C VAL L 183 15.22 5.55 -8.04
N THR L 184 14.42 6.10 -7.12
CA THR L 184 13.65 5.28 -6.20
C THR L 184 12.17 5.49 -6.45
N TYR L 185 11.47 4.40 -6.75
CA TYR L 185 10.04 4.45 -7.11
C TYR L 185 9.13 4.24 -5.91
N SER L 186 7.84 4.45 -6.13
CA SER L 186 6.78 4.32 -5.10
C SER L 186 6.55 2.87 -4.69
N CYS L 187 6.51 2.04 -5.72
CA CYS L 187 6.26 0.63 -5.58
C CYS L 187 7.27 -0.04 -4.65
N CYS L 188 8.55 0.04 -5.02
CA CYS L 188 9.59 -0.76 -4.42
C CYS L 188 10.55 0.11 -3.60
N PRO L 189 10.98 -0.40 -2.44
CA PRO L 189 11.83 0.35 -1.51
C PRO L 189 13.29 0.49 -1.93
N GLU L 190 13.58 0.42 -3.22
CA GLU L 190 14.95 0.18 -3.66
C GLU L 190 15.33 1.08 -4.82
N ALA L 191 16.58 1.52 -4.83
CA ALA L 191 17.07 2.44 -5.85
C ALA L 191 17.55 1.70 -7.09
N TYR L 192 17.25 2.26 -8.25
CA TYR L 192 17.76 1.75 -9.51
C TYR L 192 18.62 2.81 -10.20
N GLU L 193 19.88 2.47 -10.40
CA GLU L 193 20.84 3.37 -11.02
C GLU L 193 20.87 3.24 -12.53
N ASP L 194 21.20 4.34 -13.20
CA ASP L 194 21.42 4.32 -14.64
C ASP L 194 22.52 5.30 -14.98
N VAL L 195 23.07 5.16 -16.17
CA VAL L 195 24.00 6.12 -16.70
C VAL L 195 23.32 6.84 -17.85
N GLU L 196 23.22 8.17 -17.73
CA GLU L 196 22.60 8.96 -18.79
C GLU L 196 23.71 9.51 -19.68
N VAL L 197 23.63 9.18 -20.98
CA VAL L 197 24.61 9.63 -21.94
C VAL L 197 23.98 10.67 -22.86
N SER L 198 24.54 11.87 -22.86
CA SER L 198 23.99 12.96 -23.67
C SER L 198 24.81 13.14 -24.93
N LEU L 199 24.19 12.92 -26.07
CA LEU L 199 24.89 12.98 -27.34
C LEU L 199 24.52 14.25 -28.08
N ASN L 200 25.44 15.22 -28.07
CA ASN L 200 25.24 16.49 -28.78
C ASN L 200 25.83 16.40 -30.19
N PHE L 201 24.95 16.32 -31.18
CA PHE L 201 25.38 16.16 -32.55
C PHE L 201 24.57 17.04 -33.51
N ARG L 202 25.12 17.27 -34.70
CA ARG L 202 24.41 18.02 -35.74
C ARG L 202 24.81 17.50 -37.11
N LYS L 203 24.01 17.84 -38.11
CA LYS L 203 24.39 17.52 -39.46
C LYS L 203 25.48 18.47 -39.98
N LYS L 204 26.36 17.94 -40.84
CA LYS L 204 27.50 18.70 -41.32
C LYS L 204 27.13 19.84 -42.26
N LEU M 1 22.40 -20.20 2.78
CA LEU M 1 22.10 -20.10 1.36
C LEU M 1 22.63 -18.80 0.80
N ASP M 2 23.39 -18.88 -0.30
CA ASP M 2 23.76 -17.69 -1.06
C ASP M 2 23.12 -17.75 -2.45
N ARG M 3 23.33 -16.73 -3.27
CA ARG M 3 22.75 -16.71 -4.62
C ARG M 3 23.16 -17.92 -5.44
N ALA M 4 24.44 -18.29 -5.36
CA ALA M 4 24.95 -19.42 -6.11
C ALA M 4 24.15 -20.69 -5.83
N ASP M 5 23.86 -20.93 -4.55
CA ASP M 5 23.10 -22.12 -4.16
C ASP M 5 21.67 -22.08 -4.66
N ILE M 6 21.02 -20.94 -4.46
CA ILE M 6 19.65 -20.74 -4.89
C ILE M 6 19.50 -20.96 -6.38
N LEU M 7 20.40 -20.37 -7.15
CA LEU M 7 20.31 -20.48 -8.60
C LEU M 7 20.65 -21.90 -9.05
N TYR M 8 21.56 -22.55 -8.34
CA TYR M 8 21.92 -23.93 -8.62
C TYR M 8 20.70 -24.81 -8.43
N ASN M 9 20.04 -24.68 -7.30
CA ASN M 9 18.85 -25.50 -7.04
C ASN M 9 17.72 -25.23 -8.00
N ILE M 10 17.48 -23.95 -8.29
CA ILE M 10 16.42 -23.58 -9.21
C ILE M 10 16.67 -24.26 -10.55
N ARG M 11 17.90 -24.18 -11.00
CA ARG M 11 18.21 -24.74 -12.29
C ARG M 11 18.19 -26.28 -12.36
N GLN M 12 18.67 -26.94 -11.33
CA GLN M 12 18.63 -28.40 -11.27
C GLN M 12 17.22 -28.97 -11.12
N THR M 13 16.27 -28.16 -10.65
CA THR M 13 15.01 -28.74 -10.26
C THR M 13 13.86 -28.19 -11.05
N SER M 14 14.07 -27.11 -11.77
CA SER M 14 12.90 -26.46 -12.33
C SER M 14 12.53 -27.20 -13.61
N ARG M 15 11.23 -27.35 -13.79
CA ARG M 15 10.72 -27.97 -14.97
C ARG M 15 9.87 -26.94 -15.66
N PRO M 16 10.48 -26.16 -16.57
CA PRO M 16 9.92 -25.04 -17.35
C PRO M 16 8.69 -25.45 -18.14
N ASP M 17 8.57 -26.74 -18.36
CA ASP M 17 7.51 -27.32 -19.16
C ASP M 17 6.26 -27.58 -18.33
N VAL M 18 6.38 -27.40 -17.01
CA VAL M 18 5.32 -27.80 -16.08
C VAL M 18 4.67 -26.62 -15.37
N ILE M 19 3.41 -26.37 -15.73
CA ILE M 19 2.64 -25.29 -15.12
C ILE M 19 2.52 -25.54 -13.62
N PRO M 20 2.87 -24.54 -12.81
CA PRO M 20 2.90 -24.68 -11.35
C PRO M 20 1.50 -24.61 -10.76
N THR M 21 0.56 -25.35 -11.34
CA THR M 21 -0.67 -25.59 -10.64
C THR M 21 -0.52 -26.11 -9.29
N GLN M 22 -1.18 -25.39 -8.41
CA GLN M 22 -1.22 -25.70 -7.01
C GLN M 22 -2.59 -26.14 -6.82
N ARG M 23 -2.82 -27.45 -6.56
CA ARG M 23 -4.07 -27.83 -5.94
C ARG M 23 -5.22 -28.07 -6.95
N ASP M 24 -4.87 -28.22 -8.18
CA ASP M 24 -5.86 -28.10 -9.25
C ASP M 24 -6.59 -26.77 -9.32
N ARG M 25 -6.00 -25.71 -8.84
CA ARG M 25 -6.58 -24.44 -9.17
C ARG M 25 -5.66 -23.75 -10.16
N PRO M 26 -6.24 -22.82 -10.88
CA PRO M 26 -5.48 -22.14 -11.91
C PRO M 26 -4.31 -21.39 -11.31
N VAL M 27 -3.29 -21.21 -12.12
CA VAL M 27 -2.22 -20.31 -11.77
C VAL M 27 -2.69 -18.89 -12.03
N ALA M 28 -2.69 -18.07 -10.98
CA ALA M 28 -3.12 -16.70 -11.10
C ALA M 28 -2.03 -15.87 -11.75
N VAL M 29 -2.23 -15.50 -13.01
CA VAL M 29 -1.28 -14.66 -13.71
C VAL M 29 -1.82 -13.24 -13.84
N SER M 30 -1.03 -12.26 -13.43
CA SER M 30 -1.40 -10.86 -13.61
C SER M 30 -0.64 -10.24 -14.76
N VAL M 31 -1.37 -9.56 -15.64
CA VAL M 31 -0.76 -8.88 -16.78
C VAL M 31 -1.09 -7.41 -16.75
N SER M 32 -0.11 -6.58 -17.07
CA SER M 32 -0.32 -5.14 -17.13
C SER M 32 0.64 -4.49 -18.10
N LEU M 33 0.12 -3.85 -19.15
CA LEU M 33 0.99 -3.24 -20.15
C LEU M 33 1.32 -1.78 -19.79
N LYS M 34 2.60 -1.46 -19.74
CA LYS M 34 3.05 -0.09 -19.55
C LYS M 34 3.58 0.43 -20.86
N PHE M 35 2.81 1.28 -21.54
CA PHE M 35 3.21 1.75 -22.84
C PHE M 35 4.38 2.72 -22.76
N ILE M 36 5.32 2.56 -23.68
CA ILE M 36 6.56 3.32 -23.68
C ILE M 36 6.62 4.18 -24.92
N ASN M 37 6.14 3.64 -26.03
CA ASN M 37 6.18 4.39 -27.27
C ASN M 37 5.17 3.88 -28.29
N ILE M 38 4.58 4.82 -29.03
CA ILE M 38 3.82 4.49 -30.23
C ILE M 38 4.65 4.96 -31.40
N LEU M 39 5.05 4.05 -32.28
CA LEU M 39 6.16 4.32 -33.20
C LEU M 39 5.72 4.54 -34.62
N GLU M 40 4.79 3.73 -35.08
CA GLU M 40 4.31 3.88 -36.45
C GLU M 40 2.83 3.55 -36.50
N VAL M 41 2.07 4.45 -37.09
CA VAL M 41 0.63 4.35 -37.09
C VAL M 41 0.14 4.49 -38.52
N ASN M 42 -0.87 3.71 -38.87
CA ASN M 42 -1.42 3.74 -40.23
C ASN M 42 -2.95 3.66 -40.18
N GLU M 43 -3.61 4.80 -40.42
CA GLU M 43 -5.07 4.87 -40.27
C GLU M 43 -5.77 4.17 -41.43
N ILE M 44 -5.05 4.03 -42.54
CA ILE M 44 -5.58 3.30 -43.68
C ILE M 44 -5.59 1.79 -43.44
N THR M 45 -4.45 1.24 -43.03
CA THR M 45 -4.33 -0.21 -42.85
C THR M 45 -4.77 -0.67 -41.46
N ASN M 46 -5.04 0.29 -40.58
CA ASN M 46 -5.41 -0.01 -39.19
C ASN M 46 -4.36 -0.86 -38.49
N GLU M 47 -3.12 -0.39 -38.53
CA GLU M 47 -2.01 -1.11 -37.92
C GLU M 47 -1.16 -0.16 -37.08
N VAL M 48 -0.80 -0.59 -35.88
CA VAL M 48 0.08 0.21 -35.02
C VAL M 48 1.33 -0.57 -34.64
N ASP M 49 2.42 0.18 -34.42
CA ASP M 49 3.69 -0.35 -33.97
C ASP M 49 3.95 0.22 -32.58
N VAL M 50 4.00 -0.66 -31.58
CA VAL M 50 4.00 -0.23 -30.19
C VAL M 50 5.17 -0.83 -29.38
N VAL M 51 5.70 -0.03 -28.47
CA VAL M 51 6.67 -0.53 -27.50
C VAL M 51 6.07 -0.46 -26.10
N PHE M 52 6.04 -1.60 -25.41
CA PHE M 52 5.44 -1.64 -24.09
C PHE M 52 6.22 -2.56 -23.16
N TRP M 53 6.12 -2.31 -21.86
CA TRP M 53 6.66 -3.21 -20.86
C TRP M 53 5.54 -4.11 -20.38
N GLN M 54 5.66 -5.40 -20.65
CA GLN M 54 4.62 -6.35 -20.25
C GLN M 54 4.86 -6.87 -18.84
N GLN M 55 4.36 -6.15 -17.85
CA GLN M 55 4.49 -6.54 -16.46
C GLN M 55 3.68 -7.80 -16.20
N THR M 56 4.37 -8.92 -15.97
CA THR M 56 3.72 -10.22 -15.83
C THR M 56 4.12 -10.88 -14.51
N THR M 57 3.15 -11.44 -13.80
CA THR M 57 3.40 -11.87 -12.44
C THR M 57 2.61 -13.11 -12.14
N TRP M 58 3.24 -14.05 -11.43
CA TRP M 58 2.54 -15.22 -10.98
C TRP M 58 3.29 -15.82 -9.83
N SER M 59 2.77 -16.92 -9.29
CA SER M 59 3.42 -17.59 -8.20
C SER M 59 3.92 -18.94 -8.69
N ASP M 60 4.96 -19.46 -8.04
CA ASP M 60 5.52 -20.75 -8.38
C ASP M 60 6.24 -21.26 -7.16
N ARG M 61 5.50 -21.95 -6.30
CA ARG M 61 6.00 -22.37 -4.99
C ARG M 61 7.16 -23.34 -5.08
N THR M 62 7.37 -23.93 -6.24
CA THR M 62 8.44 -24.92 -6.39
C THR M 62 9.78 -24.18 -6.52
N LEU M 63 9.72 -22.85 -6.54
CA LEU M 63 10.92 -22.05 -6.59
C LEU M 63 11.31 -21.53 -5.21
N ALA M 64 10.42 -21.70 -4.24
CA ALA M 64 10.58 -21.08 -2.94
C ALA M 64 11.76 -21.62 -2.15
N TRP M 65 12.31 -20.79 -1.27
CA TRP M 65 13.37 -21.19 -0.36
C TRP M 65 13.27 -20.42 0.94
N ASN M 66 13.93 -20.92 1.98
CA ASN M 66 13.95 -20.28 3.28
C ASN M 66 14.96 -19.14 3.34
N SER M 67 14.47 -17.90 3.25
CA SER M 67 15.36 -16.75 3.13
C SER M 67 15.88 -16.20 4.47
N SER M 68 16.06 -17.09 5.45
CA SER M 68 16.43 -16.69 6.82
C SER M 68 17.72 -15.83 6.86
N HIS M 69 18.87 -16.42 6.61
CA HIS M 69 20.07 -15.70 6.21
C HIS M 69 20.48 -15.91 4.80
N SER M 70 19.61 -15.42 3.92
CA SER M 70 19.74 -15.64 2.51
C SER M 70 19.15 -14.46 1.81
N PRO M 71 19.57 -14.24 0.55
CA PRO M 71 18.92 -13.23 -0.30
C PRO M 71 17.42 -13.45 -0.38
N ASP M 72 16.67 -12.37 -0.44
CA ASP M 72 15.22 -12.49 -0.53
C ASP M 72 14.79 -12.68 -1.98
N GLN M 73 15.62 -12.21 -2.90
CA GLN M 73 15.32 -12.29 -4.34
C GLN M 73 16.53 -12.61 -5.17
N VAL M 74 16.28 -13.21 -6.35
CA VAL M 74 17.33 -13.41 -7.34
C VAL M 74 16.80 -13.14 -8.74
N SER M 75 17.70 -12.82 -9.66
CA SER M 75 17.34 -12.77 -11.06
C SER M 75 17.64 -14.14 -11.71
N VAL M 76 16.68 -14.64 -12.49
CA VAL M 76 16.78 -15.97 -13.05
C VAL M 76 16.45 -15.91 -14.52
N PRO M 77 17.26 -16.59 -15.37
CA PRO M 77 16.95 -16.68 -16.80
C PRO M 77 15.60 -17.37 -16.98
N ILE M 78 14.73 -16.87 -17.87
CA ILE M 78 13.41 -17.48 -18.02
C ILE M 78 13.47 -18.87 -18.64
N SER M 79 14.58 -19.20 -19.28
CA SER M 79 14.74 -20.54 -19.81
C SER M 79 14.76 -21.59 -18.70
N SER M 80 15.01 -21.15 -17.46
CA SER M 80 15.01 -22.05 -16.30
C SER M 80 13.71 -21.98 -15.49
N LEU M 81 12.72 -21.27 -16.00
CA LEU M 81 11.45 -21.11 -15.28
C LEU M 81 10.28 -21.48 -16.16
N TRP M 82 9.19 -21.91 -15.54
CA TRP M 82 7.94 -21.96 -16.26
C TRP M 82 7.44 -20.53 -16.48
N VAL M 83 6.94 -20.28 -17.69
CA VAL M 83 6.44 -18.96 -18.06
C VAL M 83 5.10 -19.12 -18.77
N PRO M 84 4.11 -18.29 -18.40
CA PRO M 84 2.80 -18.34 -19.05
C PRO M 84 2.93 -18.20 -20.57
N ASP M 85 2.22 -19.03 -21.33
CA ASP M 85 2.21 -18.93 -22.79
C ASP M 85 1.29 -17.82 -23.28
N LEU M 86 1.56 -16.60 -22.84
CA LEU M 86 0.71 -15.47 -23.19
C LEU M 86 0.94 -15.08 -24.64
N ALA M 87 -0.14 -14.74 -25.33
CA ALA M 87 -0.06 -14.23 -26.70
C ALA M 87 -1.05 -13.10 -26.88
N ALA M 88 -0.70 -12.16 -27.76
CA ALA M 88 -1.64 -11.11 -28.15
C ALA M 88 -2.46 -11.57 -29.34
N TYR M 89 -3.76 -11.71 -29.15
CA TYR M 89 -4.63 -12.28 -30.19
C TYR M 89 -4.63 -11.48 -31.50
N ASN M 90 -4.45 -10.17 -31.40
CA ASN M 90 -4.49 -9.35 -32.61
C ASN M 90 -3.13 -8.81 -33.00
N ALA M 91 -2.09 -9.54 -32.62
CA ALA M 91 -0.72 -9.20 -33.03
C ALA M 91 -0.47 -9.68 -34.44
N ILE M 92 0.30 -8.92 -35.21
CA ILE M 92 0.54 -9.29 -36.60
C ILE M 92 2.03 -9.36 -36.88
N SER M 93 2.82 -9.25 -35.83
CA SER M 93 4.26 -9.51 -35.93
C SER M 93 4.70 -10.29 -34.71
N LYS M 94 5.84 -10.97 -34.81
CA LYS M 94 6.45 -11.62 -33.65
C LYS M 94 6.75 -10.57 -32.59
N PRO M 95 6.55 -10.92 -31.32
CA PRO M 95 7.00 -10.00 -30.27
C PRO M 95 8.53 -9.90 -30.27
N GLU M 96 9.05 -8.70 -30.47
CA GLU M 96 10.49 -8.47 -30.47
C GLU M 96 10.90 -8.03 -29.06
N VAL M 97 11.53 -8.93 -28.32
CA VAL M 97 11.94 -8.65 -26.95
C VAL M 97 13.22 -7.83 -26.91
N LEU M 98 13.17 -6.66 -26.29
CA LEU M 98 14.28 -5.71 -26.36
C LEU M 98 15.24 -5.81 -25.17
N THR M 99 14.85 -6.58 -24.16
CA THR M 99 15.57 -6.59 -22.88
C THR M 99 16.14 -7.96 -22.52
N PRO M 100 17.10 -8.00 -21.58
CA PRO M 100 17.60 -9.27 -21.07
C PRO M 100 16.47 -10.17 -20.57
N GLN M 101 16.45 -11.42 -21.02
CA GLN M 101 15.38 -12.36 -20.70
C GLN M 101 15.53 -12.94 -19.30
N LEU M 102 15.45 -12.09 -18.28
CA LEU M 102 15.52 -12.51 -16.89
C LEU M 102 14.22 -12.23 -16.19
N ALA M 103 13.88 -13.06 -15.20
CA ALA M 103 12.72 -12.80 -14.35
C ALA M 103 13.24 -12.57 -12.95
N ARG M 104 12.44 -11.90 -12.11
CA ARG M 104 12.83 -11.65 -10.75
C ARG M 104 12.07 -12.61 -9.84
N VAL M 105 12.78 -13.40 -9.04
CA VAL M 105 12.11 -14.42 -8.23
C VAL M 105 12.31 -14.14 -6.74
N VAL M 106 11.20 -14.06 -6.02
CA VAL M 106 11.22 -13.81 -4.58
C VAL M 106 11.18 -15.13 -3.84
N SER M 107 11.75 -15.16 -2.65
CA SER M 107 11.94 -16.39 -1.89
C SER M 107 10.65 -17.15 -1.59
N ASP M 108 9.50 -16.49 -1.72
CA ASP M 108 8.22 -17.16 -1.49
C ASP M 108 7.67 -17.80 -2.75
N GLY M 109 8.37 -17.61 -3.86
CA GLY M 109 7.94 -18.18 -5.11
C GLY M 109 7.27 -17.20 -6.06
N GLU M 110 7.22 -15.93 -5.67
CA GLU M 110 6.60 -14.91 -6.51
C GLU M 110 7.56 -14.62 -7.63
N VAL M 111 7.03 -14.51 -8.84
CA VAL M 111 7.84 -14.29 -10.03
C VAL M 111 7.38 -13.05 -10.77
N LEU M 112 8.32 -12.18 -11.09
CA LEU M 112 8.02 -11.02 -11.92
CA LEU M 112 8.03 -11.01 -11.90
C LEU M 112 8.84 -11.05 -13.20
N TYR M 113 8.15 -11.10 -14.33
CA TYR M 113 8.80 -11.06 -15.63
C TYR M 113 8.24 -9.86 -16.39
N MET M 114 9.08 -8.89 -16.69
CA MET M 114 8.64 -7.64 -17.30
C MET M 114 9.53 -7.27 -18.48
N PRO M 115 9.33 -7.96 -19.61
CA PRO M 115 10.13 -7.68 -20.80
C PRO M 115 9.64 -6.43 -21.52
N SER M 116 10.55 -5.77 -22.23
CA SER M 116 10.17 -4.67 -23.08
C SER M 116 9.99 -5.23 -24.47
N ILE M 117 8.80 -5.02 -25.04
CA ILE M 117 8.43 -5.63 -26.30
C ILE M 117 8.06 -4.60 -27.36
N ARG M 118 8.57 -4.79 -28.57
CA ARG M 118 8.07 -4.05 -29.72
C ARG M 118 7.25 -5.00 -30.58
N GLN M 119 6.02 -4.60 -30.90
CA GLN M 119 5.13 -5.48 -31.64
C GLN M 119 4.10 -4.71 -32.44
N ARG M 120 3.67 -5.31 -33.55
CA ARG M 120 2.71 -4.72 -34.45
C ARG M 120 1.32 -5.31 -34.21
N PHE M 121 0.30 -4.45 -34.15
CA PHE M 121 -1.06 -4.94 -33.91
C PHE M 121 -2.06 -4.48 -34.96
N SER M 122 -3.11 -5.27 -35.12
CA SER M 122 -4.25 -4.88 -35.92
C SER M 122 -5.35 -4.37 -35.01
N CYS M 123 -5.59 -3.07 -35.03
CA CYS M 123 -6.58 -2.46 -34.17
C CYS M 123 -7.18 -1.20 -34.80
N ASP M 124 -8.16 -0.61 -34.13
CA ASP M 124 -8.84 0.57 -34.65
C ASP M 124 -8.02 1.83 -34.46
N VAL M 125 -7.54 2.38 -35.58
CA VAL M 125 -6.68 3.56 -35.58
C VAL M 125 -7.48 4.82 -35.97
N SER M 126 -8.72 4.61 -36.40
CA SER M 126 -9.58 5.71 -36.79
C SER M 126 -9.73 6.75 -35.68
N GLY M 127 -9.54 8.02 -36.04
CA GLY M 127 -9.69 9.11 -35.09
C GLY M 127 -8.40 9.52 -34.42
N VAL M 128 -7.28 9.03 -34.96
CA VAL M 128 -5.98 9.26 -34.34
C VAL M 128 -5.59 10.74 -34.43
N ASP M 129 -6.10 11.44 -35.45
CA ASP M 129 -5.82 12.87 -35.52
C ASP M 129 -6.90 13.72 -34.87
N THR M 130 -8.10 13.16 -34.78
CA THR M 130 -9.17 13.71 -33.97
C THR M 130 -8.60 13.96 -32.57
N GLU M 131 -9.03 15.01 -31.86
CA GLU M 131 -8.56 15.12 -30.48
C GLU M 131 -9.21 14.17 -29.56
N SER M 132 -10.33 13.60 -29.99
CA SER M 132 -10.96 12.60 -29.16
C SER M 132 -10.08 11.35 -29.18
N GLY M 133 -9.29 11.24 -30.24
CA GLY M 133 -8.27 10.21 -30.34
C GLY M 133 -8.76 8.86 -30.84
N ALA M 134 -7.81 7.99 -31.19
CA ALA M 134 -8.12 6.62 -31.54
C ALA M 134 -8.13 5.76 -30.28
N THR M 135 -8.78 4.61 -30.35
CA THR M 135 -8.74 3.66 -29.26
C THR M 135 -8.38 2.28 -29.80
N CYS M 136 -7.13 1.89 -29.57
CA CYS M 136 -6.63 0.60 -30.03
C CYS M 136 -6.73 -0.43 -28.91
N ARG M 137 -7.43 -1.54 -29.17
CA ARG M 137 -7.61 -2.59 -28.17
C ARG M 137 -6.68 -3.78 -28.43
N ILE M 138 -5.99 -4.20 -27.38
CA ILE M 138 -5.08 -5.34 -27.46
C ILE M 138 -5.51 -6.43 -26.47
N LYS M 139 -5.74 -7.63 -26.97
CA LYS M 139 -6.15 -8.73 -26.10
C LYS M 139 -5.03 -9.74 -25.85
N ILE M 140 -4.76 -10.00 -24.57
CA ILE M 140 -3.68 -10.90 -24.18
C ILE M 140 -4.21 -12.04 -23.33
N GLY M 141 -3.96 -13.28 -23.74
CA GLY M 141 -4.36 -14.43 -22.96
C GLY M 141 -3.44 -15.64 -23.15
N SER M 142 -3.69 -16.69 -22.39
CA SER M 142 -2.95 -17.94 -22.60
C SER M 142 -3.29 -18.50 -23.97
N TRP M 143 -2.30 -19.02 -24.67
CA TRP M 143 -2.55 -19.54 -26.00
C TRP M 143 -3.14 -20.95 -25.96
N THR M 144 -2.80 -21.75 -24.95
CA THR M 144 -3.22 -23.15 -24.91
C THR M 144 -3.87 -23.58 -23.60
N HIS M 145 -3.76 -22.76 -22.56
CA HIS M 145 -4.35 -23.12 -21.28
C HIS M 145 -5.71 -22.43 -21.06
N HIS M 146 -6.66 -23.16 -20.51
CA HIS M 146 -7.97 -22.59 -20.21
C HIS M 146 -8.06 -22.06 -18.76
N SER M 147 -9.19 -21.48 -18.43
CA SER M 147 -9.35 -20.70 -17.19
C SER M 147 -9.09 -21.48 -15.91
N ARG M 148 -9.03 -22.79 -15.99
CA ARG M 148 -8.82 -23.57 -14.77
C ARG M 148 -7.39 -23.99 -14.61
N GLU M 149 -6.58 -23.67 -15.61
CA GLU M 149 -5.16 -23.91 -15.56
C GLU M 149 -4.45 -22.57 -15.41
N ILE M 150 -4.91 -21.58 -16.16
CA ILE M 150 -4.41 -20.22 -16.05
C ILE M 150 -5.55 -19.21 -16.02
N SER M 151 -5.53 -18.33 -15.01
CA SER M 151 -6.41 -17.18 -15.02
C SER M 151 -5.59 -15.92 -15.23
N VAL M 152 -6.04 -15.06 -16.13
CA VAL M 152 -5.37 -13.79 -16.32
C VAL M 152 -6.19 -12.68 -15.68
N ASP M 153 -5.50 -11.69 -15.11
CA ASP M 153 -6.16 -10.56 -14.46
C ASP M 153 -5.34 -9.30 -14.61
N PRO M 154 -6.01 -8.15 -14.69
CA PRO M 154 -5.31 -6.86 -14.72
C PRO M 154 -4.74 -6.53 -13.35
N THR M 155 -4.07 -5.39 -13.24
CA THR M 155 -3.44 -5.02 -11.98
C THR M 155 -4.13 -3.81 -11.37
N SER M 162 1.11 4.91 -19.16
CA SER M 162 0.93 6.35 -19.27
C SER M 162 2.12 7.11 -18.66
N GLU M 163 2.65 6.58 -17.57
CA GLU M 163 3.67 7.26 -16.76
C GLU M 163 5.09 7.09 -17.32
N TYR M 164 5.35 5.97 -17.98
CA TYR M 164 6.68 5.71 -18.53
C TYR M 164 6.73 5.98 -20.02
N PHE M 165 5.69 6.65 -20.53
CA PHE M 165 5.58 6.89 -21.96
C PHE M 165 6.54 7.97 -22.41
N SER M 166 7.08 7.80 -23.62
CA SER M 166 8.11 8.69 -24.12
C SER M 166 7.56 10.08 -24.40
N GLN M 167 8.24 11.10 -23.86
CA GLN M 167 7.86 12.48 -24.12
C GLN M 167 8.19 12.88 -25.56
N TYR M 168 8.96 12.05 -26.26
CA TYR M 168 9.40 12.40 -27.60
C TYR M 168 8.60 11.70 -28.69
N SER M 169 7.58 10.94 -28.30
CA SER M 169 6.73 10.27 -29.28
C SER M 169 5.91 11.29 -30.06
N ARG M 170 5.58 10.98 -31.31
CA ARG M 170 4.66 11.84 -32.07
C ARG M 170 3.25 11.77 -31.51
N PHE M 171 3.05 10.90 -30.53
CA PHE M 171 1.72 10.67 -30.00
C PHE M 171 1.72 10.87 -28.50
N GLU M 172 0.52 10.93 -27.93
CA GLU M 172 0.34 11.04 -26.49
C GLU M 172 -0.84 10.19 -26.07
N ILE M 173 -0.86 9.83 -24.80
CA ILE M 173 -1.88 8.93 -24.30
C ILE M 173 -2.94 9.69 -23.54
N LEU M 174 -4.19 9.53 -23.99
CA LEU M 174 -5.32 10.12 -23.29
C LEU M 174 -5.74 9.25 -22.12
N ASP M 175 -5.90 7.95 -22.39
CA ASP M 175 -6.36 7.01 -21.38
C ASP M 175 -5.94 5.57 -21.69
N VAL M 176 -5.68 4.80 -20.63
CA VAL M 176 -5.47 3.35 -20.77
C VAL M 176 -6.36 2.62 -19.78
N THR M 177 -7.23 1.74 -20.28
CA THR M 177 -8.02 0.93 -19.38
C THR M 177 -7.78 -0.55 -19.65
N GLN M 178 -7.71 -1.33 -18.57
CA GLN M 178 -7.48 -2.76 -18.67
C GLN M 178 -8.67 -3.48 -18.08
N LYS M 179 -9.30 -4.33 -18.87
CA LYS M 179 -10.40 -5.14 -18.40
C LYS M 179 -10.31 -6.61 -18.78
N LYS M 180 -11.00 -7.45 -18.02
CA LYS M 180 -10.89 -8.90 -18.18
C LYS M 180 -12.10 -9.56 -18.82
N ASN M 181 -11.87 -10.35 -19.85
CA ASN M 181 -12.92 -11.12 -20.50
C ASN M 181 -12.78 -12.61 -20.19
N SER M 182 -13.90 -13.33 -20.25
CA SER M 182 -13.87 -14.78 -20.16
C SER M 182 -14.74 -15.31 -21.28
N VAL M 183 -14.17 -16.18 -22.13
CA VAL M 183 -14.90 -16.61 -23.32
C VAL M 183 -15.05 -18.14 -23.40
N THR M 184 -16.28 -18.60 -23.62
CA THR M 184 -16.56 -20.03 -23.78
C THR M 184 -17.09 -20.31 -25.17
N TYR M 185 -16.40 -21.18 -25.91
CA TYR M 185 -16.71 -21.45 -27.32
C TYR M 185 -17.60 -22.69 -27.44
N GLU M 190 -14.91 -25.26 -22.19
CA GLU M 190 -14.01 -24.61 -21.25
C GLU M 190 -13.77 -23.14 -21.58
N ALA M 191 -13.61 -22.36 -20.52
CA ALA M 191 -13.48 -20.91 -20.63
C ALA M 191 -12.04 -20.47 -20.87
N TYR M 192 -11.87 -19.51 -21.77
CA TYR M 192 -10.55 -18.93 -22.01
C TYR M 192 -10.58 -17.45 -21.66
N GLU M 193 -9.75 -17.08 -20.69
CA GLU M 193 -9.68 -15.70 -20.24
C GLU M 193 -8.66 -14.88 -21.01
N ASP M 194 -8.93 -13.59 -21.13
CA ASP M 194 -7.95 -12.68 -21.69
C ASP M 194 -8.06 -11.36 -20.95
N VAL M 195 -7.03 -10.54 -21.09
CA VAL M 195 -7.06 -9.17 -20.60
C VAL M 195 -7.12 -8.23 -21.79
N GLU M 196 -8.17 -7.41 -21.84
CA GLU M 196 -8.30 -6.44 -22.92
C GLU M 196 -7.71 -5.12 -22.46
N VAL M 197 -6.76 -4.60 -23.23
CA VAL M 197 -6.14 -3.34 -22.91
C VAL M 197 -6.55 -2.30 -23.94
N SER M 198 -7.22 -1.24 -23.49
CA SER M 198 -7.69 -0.19 -24.40
C SER M 198 -6.76 1.00 -24.36
N LEU M 199 -6.13 1.27 -25.51
CA LEU M 199 -5.17 2.37 -25.59
C LEU M 199 -5.78 3.54 -26.32
N ASN M 200 -6.15 4.57 -25.56
CA ASN M 200 -6.67 5.82 -26.11
C ASN M 200 -5.54 6.82 -26.34
N PHE M 201 -5.23 7.07 -27.62
CA PHE M 201 -4.11 7.92 -27.99
C PHE M 201 -4.43 8.78 -29.20
N ARG M 202 -3.67 9.85 -29.36
CA ARG M 202 -3.83 10.73 -30.53
C ARG M 202 -2.49 11.33 -30.91
N LYS M 203 -2.41 11.85 -32.12
CA LYS M 203 -1.28 12.65 -32.50
C LYS M 203 -1.25 14.00 -31.83
N LYS M 204 -0.04 14.50 -31.58
CA LYS M 204 0.13 15.75 -30.87
C LYS M 204 -0.26 16.97 -31.71
N LEU N 1 -1.13 -40.14 -11.50
CA LEU N 1 -0.45 -39.33 -12.51
C LEU N 1 -0.78 -37.84 -12.37
N ASP N 2 0.26 -37.01 -12.32
CA ASP N 2 0.05 -35.57 -12.42
C ASP N 2 0.71 -35.03 -13.70
N ARG N 3 0.57 -33.73 -13.94
CA ARG N 3 1.11 -33.13 -15.15
C ARG N 3 2.60 -33.34 -15.29
N ALA N 4 3.32 -33.23 -14.18
CA ALA N 4 4.76 -33.42 -14.19
C ALA N 4 5.14 -34.80 -14.72
N ASP N 5 4.45 -35.83 -14.25
CA ASP N 5 4.73 -37.20 -14.66
C ASP N 5 4.43 -37.39 -16.14
N ILE N 6 3.27 -36.88 -16.57
CA ILE N 6 2.82 -37.04 -17.95
C ILE N 6 3.82 -36.38 -18.90
N LEU N 7 4.24 -35.18 -18.56
CA LEU N 7 5.17 -34.46 -19.42
C LEU N 7 6.56 -35.09 -19.37
N TYR N 8 6.94 -35.58 -18.21
CA TYR N 8 8.20 -36.31 -18.09
C TYR N 8 8.20 -37.53 -19.03
N ASN N 9 7.13 -38.34 -18.99
CA ASN N 9 7.11 -39.54 -19.82
C ASN N 9 7.06 -39.21 -21.30
N ILE N 10 6.27 -38.20 -21.64
CA ILE N 10 6.13 -37.80 -23.03
C ILE N 10 7.49 -37.40 -23.56
N ARG N 11 8.21 -36.64 -22.77
CA ARG N 11 9.50 -36.17 -23.20
C ARG N 11 10.55 -37.28 -23.31
N GLN N 12 10.54 -38.21 -22.36
CA GLN N 12 11.49 -39.29 -22.36
C GLN N 12 11.26 -40.31 -23.49
N THR N 13 10.03 -40.42 -24.05
CA THR N 13 9.68 -41.56 -24.93
C THR N 13 8.95 -41.31 -26.25
N SER N 14 8.31 -40.16 -26.40
CA SER N 14 7.75 -39.84 -27.71
C SER N 14 8.92 -39.71 -28.68
N ARG N 15 8.64 -39.77 -29.97
CA ARG N 15 9.72 -39.83 -30.95
C ARG N 15 9.43 -38.88 -32.10
N PRO N 16 9.86 -37.60 -31.97
CA PRO N 16 9.44 -36.53 -32.89
C PRO N 16 9.75 -36.86 -34.34
N ASP N 17 10.77 -37.68 -34.56
CA ASP N 17 11.23 -38.04 -35.89
C ASP N 17 10.39 -39.17 -36.50
N VAL N 18 9.52 -39.76 -35.68
CA VAL N 18 8.82 -40.97 -36.07
C VAL N 18 7.32 -40.77 -36.24
N ILE N 19 6.87 -40.82 -37.48
CA ILE N 19 5.46 -40.70 -37.81
C ILE N 19 4.66 -41.80 -37.11
N PRO N 20 3.64 -41.42 -36.35
CA PRO N 20 2.86 -42.37 -35.54
C PRO N 20 1.91 -43.19 -36.41
N THR N 21 2.48 -43.88 -37.39
CA THR N 21 1.67 -44.74 -38.23
C THR N 21 1.19 -45.85 -37.34
N GLN N 22 -0.09 -46.12 -37.44
CA GLN N 22 -0.72 -47.14 -36.66
C GLN N 22 -1.04 -48.13 -37.72
N ARG N 23 -0.35 -49.28 -37.73
CA ARG N 23 -0.94 -50.42 -38.44
C ARG N 23 -0.67 -50.39 -39.97
N ASP N 24 0.21 -49.48 -40.40
CA ASP N 24 0.52 -49.27 -41.82
C ASP N 24 -0.69 -48.58 -42.44
N ARG N 25 -1.50 -47.88 -41.63
CA ARG N 25 -2.43 -46.98 -42.26
C ARG N 25 -1.80 -45.60 -42.18
N PRO N 26 -2.26 -44.70 -43.03
CA PRO N 26 -1.84 -43.31 -42.91
C PRO N 26 -2.27 -42.67 -41.60
N VAL N 27 -1.51 -41.68 -41.19
CA VAL N 27 -1.92 -40.86 -40.08
C VAL N 27 -2.93 -39.87 -40.60
N ALA N 28 -4.12 -39.87 -40.00
CA ALA N 28 -5.18 -38.97 -40.44
C ALA N 28 -4.96 -37.56 -39.88
N VAL N 29 -4.50 -36.65 -40.73
CA VAL N 29 -4.27 -35.28 -40.31
C VAL N 29 -5.38 -34.37 -40.84
N SER N 30 -6.01 -33.63 -39.93
CA SER N 30 -7.01 -32.65 -40.33
C SER N 30 -6.44 -31.24 -40.31
N VAL N 31 -6.67 -30.51 -41.39
CA VAL N 31 -6.20 -29.13 -41.50
C VAL N 31 -7.38 -28.20 -41.76
N SER N 32 -7.36 -27.04 -41.13
CA SER N 32 -8.40 -26.06 -41.31
C SER N 32 -7.86 -24.66 -41.01
N LEU N 33 -7.87 -23.77 -42.00
CA LEU N 33 -7.36 -22.43 -41.81
C LEU N 33 -8.45 -21.49 -41.34
N LYS N 34 -8.21 -20.80 -40.21
CA LYS N 34 -9.10 -19.74 -39.74
C LYS N 34 -8.45 -18.41 -40.01
N PHE N 35 -8.93 -17.69 -41.01
CA PHE N 35 -8.31 -16.43 -41.39
C PHE N 35 -8.57 -15.35 -40.35
N ILE N 36 -7.53 -14.58 -40.06
CA ILE N 36 -7.57 -13.57 -39.02
C ILE N 36 -7.37 -12.19 -39.63
N ASN N 37 -6.52 -12.12 -40.64
CA ASN N 37 -6.26 -10.84 -41.29
C ASN N 37 -5.68 -10.99 -42.68
N ILE N 38 -6.11 -10.10 -43.57
CA ILE N 38 -5.45 -9.93 -44.86
C ILE N 38 -4.75 -8.58 -44.79
N LEU N 39 -3.43 -8.58 -44.91
CA LEU N 39 -2.64 -7.43 -44.49
C LEU N 39 -2.10 -6.60 -45.64
N GLU N 40 -1.63 -7.26 -46.67
CA GLU N 40 -1.09 -6.55 -47.81
C GLU N 40 -1.39 -7.31 -49.09
N VAL N 41 -1.97 -6.60 -50.04
CA VAL N 41 -2.46 -7.21 -51.25
C VAL N 41 -1.89 -6.46 -52.44
N ASN N 42 -1.54 -7.18 -53.49
CA ASN N 42 -0.95 -6.57 -54.67
C ASN N 42 -1.51 -7.22 -55.93
N GLU N 43 -2.42 -6.52 -56.60
CA GLU N 43 -3.11 -7.09 -57.76
C GLU N 43 -2.19 -7.18 -58.99
N ILE N 44 -1.14 -6.38 -59.00
CA ILE N 44 -0.15 -6.37 -60.07
C ILE N 44 0.72 -7.64 -59.97
N THR N 45 1.28 -7.87 -58.78
CA THR N 45 2.22 -8.98 -58.56
C THR N 45 1.52 -10.28 -58.20
N ASN N 46 0.23 -10.21 -57.92
CA ASN N 46 -0.54 -11.37 -57.49
C ASN N 46 0.05 -12.02 -56.23
N GLU N 47 0.20 -11.20 -55.20
CA GLU N 47 0.77 -11.65 -53.94
C GLU N 47 -0.05 -11.13 -52.77
N VAL N 48 -0.34 -12.00 -51.81
CA VAL N 48 -1.06 -11.60 -50.61
C VAL N 48 -0.28 -11.91 -49.34
N ASP N 49 -0.52 -11.12 -48.31
CA ASP N 49 0.10 -11.28 -47.00
C ASP N 49 -1.02 -11.58 -46.01
N VAL N 50 -1.01 -12.79 -45.46
CA VAL N 50 -2.15 -13.30 -44.71
C VAL N 50 -1.78 -13.76 -43.31
N VAL N 51 -2.68 -13.54 -42.34
CA VAL N 51 -2.53 -14.08 -41.00
C VAL N 51 -3.65 -15.07 -40.74
N PHE N 52 -3.29 -16.30 -40.41
CA PHE N 52 -4.29 -17.33 -40.18
C PHE N 52 -3.91 -18.26 -39.03
N TRP N 53 -4.92 -18.86 -38.41
CA TRP N 53 -4.70 -19.90 -37.42
C TRP N 53 -4.83 -21.26 -38.09
N GLN N 54 -3.73 -21.99 -38.15
CA GLN N 54 -3.71 -23.28 -38.82
C GLN N 54 -4.11 -24.37 -37.86
N GLN N 55 -5.42 -24.62 -37.77
CA GLN N 55 -5.94 -25.67 -36.90
C GLN N 55 -5.57 -27.05 -37.43
N THR N 56 -4.78 -27.77 -36.65
CA THR N 56 -4.20 -29.02 -37.11
C THR N 56 -4.36 -30.07 -36.02
N THR N 57 -5.07 -31.16 -36.34
CA THR N 57 -5.35 -32.22 -35.37
C THR N 57 -4.99 -33.60 -35.86
N TRP N 58 -4.51 -34.45 -34.95
CA TRP N 58 -4.21 -35.83 -35.29
C TRP N 58 -4.07 -36.67 -34.04
N SER N 59 -3.74 -37.95 -34.24
CA SER N 59 -3.65 -38.87 -33.12
C SER N 59 -2.28 -39.57 -33.07
N ASP N 60 -1.65 -39.52 -31.90
CA ASP N 60 -0.39 -40.22 -31.67
C ASP N 60 -0.55 -41.01 -30.39
N ARG N 61 -0.77 -42.31 -30.54
CA ARG N 61 -1.17 -43.13 -29.41
C ARG N 61 -0.01 -43.48 -28.51
N THR N 62 1.20 -43.26 -29.00
CA THR N 62 2.36 -43.36 -28.13
C THR N 62 2.32 -42.29 -27.04
N LEU N 63 1.41 -41.31 -27.19
CA LEU N 63 1.29 -40.24 -26.21
C LEU N 63 0.24 -40.53 -25.13
N ALA N 64 -0.59 -41.53 -25.39
CA ALA N 64 -1.74 -41.79 -24.51
C ALA N 64 -1.35 -42.18 -23.10
N TRP N 65 -2.25 -41.90 -22.16
CA TRP N 65 -2.09 -42.33 -20.78
C TRP N 65 -3.46 -42.56 -20.16
N ASN N 66 -3.48 -43.27 -19.03
CA ASN N 66 -4.71 -43.59 -18.31
C ASN N 66 -5.13 -42.41 -17.43
N SER N 67 -6.11 -41.65 -17.89
CA SER N 67 -6.49 -40.42 -17.19
C SER N 67 -7.48 -40.63 -16.04
N SER N 68 -7.41 -41.79 -15.39
CA SER N 68 -8.33 -42.16 -14.31
C SER N 68 -8.43 -41.09 -13.20
N HIS N 69 -7.35 -40.89 -12.45
CA HIS N 69 -7.27 -39.76 -11.53
C HIS N 69 -6.13 -38.85 -11.98
N SER N 70 -6.25 -38.37 -13.21
CA SER N 70 -5.17 -37.64 -13.84
C SER N 70 -5.76 -36.59 -14.73
N PRO N 71 -4.99 -35.56 -15.07
CA PRO N 71 -5.43 -34.56 -16.04
C PRO N 71 -5.83 -35.23 -17.33
N ASP N 72 -6.83 -34.69 -18.01
CA ASP N 72 -7.28 -35.29 -19.25
C ASP N 72 -6.43 -34.75 -20.41
N GLN N 73 -5.85 -33.55 -20.21
CA GLN N 73 -5.05 -32.90 -21.25
C GLN N 73 -3.83 -32.18 -20.68
N VAL N 74 -2.81 -32.01 -21.52
CA VAL N 74 -1.65 -31.19 -21.17
C VAL N 74 -1.19 -30.39 -22.38
N SER N 75 -0.51 -29.29 -22.12
CA SER N 75 0.16 -28.55 -23.19
C SER N 75 1.60 -29.02 -23.31
N VAL N 76 2.02 -29.36 -24.53
CA VAL N 76 3.32 -29.93 -24.78
C VAL N 76 4.07 -29.14 -25.84
N PRO N 77 5.36 -28.85 -25.60
CA PRO N 77 6.16 -28.19 -26.64
C PRO N 77 6.25 -29.07 -27.89
N ILE N 78 6.09 -28.50 -29.08
CA ILE N 78 6.06 -29.34 -30.27
C ILE N 78 7.42 -30.00 -30.55
N SER N 79 8.48 -29.47 -29.94
CA SER N 79 9.80 -30.07 -30.12
C SER N 79 9.84 -31.46 -29.51
N SER N 80 8.88 -31.76 -28.63
CA SER N 80 8.79 -33.08 -28.01
C SER N 80 7.74 -33.99 -28.66
N LEU N 81 7.16 -33.56 -29.76
CA LEU N 81 6.13 -34.34 -30.45
C LEU N 81 6.47 -34.52 -31.91
N TRP N 82 5.95 -35.59 -32.51
CA TRP N 82 5.92 -35.67 -33.94
C TRP N 82 4.88 -34.69 -34.46
N VAL N 83 5.22 -34.01 -35.55
CA VAL N 83 4.35 -33.02 -36.15
C VAL N 83 4.36 -33.21 -37.66
N PRO N 84 3.18 -33.13 -38.31
CA PRO N 84 3.09 -33.29 -39.77
C PRO N 84 3.98 -32.29 -40.49
N ASP N 85 4.72 -32.72 -41.51
CA ASP N 85 5.56 -31.81 -42.29
C ASP N 85 4.72 -31.06 -43.33
N LEU N 86 3.71 -30.34 -42.85
CA LEU N 86 2.81 -29.62 -43.75
C LEU N 86 3.51 -28.41 -44.34
N ALA N 87 3.31 -28.20 -45.63
CA ALA N 87 3.81 -27.00 -46.29
C ALA N 87 2.74 -26.41 -47.22
N ALA N 88 2.77 -25.10 -47.40
CA ALA N 88 1.89 -24.47 -48.39
C ALA N 88 2.62 -24.41 -49.71
N TYR N 89 2.08 -25.07 -50.72
CA TYR N 89 2.77 -25.20 -52.01
C TYR N 89 3.01 -23.87 -52.72
N ASN N 90 2.13 -22.91 -52.51
CA ASN N 90 2.28 -21.63 -53.20
C ASN N 90 2.71 -20.50 -52.26
N ALA N 91 3.37 -20.86 -51.17
CA ALA N 91 3.92 -19.88 -50.24
C ALA N 91 5.20 -19.30 -50.80
N ILE N 92 5.46 -18.03 -50.55
CA ILE N 92 6.64 -17.38 -51.12
C ILE N 92 7.44 -16.71 -50.01
N SER N 93 7.03 -16.94 -48.78
CA SER N 93 7.84 -16.56 -47.62
C SER N 93 7.81 -17.69 -46.58
N LYS N 94 8.79 -17.69 -45.69
CA LYS N 94 8.79 -18.59 -44.54
C LYS N 94 7.54 -18.34 -43.71
N PRO N 95 6.93 -19.41 -43.18
CA PRO N 95 5.83 -19.20 -42.23
C PRO N 95 6.36 -18.56 -40.95
N GLU N 96 5.86 -17.37 -40.62
CA GLU N 96 6.28 -16.68 -39.42
C GLU N 96 5.28 -17.02 -38.31
N VAL N 97 5.69 -17.88 -37.38
CA VAL N 97 4.84 -18.32 -36.28
C VAL N 97 4.76 -17.27 -35.17
N LEU N 98 3.55 -16.80 -34.89
CA LEU N 98 3.36 -15.66 -33.99
C LEU N 98 3.07 -16.08 -32.55
N THR N 99 2.84 -17.37 -32.34
CA THR N 99 2.35 -17.85 -31.05
C THR N 99 3.30 -18.85 -30.38
N PRO N 100 3.13 -19.07 -29.06
CA PRO N 100 3.88 -20.12 -28.37
C PRO N 100 3.78 -21.47 -29.04
N GLN N 101 4.93 -22.11 -29.30
CA GLN N 101 4.96 -23.37 -30.04
C GLN N 101 4.56 -24.57 -29.17
N LEU N 102 3.32 -24.56 -28.70
CA LEU N 102 2.79 -25.65 -27.88
C LEU N 102 1.65 -26.35 -28.59
N ALA N 103 1.49 -27.64 -28.31
CA ALA N 103 0.34 -28.38 -28.82
C ALA N 103 -0.46 -28.87 -27.63
N ARG N 104 -1.74 -29.15 -27.86
CA ARG N 104 -2.59 -29.61 -26.79
C ARG N 104 -2.79 -31.11 -26.97
N VAL N 105 -2.44 -31.89 -25.96
CA VAL N 105 -2.50 -33.35 -26.09
C VAL N 105 -3.50 -33.93 -25.11
N VAL N 106 -4.46 -34.68 -25.65
CA VAL N 106 -5.48 -35.34 -24.85
C VAL N 106 -5.01 -36.74 -24.47
N SER N 107 -5.49 -37.25 -23.34
CA SER N 107 -5.03 -38.52 -22.79
C SER N 107 -5.19 -39.72 -23.74
N ASP N 108 -6.05 -39.63 -24.75
CA ASP N 108 -6.24 -40.71 -25.69
C ASP N 108 -5.23 -40.64 -26.86
N GLY N 109 -4.43 -39.57 -26.89
CA GLY N 109 -3.43 -39.42 -27.92
C GLY N 109 -3.81 -38.41 -28.98
N GLU N 110 -4.95 -37.77 -28.81
CA GLU N 110 -5.39 -36.76 -29.76
C GLU N 110 -4.53 -35.52 -29.57
N VAL N 111 -4.05 -34.96 -30.69
CA VAL N 111 -3.18 -33.79 -30.64
C VAL N 111 -3.77 -32.65 -31.43
N LEU N 112 -3.83 -31.46 -30.81
CA LEU N 112 -4.25 -30.24 -31.50
C LEU N 112 -3.10 -29.23 -31.49
N TYR N 113 -2.64 -28.87 -32.69
CA TYR N 113 -1.64 -27.82 -32.84
C TYR N 113 -2.22 -26.72 -33.70
N MET N 114 -2.36 -25.52 -33.15
CA MET N 114 -3.01 -24.43 -33.85
C MET N 114 -2.18 -23.15 -33.74
N PRO N 115 -1.10 -23.07 -34.50
CA PRO N 115 -0.27 -21.86 -34.50
C PRO N 115 -0.93 -20.73 -35.27
N SER N 116 -0.60 -19.49 -34.89
CA SER N 116 -0.98 -18.34 -35.68
C SER N 116 0.18 -17.98 -36.60
N ILE N 117 -0.10 -17.96 -37.90
CA ILE N 117 0.96 -17.80 -38.88
C ILE N 117 0.74 -16.58 -39.77
N ARG N 118 1.81 -15.83 -40.01
CA ARG N 118 1.80 -14.83 -41.05
C ARG N 118 2.67 -15.28 -42.21
N GLN N 119 2.10 -15.28 -43.42
CA GLN N 119 2.81 -15.81 -44.57
C GLN N 119 2.36 -15.15 -45.88
N ARG N 120 3.28 -15.12 -46.84
CA ARG N 120 3.04 -14.47 -48.11
C ARG N 120 2.73 -15.58 -49.14
N PHE N 121 1.70 -15.39 -49.97
CA PHE N 121 1.35 -16.38 -50.99
C PHE N 121 1.28 -15.83 -52.41
N SER N 122 1.52 -16.71 -53.38
CA SER N 122 1.29 -16.40 -54.77
C SER N 122 -0.06 -16.98 -55.19
N CYS N 123 -1.03 -16.10 -55.40
CA CYS N 123 -2.37 -16.53 -55.76
C CYS N 123 -3.08 -15.48 -56.61
N ASP N 124 -4.29 -15.79 -57.07
CA ASP N 124 -5.04 -14.88 -57.93
C ASP N 124 -5.70 -13.76 -57.14
N VAL N 125 -5.22 -12.54 -57.33
CA VAL N 125 -5.68 -11.38 -56.60
C VAL N 125 -6.63 -10.53 -57.46
N SER N 126 -6.72 -10.89 -58.74
CA SER N 126 -7.58 -10.18 -59.68
C SER N 126 -9.03 -10.14 -59.19
N GLY N 127 -9.62 -8.94 -59.23
CA GLY N 127 -11.01 -8.77 -58.85
C GLY N 127 -11.19 -8.38 -57.39
N VAL N 128 -10.10 -8.00 -56.75
CA VAL N 128 -10.12 -7.72 -55.31
C VAL N 128 -10.93 -6.46 -55.00
N ASP N 129 -11.00 -5.54 -55.97
CA ASP N 129 -11.82 -4.33 -55.83
C ASP N 129 -13.22 -4.50 -56.36
N THR N 130 -13.34 -5.36 -57.37
CA THR N 130 -14.62 -5.88 -57.77
C THR N 130 -15.36 -6.35 -56.52
N GLU N 131 -16.67 -6.25 -56.56
CA GLU N 131 -17.50 -6.57 -55.42
C GLU N 131 -17.76 -8.08 -55.40
N SER N 132 -17.51 -8.68 -56.55
CA SER N 132 -17.51 -10.13 -56.69
C SER N 132 -16.31 -10.71 -55.94
N GLY N 133 -15.27 -9.90 -55.86
CA GLY N 133 -14.09 -10.20 -55.06
C GLY N 133 -13.06 -11.05 -55.76
N ALA N 134 -11.88 -11.14 -55.13
CA ALA N 134 -10.83 -12.04 -55.58
C ALA N 134 -11.01 -13.40 -54.92
N THR N 135 -10.41 -14.42 -55.52
CA THR N 135 -10.40 -15.74 -54.91
C THR N 135 -8.98 -16.31 -54.91
N CYS N 136 -8.37 -16.28 -53.73
CA CYS N 136 -6.99 -16.74 -53.57
C CYS N 136 -6.99 -18.17 -53.06
N ARG N 137 -6.35 -19.07 -53.79
CA ARG N 137 -6.31 -20.46 -53.39
C ARG N 137 -4.98 -20.83 -52.74
N ILE N 138 -5.03 -21.49 -51.60
CA ILE N 138 -3.84 -21.94 -50.88
C ILE N 138 -3.86 -23.43 -50.71
N LYS N 139 -2.78 -24.08 -51.10
CA LYS N 139 -2.79 -25.53 -51.14
C LYS N 139 -1.78 -26.06 -50.06
N ILE N 140 -2.25 -26.87 -49.11
CA ILE N 140 -1.43 -27.36 -47.99
C ILE N 140 -1.40 -28.88 -47.95
N GLY N 141 -0.20 -29.45 -47.96
CA GLY N 141 -0.04 -30.88 -47.83
C GLY N 141 1.27 -31.28 -47.18
N SER N 142 1.46 -32.58 -46.98
CA SER N 142 2.73 -33.07 -46.50
C SER N 142 3.80 -32.80 -47.54
N TRP N 143 4.99 -32.39 -47.09
CA TRP N 143 6.08 -32.12 -48.01
C TRP N 143 6.81 -33.38 -48.46
N THR N 144 6.88 -34.41 -47.61
CA THR N 144 7.64 -35.61 -47.97
C THR N 144 6.89 -36.95 -47.82
N HIS N 145 5.72 -36.94 -47.19
CA HIS N 145 4.95 -38.15 -47.00
C HIS N 145 3.82 -38.27 -48.01
N HIS N 146 3.60 -39.48 -48.52
CA HIS N 146 2.52 -39.72 -49.47
C HIS N 146 1.25 -40.19 -48.76
N SER N 147 0.19 -40.41 -49.54
CA SER N 147 -1.15 -40.63 -49.00
C SER N 147 -1.30 -41.85 -48.10
N ARG N 148 -0.32 -42.73 -48.10
CA ARG N 148 -0.45 -43.90 -47.25
C ARG N 148 0.33 -43.77 -45.96
N GLU N 149 1.02 -42.65 -45.83
CA GLU N 149 1.72 -42.34 -44.61
C GLU N 149 0.97 -41.19 -43.93
N ILE N 150 0.58 -40.21 -44.74
CA ILE N 150 -0.24 -39.10 -44.24
C ILE N 150 -1.41 -38.80 -45.17
N SER N 151 -2.61 -38.74 -44.60
CA SER N 151 -3.75 -38.25 -45.36
C SER N 151 -4.18 -36.92 -44.78
N VAL N 152 -4.40 -35.94 -45.64
CA VAL N 152 -4.91 -34.66 -45.17
C VAL N 152 -6.39 -34.52 -45.50
N ASP N 153 -7.14 -33.88 -44.59
CA ASP N 153 -8.56 -33.69 -44.80
C ASP N 153 -9.01 -32.38 -44.19
N PRO N 154 -10.02 -31.74 -44.81
CA PRO N 154 -10.62 -30.54 -44.21
C PRO N 154 -11.44 -30.90 -42.97
N THR N 155 -12.04 -29.89 -42.34
CA THR N 155 -12.82 -30.12 -41.14
C THR N 155 -14.30 -29.85 -41.36
N SER N 162 -13.52 -17.06 -41.15
CA SER N 162 -14.53 -16.04 -41.35
C SER N 162 -14.95 -15.41 -40.00
N GLU N 163 -15.04 -16.23 -38.96
CA GLU N 163 -15.54 -15.78 -37.69
C GLU N 163 -14.57 -15.14 -36.75
N TYR N 164 -13.28 -15.43 -36.93
CA TYR N 164 -12.27 -14.79 -36.10
C TYR N 164 -11.55 -13.71 -36.87
N PHE N 165 -12.09 -13.33 -38.03
CA PHE N 165 -11.43 -12.37 -38.90
C PHE N 165 -11.54 -10.97 -38.31
N SER N 166 -10.49 -10.17 -38.53
CA SER N 166 -10.39 -8.85 -37.94
C SER N 166 -11.39 -7.88 -38.53
N GLN N 167 -12.17 -7.24 -37.67
CA GLN N 167 -13.10 -6.20 -38.12
C GLN N 167 -12.36 -4.96 -38.62
N TYR N 168 -11.07 -4.87 -38.34
CA TYR N 168 -10.31 -3.68 -38.70
C TYR N 168 -9.46 -3.85 -39.96
N SER N 169 -9.59 -5.01 -40.61
CA SER N 169 -8.88 -5.23 -41.87
C SER N 169 -9.44 -4.34 -42.97
N ARG N 170 -8.60 -3.97 -43.92
CA ARG N 170 -9.06 -3.23 -45.10
C ARG N 170 -9.92 -4.12 -45.99
N PHE N 171 -10.01 -5.39 -45.65
CA PHE N 171 -10.69 -6.36 -46.49
C PHE N 171 -11.76 -7.08 -45.69
N GLU N 172 -12.58 -7.84 -46.39
CA GLU N 172 -13.61 -8.64 -45.75
C GLU N 172 -13.74 -9.94 -46.50
N ILE N 173 -14.28 -10.95 -45.83
CA ILE N 173 -14.35 -12.27 -46.42
C ILE N 173 -15.76 -12.59 -46.91
N LEU N 174 -15.87 -12.90 -48.20
CA LEU N 174 -17.14 -13.28 -48.78
C LEU N 174 -17.41 -14.75 -48.49
N ASP N 175 -16.42 -15.59 -48.80
CA ASP N 175 -16.57 -17.03 -48.62
C ASP N 175 -15.23 -17.75 -48.46
N VAL N 176 -15.23 -18.81 -47.67
CA VAL N 176 -14.07 -19.69 -47.58
C VAL N 176 -14.52 -21.13 -47.78
N THR N 177 -13.96 -21.79 -48.78
CA THR N 177 -14.25 -23.21 -48.97
C THR N 177 -12.97 -24.03 -48.91
N GLN N 178 -13.08 -25.20 -48.30
CA GLN N 178 -11.91 -26.07 -48.15
C GLN N 178 -12.23 -27.40 -48.84
N LYS N 179 -11.41 -27.78 -49.81
CA LYS N 179 -11.58 -29.07 -50.48
C LYS N 179 -10.30 -29.87 -50.60
N LYS N 180 -10.45 -31.17 -50.79
CA LYS N 180 -9.32 -32.08 -50.79
C LYS N 180 -8.96 -32.64 -52.17
N ASN N 181 -7.69 -32.51 -52.54
CA ASN N 181 -7.16 -33.08 -53.76
C ASN N 181 -6.27 -34.28 -53.47
N SER N 182 -6.16 -35.18 -54.44
CA SER N 182 -5.21 -36.27 -54.38
C SER N 182 -4.50 -36.35 -55.72
N VAL N 183 -3.18 -36.28 -55.72
CA VAL N 183 -2.44 -36.16 -56.98
C VAL N 183 -1.40 -37.26 -57.14
N THR N 184 -1.44 -37.93 -58.30
CA THR N 184 -0.46 -38.97 -58.61
C THR N 184 0.38 -38.57 -59.81
N TYR N 185 1.69 -38.51 -59.62
CA TYR N 185 2.60 -38.01 -60.66
C TYR N 185 3.17 -39.16 -61.48
N SER N 186 3.94 -38.79 -62.51
CA SER N 186 4.47 -39.68 -63.51
C SER N 186 5.70 -40.42 -62.99
N CYS N 187 6.64 -39.64 -62.47
CA CYS N 187 7.65 -40.06 -61.53
C CYS N 187 7.41 -41.25 -60.57
N CYS N 188 6.57 -41.00 -59.57
CA CYS N 188 6.45 -41.87 -58.43
C CYS N 188 5.06 -42.51 -58.41
N PRO N 189 4.99 -43.80 -58.07
CA PRO N 189 3.75 -44.59 -58.09
C PRO N 189 2.79 -44.28 -56.94
N GLU N 190 2.84 -43.07 -56.39
CA GLU N 190 2.18 -42.82 -55.11
C GLU N 190 1.43 -41.50 -55.09
N ALA N 191 0.32 -41.49 -54.38
CA ALA N 191 -0.55 -40.32 -54.33
C ALA N 191 -0.12 -39.32 -53.25
N TYR N 192 -0.18 -38.03 -53.58
CA TYR N 192 0.08 -36.99 -52.61
C TYR N 192 -1.16 -36.11 -52.44
N GLU N 193 -1.70 -36.13 -51.23
CA GLU N 193 -2.89 -35.37 -50.91
C GLU N 193 -2.58 -33.93 -50.47
N ASP N 194 -3.51 -33.02 -50.76
CA ASP N 194 -3.42 -31.67 -50.24
C ASP N 194 -4.82 -31.18 -49.93
N VAL N 195 -4.90 -30.13 -49.12
CA VAL N 195 -6.16 -29.45 -48.87
C VAL N 195 -6.09 -28.11 -49.57
N GLU N 196 -7.04 -27.86 -50.45
CA GLU N 196 -7.09 -26.59 -51.16
C GLU N 196 -8.06 -25.66 -50.44
N VAL N 197 -7.57 -24.50 -50.03
CA VAL N 197 -8.39 -23.54 -49.33
C VAL N 197 -8.65 -22.33 -50.23
N SER N 198 -9.91 -22.08 -50.53
CA SER N 198 -10.28 -20.97 -51.41
C SER N 198 -10.77 -19.79 -50.61
N LEU N 199 -10.03 -18.69 -50.69
CA LEU N 199 -10.35 -17.50 -49.92
C LEU N 199 -10.96 -16.44 -50.83
N ASN N 200 -12.29 -16.27 -50.72
CA ASN N 200 -13.01 -15.25 -51.45
C ASN N 200 -13.11 -13.97 -50.63
N PHE N 201 -12.36 -12.96 -51.07
CA PHE N 201 -12.27 -11.72 -50.31
C PHE N 201 -12.25 -10.51 -51.23
N ARG N 202 -12.52 -9.35 -50.65
CA ARG N 202 -12.65 -8.13 -51.38
C ARG N 202 -12.29 -6.94 -50.52
N LYS N 203 -11.93 -5.83 -51.15
CA LYS N 203 -11.63 -4.64 -50.36
C LYS N 203 -12.98 -3.99 -49.96
N LYS N 204 -12.99 -3.34 -48.82
CA LYS N 204 -14.23 -2.83 -48.24
C LYS N 204 -14.75 -1.59 -49.02
N LEU O 1 11.79 -54.92 -38.74
CA LEU O 1 12.09 -53.50 -38.69
C LEU O 1 10.87 -52.62 -38.96
N ASP O 2 10.60 -51.69 -38.05
CA ASP O 2 9.60 -50.68 -38.32
C ASP O 2 10.24 -49.30 -38.42
N ARG O 3 9.44 -48.28 -38.74
CA ARG O 3 9.96 -46.93 -38.87
C ARG O 3 10.74 -46.47 -37.63
N ALA O 4 10.19 -46.77 -36.45
CA ALA O 4 10.82 -46.38 -35.20
C ALA O 4 12.24 -46.90 -35.10
N ASP O 5 12.43 -48.17 -35.45
CA ASP O 5 13.76 -48.79 -35.38
C ASP O 5 14.71 -48.17 -36.39
N ILE O 6 14.23 -47.99 -37.61
CA ILE O 6 15.05 -47.43 -38.68
C ILE O 6 15.54 -46.04 -38.33
N LEU O 7 14.63 -45.20 -37.84
CA LEU O 7 14.99 -43.85 -37.48
C LEU O 7 15.88 -43.83 -36.24
N TYR O 8 15.62 -44.74 -35.31
CA TYR O 8 16.47 -44.87 -34.13
C TYR O 8 17.90 -45.17 -34.56
N ASN O 9 18.08 -46.17 -35.44
CA ASN O 9 19.43 -46.54 -35.86
C ASN O 9 20.11 -45.44 -36.65
N ILE O 10 19.35 -44.80 -37.52
CA ILE O 10 19.89 -43.72 -38.34
C ILE O 10 20.40 -42.65 -37.42
N ARG O 11 19.61 -42.33 -36.42
CA ARG O 11 19.99 -41.24 -35.54
C ARG O 11 21.21 -41.56 -34.68
N GLN O 12 21.25 -42.78 -34.16
CA GLN O 12 22.35 -43.23 -33.30
C GLN O 12 23.67 -43.43 -34.05
N THR O 13 23.60 -43.80 -35.33
CA THR O 13 24.82 -44.13 -36.07
C THR O 13 25.19 -43.20 -37.21
N SER O 14 24.36 -42.21 -37.51
CA SER O 14 24.64 -41.38 -38.67
C SER O 14 25.64 -40.30 -38.30
N ARG O 15 26.54 -40.01 -39.22
CA ARG O 15 27.59 -39.04 -38.95
C ARG O 15 27.49 -37.86 -39.91
N PRO O 16 26.66 -36.87 -39.57
CA PRO O 16 26.34 -35.74 -40.46
C PRO O 16 27.58 -35.00 -40.93
N ASP O 17 28.64 -35.10 -40.15
CA ASP O 17 29.88 -34.38 -40.40
C ASP O 17 30.77 -35.14 -41.39
N VAL O 18 30.38 -36.37 -41.71
CA VAL O 18 31.24 -37.27 -42.49
C VAL O 18 30.70 -37.57 -43.87
N ILE O 19 31.39 -37.05 -44.89
CA ILE O 19 30.99 -37.27 -46.28
C ILE O 19 31.05 -38.76 -46.61
N PRO O 20 29.94 -39.31 -47.11
CA PRO O 20 29.82 -40.76 -47.36
C PRO O 20 30.59 -41.16 -48.58
N THR O 21 31.89 -40.85 -48.61
CA THR O 21 32.75 -41.35 -49.66
C THR O 21 32.80 -42.83 -49.56
N GLN O 22 32.57 -43.44 -50.69
CA GLN O 22 32.61 -44.85 -50.86
C GLN O 22 33.86 -45.00 -51.65
N ARG O 23 34.90 -45.64 -51.14
CA ARG O 23 35.96 -46.10 -52.03
C ARG O 23 37.05 -45.10 -52.39
N ASP O 24 37.03 -43.90 -51.80
CA ASP O 24 37.84 -42.80 -52.32
C ASP O 24 37.31 -42.40 -53.69
N ARG O 25 36.03 -42.63 -53.90
CA ARG O 25 35.34 -42.02 -55.02
C ARG O 25 34.52 -40.87 -54.57
N PRO O 26 34.37 -39.89 -55.45
CA PRO O 26 33.49 -38.79 -55.08
C PRO O 26 32.06 -39.27 -54.81
N VAL O 27 31.37 -38.53 -53.96
CA VAL O 27 29.97 -38.75 -53.79
C VAL O 27 29.27 -38.11 -54.98
N ALA O 28 28.50 -38.90 -55.71
CA ALA O 28 27.77 -38.37 -56.86
C ALA O 28 26.52 -37.64 -56.41
N VAL O 29 26.57 -36.32 -56.45
CA VAL O 29 25.43 -35.50 -56.08
C VAL O 29 24.74 -34.94 -57.33
N SER O 30 23.44 -35.15 -57.42
CA SER O 30 22.65 -34.61 -58.52
C SER O 30 21.86 -33.41 -58.08
N VAL O 31 21.93 -32.34 -58.87
CA VAL O 31 21.21 -31.11 -58.55
C VAL O 31 20.33 -30.72 -59.72
N SER O 32 19.13 -30.24 -59.40
CA SER O 32 18.18 -29.82 -60.42
C SER O 32 17.22 -28.81 -59.83
N LEU O 33 17.23 -27.58 -60.36
CA LEU O 33 16.33 -26.55 -59.87
C LEU O 33 15.00 -26.56 -60.61
N LYS O 34 13.91 -26.65 -59.86
CA LYS O 34 12.56 -26.50 -60.41
C LYS O 34 12.02 -25.14 -60.02
N PHE O 35 12.01 -24.20 -60.96
CA PHE O 35 11.57 -22.86 -60.64
C PHE O 35 10.07 -22.81 -60.37
N ILE O 36 9.70 -22.04 -59.35
CA ILE O 36 8.33 -21.95 -58.90
C ILE O 36 7.81 -20.54 -59.08
N ASN O 37 8.68 -19.57 -58.86
CA ASN O 37 8.28 -18.17 -58.99
C ASN O 37 9.46 -17.23 -59.18
N ILE O 38 9.26 -16.23 -60.01
CA ILE O 38 10.18 -15.10 -60.11
C ILE O 38 9.44 -13.92 -59.52
N LEU O 39 9.98 -13.36 -58.44
CA LEU O 39 9.18 -12.50 -57.56
C LEU O 39 9.50 -11.02 -57.69
N GLU O 40 10.78 -10.71 -57.79
CA GLU O 40 11.16 -9.32 -57.94
C GLU O 40 12.39 -9.22 -58.78
N VAL O 41 12.32 -8.35 -59.77
CA VAL O 41 13.33 -8.27 -60.80
C VAL O 41 13.73 -6.81 -60.92
N ASN O 42 15.02 -6.57 -61.13
CA ASN O 42 15.54 -5.21 -61.24
C ASN O 42 16.59 -5.12 -62.34
N GLU O 43 16.21 -4.57 -63.48
CA GLU O 43 17.09 -4.56 -64.66
C GLU O 43 18.22 -3.57 -64.49
N ILE O 44 18.02 -2.59 -63.60
CA ILE O 44 19.06 -1.63 -63.28
C ILE O 44 20.16 -2.23 -62.42
N THR O 45 19.77 -2.89 -61.33
CA THR O 45 20.75 -3.47 -60.39
C THR O 45 21.18 -4.87 -60.78
N ASN O 46 20.52 -5.46 -61.77
CA ASN O 46 20.80 -6.82 -62.19
C ASN O 46 20.66 -7.82 -61.05
N GLU O 47 19.49 -7.79 -60.40
CA GLU O 47 19.20 -8.65 -59.26
C GLU O 47 17.83 -9.28 -59.39
N VAL O 48 17.73 -10.58 -59.13
CA VAL O 48 16.45 -11.26 -59.17
C VAL O 48 16.15 -11.96 -57.84
N ASP O 49 14.86 -12.09 -57.55
CA ASP O 49 14.37 -12.76 -56.36
C ASP O 49 13.58 -13.97 -56.83
N VAL O 50 14.08 -15.16 -56.51
CA VAL O 50 13.56 -16.39 -57.10
C VAL O 50 13.13 -17.43 -56.06
N VAL O 51 12.06 -18.15 -56.35
CA VAL O 51 11.67 -19.28 -55.52
C VAL O 51 11.82 -20.55 -56.34
N PHE O 52 12.59 -21.49 -55.83
CA PHE O 52 12.81 -22.75 -56.53
C PHE O 52 12.85 -23.95 -55.60
N TRP O 53 12.53 -25.11 -56.15
CA TRP O 53 12.71 -26.36 -55.44
C TRP O 53 14.05 -26.95 -55.85
N GLN O 54 14.97 -27.04 -54.90
CA GLN O 54 16.28 -27.56 -55.20
C GLN O 54 16.33 -29.08 -55.01
N GLN O 55 15.96 -29.81 -56.06
CA GLN O 55 15.98 -31.27 -56.05
C GLN O 55 17.42 -31.75 -55.96
N THR O 56 17.83 -32.16 -54.76
CA THR O 56 19.19 -32.64 -54.54
C THR O 56 19.15 -34.16 -54.33
N THR O 57 20.14 -34.85 -54.86
CA THR O 57 20.09 -36.30 -54.84
C THR O 57 21.49 -36.85 -54.66
N TRP O 58 21.61 -37.85 -53.78
CA TRP O 58 22.88 -38.57 -53.63
C TRP O 58 22.64 -39.89 -52.94
N SER O 59 23.73 -40.59 -52.71
CA SER O 59 23.66 -41.88 -52.10
C SER O 59 24.53 -41.93 -50.87
N ASP O 60 23.94 -42.31 -49.75
CA ASP O 60 24.72 -42.60 -48.54
C ASP O 60 24.49 -44.06 -48.08
N ARG O 61 25.48 -44.91 -48.30
CA ARG O 61 25.34 -46.35 -48.11
C ARG O 61 25.39 -46.75 -46.62
N THR O 62 25.56 -45.79 -45.72
CA THR O 62 25.64 -46.08 -44.30
C THR O 62 24.30 -45.84 -43.66
N LEU O 63 23.31 -45.53 -44.50
CA LEU O 63 21.93 -45.37 -44.06
C LEU O 63 21.11 -46.60 -44.42
N ALA O 64 21.69 -47.49 -45.22
CA ALA O 64 20.93 -48.60 -45.78
C ALA O 64 20.44 -49.58 -44.72
N TRP O 65 19.36 -50.28 -45.04
CA TRP O 65 18.83 -51.34 -44.19
C TRP O 65 18.12 -52.39 -45.05
N ASN O 66 17.93 -53.57 -44.50
CA ASN O 66 17.26 -54.68 -45.19
C ASN O 66 15.75 -54.50 -45.12
N SER O 67 15.15 -54.04 -46.22
CA SER O 67 13.72 -53.72 -46.23
C SER O 67 12.80 -54.91 -46.51
N SER O 68 13.24 -56.10 -46.10
CA SER O 68 12.49 -57.34 -46.34
C SER O 68 11.03 -57.27 -45.89
N HIS O 69 10.79 -57.17 -44.59
CA HIS O 69 9.44 -56.89 -44.10
C HIS O 69 9.49 -55.57 -43.36
N SER O 70 9.91 -54.54 -44.08
CA SER O 70 10.16 -53.24 -43.49
C SER O 70 9.77 -52.18 -44.49
N PRO O 71 9.52 -50.95 -44.00
CA PRO O 71 9.29 -49.81 -44.90
C PRO O 71 10.45 -49.66 -45.88
N ASP O 72 10.14 -49.26 -47.10
CA ASP O 72 11.17 -49.09 -48.11
C ASP O 72 11.80 -47.71 -47.99
N GLN O 73 11.05 -46.78 -47.41
CA GLN O 73 11.51 -45.39 -47.25
C GLN O 73 11.08 -44.76 -45.92
N VAL O 74 11.87 -43.79 -45.46
CA VAL O 74 11.47 -42.98 -44.32
C VAL O 74 11.83 -41.53 -44.56
N SER O 75 11.12 -40.62 -43.89
CA SER O 75 11.51 -39.22 -43.87
C SER O 75 12.42 -38.97 -42.67
N VAL O 76 13.55 -38.31 -42.90
CA VAL O 76 14.55 -38.09 -41.88
C VAL O 76 14.96 -36.62 -41.76
N PRO O 77 15.01 -36.09 -40.55
CA PRO O 77 15.48 -34.70 -40.39
C PRO O 77 16.90 -34.55 -40.91
N ILE O 78 17.19 -33.50 -41.68
CA ILE O 78 18.53 -33.39 -42.28
C ILE O 78 19.63 -33.18 -41.25
N SER O 79 19.26 -32.76 -40.04
CA SER O 79 20.23 -32.64 -38.97
C SER O 79 20.82 -34.01 -38.58
N SER O 80 20.13 -35.09 -38.95
CA SER O 80 20.64 -36.43 -38.68
C SER O 80 21.34 -37.07 -39.90
N LEU O 81 21.51 -36.32 -40.97
CA LEU O 81 22.16 -36.85 -42.18
C LEU O 81 23.33 -36.00 -42.59
N TRP O 82 24.25 -36.60 -43.32
CA TRP O 82 25.19 -35.79 -44.08
C TRP O 82 24.48 -35.17 -45.27
N VAL O 83 24.80 -33.91 -45.54
CA VAL O 83 24.18 -33.18 -46.63
C VAL O 83 25.29 -32.43 -47.36
N PRO O 84 25.27 -32.43 -48.70
CA PRO O 84 26.25 -31.69 -49.52
C PRO O 84 26.28 -30.20 -49.14
N ASP O 85 27.46 -29.62 -49.01
CA ASP O 85 27.60 -28.21 -48.69
C ASP O 85 27.44 -27.36 -49.95
N LEU O 86 26.28 -27.47 -50.58
CA LEU O 86 26.05 -26.78 -51.84
C LEU O 86 25.82 -25.30 -51.59
N ALA O 87 26.39 -24.46 -52.44
CA ALA O 87 26.16 -23.02 -52.37
C ALA O 87 25.99 -22.45 -53.78
N ALA O 88 25.17 -21.42 -53.89
CA ALA O 88 25.04 -20.69 -55.14
C ALA O 88 26.10 -19.59 -55.17
N TYR O 89 27.03 -19.68 -56.13
CA TYR O 89 28.15 -18.76 -56.19
C TYR O 89 27.75 -17.31 -56.36
N ASN O 90 26.64 -17.05 -57.04
CA ASN O 90 26.24 -15.67 -57.31
C ASN O 90 25.01 -15.26 -56.51
N ALA O 91 24.78 -15.95 -55.40
CA ALA O 91 23.72 -15.58 -54.48
C ALA O 91 24.11 -14.33 -53.67
N ILE O 92 23.14 -13.48 -53.36
CA ILE O 92 23.45 -12.27 -52.61
C ILE O 92 22.56 -12.13 -51.40
N SER O 93 21.84 -13.20 -51.09
CA SER O 93 21.10 -13.30 -49.83
C SER O 93 21.24 -14.72 -49.32
N LYS O 94 21.01 -14.91 -48.01
CA LYS O 94 20.92 -16.24 -47.44
C LYS O 94 19.78 -17.01 -48.10
N PRO O 95 19.98 -18.31 -48.32
CA PRO O 95 18.86 -19.13 -48.79
C PRO O 95 17.81 -19.22 -47.70
N GLU O 96 16.61 -18.75 -48.00
CA GLU O 96 15.49 -18.84 -47.07
C GLU O 96 14.72 -20.12 -47.36
N VAL O 97 14.86 -21.11 -46.49
CA VAL O 97 14.18 -22.39 -46.68
C VAL O 97 12.73 -22.31 -46.23
N LEU O 98 11.81 -22.61 -47.14
CA LEU O 98 10.39 -22.40 -46.88
C LEU O 98 9.67 -23.65 -46.38
N THR O 99 10.35 -24.80 -46.45
CA THR O 99 9.71 -26.09 -46.21
C THR O 99 10.31 -26.85 -45.01
N PRO O 100 9.58 -27.86 -44.49
CA PRO O 100 10.14 -28.74 -43.46
C PRO O 100 11.46 -29.33 -43.87
N GLN O 101 12.47 -29.19 -43.00
CA GLN O 101 13.82 -29.66 -43.29
C GLN O 101 13.96 -31.19 -43.17
N LEU O 102 13.23 -31.92 -44.01
CA LEU O 102 13.34 -33.38 -44.02
C LEU O 102 13.89 -33.86 -45.36
N ALA O 103 14.55 -35.01 -45.32
CA ALA O 103 14.97 -35.67 -46.54
C ALA O 103 14.30 -37.01 -46.61
N ARG O 104 14.18 -37.56 -47.81
CA ARG O 104 13.56 -38.84 -48.00
C ARG O 104 14.64 -39.89 -48.24
N VAL O 105 14.68 -40.92 -47.40
CA VAL O 105 15.75 -41.91 -47.47
C VAL O 105 15.20 -43.26 -47.85
N VAL O 106 15.75 -43.84 -48.92
CA VAL O 106 15.37 -45.17 -49.38
C VAL O 106 16.27 -46.23 -48.76
N SER O 107 15.75 -47.43 -48.57
CA SER O 107 16.45 -48.50 -47.86
C SER O 107 17.81 -48.86 -48.44
N ASP O 108 18.08 -48.47 -49.67
CA ASP O 108 19.37 -48.77 -50.29
C ASP O 108 20.39 -47.67 -50.01
N GLY O 109 19.95 -46.60 -49.36
CA GLY O 109 20.84 -45.51 -49.03
C GLY O 109 20.68 -44.31 -49.93
N GLU O 110 19.71 -44.35 -50.83
CA GLU O 110 19.44 -43.23 -51.69
C GLU O 110 18.76 -42.14 -50.90
N VAL O 111 19.21 -40.90 -51.08
CA VAL O 111 18.67 -39.78 -50.32
C VAL O 111 18.15 -38.70 -51.27
N LEU O 112 16.92 -38.25 -51.04
CA LEU O 112 16.38 -37.13 -51.78
C LEU O 112 16.07 -35.97 -50.82
N TYR O 113 16.72 -34.83 -51.04
CA TYR O 113 16.44 -33.63 -50.27
C TYR O 113 16.00 -32.55 -51.26
N MET O 114 14.78 -32.07 -51.11
CA MET O 114 14.22 -31.11 -52.07
C MET O 114 13.54 -29.95 -51.34
N PRO O 115 14.34 -29.04 -50.78
CA PRO O 115 13.78 -27.89 -50.09
C PRO O 115 13.24 -26.84 -51.08
N SER O 116 12.26 -26.08 -50.63
CA SER O 116 11.82 -24.93 -51.38
C SER O 116 12.56 -23.70 -50.84
N ILE O 117 13.26 -23.01 -51.74
CA ILE O 117 14.12 -21.92 -51.35
C ILE O 117 13.75 -20.60 -52.02
N ARG O 118 13.74 -19.53 -51.23
CA ARG O 118 13.69 -18.19 -51.79
C ARG O 118 15.03 -17.53 -51.61
N GLN O 119 15.58 -17.01 -52.71
CA GLN O 119 16.92 -16.43 -52.67
C GLN O 119 17.13 -15.37 -53.74
N ARG O 120 18.01 -14.43 -53.43
CA ARG O 120 18.33 -13.35 -54.34
C ARG O 120 19.63 -13.61 -55.06
N PHE O 121 19.66 -13.34 -56.37
CA PHE O 121 20.87 -13.57 -57.15
C PHE O 121 21.33 -12.36 -57.95
N SER O 122 22.63 -12.32 -58.20
CA SER O 122 23.21 -11.35 -59.09
C SER O 122 23.43 -12.01 -60.44
N CYS O 123 22.60 -11.63 -61.42
CA CYS O 123 22.68 -12.22 -62.75
C CYS O 123 22.23 -11.21 -63.82
N ASP O 124 22.33 -11.62 -65.08
CA ASP O 124 21.97 -10.74 -66.19
C ASP O 124 20.46 -10.66 -66.38
N VAL O 125 19.91 -9.49 -66.11
CA VAL O 125 18.47 -9.28 -66.17
C VAL O 125 18.10 -8.52 -67.46
N SER O 126 19.12 -8.05 -68.17
CA SER O 126 18.92 -7.28 -69.41
C SER O 126 18.08 -8.06 -70.42
N GLY O 127 17.07 -7.39 -70.98
CA GLY O 127 16.21 -7.99 -71.98
C GLY O 127 14.98 -8.66 -71.41
N VAL O 128 14.70 -8.38 -70.15
CA VAL O 128 13.57 -9.03 -69.47
C VAL O 128 12.21 -8.59 -70.04
N ASP O 129 12.14 -7.39 -70.60
CA ASP O 129 10.91 -6.96 -71.27
C ASP O 129 10.92 -7.28 -72.75
N THR O 130 12.12 -7.33 -73.32
CA THR O 130 12.31 -7.94 -74.62
C THR O 130 11.61 -9.29 -74.63
N GLU O 131 11.07 -9.64 -75.77
CA GLU O 131 10.35 -10.88 -75.96
C GLU O 131 11.29 -12.06 -76.10
N SER O 132 12.53 -11.73 -76.41
CA SER O 132 13.60 -12.71 -76.49
C SER O 132 13.97 -13.09 -75.05
N GLY O 133 13.69 -12.17 -74.14
CA GLY O 133 13.80 -12.43 -72.71
C GLY O 133 15.19 -12.25 -72.13
N ALA O 134 15.26 -12.22 -70.80
CA ALA O 134 16.53 -12.22 -70.10
C ALA O 134 17.00 -13.66 -69.86
N THR O 135 18.29 -13.83 -69.63
CA THR O 135 18.83 -15.13 -69.28
C THR O 135 19.71 -15.00 -68.04
N CYS O 136 19.16 -15.43 -66.91
CA CYS O 136 19.85 -15.38 -65.63
C CYS O 136 20.53 -16.71 -65.35
N ARG O 137 21.84 -16.68 -65.13
CA ARG O 137 22.59 -17.90 -64.86
C ARG O 137 22.91 -18.05 -63.37
N ILE O 138 22.63 -19.23 -62.83
CA ILE O 138 22.90 -19.54 -61.42
C ILE O 138 23.83 -20.74 -61.30
N LYS O 139 24.96 -20.55 -60.61
CA LYS O 139 25.94 -21.62 -60.46
C LYS O 139 25.91 -22.23 -59.06
N ILE O 140 25.73 -23.55 -59.00
CA ILE O 140 25.67 -24.25 -57.72
C ILE O 140 26.74 -25.33 -57.64
N GLY O 141 27.56 -25.28 -56.59
CA GLY O 141 28.56 -26.31 -56.35
C GLY O 141 28.86 -26.52 -54.88
N SER O 142 29.68 -27.51 -54.56
CA SER O 142 30.16 -27.69 -53.19
C SER O 142 31.02 -26.50 -52.79
N TRP O 143 30.86 -26.05 -51.54
CA TRP O 143 31.59 -24.89 -51.11
C TRP O 143 33.01 -25.23 -50.69
N THR O 144 33.22 -26.45 -50.20
CA THR O 144 34.54 -26.82 -49.67
C THR O 144 35.11 -28.14 -50.19
N HIS O 145 34.29 -28.92 -50.86
CA HIS O 145 34.76 -30.20 -51.41
C HIS O 145 35.09 -30.11 -52.90
N HIS O 146 36.21 -30.70 -53.29
CA HIS O 146 36.60 -30.72 -54.69
C HIS O 146 36.07 -31.97 -55.43
N SER O 147 36.34 -32.04 -56.72
CA SER O 147 35.69 -32.99 -57.63
C SER O 147 35.92 -34.46 -57.28
N ARG O 148 36.87 -34.75 -56.41
CA ARG O 148 37.12 -36.13 -56.04
C ARG O 148 36.47 -36.53 -54.73
N GLU O 149 35.86 -35.55 -54.09
CA GLU O 149 35.09 -35.81 -52.89
C GLU O 149 33.62 -35.66 -53.25
N ILE O 150 33.29 -34.62 -54.01
CA ILE O 150 31.93 -34.42 -54.48
C ILE O 150 31.90 -34.07 -55.96
N SER O 151 31.09 -34.79 -56.72
CA SER O 151 30.85 -34.41 -58.11
C SER O 151 29.41 -33.97 -58.20
N VAL O 152 29.18 -32.84 -58.86
CA VAL O 152 27.81 -32.40 -59.09
C VAL O 152 27.42 -32.66 -60.55
N ASP O 153 26.16 -33.01 -60.76
CA ASP O 153 25.64 -33.27 -62.09
C ASP O 153 24.20 -32.85 -62.22
N PRO O 154 23.80 -32.41 -63.41
CA PRO O 154 22.39 -32.14 -63.67
C PRO O 154 21.58 -33.45 -63.77
N THR O 155 20.28 -33.32 -63.99
CA THR O 155 19.40 -34.48 -64.05
C THR O 155 18.85 -34.68 -65.45
N SER O 162 10.02 -25.40 -65.01
CA SER O 162 9.10 -24.90 -66.03
C SER O 162 7.68 -25.39 -65.74
N GLU O 163 7.59 -26.64 -65.32
CA GLU O 163 6.32 -27.33 -65.07
C GLU O 163 5.58 -26.95 -63.79
N TYR O 164 6.34 -26.63 -62.75
CA TYR O 164 5.73 -26.29 -61.47
C TYR O 164 5.73 -24.79 -61.25
N PHE O 165 5.99 -24.04 -62.32
CA PHE O 165 6.08 -22.59 -62.22
C PHE O 165 4.70 -21.98 -62.05
N SER O 166 4.64 -20.90 -61.27
CA SER O 166 3.37 -20.27 -60.92
C SER O 166 2.73 -19.58 -62.12
N GLN O 167 1.48 -19.93 -62.39
CA GLN O 167 0.72 -19.27 -63.43
C GLN O 167 0.42 -17.80 -63.07
N TYR O 168 0.64 -17.42 -61.82
CA TYR O 168 0.28 -16.08 -61.37
C TYR O 168 1.48 -15.14 -61.28
N SER O 169 2.64 -15.62 -61.69
CA SER O 169 3.83 -14.77 -61.69
C SER O 169 3.69 -13.67 -62.75
N ARG O 170 4.32 -12.53 -62.52
CA ARG O 170 4.39 -11.50 -63.56
C ARG O 170 5.29 -11.92 -64.71
N PHE O 171 5.93 -13.07 -64.56
CA PHE O 171 6.89 -13.52 -65.55
C PHE O 171 6.53 -14.90 -66.06
N GLU O 172 7.21 -15.32 -67.11
CA GLU O 172 7.02 -16.65 -67.67
C GLU O 172 8.36 -17.20 -68.11
N ILE O 173 8.48 -18.52 -68.18
CA ILE O 173 9.74 -19.14 -68.52
C ILE O 173 9.79 -19.58 -69.97
N LEU O 174 10.76 -19.06 -70.71
CA LEU O 174 10.97 -19.49 -72.08
C LEU O 174 11.74 -20.80 -72.11
N ASP O 175 12.87 -20.88 -71.40
CA ASP O 175 13.61 -22.09 -71.46
C ASP O 175 14.48 -22.20 -70.15
N VAL O 176 14.75 -23.44 -69.74
CA VAL O 176 15.71 -23.69 -68.69
C VAL O 176 16.70 -24.74 -69.13
N THR O 177 17.98 -24.41 -69.12
CA THR O 177 19.01 -25.41 -69.42
C THR O 177 20.01 -25.56 -68.27
N GLN O 178 20.38 -26.79 -67.99
CA GLN O 178 21.31 -27.08 -66.90
C GLN O 178 22.55 -27.73 -67.50
N LYS O 179 23.72 -27.14 -67.25
CA LYS O 179 24.96 -27.72 -67.73
C LYS O 179 26.05 -27.73 -66.65
N LYS O 180 27.04 -28.59 -66.84
CA LYS O 180 28.04 -28.84 -65.81
C LYS O 180 29.42 -28.28 -66.17
N ASN O 181 29.98 -27.50 -65.25
CA ASN O 181 31.35 -26.99 -65.40
C ASN O 181 32.32 -27.62 -64.40
N SER O 182 33.61 -27.41 -64.62
CA SER O 182 34.61 -27.94 -63.70
C SER O 182 35.79 -26.98 -63.62
N VAL O 183 36.02 -26.39 -62.44
CA VAL O 183 36.94 -25.26 -62.36
C VAL O 183 38.12 -25.43 -61.40
N THR O 184 39.30 -25.08 -61.88
CA THR O 184 40.41 -24.73 -61.01
C THR O 184 40.38 -23.21 -60.73
N TYR O 185 40.42 -22.85 -59.44
CA TYR O 185 40.59 -21.46 -59.02
C TYR O 185 42.02 -21.23 -58.53
N SER O 186 42.36 -19.97 -58.26
CA SER O 186 43.73 -19.57 -57.94
C SER O 186 44.21 -20.01 -56.55
N CYS O 187 43.31 -20.14 -55.59
CA CYS O 187 43.68 -20.58 -54.24
C CYS O 187 44.23 -22.02 -54.24
N CYS O 188 43.41 -22.97 -54.68
CA CYS O 188 43.71 -24.41 -54.56
C CYS O 188 44.06 -25.07 -55.89
N PRO O 189 44.73 -26.25 -55.85
CA PRO O 189 45.02 -27.00 -57.09
C PRO O 189 43.81 -27.69 -57.75
N GLU O 190 43.51 -28.92 -57.31
CA GLU O 190 42.46 -29.78 -57.89
C GLU O 190 41.08 -29.12 -58.04
N ALA O 191 40.17 -29.80 -58.74
CA ALA O 191 39.04 -29.13 -59.38
C ALA O 191 37.75 -29.03 -58.54
N TYR O 192 36.94 -28.02 -58.86
CA TYR O 192 35.67 -27.79 -58.20
C TYR O 192 34.56 -27.68 -59.23
N GLU O 193 33.75 -28.72 -59.30
CA GLU O 193 32.61 -28.77 -60.19
C GLU O 193 31.46 -27.88 -59.77
N ASP O 194 30.67 -27.44 -60.73
CA ASP O 194 29.42 -26.74 -60.45
C ASP O 194 28.41 -27.09 -61.52
N VAL O 195 27.14 -26.84 -61.22
CA VAL O 195 26.08 -26.95 -62.20
C VAL O 195 25.61 -25.54 -62.52
N GLU O 196 25.67 -25.18 -63.80
CA GLU O 196 25.19 -23.86 -64.22
C GLU O 196 23.77 -23.98 -64.74
N VAL O 197 22.86 -23.23 -64.14
CA VAL O 197 21.47 -23.27 -64.53
C VAL O 197 21.11 -21.97 -65.23
N SER O 198 20.69 -22.07 -66.49
CA SER O 198 20.35 -20.89 -67.26
C SER O 198 18.83 -20.70 -67.30
N LEU O 199 18.37 -19.60 -66.73
CA LEU O 199 16.94 -19.33 -66.67
C LEU O 199 16.56 -18.27 -67.69
N ASN O 200 15.92 -18.69 -68.77
CA ASN O 200 15.43 -17.78 -69.80
C ASN O 200 14.00 -17.39 -69.51
N PHE O 201 13.80 -16.13 -69.11
CA PHE O 201 12.49 -15.67 -68.71
C PHE O 201 12.23 -14.25 -69.19
N ARG O 202 10.95 -13.87 -69.20
CA ARG O 202 10.55 -12.55 -69.64
C ARG O 202 9.28 -12.13 -68.94
N LYS O 203 9.00 -10.83 -68.99
CA LYS O 203 7.77 -10.39 -68.37
C LYS O 203 6.62 -10.60 -69.36
N LYS O 204 5.43 -10.88 -68.83
CA LYS O 204 4.27 -11.23 -69.65
C LYS O 204 3.74 -10.06 -70.48
OH2 1PE P . -3.64 50.46 26.57
C12 1PE P . -4.21 51.75 26.37
C22 1PE P . -3.87 52.27 24.96
OH3 1PE P . -4.42 51.31 24.06
C13 1PE P . -4.96 50.29 22.16
C23 1PE P . -4.19 51.51 22.66
OH4 1PE P . -4.31 49.17 22.77
C14 1PE P . -2.33 47.89 23.09
C24 1PE P . -3.01 48.93 22.20
OH5 1PE P . -3.05 46.68 23.25
C15 1PE P . -2.85 44.48 24.55
C25 1PE P . -2.28 45.83 24.11
OH6 1PE P . -3.22 43.49 23.57
C16 1PE P . -4.78 42.97 21.70
C26 1PE P . -4.30 43.98 22.75
OH7 1PE P . -5.84 43.56 20.94
C1 NAG Q . -16.21 46.13 21.72
C2 NAG Q . -17.16 46.86 22.40
C3 NAG Q . -18.51 46.56 21.89
C4 NAG Q . -18.73 47.28 20.64
C5 NAG Q . -17.43 47.09 19.80
C6 NAG Q . -17.22 47.83 18.49
C7 NAG Q . -16.05 46.73 24.74
C8 NAG Q . -16.17 45.97 26.22
N2 NAG Q . -17.04 46.46 23.73
O3 NAG Q . -19.54 47.10 22.73
O4 NAG Q . -19.75 46.56 19.96
O5 NAG Q . -16.23 46.69 20.43
O6 NAG Q . -15.93 47.82 17.83
O7 NAG Q . -15.73 47.78 24.68
S SO4 R . -12.94 31.62 18.21
O1 SO4 R . -13.66 32.33 17.14
O2 SO4 R . -11.72 32.35 18.55
O3 SO4 R . -13.79 31.47 19.38
O4 SO4 R . -12.54 30.30 17.72
S SO4 S . 11.24 18.59 53.06
O1 SO4 S . 11.86 19.91 53.14
O2 SO4 S . 10.16 18.67 52.07
O3 SO4 S . 10.69 18.20 54.37
O4 SO4 S . 12.26 17.61 52.64
S SO4 T . -7.95 35.79 11.34
O1 SO4 T . -8.25 36.74 10.25
O2 SO4 T . -8.46 36.27 12.64
O3 SO4 T . -8.55 34.49 11.01
O4 SO4 T . -6.49 35.66 11.44
C ACT U . 1.12 9.50 26.88
O ACT U . 2.38 9.35 26.68
OXT ACT U . 0.41 8.49 27.16
CH3 ACT U . 0.47 10.85 26.78
C ACT V . 12.42 17.51 48.98
O ACT V . 11.51 16.62 49.00
OXT ACT V . 13.64 17.14 48.90
CH3 ACT V . 12.05 18.96 49.03
C ACT W . 9.72 23.66 36.31
O ACT W . 8.95 24.36 37.02
OXT ACT W . 9.95 22.44 36.61
CH3 ACT W . 10.36 24.30 35.12
OH2 1PE X . -48.80 -45.30 18.46
C12 1PE X . -47.66 -46.16 18.68
C22 1PE X . -47.54 -46.80 20.10
OH3 1PE X . -47.45 -45.83 21.16
C13 1PE X . -48.36 -43.85 22.16
C23 1PE X . -48.67 -45.12 21.40
OH4 1PE X . -49.61 -43.15 22.45
C14 1PE X . -48.75 -41.08 21.74
C24 1PE X . -49.25 -41.89 22.96
OH5 1PE X . -49.88 -40.89 20.85
C15 1PE X . -50.95 -39.66 19.19
C25 1PE X . -49.57 -40.02 19.75
OH6 1PE X . -51.50 -39.06 20.41
C16 1PE X . -53.21 -38.03 21.84
C26 1PE X . -52.84 -38.48 20.40
OH7 1PE X . -53.21 -39.16 22.74
C1 NAG Y . -61.56 -46.91 22.37
C2 NAG Y . -61.64 -47.63 20.95
C3 NAG Y . -62.59 -48.77 20.90
C4 NAG Y . -62.21 -49.75 22.03
C5 NAG Y . -62.25 -49.01 23.35
C6 NAG Y . -61.79 -49.91 24.47
C7 NAG Y . -61.24 -45.93 19.12
C8 NAG Y . -61.84 -44.90 18.19
N2 NAG Y . -62.09 -46.54 19.94
O3 NAG Y . -62.51 -49.41 19.64
O4 NAG Y . -63.12 -50.83 22.03
O5 NAG Y . -61.28 -48.00 23.24
O6 NAG Y . -60.40 -49.66 24.70
O7 NAG Y . -60.04 -46.13 19.12
S SO4 Z . -38.56 -42.61 14.22
O1 SO4 Z . -37.43 -43.33 13.60
O2 SO4 Z . -39.14 -41.59 13.32
O3 SO4 Z . -39.62 -43.55 14.57
O4 SO4 Z . -38.10 -41.96 15.44
C ACT AA . -72.09 -7.53 9.07
O ACT AA . -71.32 -7.29 8.09
OXT ACT AA . -71.67 -8.15 10.09
CH3 ACT AA . -73.52 -7.10 8.99
S SO4 BA . -48.26 -5.55 0.66
O1 SO4 BA . -49.62 -6.00 0.39
O2 SO4 BA . -48.28 -4.10 0.87
O3 SO4 BA . -47.75 -6.21 1.86
O4 SO4 BA . -47.37 -5.84 -0.48
C4 NSE CA . -14.75 -12.70 3.54
C14 NSE CA . -17.05 -9.99 -5.78
C5 NSE CA . -16.02 -11.30 2.03
C6 NSE CA . -17.94 -10.05 2.86
C11 NSE CA . -17.43 -9.56 -1.61
C7 NSE CA . -17.28 -9.91 0.45
C8 NSE CA . -17.08 -10.41 1.81
C9 NSE CA . -17.32 -9.69 -3.06
C10 NSE CA . -16.69 -10.81 -3.64
C12 NSE CA . -17.82 -8.67 -3.91
C13 NSE CA . -17.68 -8.83 -5.29
N1 NSE CA . -13.85 -13.42 3.69
N2 NSE CA . -16.97 -10.49 -0.70
C3 NSE CA . -15.83 -11.80 3.32
N3 NSE CA . -17.99 -8.50 -1.06
N4 NSE CA . -16.56 -10.96 -4.97
O1 NSE CA . -17.90 -8.72 0.32
C2 NSE CA . -17.73 -10.56 4.12
C1 NSE CA . -16.68 -11.44 4.38
OH2 1PE DA . -22.71 -43.29 9.23
C12 1PE DA . -22.34 -43.75 10.55
C22 1PE DA . -23.41 -44.63 11.24
OH3 1PE DA . -24.65 -43.89 11.32
C13 1PE DA . -26.65 -43.06 10.07
C23 1PE DA . -25.51 -44.07 10.16
OH4 1PE DA . -25.95 -41.81 9.81
C14 1PE DA . -27.82 -41.13 8.70
C24 1PE DA . -26.75 -40.62 9.63
OH5 1PE DA . -28.74 -40.18 8.22
C15 1PE DA . -29.03 -39.13 6.08
C25 1PE DA . -28.21 -40.04 6.92
OH6 1PE DA . -30.44 -39.48 5.98
C16 1PE DA . -31.10 -42.04 6.47
C26 1PE DA . -31.07 -40.73 5.63
OH7 1PE DA . -29.80 -42.58 6.74
S SO4 EA . -40.40 -42.40 -5.07
O1 SO4 EA . -41.26 -41.98 -6.16
O2 SO4 EA . -39.64 -41.24 -4.57
O3 SO4 EA . -41.22 -42.94 -3.97
O4 SO4 EA . -39.45 -43.40 -5.58
S SO4 FA . -46.54 -17.70 -12.88
O1 SO4 FA . -46.21 -17.95 -14.29
O2 SO4 FA . -46.51 -16.24 -12.62
O3 SO4 FA . -47.87 -18.21 -12.55
O4 SO4 FA . -45.57 -18.42 -12.07
S SO4 GA . -51.01 -18.37 -16.45
O1 SO4 GA . -50.85 -18.21 -17.90
O2 SO4 GA . -51.62 -17.17 -15.88
O3 SO4 GA . -51.87 -19.53 -16.20
O4 SO4 GA . -49.71 -18.60 -15.83
S SO4 HA . -30.85 -39.28 21.16
O1 SO4 HA . -32.04 -38.63 21.73
O2 SO4 HA . -29.93 -38.24 20.67
O3 SO4 HA . -31.27 -40.16 20.07
O4 SO4 HA . -30.18 -40.09 22.17
S SO4 IA . -20.31 -4.49 -12.30
O1 SO4 IA . -21.14 -3.29 -12.26
O2 SO4 IA . -19.22 -4.36 -13.29
O3 SO4 IA . -19.73 -4.69 -10.97
O4 SO4 IA . -21.11 -5.66 -12.67
C4 NSE JA . -22.70 3.10 29.61
C14 NSE JA . -21.73 8.62 22.24
C5 NSE JA . -23.99 4.05 27.77
C6 NSE JA . -26.19 3.19 27.18
C11 NSE JA . -24.57 6.47 24.46
C7 NSE JA . -25.15 5.08 25.92
C8 NSE JA . -25.15 4.08 26.97
C9 NSE JA . -23.62 7.27 23.67
C10 NSE JA . -22.44 6.67 23.22
C12 NSE JA . -23.83 8.63 23.39
C13 NSE JA . -22.88 9.32 22.64
N1 NSE JA . -21.74 3.08 30.27
N2 NSE JA . -24.07 5.61 25.40
C3 NSE JA . -23.89 3.12 28.80
N3 NSE JA . -25.89 6.49 24.39
N4 NSE JA . -21.51 7.34 22.52
O1 NSE JA . -26.30 5.56 25.37
C2 NSE JA . -26.07 2.25 28.22
C1 NSE JA . -24.93 2.21 29.03
OH2 1PE KA . -9.23 -23.51 26.25
C12 1PE KA . -9.40 -24.25 27.48
C22 1PE KA . -9.05 -25.74 27.32
OH3 1PE KA . -9.88 -26.41 26.39
C13 1PE KA . -10.68 -28.12 25.21
C23 1PE KA . -9.50 -27.77 26.10
OH4 1PE KA . -10.66 -27.17 24.14
C14 1PE KA . -12.07 -26.26 22.30
C24 1PE KA . -11.87 -27.29 23.41
OH5 1PE KA . -12.03 -24.88 22.84
C15 1PE KA . -11.83 -24.15 20.56
C25 1PE KA . -12.55 -23.93 21.85
OH6 1PE KA . -12.41 -23.24 19.63
C16 1PE KA . -12.09 -24.66 17.48
C26 1PE KA . -11.88 -23.36 18.27
OH7 1PE KA . -11.49 -25.83 18.09
S SO4 LA . -21.95 16.33 15.39
O1 SO4 LA . -22.53 16.96 14.22
O2 SO4 LA . -21.02 17.26 16.05
O3 SO4 LA . -23.05 15.96 16.28
O4 SO4 LA . -21.19 15.13 15.00
S SO4 MA . -36.00 17.22 -1.83
O1 SO4 MA . -37.13 16.41 -2.32
O2 SO4 MA . -36.15 18.59 -2.31
O3 SO4 MA . -36.00 17.22 -0.37
O4 SO4 MA . -34.73 16.65 -2.31
C ACT NA . -8.97 -6.77 6.58
O ACT NA . -8.47 -6.11 5.62
OXT ACT NA . -9.94 -7.53 6.33
CH3 ACT NA . -8.43 -6.66 7.98
CL CL OA . -1.28 -33.29 13.74
C ACT PA . -15.13 18.07 -11.16
O ACT PA . -16.32 18.48 -11.31
OXT ACT PA . -14.47 18.48 -10.17
CH3 ACT PA . -14.51 17.13 -12.15
C4 NSE QA . -53.44 -3.70 36.37
C14 NSE QA . -52.20 5.42 33.22
C5 NSE QA . -53.18 -2.19 34.45
C6 NSE QA . -52.67 -3.10 32.23
C11 NSE QA . -52.82 1.43 32.25
C7 NSE QA . -52.96 -0.63 32.55
C8 NSE QA . -52.95 -2.00 33.08
C9 NSE QA . -52.60 2.83 32.54
C10 NSE QA . -52.46 3.24 33.88
C12 NSE QA . -52.53 3.78 31.51
C13 NSE QA . -52.33 5.11 31.86
N1 NSE QA . -53.65 -3.89 37.50
N2 NSE QA . -52.68 0.46 33.22
C3 NSE QA . -53.18 -3.49 34.98
N3 NSE QA . -53.17 0.97 31.05
N4 NSE QA . -52.27 4.52 34.22
O1 NSE QA . -53.26 -0.41 31.25
C2 NSE QA . -52.65 -4.39 32.77
C1 NSE QA . -52.91 -4.59 34.14
OH2 1PE RA . -27.68 -15.74 46.55
C12 1PE RA . -26.38 -16.33 46.62
C22 1PE RA . -26.54 -17.71 47.23
OH3 1PE RA . -25.40 -18.59 47.43
C13 1PE RA . -23.63 -18.37 45.42
C23 1PE RA . -24.56 -19.14 46.37
OH4 1PE RA . -24.22 -17.39 44.54
C14 1PE RA . -23.82 -15.69 43.06
C24 1PE RA . -23.14 -16.78 43.81
OH5 1PE RA . -24.81 -16.12 42.11
C15 1PE RA . -24.35 -13.88 41.21
C25 1PE RA . -25.44 -14.89 41.62
OH6 1PE RA . -24.88 -12.65 40.68
C16 1PE RA . -22.62 -11.81 39.59
C26 1PE RA . -23.87 -11.62 40.44
OH7 1PE RA . -21.74 -12.80 40.13
S SO4 SA . -53.23 14.32 29.46
O1 SO4 SA . -54.46 14.82 28.82
O2 SO4 SA . -52.46 15.45 29.98
O3 SO4 SA . -53.55 13.43 30.58
O4 SO4 SA . -52.45 13.58 28.46
S SO4 TA . -53.73 9.14 25.76
O1 SO4 TA . -53.32 9.17 24.35
O2 SO4 TA . -55.12 9.61 25.92
O3 SO4 TA . -52.81 9.99 26.51
O4 SO4 TA . -53.64 7.79 26.30
OH2 1PE UA . -51.34 -30.38 42.16
C12 1PE UA . -49.96 -30.03 42.34
C22 1PE UA . -49.65 -29.56 43.77
OH3 1PE UA . -48.26 -29.21 43.95
C13 1PE UA . -48.25 -26.60 43.36
C23 1PE UA . -47.70 -28.06 43.18
OH4 1PE UA . -47.50 -25.61 42.55
C14 1PE UA . -49.05 -25.45 40.79
C24 1PE UA . -47.61 -25.79 41.11
OH5 1PE UA . -49.43 -24.05 41.05
C15 1PE UA . -49.22 -21.67 40.23
C25 1PE UA . -48.89 -23.16 40.03
OH6 1PE UA . -48.54 -21.49 41.47
C16 1PE UA . -47.59 -20.42 43.24
C26 1PE UA . -48.54 -20.19 42.05
OH7 1PE UA . -48.11 -21.45 44.10
S SO4 VA . -50.14 -7.31 48.47
O1 SO4 VA . -50.70 -7.12 47.12
O2 SO4 VA . -50.59 -6.21 49.33
O3 SO4 VA . -50.62 -8.57 49.03
O4 SO4 VA . -48.67 -7.33 48.42
S SO4 WA . 12.18 27.20 -11.49
O1 SO4 WA . 12.54 27.72 -12.81
O2 SO4 WA . 11.36 28.19 -10.79
O3 SO4 WA . 11.40 25.96 -11.62
O4 SO4 WA . 13.41 26.98 -10.73
S SO4 XA . 16.57 43.93 -3.19
O1 SO4 XA . 16.14 44.42 -4.49
O2 SO4 XA . 16.32 45.02 -2.23
O3 SO4 XA . 15.77 42.75 -2.87
O4 SO4 XA . 18.01 43.56 -3.26
C ACT YA . -12.12 16.10 8.82
O ACT YA . -12.77 16.62 9.78
OXT ACT YA . -11.03 15.49 9.04
CH3 ACT YA . -12.67 16.20 7.44
C ACT ZA . 6.87 27.10 17.27
O ACT ZA . 5.95 27.84 16.83
OXT ACT ZA . 7.82 27.60 17.94
CH3 ACT ZA . 6.83 25.62 17.03
C ACT AB . 19.57 7.15 4.32
O ACT AB . 20.81 7.36 4.38
OXT ACT AB . 19.09 6.06 4.78
CH3 ACT AB . 18.68 8.18 3.72
C ACT BB . 22.11 3.01 0.29
O ACT BB . 22.97 3.77 0.81
OXT ACT BB . 21.62 2.07 0.96
CH3 ACT BB . 21.68 3.22 -1.13
OH2 1PE CB . 20.15 59.64 37.95
C12 1PE CB . 20.65 60.20 36.72
C22 1PE CB . 19.48 60.56 35.78
OH3 1PE CB . 18.54 61.54 36.13
C13 1PE CB . 16.47 60.33 35.35
C23 1PE CB . 17.41 61.55 35.21
OH4 1PE CB . 16.94 58.98 35.12
C14 1PE CB . 16.46 56.65 35.47
C24 1PE CB . 15.93 58.07 35.60
OH5 1PE CB . 17.71 56.62 36.23
C15 1PE CB . 17.29 54.59 37.27
C25 1PE CB . 18.31 55.29 36.38
OH6 1PE CB . 17.57 53.21 37.60
C16 1PE CB . 15.17 53.01 37.80
C26 1PE CB . 16.50 52.79 38.51
OH7 1PE CB . 14.01 52.67 38.59
C4 NSE DB . 42.72 29.21 4.20
C14 NSE DB . 47.53 23.60 10.28
C5 NSE DB . 42.60 27.33 5.79
C6 NSE DB . 40.44 26.76 6.81
C11 NSE DB . 43.89 24.32 8.42
C7 NSE DB . 42.51 25.47 7.37
C8 NSE DB . 41.83 26.53 6.64
C9 NSE DB . 45.14 24.00 9.07
C10 NSE DB . 46.06 25.03 9.24
C12 NSE DB . 45.44 22.71 9.55
C13 NSE DB . 46.66 22.50 10.16
N1 NSE DB . 43.31 29.90 3.48
N2 NSE DB . 43.72 25.55 7.82
C3 NSE DB . 41.97 28.37 5.10
N3 NSE DB . 42.84 23.51 8.34
N4 NSE DB . 47.26 24.83 9.82
O1 NSE DB . 41.91 24.28 7.64
C2 NSE DB . 39.83 27.81 6.13
C1 NSE DB . 40.59 28.61 5.28
OH2 1PE EB . 38.83 59.69 16.83
C12 1PE EB . 37.66 59.59 17.66
C22 1PE EB . 37.94 58.56 18.77
OH3 1PE EB . 36.78 58.39 19.59
C13 1PE EB . 37.41 56.09 19.95
C23 1PE EB . 36.96 57.39 20.62
OH4 1PE EB . 37.49 55.10 20.98
C14 1PE EB . 37.72 53.04 21.90
C24 1PE EB . 38.05 53.80 20.60
OH5 1PE EB . 38.32 53.73 23.00
C15 1PE EB . 38.36 54.04 25.41
C25 1PE EB . 37.87 53.20 24.22
OH6 1PE EB . 37.99 55.48 25.56
C16 1PE EB . 37.99 57.86 24.85
C26 1PE EB . 38.40 56.42 24.50
OH7 1PE EB . 38.35 58.80 23.83
S SO4 FB . 52.03 15.95 14.46
O1 SO4 FB . 51.88 15.74 13.02
O2 SO4 FB . 51.38 17.21 14.84
O3 SO4 FB . 51.43 14.84 15.20
O4 SO4 FB . 53.45 16.03 14.80
S SO4 GB . 47.02 39.45 0.95
O1 SO4 GB . 45.65 39.61 0.44
O2 SO4 GB . 47.66 40.77 0.92
O3 SO4 GB . 47.74 38.49 0.11
O4 SO4 GB . 46.93 38.97 2.33
C ACT HB . 20.35 28.61 2.20
O ACT HB . 19.63 28.60 1.14
OXT ACT HB . 21.18 27.65 2.49
CH3 ACT HB . 20.25 29.78 3.15
C1 GOL IB . 20.81 41.61 6.34
O1 GOL IB . 19.92 40.93 7.19
C2 GOL IB . 21.03 40.78 5.06
O2 GOL IB . 21.56 41.57 4.01
C3 GOL IB . 19.76 40.03 4.66
O3 GOL IB . 18.61 40.80 4.92
C4 NSE JB . 40.93 -5.99 -25.21
C14 NSE JB . 41.02 -1.28 -33.07
C5 NSE JB . 39.39 -4.90 -26.70
C6 NSE JB . 37.00 -5.35 -26.66
C11 NSE JB . 38.53 -2.56 -29.96
C7 NSE JB . 38.04 -3.70 -28.27
C8 NSE JB . 38.11 -4.66 -27.18
C9 NSE JB . 39.35 -2.09 -31.08
C10 NSE JB . 40.69 -2.50 -31.16
C12 NSE JB . 38.85 -1.23 -32.06
C13 NSE JB . 39.69 -0.81 -33.09
N1 NSE JB . 42.03 -6.10 -24.88
N2 NSE JB . 39.02 -3.51 -29.11
C3 NSE JB . 39.58 -5.81 -25.66
N3 NSE JB . 37.31 -2.16 -29.67
N4 NSE JB . 41.51 -2.11 -32.13
O1 NSE JB . 36.96 -2.93 -28.53
C2 NSE JB . 37.20 -6.28 -25.63
C1 NSE JB . 38.48 -6.51 -25.13
CL CL KB . 48.61 -11.14 -22.39
CL CL LB . 22.05 -11.74 -13.69
C4 NSE MB . -6.44 -25.31 -26.22
C14 NSE MB . -9.07 -16.11 -28.00
C5 NSE MB . -6.32 -23.45 -27.78
C6 NSE MB . -4.88 -23.54 -29.72
C11 NSE MB . -7.08 -19.57 -29.28
C7 NSE MB . -6.28 -21.50 -29.26
C8 NSE MB . -5.82 -22.86 -28.93
C9 NSE MB . -7.77 -18.35 -28.84
C10 NSE MB . -7.94 -18.06 -27.48
C12 NSE MB . -8.30 -17.45 -29.77
C13 NSE MB . -8.95 -16.30 -29.36
N1 NSE MB . -6.87 -25.78 -25.25
N2 NSE MB . -6.93 -20.69 -28.48
C3 NSE MB . -5.90 -24.72 -27.41
N3 NSE MB . -6.57 -19.70 -30.50
N4 NSE MB . -8.57 -16.95 -27.07
O1 NSE MB . -6.01 -20.99 -30.49
C2 NSE MB . -4.45 -24.82 -29.34
C1 NSE MB . -4.97 -25.42 -28.18
S SO4 NB . 12.48 -25.68 3.06
O1 SO4 NB . 12.17 -24.25 2.92
O2 SO4 NB . 12.04 -26.37 1.85
O3 SO4 NB . 11.75 -26.22 4.21
O4 SO4 NB . 13.93 -25.87 3.25
CL CL OB . 7.82 -21.10 -28.05
C ACT PB . 29.70 -31.24 -44.86
O ACT PB . 28.95 -30.69 -45.73
OXT ACT PB . 30.91 -31.51 -45.11
CH3 ACT PB . 29.14 -31.60 -43.52
#